data_7AVA
#
_entry.id   7AVA
#
_cell.length_a   1.000
_cell.length_b   1.000
_cell.length_c   1.000
_cell.angle_alpha   90.00
_cell.angle_beta   90.00
_cell.angle_gamma   90.00
#
_symmetry.space_group_name_H-M   'P 1'
#
loop_
_entity.id
_entity.type
_entity.pdbx_description
1 polymer FAST
2 non-polymer (5~{Z})-5-[(2-methoxy-4-oxidanyl-phenyl)methylidene]-3-methyl-2-[(~{E})-2-pyridin-4-ylethenyl]imidazol-4-one
#
_entity_poly.entity_id   1
_entity_poly.type   'polypeptide(L)'
_entity_poly.pdbx_seq_one_letter_code
;MEHVAFGSEDIENTLAKMDDGQLDGLAFGAIQLDGDGNILQYNAAEGDITGRDPKQVIGKNFFKDVAPGTDSPEFYGKFK
EGVASGNLNTMFEWMIPTSRGPTKVKVHMKKALSGDSYWVFVKRVKLAAALEHHHHHH
;
_entity_poly.pdbx_strand_id   A
#
# COMPACT_ATOMS: atom_id res chain seq x y z
N MET A 1 15.79 8.60 -15.37
CA MET A 1 15.59 9.77 -16.20
C MET A 1 14.16 10.29 -16.08
N GLU A 2 13.19 9.42 -16.33
CA GLU A 2 11.78 9.79 -16.24
C GLU A 2 11.26 9.64 -14.82
N HIS A 3 10.05 10.13 -14.58
CA HIS A 3 9.44 10.04 -13.26
C HIS A 3 8.72 8.70 -13.08
N VAL A 4 8.43 8.35 -11.84
CA VAL A 4 7.74 7.10 -11.54
C VAL A 4 6.25 7.21 -11.81
N ALA A 5 5.63 6.09 -12.17
CA ALA A 5 4.20 6.07 -12.46
C ALA A 5 3.51 4.99 -11.64
N PHE A 6 2.39 5.35 -11.01
CA PHE A 6 1.63 4.41 -10.19
C PHE A 6 0.94 3.37 -11.06
N GLY A 7 1.09 2.11 -10.69
CA GLY A 7 0.48 1.03 -11.45
C GLY A 7 1.03 0.93 -12.86
N SER A 8 2.30 1.30 -13.03
CA SER A 8 2.94 1.25 -14.34
C SER A 8 3.31 -0.18 -14.72
N GLU A 9 3.56 -0.39 -16.01
CA GLU A 9 3.93 -1.72 -16.49
C GLU A 9 5.30 -2.13 -15.95
N ASP A 10 6.16 -1.15 -15.73
CA ASP A 10 7.50 -1.42 -15.21
C ASP A 10 7.73 -0.68 -13.90
N ILE A 11 6.69 -0.62 -13.06
CA ILE A 11 6.78 0.05 -11.77
C ILE A 11 7.73 -0.67 -10.84
N GLU A 12 7.73 -2.01 -10.92
CA GLU A 12 8.60 -2.81 -10.08
C GLU A 12 10.04 -2.76 -10.57
N ASN A 13 10.21 -2.79 -11.89
CA ASN A 13 11.55 -2.74 -12.49
C ASN A 13 12.24 -1.44 -12.16
N THR A 14 11.47 -0.35 -12.10
CA THR A 14 12.03 0.97 -11.80
C THR A 14 12.39 1.07 -10.32
N LEU A 15 11.45 0.74 -9.45
CA LEU A 15 11.67 0.80 -8.02
C LEU A 15 12.82 -0.13 -7.60
N ALA A 16 12.91 -1.27 -8.27
CA ALA A 16 13.96 -2.24 -7.98
C ALA A 16 15.34 -1.60 -8.06
N LYS A 17 15.51 -0.69 -9.01
CA LYS A 17 16.78 -0.01 -9.19
C LYS A 17 16.86 1.23 -8.30
N MET A 18 15.71 1.79 -7.96
CA MET A 18 15.65 2.97 -7.11
C MET A 18 15.82 2.59 -5.64
N ASP A 19 16.30 3.54 -4.84
CA ASP A 19 16.50 3.30 -3.42
C ASP A 19 15.39 3.96 -2.59
N ASP A 20 15.58 3.99 -1.27
CA ASP A 20 14.59 4.58 -0.37
C ASP A 20 14.47 6.08 -0.62
N GLY A 21 15.60 6.71 -0.93
CA GLY A 21 15.60 8.14 -1.18
C GLY A 21 14.55 8.56 -2.21
N GLN A 22 14.64 7.98 -3.40
CA GLN A 22 13.69 8.29 -4.47
C GLN A 22 12.29 7.84 -4.09
N LEU A 23 12.19 6.69 -3.45
CA LEU A 23 10.90 6.15 -3.03
C LEU A 23 10.09 7.19 -2.26
N ASP A 24 10.74 7.86 -1.31
CA ASP A 24 10.08 8.88 -0.52
C ASP A 24 9.67 10.06 -1.38
N GLY A 25 10.39 10.28 -2.48
CA GLY A 25 10.08 11.38 -3.37
C GLY A 25 8.77 11.18 -4.10
N LEU A 26 8.31 9.93 -4.18
CA LEU A 26 7.06 9.61 -4.85
C LEU A 26 5.91 10.39 -4.25
N ALA A 27 4.88 10.64 -5.07
CA ALA A 27 3.71 11.39 -4.62
C ALA A 27 2.61 10.44 -4.15
N PHE A 28 3.00 9.23 -3.78
CA PHE A 28 2.05 8.23 -3.31
C PHE A 28 2.66 7.38 -2.20
N GLY A 29 1.90 6.39 -1.74
CA GLY A 29 2.37 5.52 -0.67
C GLY A 29 3.00 4.25 -1.20
N ALA A 30 4.09 3.82 -0.58
CA ALA A 30 4.78 2.60 -1.00
C ALA A 30 5.23 1.79 0.20
N ILE A 31 4.85 0.53 0.23
CA ILE A 31 5.22 -0.36 1.33
C ILE A 31 5.57 -1.75 0.82
N GLN A 32 6.78 -2.22 1.17
CA GLN A 32 7.23 -3.53 0.74
C GLN A 32 7.08 -4.55 1.87
N LEU A 33 6.36 -5.63 1.59
CA LEU A 33 6.14 -6.68 2.58
C LEU A 33 6.79 -7.99 2.14
N ASP A 34 7.09 -8.84 3.11
CA ASP A 34 7.71 -10.13 2.83
C ASP A 34 6.65 -11.23 2.70
N GLY A 35 7.11 -12.47 2.53
CA GLY A 35 6.19 -13.58 2.40
C GLY A 35 5.29 -13.73 3.60
N ASP A 36 5.77 -13.32 4.77
CA ASP A 36 4.99 -13.41 5.99
C ASP A 36 4.16 -12.15 6.21
N GLY A 37 4.54 -11.08 5.52
CA GLY A 37 3.82 -9.82 5.65
C GLY A 37 4.58 -8.80 6.47
N ASN A 38 5.85 -9.08 6.72
CA ASN A 38 6.69 -8.17 7.51
C ASN A 38 7.07 -6.94 6.68
N ILE A 39 7.00 -5.77 7.32
CA ILE A 39 7.34 -4.52 6.65
C ILE A 39 8.84 -4.46 6.35
N LEU A 40 9.20 -4.68 5.09
CA LEU A 40 10.59 -4.64 4.68
C LEU A 40 11.01 -3.22 4.29
N GLN A 41 10.08 -2.50 3.66
CA GLN A 41 10.35 -1.12 3.24
C GLN A 41 9.16 -0.23 3.52
N TYR A 42 9.43 1.06 3.71
CA TYR A 42 8.37 2.03 3.99
C TYR A 42 8.79 3.43 3.57
N ASN A 43 8.15 3.94 2.52
CA ASN A 43 8.45 5.28 2.02
C ASN A 43 7.95 6.36 2.97
N ALA A 44 8.65 7.48 3.03
CA ALA A 44 8.27 8.58 3.90
C ALA A 44 6.88 9.10 3.55
N ALA A 45 6.59 9.18 2.25
CA ALA A 45 5.30 9.65 1.78
C ALA A 45 4.16 8.99 2.56
N GLU A 46 4.08 7.67 2.49
CA GLU A 46 3.04 6.94 3.18
C GLU A 46 3.13 7.19 4.69
N GLY A 47 4.36 7.19 5.18
CA GLY A 47 4.60 7.42 6.61
C GLY A 47 4.04 8.75 7.07
N ASP A 48 4.02 9.73 6.18
CA ASP A 48 3.51 11.05 6.51
C ASP A 48 1.99 11.07 6.51
N ILE A 49 1.40 10.55 5.43
CA ILE A 49 -0.05 10.51 5.31
C ILE A 49 -0.67 9.69 6.43
N THR A 50 -0.20 8.46 6.60
CA THR A 50 -0.71 7.58 7.64
C THR A 50 -0.22 8.02 9.02
N GLY A 51 1.03 8.46 9.09
CA GLY A 51 1.59 8.90 10.35
C GLY A 51 2.40 7.82 11.03
N ARG A 52 3.05 6.98 10.23
CA ARG A 52 3.86 5.89 10.76
C ARG A 52 5.33 6.06 10.37
N ASP A 53 6.22 5.51 11.19
CA ASP A 53 7.66 5.61 10.94
C ASP A 53 8.15 4.38 10.19
N PRO A 54 9.06 4.59 9.24
CA PRO A 54 9.64 3.51 8.44
C PRO A 54 10.56 2.60 9.25
N LYS A 55 11.53 3.21 9.93
CA LYS A 55 12.47 2.46 10.75
C LYS A 55 11.76 1.82 11.95
N GLN A 56 10.53 2.26 12.20
CA GLN A 56 9.75 1.73 13.31
C GLN A 56 8.89 0.55 12.86
N VAL A 57 8.47 0.58 11.61
CA VAL A 57 7.64 -0.49 11.06
C VAL A 57 8.49 -1.68 10.63
N ILE A 58 9.75 -1.42 10.32
CA ILE A 58 10.67 -2.47 9.89
C ILE A 58 10.60 -3.67 10.83
N GLY A 59 10.25 -4.82 10.27
CA GLY A 59 10.15 -6.04 11.06
C GLY A 59 8.72 -6.33 11.47
N LYS A 60 7.91 -5.29 11.63
CA LYS A 60 6.52 -5.45 12.02
C LYS A 60 5.64 -5.73 10.81
N ASN A 61 4.64 -6.60 11.00
CA ASN A 61 3.73 -6.95 9.93
C ASN A 61 2.81 -5.78 9.58
N PHE A 62 2.33 -5.75 8.34
CA PHE A 62 1.44 -4.69 7.90
C PHE A 62 0.09 -4.76 8.62
N PHE A 63 -0.30 -5.97 9.00
CA PHE A 63 -1.56 -6.18 9.71
C PHE A 63 -1.34 -6.29 11.21
N LYS A 64 -0.07 -6.35 11.61
CA LYS A 64 0.29 -6.46 13.02
C LYS A 64 0.10 -5.12 13.73
N ASP A 65 0.79 -4.09 13.23
CA ASP A 65 0.71 -2.77 13.81
C ASP A 65 0.39 -1.72 12.75
N VAL A 66 1.01 -1.86 11.58
CA VAL A 66 0.79 -0.93 10.48
C VAL A 66 -0.70 -0.78 10.17
N ALA A 67 -1.45 -1.83 10.45
CA ALA A 67 -2.90 -1.82 10.22
C ALA A 67 -3.62 -2.80 11.13
N PRO A 68 -3.94 -2.35 12.35
CA PRO A 68 -4.63 -3.17 13.35
C PRO A 68 -6.08 -3.44 12.97
N GLY A 69 -6.41 -4.72 12.83
CA GLY A 69 -7.77 -5.10 12.47
C GLY A 69 -7.91 -5.45 10.99
N THR A 70 -6.78 -5.44 10.28
CA THR A 70 -6.78 -5.75 8.85
C THR A 70 -6.47 -7.22 8.62
N ASP A 71 -6.72 -8.05 9.63
CA ASP A 71 -6.47 -9.47 9.53
C ASP A 71 -7.69 -10.21 8.97
N SER A 72 -8.24 -9.67 7.89
CA SER A 72 -9.42 -10.27 7.27
C SER A 72 -9.05 -10.97 5.96
N PRO A 73 -9.95 -11.83 5.47
CA PRO A 73 -9.73 -12.57 4.22
C PRO A 73 -9.79 -11.68 2.99
N GLU A 74 -10.17 -10.43 3.19
CA GLU A 74 -10.26 -9.47 2.10
C GLU A 74 -8.92 -8.77 1.87
N PHE A 75 -8.21 -8.51 2.96
CA PHE A 75 -6.91 -7.84 2.90
C PHE A 75 -5.78 -8.83 3.17
N TYR A 76 -5.71 -9.30 4.42
CA TYR A 76 -4.67 -10.24 4.82
C TYR A 76 -4.77 -11.53 4.02
N GLY A 77 -5.99 -12.03 3.86
CA GLY A 77 -6.20 -13.26 3.11
C GLY A 77 -5.65 -13.18 1.70
N LYS A 78 -5.93 -12.08 1.01
CA LYS A 78 -5.47 -11.87 -0.36
C LYS A 78 -3.94 -11.83 -0.40
N PHE A 79 -3.33 -11.18 0.58
CA PHE A 79 -1.89 -11.07 0.65
C PHE A 79 -1.24 -12.44 0.61
N LYS A 80 -1.53 -13.26 1.63
CA LYS A 80 -0.98 -14.60 1.71
C LYS A 80 -1.48 -15.47 0.56
N GLU A 81 -2.72 -15.24 0.14
CA GLU A 81 -3.32 -16.00 -0.94
C GLU A 81 -2.39 -16.03 -2.16
N GLY A 82 -2.06 -14.85 -2.68
CA GLY A 82 -1.19 -14.77 -3.83
C GLY A 82 0.18 -15.35 -3.56
N VAL A 83 0.70 -15.12 -2.37
CA VAL A 83 2.02 -15.63 -1.98
C VAL A 83 2.13 -17.12 -2.27
N ALA A 84 1.03 -17.83 -2.08
CA ALA A 84 1.00 -19.28 -2.32
C ALA A 84 1.13 -19.60 -3.80
N SER A 85 0.55 -18.73 -4.64
CA SER A 85 0.60 -18.93 -6.08
C SER A 85 1.94 -18.45 -6.65
N GLY A 86 2.54 -17.47 -5.99
CA GLY A 86 3.81 -16.94 -6.44
C GLY A 86 3.66 -15.71 -7.30
N ASN A 87 2.63 -14.91 -7.02
CA ASN A 87 2.37 -13.70 -7.79
C ASN A 87 1.18 -12.94 -7.21
N LEU A 88 1.37 -12.34 -6.05
CA LEU A 88 0.31 -11.58 -5.38
C LEU A 88 -0.10 -10.37 -6.22
N ASN A 89 -1.14 -10.54 -7.02
CA ASN A 89 -1.63 -9.44 -7.88
C ASN A 89 -3.07 -9.11 -7.55
N THR A 90 -3.27 -8.04 -6.79
CA THR A 90 -4.61 -7.61 -6.41
C THR A 90 -4.75 -6.10 -6.50
N MET A 91 -5.91 -5.64 -6.95
CA MET A 91 -6.17 -4.21 -7.09
C MET A 91 -7.60 -3.87 -6.66
N PHE A 92 -7.73 -3.20 -5.52
CA PHE A 92 -9.04 -2.82 -5.01
C PHE A 92 -8.92 -1.60 -4.08
N GLU A 93 -10.07 -1.06 -3.68
CA GLU A 93 -10.10 0.10 -2.80
C GLU A 93 -10.23 -0.34 -1.34
N TRP A 94 -9.63 0.45 -0.45
CA TRP A 94 -9.67 0.14 0.98
C TRP A 94 -10.01 1.39 1.79
N MET A 95 -10.56 1.19 2.98
CA MET A 95 -10.91 2.31 3.86
C MET A 95 -9.88 2.49 4.96
N ILE A 96 -9.32 3.70 5.03
CA ILE A 96 -8.31 4.00 6.05
C ILE A 96 -8.88 4.92 7.12
N PRO A 97 -9.41 4.31 8.19
CA PRO A 97 -10.00 5.06 9.31
C PRO A 97 -8.95 5.79 10.13
N THR A 98 -9.15 7.10 10.33
CA THR A 98 -8.21 7.91 11.09
C THR A 98 -8.94 8.75 12.13
N SER A 99 -8.21 9.66 12.78
CA SER A 99 -8.79 10.52 13.80
C SER A 99 -9.72 11.55 13.17
N ARG A 100 -9.37 12.02 11.98
CA ARG A 100 -10.18 13.01 11.28
C ARG A 100 -11.39 12.36 10.62
N GLY A 101 -11.34 11.03 10.50
CA GLY A 101 -12.45 10.32 9.88
C GLY A 101 -11.99 9.35 8.81
N PRO A 102 -12.87 8.43 8.41
CA PRO A 102 -12.57 7.43 7.39
C PRO A 102 -12.46 8.05 6.00
N THR A 103 -11.55 7.51 5.19
CA THR A 103 -11.34 8.01 3.84
C THR A 103 -10.99 6.87 2.88
N LYS A 104 -11.75 6.77 1.80
CA LYS A 104 -11.53 5.73 0.80
C LYS A 104 -10.23 5.99 0.03
N VAL A 105 -9.54 4.91 -0.34
CA VAL A 105 -8.30 5.03 -1.09
C VAL A 105 -8.09 3.83 -2.01
N LYS A 106 -7.10 3.92 -2.88
CA LYS A 106 -6.80 2.85 -3.81
C LYS A 106 -5.64 1.99 -3.30
N VAL A 107 -5.82 0.67 -3.35
CA VAL A 107 -4.79 -0.26 -2.89
C VAL A 107 -4.34 -1.17 -4.03
N HIS A 108 -3.03 -1.32 -4.18
CA HIS A 108 -2.46 -2.17 -5.22
C HIS A 108 -1.26 -2.94 -4.69
N MET A 109 -1.37 -4.28 -4.71
CA MET A 109 -0.29 -5.13 -4.24
C MET A 109 0.23 -6.02 -5.37
N LYS A 110 1.50 -5.83 -5.72
CA LYS A 110 2.12 -6.62 -6.77
C LYS A 110 3.43 -7.24 -6.30
N LYS A 111 3.54 -8.56 -6.42
CA LYS A 111 4.72 -9.28 -6.01
C LYS A 111 5.98 -8.70 -6.67
N ALA A 112 7.08 -8.67 -5.94
CA ALA A 112 8.33 -8.14 -6.45
C ALA A 112 8.82 -8.96 -7.65
N LEU A 113 9.93 -8.53 -8.24
CA LEU A 113 10.50 -9.22 -9.39
C LEU A 113 11.35 -10.40 -8.94
N SER A 114 12.03 -10.23 -7.81
CA SER A 114 12.89 -11.29 -7.27
C SER A 114 12.05 -12.43 -6.70
N GLY A 115 10.82 -12.11 -6.32
CA GLY A 115 9.94 -13.12 -5.76
C GLY A 115 10.04 -13.21 -4.26
N ASP A 116 11.14 -12.68 -3.70
CA ASP A 116 11.36 -12.71 -2.26
C ASP A 116 10.89 -11.40 -1.62
N SER A 117 9.79 -10.86 -2.14
CA SER A 117 9.23 -9.61 -1.62
C SER A 117 7.98 -9.22 -2.38
N TYR A 118 7.19 -8.33 -1.78
CA TYR A 118 5.95 -7.87 -2.41
C TYR A 118 5.81 -6.35 -2.29
N TRP A 119 5.32 -5.73 -3.35
CA TRP A 119 5.14 -4.28 -3.37
C TRP A 119 3.69 -3.91 -3.07
N VAL A 120 3.50 -2.89 -2.25
CA VAL A 120 2.17 -2.43 -1.88
C VAL A 120 2.06 -0.92 -1.97
N PHE A 121 1.39 -0.43 -3.02
CA PHE A 121 1.22 1.00 -3.22
C PHE A 121 -0.18 1.45 -2.77
N VAL A 122 -0.28 2.71 -2.37
CA VAL A 122 -1.55 3.26 -1.92
C VAL A 122 -1.72 4.70 -2.38
N LYS A 123 -2.82 4.98 -3.06
CA LYS A 123 -3.11 6.32 -3.55
C LYS A 123 -4.51 6.76 -3.15
N ARG A 124 -4.59 7.90 -2.47
CA ARG A 124 -5.87 8.44 -2.03
C ARG A 124 -6.77 8.76 -3.22
N VAL A 125 -8.01 8.28 -3.16
CA VAL A 125 -8.97 8.50 -4.23
C VAL A 125 -9.43 9.96 -4.26
N LYS A 126 -10.15 10.32 -5.32
CA LYS A 126 -10.65 11.68 -5.46
C LYS A 126 -11.78 11.96 -4.48
N LEU A 127 -12.00 13.23 -4.18
CA LEU A 127 -13.05 13.63 -3.25
C LEU A 127 -14.43 13.28 -3.82
N ALA A 128 -15.37 13.00 -2.92
CA ALA A 128 -16.73 12.65 -3.33
C ALA A 128 -17.64 12.48 -2.12
N ALA A 129 -18.93 12.75 -2.31
CA ALA A 129 -19.90 12.63 -1.22
C ALA A 129 -20.65 11.30 -1.32
N ALA A 130 -21.60 11.10 -0.40
CA ALA A 130 -22.39 9.88 -0.37
C ALA A 130 -23.60 10.02 0.55
N LEU A 131 -24.54 9.11 0.43
CA LEU A 131 -25.75 9.14 1.25
C LEU A 131 -26.02 7.76 1.85
N GLU A 132 -27.09 7.67 2.64
CA GLU A 132 -27.47 6.42 3.28
C GLU A 132 -28.50 5.67 2.45
N HIS A 133 -28.43 4.34 2.50
CA HIS A 133 -29.36 3.50 1.75
C HIS A 133 -30.04 2.49 2.66
N HIS A 134 -30.61 2.97 3.75
CA HIS A 134 -31.29 2.11 4.71
C HIS A 134 -32.80 2.15 4.50
N HIS A 135 -33.45 1.02 4.73
CA HIS A 135 -34.90 0.92 4.56
C HIS A 135 -35.54 0.31 5.80
N HIS A 136 -36.87 0.16 5.76
CA HIS A 136 -37.61 -0.41 6.88
C HIS A 136 -37.25 -1.88 7.08
N HIS A 137 -37.20 -2.30 8.34
CA HIS A 137 -36.87 -3.68 8.66
C HIS A 137 -37.89 -4.65 8.06
N HIS A 138 -37.43 -5.84 7.70
CA HIS A 138 -38.30 -6.85 7.12
C HIS A 138 -38.09 -8.21 7.79
N MET A 1 16.23 7.87 -12.76
CA MET A 1 16.18 9.30 -13.06
C MET A 1 14.80 9.71 -13.57
N GLU A 2 14.17 8.81 -14.33
CA GLU A 2 12.83 9.07 -14.87
C GLU A 2 11.80 9.14 -13.75
N HIS A 3 10.58 9.55 -14.11
CA HIS A 3 9.50 9.66 -13.15
C HIS A 3 8.84 8.31 -12.92
N VAL A 4 8.10 8.19 -11.82
CA VAL A 4 7.42 6.95 -11.48
C VAL A 4 5.92 7.08 -11.68
N ALA A 5 5.28 5.99 -12.08
CA ALA A 5 3.84 5.98 -12.30
C ALA A 5 3.15 4.96 -11.41
N PHE A 6 2.01 5.33 -10.83
CA PHE A 6 1.27 4.45 -9.95
C PHE A 6 0.58 3.34 -10.76
N GLY A 7 0.83 2.10 -10.37
CA GLY A 7 0.23 0.97 -11.06
C GLY A 7 0.73 0.84 -12.49
N SER A 8 1.97 1.25 -12.73
CA SER A 8 2.56 1.19 -14.06
C SER A 8 2.90 -0.25 -14.43
N GLU A 9 3.09 -0.50 -15.73
CA GLU A 9 3.43 -1.83 -16.21
C GLU A 9 4.80 -2.26 -15.71
N ASP A 10 5.70 -1.30 -15.53
CA ASP A 10 7.04 -1.58 -15.04
C ASP A 10 7.32 -0.83 -13.74
N ILE A 11 6.33 -0.79 -12.87
CA ILE A 11 6.47 -0.11 -11.58
C ILE A 11 7.49 -0.81 -10.69
N GLU A 12 7.51 -2.13 -10.76
CA GLU A 12 8.45 -2.92 -9.97
C GLU A 12 9.87 -2.78 -10.49
N ASN A 13 10.03 -2.93 -11.80
CA ASN A 13 11.34 -2.82 -12.42
C ASN A 13 11.99 -1.48 -12.11
N THR A 14 11.18 -0.43 -12.13
CA THR A 14 11.66 0.92 -11.84
C THR A 14 12.12 1.05 -10.40
N LEU A 15 11.22 0.78 -9.47
CA LEU A 15 11.53 0.86 -8.05
C LEU A 15 12.72 -0.02 -7.70
N ALA A 16 12.81 -1.17 -8.36
CA ALA A 16 13.91 -2.10 -8.12
C ALA A 16 15.25 -1.40 -8.26
N LYS A 17 15.34 -0.47 -9.20
CA LYS A 17 16.57 0.26 -9.44
C LYS A 17 16.65 1.50 -8.55
N MET A 18 15.49 2.00 -8.14
CA MET A 18 15.44 3.18 -7.28
C MET A 18 15.68 2.80 -5.82
N ASP A 19 16.17 3.75 -5.04
CA ASP A 19 16.45 3.51 -3.63
C ASP A 19 15.37 4.14 -2.74
N ASP A 20 15.62 4.15 -1.44
CA ASP A 20 14.67 4.73 -0.49
C ASP A 20 14.51 6.23 -0.73
N GLY A 21 15.59 6.89 -1.11
CA GLY A 21 15.55 8.32 -1.36
C GLY A 21 14.48 8.69 -2.36
N GLN A 22 14.56 8.11 -3.56
CA GLN A 22 13.59 8.40 -4.61
C GLN A 22 12.20 7.94 -4.21
N LEU A 23 12.13 6.79 -3.54
CA LEU A 23 10.85 6.23 -3.10
C LEU A 23 10.05 7.28 -2.32
N ASP A 24 10.71 7.96 -1.39
CA ASP A 24 10.06 8.98 -0.59
C ASP A 24 9.62 10.15 -1.46
N GLY A 25 10.33 10.37 -2.56
CA GLY A 25 9.98 11.46 -3.45
C GLY A 25 8.66 11.23 -4.17
N LEU A 26 8.23 9.99 -4.22
CA LEU A 26 6.97 9.64 -4.88
C LEU A 26 5.81 10.43 -4.27
N ALA A 27 4.79 10.67 -5.09
CA ALA A 27 3.61 11.41 -4.63
C ALA A 27 2.52 10.46 -4.15
N PHE A 28 2.92 9.25 -3.78
CA PHE A 28 1.97 8.25 -3.30
C PHE A 28 2.59 7.41 -2.19
N GLY A 29 1.83 6.42 -1.71
CA GLY A 29 2.33 5.56 -0.65
C GLY A 29 2.96 4.28 -1.18
N ALA A 30 4.05 3.86 -0.56
CA ALA A 30 4.75 2.65 -0.98
C ALA A 30 5.19 1.83 0.23
N ILE A 31 4.80 0.56 0.25
CA ILE A 31 5.16 -0.32 1.36
C ILE A 31 5.51 -1.72 0.85
N GLN A 32 6.72 -2.18 1.17
CA GLN A 32 7.17 -3.49 0.74
C GLN A 32 7.03 -4.51 1.88
N LEU A 33 6.32 -5.60 1.60
CA LEU A 33 6.11 -6.65 2.59
C LEU A 33 6.75 -7.96 2.15
N ASP A 34 7.04 -8.82 3.11
CA ASP A 34 7.67 -10.11 2.82
C ASP A 34 6.61 -11.20 2.69
N GLY A 35 7.07 -12.44 2.51
CA GLY A 35 6.14 -13.55 2.38
C GLY A 35 5.24 -13.71 3.57
N ASP A 36 5.72 -13.29 4.74
CA ASP A 36 4.95 -13.39 5.97
C ASP A 36 4.11 -12.13 6.18
N GLY A 37 4.49 -11.05 5.51
CA GLY A 37 3.77 -9.80 5.64
C GLY A 37 4.53 -8.78 6.45
N ASN A 38 5.81 -9.05 6.72
CA ASN A 38 6.64 -8.16 7.50
C ASN A 38 7.03 -6.93 6.68
N ILE A 39 6.95 -5.76 7.31
CA ILE A 39 7.30 -4.50 6.64
C ILE A 39 8.79 -4.44 6.35
N LEU A 40 9.15 -4.65 5.09
CA LEU A 40 10.55 -4.61 4.67
C LEU A 40 10.96 -3.19 4.27
N GLN A 41 10.04 -2.47 3.65
CA GLN A 41 10.30 -1.10 3.22
C GLN A 41 9.10 -0.19 3.52
N TYR A 42 9.37 1.09 3.72
CA TYR A 42 8.33 2.05 4.01
C TYR A 42 8.75 3.46 3.59
N ASN A 43 8.12 3.97 2.54
CA ASN A 43 8.43 5.30 2.03
C ASN A 43 7.91 6.37 2.99
N ALA A 44 8.62 7.50 3.05
CA ALA A 44 8.23 8.61 3.91
C ALA A 44 6.84 9.12 3.56
N ALA A 45 6.55 9.19 2.27
CA ALA A 45 5.25 9.65 1.80
C ALA A 45 4.11 9.00 2.58
N GLU A 46 4.05 7.67 2.50
CA GLU A 46 3.01 6.94 3.20
C GLU A 46 3.09 7.19 4.71
N GLY A 47 4.33 7.20 5.20
CA GLY A 47 4.55 7.43 6.61
C GLY A 47 4.00 8.75 7.09
N ASP A 48 3.98 9.73 6.19
CA ASP A 48 3.46 11.07 6.52
C ASP A 48 1.94 11.06 6.52
N ILE A 49 1.35 10.56 5.45
CA ILE A 49 -0.10 10.50 5.32
C ILE A 49 -0.73 9.70 6.45
N THR A 50 -0.25 8.46 6.62
CA THR A 50 -0.76 7.58 7.67
C THR A 50 -0.27 8.03 9.04
N GLY A 51 0.99 8.45 9.11
CA GLY A 51 1.55 8.90 10.37
C GLY A 51 2.36 7.81 11.06
N ARG A 52 3.01 6.97 10.26
CA ARG A 52 3.83 5.89 10.80
C ARG A 52 5.30 6.07 10.41
N ASP A 53 6.19 5.53 11.22
CA ASP A 53 7.62 5.62 10.96
C ASP A 53 8.12 4.39 10.21
N PRO A 54 9.04 4.60 9.26
CA PRO A 54 9.61 3.52 8.45
C PRO A 54 10.53 2.62 9.26
N LYS A 55 11.49 3.22 9.95
CA LYS A 55 12.44 2.47 10.77
C LYS A 55 11.73 1.82 11.96
N GLN A 56 10.50 2.26 12.22
CA GLN A 56 9.72 1.73 13.33
C GLN A 56 8.86 0.55 12.88
N VAL A 57 8.43 0.58 11.62
CA VAL A 57 7.61 -0.49 11.06
C VAL A 57 8.46 -1.67 10.63
N ILE A 58 9.73 -1.41 10.33
CA ILE A 58 10.64 -2.46 9.90
C ILE A 58 10.57 -3.67 10.83
N GLY A 59 10.22 -4.82 10.27
CA GLY A 59 10.12 -6.03 11.06
C GLY A 59 8.69 -6.33 11.47
N LYS A 60 7.89 -5.28 11.63
CA LYS A 60 6.49 -5.44 12.03
C LYS A 60 5.61 -5.73 10.81
N ASN A 61 4.61 -6.59 10.99
CA ASN A 61 3.70 -6.94 9.92
C ASN A 61 2.77 -5.78 9.59
N PHE A 62 2.29 -5.74 8.34
CA PHE A 62 1.40 -4.69 7.90
C PHE A 62 0.06 -4.76 8.62
N PHE A 63 -0.33 -5.97 9.00
CA PHE A 63 -1.59 -6.18 9.71
C PHE A 63 -1.37 -6.30 11.21
N LYS A 64 -0.09 -6.36 11.61
CA LYS A 64 0.26 -6.47 13.02
C LYS A 64 0.09 -5.13 13.73
N ASP A 65 0.77 -4.11 13.23
CA ASP A 65 0.69 -2.77 13.81
C ASP A 65 0.37 -1.74 12.75
N VAL A 66 0.98 -1.86 11.58
CA VAL A 66 0.76 -0.93 10.48
C VAL A 66 -0.74 -0.79 10.19
N ALA A 67 -1.49 -1.85 10.48
CA ALA A 67 -2.93 -1.83 10.24
C ALA A 67 -3.64 -2.83 11.15
N PRO A 68 -3.96 -2.37 12.38
CA PRO A 68 -4.65 -3.21 13.38
C PRO A 68 -6.09 -3.49 13.00
N GLY A 69 -6.42 -4.77 12.86
CA GLY A 69 -7.78 -5.15 12.50
C GLY A 69 -7.91 -5.50 11.03
N THR A 70 -6.79 -5.49 10.32
CA THR A 70 -6.79 -5.79 8.89
C THR A 70 -6.48 -7.26 8.65
N ASP A 71 -6.71 -8.09 9.66
CA ASP A 71 -6.46 -9.52 9.56
C ASP A 71 -7.68 -10.25 9.01
N SER A 72 -8.24 -9.73 7.92
CA SER A 72 -9.41 -10.33 7.29
C SER A 72 -9.03 -11.02 5.98
N PRO A 73 -9.93 -11.89 5.50
CA PRO A 73 -9.72 -12.64 4.25
C PRO A 73 -9.78 -11.74 3.02
N GLU A 74 -10.16 -10.49 3.23
CA GLU A 74 -10.26 -9.53 2.14
C GLU A 74 -8.93 -8.83 1.91
N PHE A 75 -8.21 -8.56 3.00
CA PHE A 75 -6.92 -7.88 2.92
C PHE A 75 -5.79 -8.86 3.20
N TYR A 76 -5.71 -9.33 4.43
CA TYR A 76 -4.67 -10.28 4.83
C TYR A 76 -4.76 -11.57 4.03
N GLY A 77 -5.99 -12.07 3.87
CA GLY A 77 -6.19 -13.30 3.12
C GLY A 77 -5.64 -13.21 1.71
N LYS A 78 -5.95 -12.12 1.02
CA LYS A 78 -5.49 -11.92 -0.35
C LYS A 78 -3.96 -11.87 -0.40
N PHE A 79 -3.36 -11.21 0.59
CA PHE A 79 -1.91 -11.08 0.66
C PHE A 79 -1.25 -12.46 0.60
N LYS A 80 -1.54 -13.29 1.61
CA LYS A 80 -0.96 -14.63 1.68
C LYS A 80 -1.48 -15.49 0.53
N GLU A 81 -2.72 -15.27 0.13
CA GLU A 81 -3.32 -16.03 -0.96
C GLU A 81 -2.41 -16.06 -2.18
N GLY A 82 -2.07 -14.88 -2.70
CA GLY A 82 -1.21 -14.80 -3.86
C GLY A 82 0.18 -15.35 -3.58
N VAL A 83 0.69 -15.09 -2.38
CA VAL A 83 2.02 -15.57 -2.00
C VAL A 83 2.16 -17.07 -2.27
N ALA A 84 1.08 -17.81 -2.07
CA ALA A 84 1.08 -19.24 -2.30
C ALA A 84 1.18 -19.57 -3.78
N SER A 85 0.56 -18.73 -4.61
CA SER A 85 0.58 -18.94 -6.06
C SER A 85 1.91 -18.47 -6.65
N GLY A 86 2.52 -17.48 -6.02
CA GLY A 86 3.78 -16.96 -6.51
C GLY A 86 3.61 -15.73 -7.38
N ASN A 87 2.60 -14.92 -7.07
CA ASN A 87 2.32 -13.71 -7.83
C ASN A 87 1.14 -12.95 -7.25
N LEU A 88 1.34 -12.37 -6.07
CA LEU A 88 0.29 -11.61 -5.40
C LEU A 88 -0.11 -10.39 -6.24
N ASN A 89 -1.16 -10.55 -7.03
CA ASN A 89 -1.65 -9.46 -7.87
C ASN A 89 -3.10 -9.12 -7.54
N THR A 90 -3.30 -8.07 -6.76
CA THR A 90 -4.64 -7.63 -6.38
C THR A 90 -4.77 -6.12 -6.44
N MET A 91 -5.93 -5.65 -6.89
CA MET A 91 -6.19 -4.22 -6.99
C MET A 91 -7.61 -3.89 -6.56
N PHE A 92 -7.74 -3.22 -5.42
CA PHE A 92 -9.05 -2.85 -4.89
C PHE A 92 -8.94 -1.65 -3.96
N GLU A 93 -10.09 -1.06 -3.62
CA GLU A 93 -10.12 0.10 -2.75
C GLU A 93 -10.29 -0.31 -1.28
N TRP A 94 -9.58 0.37 -0.40
CA TRP A 94 -9.65 0.06 1.03
C TRP A 94 -9.97 1.31 1.83
N MET A 95 -10.56 1.12 3.02
CA MET A 95 -10.91 2.23 3.89
C MET A 95 -9.87 2.42 4.98
N ILE A 96 -9.28 3.61 5.03
CA ILE A 96 -8.26 3.92 6.02
C ILE A 96 -8.81 4.88 7.08
N PRO A 97 -9.34 4.31 8.18
CA PRO A 97 -9.90 5.09 9.27
C PRO A 97 -8.82 5.83 10.07
N THR A 98 -9.00 7.14 10.22
CA THR A 98 -8.05 7.95 10.96
C THR A 98 -8.76 8.83 11.99
N SER A 99 -8.00 9.73 12.60
CA SER A 99 -8.56 10.63 13.62
C SER A 99 -9.50 11.64 12.99
N ARG A 100 -9.15 12.09 11.77
CA ARG A 100 -9.97 13.07 11.06
C ARG A 100 -11.19 12.40 10.42
N GLY A 101 -11.14 11.07 10.32
CA GLY A 101 -12.24 10.34 9.73
C GLY A 101 -11.78 9.37 8.66
N PRO A 102 -12.67 8.43 8.28
CA PRO A 102 -12.37 7.43 7.25
C PRO A 102 -12.26 8.03 5.86
N THR A 103 -11.39 7.46 5.04
CA THR A 103 -11.19 7.95 3.68
C THR A 103 -10.88 6.79 2.73
N LYS A 104 -11.56 6.78 1.59
CA LYS A 104 -11.36 5.74 0.59
C LYS A 104 -10.03 5.93 -0.14
N VAL A 105 -9.34 4.82 -0.41
CA VAL A 105 -8.06 4.87 -1.09
C VAL A 105 -7.87 3.65 -1.99
N LYS A 106 -7.03 3.79 -3.00
CA LYS A 106 -6.75 2.70 -3.93
C LYS A 106 -5.58 1.86 -3.46
N VAL A 107 -5.81 0.56 -3.29
CA VAL A 107 -4.76 -0.35 -2.84
C VAL A 107 -4.34 -1.29 -3.97
N HIS A 108 -3.03 -1.36 -4.20
CA HIS A 108 -2.48 -2.21 -5.24
C HIS A 108 -1.28 -2.99 -4.73
N MET A 109 -1.39 -4.32 -4.74
CA MET A 109 -0.31 -5.19 -4.28
C MET A 109 0.20 -6.07 -5.42
N LYS A 110 1.47 -5.88 -5.78
CA LYS A 110 2.08 -6.66 -6.85
C LYS A 110 3.40 -7.27 -6.38
N LYS A 111 3.51 -8.60 -6.53
CA LYS A 111 4.71 -9.31 -6.13
C LYS A 111 5.95 -8.69 -6.77
N ALA A 112 7.04 -8.65 -6.01
CA ALA A 112 8.29 -8.08 -6.51
C ALA A 112 8.83 -8.89 -7.69
N LEU A 113 9.96 -8.45 -8.23
CA LEU A 113 10.58 -9.14 -9.36
C LEU A 113 11.42 -10.32 -8.88
N SER A 114 12.13 -10.13 -7.76
CA SER A 114 12.97 -11.17 -7.20
C SER A 114 12.12 -12.32 -6.66
N GLY A 115 10.88 -12.02 -6.33
CA GLY A 115 9.99 -13.04 -5.78
C GLY A 115 10.06 -13.14 -4.28
N ASP A 116 11.14 -12.62 -3.70
CA ASP A 116 11.32 -12.66 -2.26
C ASP A 116 10.85 -11.36 -1.61
N SER A 117 9.78 -10.79 -2.16
CA SER A 117 9.24 -9.54 -1.64
C SER A 117 7.98 -9.14 -2.41
N TYR A 118 7.17 -8.30 -1.79
CA TYR A 118 5.93 -7.83 -2.42
C TYR A 118 5.79 -6.32 -2.29
N TRP A 119 5.31 -5.68 -3.35
CA TRP A 119 5.12 -4.24 -3.37
C TRP A 119 3.67 -3.88 -3.09
N VAL A 120 3.47 -2.88 -2.23
CA VAL A 120 2.12 -2.43 -1.88
C VAL A 120 2.02 -0.91 -1.94
N PHE A 121 1.37 -0.42 -2.99
CA PHE A 121 1.19 1.02 -3.17
C PHE A 121 -0.21 1.46 -2.76
N VAL A 122 -0.32 2.71 -2.33
CA VAL A 122 -1.61 3.25 -1.89
C VAL A 122 -1.79 4.68 -2.39
N LYS A 123 -2.94 4.93 -3.03
CA LYS A 123 -3.24 6.25 -3.56
C LYS A 123 -4.53 6.80 -2.95
N ARG A 124 -4.46 8.04 -2.46
CA ARG A 124 -5.62 8.67 -1.84
C ARG A 124 -6.67 9.02 -2.90
N VAL A 125 -7.81 8.35 -2.84
CA VAL A 125 -8.89 8.59 -3.78
C VAL A 125 -9.41 10.02 -3.68
N LYS A 126 -9.79 10.61 -4.81
CA LYS A 126 -10.29 11.97 -4.84
C LYS A 126 -11.80 11.99 -4.54
N LEU A 127 -12.18 12.74 -3.52
CA LEU A 127 -13.59 12.85 -3.14
C LEU A 127 -14.24 14.06 -3.81
N ALA A 128 -15.55 13.98 -3.99
CA ALA A 128 -16.30 15.07 -4.62
C ALA A 128 -17.79 14.76 -4.66
N ALA A 129 -18.56 15.49 -3.85
CA ALA A 129 -20.00 15.29 -3.80
C ALA A 129 -20.75 16.62 -3.75
N ALA A 130 -22.07 16.56 -3.73
CA ALA A 130 -22.89 17.77 -3.69
C ALA A 130 -24.37 17.42 -3.62
N LEU A 131 -25.09 18.07 -2.71
CA LEU A 131 -26.52 17.83 -2.56
C LEU A 131 -27.32 19.12 -2.70
N GLU A 132 -28.64 18.99 -2.83
CA GLU A 132 -29.50 20.15 -2.98
C GLU A 132 -30.33 20.39 -1.72
N HIS A 133 -30.74 19.30 -1.09
CA HIS A 133 -31.53 19.37 0.14
C HIS A 133 -30.64 19.35 1.37
N HIS A 134 -31.11 19.98 2.45
CA HIS A 134 -30.34 20.03 3.69
C HIS A 134 -31.16 20.71 4.79
N HIS A 135 -31.36 19.98 5.89
CA HIS A 135 -32.11 20.50 7.02
C HIS A 135 -31.28 20.47 8.30
N HIS A 136 -31.37 21.54 9.09
CA HIS A 136 -30.63 21.63 10.34
C HIS A 136 -31.44 21.05 11.50
N HIS A 137 -30.74 20.44 12.45
CA HIS A 137 -31.40 19.84 13.61
C HIS A 137 -31.88 20.92 14.57
N HIS A 138 -33.04 20.69 15.18
CA HIS A 138 -33.61 21.64 16.13
C HIS A 138 -32.64 21.94 17.26
N MET A 1 15.76 9.08 -16.94
CA MET A 1 15.13 9.06 -15.62
C MET A 1 13.70 9.54 -15.70
N GLU A 2 12.83 8.72 -16.28
CA GLU A 2 11.42 9.08 -16.40
C GLU A 2 10.71 9.02 -15.05
N HIS A 3 9.68 9.83 -14.89
CA HIS A 3 8.92 9.87 -13.64
C HIS A 3 8.25 8.53 -13.37
N VAL A 4 7.83 8.33 -12.13
CA VAL A 4 7.16 7.08 -11.74
C VAL A 4 5.65 7.19 -11.92
N ALA A 5 5.02 6.07 -12.25
CA ALA A 5 3.58 6.03 -12.44
C ALA A 5 2.92 5.02 -11.51
N PHE A 6 1.93 5.48 -10.76
CA PHE A 6 1.21 4.62 -9.83
C PHE A 6 0.49 3.50 -10.56
N GLY A 7 0.78 2.26 -10.18
CA GLY A 7 0.14 1.11 -10.81
C GLY A 7 0.57 0.95 -12.26
N SER A 8 1.81 1.33 -12.56
CA SER A 8 2.34 1.22 -13.91
C SER A 8 2.66 -0.24 -14.26
N GLU A 9 2.77 -0.52 -15.55
CA GLU A 9 3.08 -1.86 -16.01
C GLU A 9 4.46 -2.31 -15.54
N ASP A 10 5.37 -1.34 -15.42
CA ASP A 10 6.73 -1.63 -14.97
C ASP A 10 7.07 -0.83 -13.72
N ILE A 11 6.10 -0.73 -12.82
CA ILE A 11 6.30 0.01 -11.57
C ILE A 11 7.33 -0.68 -10.69
N GLU A 12 7.32 -2.01 -10.72
CA GLU A 12 8.26 -2.80 -9.91
C GLU A 12 9.68 -2.71 -10.49
N ASN A 13 9.78 -2.87 -11.81
CA ASN A 13 11.06 -2.82 -12.49
C ASN A 13 11.75 -1.47 -12.24
N THR A 14 10.96 -0.40 -12.26
CA THR A 14 11.50 0.94 -12.03
C THR A 14 11.99 1.11 -10.60
N LEU A 15 11.15 0.75 -9.64
CA LEU A 15 11.49 0.86 -8.23
C LEU A 15 12.67 -0.04 -7.89
N ALA A 16 12.71 -1.21 -8.51
CA ALA A 16 13.80 -2.16 -8.27
C ALA A 16 15.15 -1.50 -8.47
N LYS A 17 15.24 -0.59 -9.43
CA LYS A 17 16.48 0.12 -9.72
C LYS A 17 16.59 1.39 -8.86
N MET A 18 15.45 1.94 -8.47
CA MET A 18 15.42 3.14 -7.67
C MET A 18 15.65 2.82 -6.19
N ASP A 19 16.12 3.80 -5.44
CA ASP A 19 16.39 3.62 -4.02
C ASP A 19 15.31 4.27 -3.17
N ASP A 20 15.54 4.35 -1.87
CA ASP A 20 14.59 4.95 -0.95
C ASP A 20 14.45 6.46 -1.21
N GLY A 21 15.55 7.09 -1.60
CA GLY A 21 15.53 8.51 -1.87
C GLY A 21 14.43 8.90 -2.84
N GLN A 22 14.44 8.30 -4.02
CA GLN A 22 13.44 8.59 -5.04
C GLN A 22 12.06 8.15 -4.58
N LEU A 23 12.01 7.02 -3.89
CA LEU A 23 10.75 6.48 -3.38
C LEU A 23 9.97 7.54 -2.62
N ASP A 24 10.67 8.26 -1.75
CA ASP A 24 10.04 9.31 -0.95
C ASP A 24 9.53 10.44 -1.83
N GLY A 25 10.17 10.62 -2.97
CA GLY A 25 9.78 11.67 -3.90
C GLY A 25 8.42 11.39 -4.53
N LEU A 26 8.02 10.13 -4.54
CA LEU A 26 6.75 9.73 -5.12
C LEU A 26 5.59 10.49 -4.48
N ALA A 27 4.52 10.70 -5.24
CA ALA A 27 3.35 11.41 -4.74
C ALA A 27 2.31 10.44 -4.20
N PHE A 28 2.74 9.24 -3.83
CA PHE A 28 1.85 8.22 -3.31
C PHE A 28 2.54 7.41 -2.21
N GLY A 29 1.83 6.40 -1.69
CA GLY A 29 2.38 5.58 -0.65
C GLY A 29 2.99 4.29 -1.19
N ALA A 30 4.10 3.87 -0.58
CA ALA A 30 4.78 2.65 -1.00
C ALA A 30 5.25 1.84 0.20
N ILE A 31 4.87 0.57 0.23
CA ILE A 31 5.25 -0.31 1.33
C ILE A 31 5.59 -1.71 0.81
N GLN A 32 6.78 -2.19 1.17
CA GLN A 32 7.23 -3.52 0.75
C GLN A 32 7.06 -4.53 1.87
N LEU A 33 6.36 -5.62 1.58
CA LEU A 33 6.13 -6.66 2.57
C LEU A 33 6.77 -7.97 2.13
N ASP A 34 7.08 -8.83 3.11
CA ASP A 34 7.70 -10.13 2.82
C ASP A 34 6.64 -11.21 2.68
N GLY A 35 7.09 -12.45 2.51
CA GLY A 35 6.17 -13.57 2.37
C GLY A 35 5.24 -13.71 3.56
N ASP A 36 5.73 -13.30 4.73
CA ASP A 36 4.94 -13.39 5.95
C ASP A 36 4.11 -12.13 6.15
N GLY A 37 4.49 -11.06 5.48
CA GLY A 37 3.78 -9.79 5.60
C GLY A 37 4.53 -8.78 6.44
N ASN A 38 5.80 -9.06 6.70
CA ASN A 38 6.63 -8.16 7.50
C ASN A 38 7.04 -6.93 6.69
N ILE A 39 6.96 -5.77 7.32
CA ILE A 39 7.32 -4.52 6.66
C ILE A 39 8.81 -4.46 6.36
N LEU A 40 9.16 -4.67 5.10
CA LEU A 40 10.57 -4.64 4.69
C LEU A 40 10.98 -3.22 4.28
N GLN A 41 10.06 -2.50 3.67
CA GLN A 41 10.33 -1.14 3.23
C GLN A 41 9.14 -0.22 3.53
N TYR A 42 9.42 1.07 3.71
CA TYR A 42 8.38 2.04 4.00
C TYR A 42 8.82 3.45 3.58
N ASN A 43 8.18 3.96 2.53
CA ASN A 43 8.49 5.29 2.01
C ASN A 43 7.98 6.37 2.96
N ALA A 44 8.69 7.49 3.01
CA ALA A 44 8.30 8.61 3.86
C ALA A 44 6.90 9.11 3.51
N ALA A 45 6.60 9.17 2.22
CA ALA A 45 5.29 9.62 1.75
C ALA A 45 4.17 8.96 2.54
N GLU A 46 4.11 7.64 2.48
CA GLU A 46 3.08 6.90 3.18
C GLU A 46 3.17 7.17 4.68
N GLY A 47 4.40 7.21 5.17
CA GLY A 47 4.63 7.45 6.58
C GLY A 47 4.08 8.79 7.04
N ASP A 48 4.05 9.76 6.13
CA ASP A 48 3.53 11.09 6.45
C ASP A 48 2.00 11.09 6.46
N ILE A 49 1.41 10.57 5.38
CA ILE A 49 -0.04 10.50 5.27
C ILE A 49 -0.65 9.71 6.41
N THR A 50 -0.17 8.48 6.59
CA THR A 50 -0.66 7.61 7.66
C THR A 50 -0.16 8.07 9.03
N GLY A 51 1.09 8.50 9.08
CA GLY A 51 1.67 8.96 10.32
C GLY A 51 2.46 7.87 11.03
N ARG A 52 3.10 7.02 10.24
CA ARG A 52 3.90 5.93 10.79
C ARG A 52 5.36 6.08 10.41
N ASP A 53 6.25 5.53 11.24
CA ASP A 53 7.68 5.60 10.97
C ASP A 53 8.17 4.36 10.22
N PRO A 54 9.07 4.57 9.26
CA PRO A 54 9.63 3.48 8.45
C PRO A 54 10.56 2.58 9.25
N LYS A 55 11.53 3.18 9.92
CA LYS A 55 12.48 2.42 10.74
C LYS A 55 11.79 1.79 11.94
N GLN A 56 10.56 2.23 12.21
CA GLN A 56 9.79 1.72 13.34
C GLN A 56 8.92 0.55 12.91
N VAL A 57 8.48 0.58 11.64
CA VAL A 57 7.63 -0.49 11.11
C VAL A 57 8.47 -1.69 10.68
N ILE A 58 9.73 -1.44 10.35
CA ILE A 58 10.63 -2.50 9.91
C ILE A 58 10.55 -3.69 10.85
N GLY A 59 10.19 -4.85 10.29
CA GLY A 59 10.10 -6.05 11.10
C GLY A 59 8.67 -6.36 11.51
N LYS A 60 7.86 -5.32 11.65
CA LYS A 60 6.46 -5.48 12.04
C LYS A 60 5.59 -5.76 10.82
N ASN A 61 4.59 -6.62 10.99
CA ASN A 61 3.68 -6.96 9.91
C ASN A 61 2.75 -5.80 9.58
N PHE A 62 2.28 -5.76 8.34
CA PHE A 62 1.39 -4.70 7.90
C PHE A 62 0.04 -4.77 8.62
N PHE A 63 -0.35 -5.99 9.00
CA PHE A 63 -1.61 -6.19 9.71
C PHE A 63 -1.38 -6.32 11.21
N LYS A 64 -0.12 -6.38 11.60
CA LYS A 64 0.24 -6.51 13.01
C LYS A 64 0.08 -5.16 13.73
N ASP A 65 0.77 -4.14 13.23
CA ASP A 65 0.69 -2.82 13.82
C ASP A 65 0.37 -1.77 12.76
N VAL A 66 0.99 -1.89 11.60
CA VAL A 66 0.77 -0.95 10.51
C VAL A 66 -0.72 -0.80 10.21
N ALA A 67 -1.48 -1.86 10.48
CA ALA A 67 -2.93 -1.84 10.24
C ALA A 67 -3.64 -2.83 11.15
N PRO A 68 -3.96 -2.40 12.38
CA PRO A 68 -4.64 -3.23 13.37
C PRO A 68 -6.09 -3.49 12.99
N GLY A 69 -6.44 -4.77 12.83
CA GLY A 69 -7.79 -5.14 12.47
C GLY A 69 -7.92 -5.48 11.00
N THR A 70 -6.80 -5.48 10.29
CA THR A 70 -6.80 -5.79 8.87
C THR A 70 -6.50 -7.26 8.63
N ASP A 71 -6.75 -8.09 9.63
CA ASP A 71 -6.52 -9.52 9.52
C ASP A 71 -7.73 -10.23 8.96
N SER A 72 -8.27 -9.71 7.87
CA SER A 72 -9.45 -10.29 7.23
C SER A 72 -9.06 -10.99 5.93
N PRO A 73 -9.97 -11.85 5.43
CA PRO A 73 -9.75 -12.60 4.20
C PRO A 73 -9.79 -11.71 2.96
N GLU A 74 -10.15 -10.45 3.16
CA GLU A 74 -10.24 -9.50 2.06
C GLU A 74 -8.89 -8.81 1.84
N PHE A 75 -8.19 -8.54 2.95
CA PHE A 75 -6.89 -7.88 2.88
C PHE A 75 -5.77 -8.87 3.17
N TYR A 76 -5.71 -9.34 4.41
CA TYR A 76 -4.68 -10.28 4.82
C TYR A 76 -4.78 -11.58 4.02
N GLY A 77 -6.00 -12.08 3.86
CA GLY A 77 -6.21 -13.31 3.11
C GLY A 77 -5.65 -13.23 1.71
N LYS A 78 -5.93 -12.13 1.02
CA LYS A 78 -5.45 -11.93 -0.34
C LYS A 78 -3.93 -11.90 -0.39
N PHE A 79 -3.33 -11.24 0.60
CA PHE A 79 -1.87 -11.14 0.67
C PHE A 79 -1.23 -12.52 0.63
N LYS A 80 -1.53 -13.33 1.64
CA LYS A 80 -0.98 -14.69 1.72
C LYS A 80 -1.48 -15.55 0.57
N GLU A 81 -2.73 -15.32 0.15
CA GLU A 81 -3.33 -16.07 -0.94
C GLU A 81 -2.41 -16.10 -2.16
N GLY A 82 -2.06 -14.93 -2.65
CA GLY A 82 -1.19 -14.84 -3.81
C GLY A 82 0.17 -15.45 -3.55
N VAL A 83 0.71 -15.25 -2.35
CA VAL A 83 2.00 -15.79 -1.99
C VAL A 83 2.08 -17.29 -2.27
N ALA A 84 0.95 -17.97 -2.10
CA ALA A 84 0.90 -19.41 -2.33
C ALA A 84 1.05 -19.72 -3.82
N SER A 85 0.54 -18.83 -4.67
CA SER A 85 0.61 -19.01 -6.11
C SER A 85 1.96 -18.52 -6.65
N GLY A 86 2.53 -17.53 -5.98
CA GLY A 86 3.81 -16.99 -6.40
C GLY A 86 3.66 -15.76 -7.27
N ASN A 87 2.62 -14.97 -7.00
CA ASN A 87 2.36 -13.76 -7.78
C ASN A 87 1.18 -12.99 -7.20
N LEU A 88 1.37 -12.42 -6.01
CA LEU A 88 0.33 -11.65 -5.36
C LEU A 88 -0.07 -10.44 -6.19
N ASN A 89 -1.13 -10.59 -6.99
CA ASN A 89 -1.61 -9.51 -7.84
C ASN A 89 -3.05 -9.17 -7.52
N THR A 90 -3.25 -8.11 -6.75
CA THR A 90 -4.59 -7.68 -6.37
C THR A 90 -4.73 -6.16 -6.43
N MET A 91 -5.89 -5.69 -6.88
CA MET A 91 -6.14 -4.25 -6.99
C MET A 91 -7.56 -3.91 -6.56
N PHE A 92 -7.68 -3.26 -5.41
CA PHE A 92 -8.99 -2.87 -4.88
C PHE A 92 -8.86 -1.68 -3.93
N GLU A 93 -9.99 -1.04 -3.66
CA GLU A 93 -10.02 0.12 -2.76
C GLU A 93 -10.16 -0.32 -1.31
N TRP A 94 -9.59 0.47 -0.41
CA TRP A 94 -9.65 0.16 1.01
C TRP A 94 -9.99 1.41 1.83
N MET A 95 -10.55 1.20 3.02
CA MET A 95 -10.92 2.32 3.89
C MET A 95 -9.88 2.52 4.98
N ILE A 96 -9.31 3.71 5.05
CA ILE A 96 -8.31 4.03 6.06
C ILE A 96 -8.87 4.96 7.13
N PRO A 97 -9.39 4.37 8.22
CA PRO A 97 -9.96 5.13 9.34
C PRO A 97 -8.91 5.89 10.12
N THR A 98 -9.12 7.19 10.28
CA THR A 98 -8.20 8.04 11.01
C THR A 98 -8.91 8.84 12.10
N SER A 99 -8.19 9.77 12.72
CA SER A 99 -8.76 10.61 13.77
C SER A 99 -9.74 11.62 13.19
N ARG A 100 -9.42 12.12 11.99
CA ARG A 100 -10.27 13.10 11.33
C ARG A 100 -11.45 12.42 10.66
N GLY A 101 -11.34 11.11 10.46
CA GLY A 101 -12.41 10.37 9.82
C GLY A 101 -11.89 9.42 8.75
N PRO A 102 -12.75 8.48 8.33
CA PRO A 102 -12.39 7.49 7.30
C PRO A 102 -12.25 8.13 5.92
N THR A 103 -11.40 7.52 5.09
CA THR A 103 -11.17 8.02 3.73
C THR A 103 -10.87 6.89 2.78
N LYS A 104 -11.61 6.85 1.66
CA LYS A 104 -11.41 5.80 0.66
C LYS A 104 -10.09 6.00 -0.08
N VAL A 105 -9.43 4.90 -0.39
CA VAL A 105 -8.15 4.94 -1.10
C VAL A 105 -7.96 3.72 -1.98
N LYS A 106 -7.12 3.84 -2.99
CA LYS A 106 -6.84 2.75 -3.92
C LYS A 106 -5.65 1.92 -3.44
N VAL A 107 -5.86 0.61 -3.30
CA VAL A 107 -4.81 -0.30 -2.86
C VAL A 107 -4.35 -1.20 -3.99
N HIS A 108 -3.04 -1.29 -4.18
CA HIS A 108 -2.47 -2.13 -5.23
C HIS A 108 -1.28 -2.93 -4.70
N MET A 109 -1.40 -4.25 -4.74
CA MET A 109 -0.33 -5.13 -4.26
C MET A 109 0.18 -6.03 -5.38
N LYS A 110 1.44 -5.87 -5.74
CA LYS A 110 2.05 -6.65 -6.80
C LYS A 110 3.38 -7.25 -6.34
N LYS A 111 3.51 -8.57 -6.44
CA LYS A 111 4.73 -9.25 -6.05
C LYS A 111 5.95 -8.61 -6.71
N ALA A 112 7.07 -8.60 -5.98
CA ALA A 112 8.30 -8.04 -6.50
C ALA A 112 8.84 -8.83 -7.68
N LEU A 113 9.93 -8.36 -8.26
CA LEU A 113 10.55 -9.05 -9.40
C LEU A 113 11.43 -10.20 -8.94
N SER A 114 12.10 -10.01 -7.81
CA SER A 114 12.98 -11.04 -7.26
C SER A 114 12.17 -12.21 -6.73
N GLY A 115 10.92 -11.96 -6.38
CA GLY A 115 10.06 -13.01 -5.87
C GLY A 115 10.13 -13.13 -4.36
N ASP A 116 11.20 -12.58 -3.77
CA ASP A 116 11.37 -12.63 -2.33
C ASP A 116 10.90 -11.34 -1.67
N SER A 117 9.81 -10.79 -2.20
CA SER A 117 9.26 -9.55 -1.67
C SER A 117 7.98 -9.16 -2.43
N TYR A 118 7.18 -8.29 -1.82
CA TYR A 118 5.94 -7.84 -2.42
C TYR A 118 5.80 -6.33 -2.31
N TRP A 119 5.30 -5.71 -3.37
CA TRP A 119 5.10 -4.26 -3.39
C TRP A 119 3.66 -3.90 -3.07
N VAL A 120 3.47 -2.88 -2.24
CA VAL A 120 2.14 -2.43 -1.86
C VAL A 120 2.04 -0.92 -1.90
N PHE A 121 1.36 -0.41 -2.93
CA PHE A 121 1.18 1.03 -3.11
C PHE A 121 -0.21 1.47 -2.65
N VAL A 122 -0.31 2.71 -2.21
CA VAL A 122 -1.59 3.26 -1.74
C VAL A 122 -1.76 4.71 -2.18
N LYS A 123 -2.82 4.96 -2.94
CA LYS A 123 -3.09 6.32 -3.42
C LYS A 123 -4.49 6.77 -3.00
N ARG A 124 -4.57 7.94 -2.38
CA ARG A 124 -5.85 8.48 -1.92
C ARG A 124 -6.76 8.80 -3.11
N VAL A 125 -7.98 8.29 -3.06
CA VAL A 125 -8.95 8.51 -4.13
C VAL A 125 -9.07 10.01 -4.45
N LYS A 126 -9.76 10.31 -5.54
CA LYS A 126 -9.97 11.70 -5.95
C LYS A 126 -10.90 12.41 -4.98
N LEU A 127 -10.76 13.73 -4.89
CA LEU A 127 -11.59 14.54 -4.01
C LEU A 127 -12.56 15.40 -4.80
N ALA A 128 -13.34 16.20 -4.10
CA ALA A 128 -14.32 17.08 -4.75
C ALA A 128 -14.90 18.07 -3.75
N ALA A 129 -15.80 18.93 -4.23
CA ALA A 129 -16.44 19.93 -3.39
C ALA A 129 -17.35 19.27 -2.34
N ALA A 130 -17.94 20.09 -1.49
CA ALA A 130 -18.83 19.58 -0.44
C ALA A 130 -18.08 18.65 0.51
N LEU A 131 -17.67 19.19 1.65
CA LEU A 131 -16.95 18.40 2.65
C LEU A 131 -17.77 18.24 3.92
N GLU A 132 -17.30 17.37 4.81
CA GLU A 132 -18.00 17.13 6.07
C GLU A 132 -18.27 18.44 6.81
N HIS A 133 -19.54 18.75 7.00
CA HIS A 133 -19.94 19.96 7.69
C HIS A 133 -20.20 19.70 9.16
N HIS A 134 -20.10 20.74 9.98
CA HIS A 134 -20.33 20.62 11.42
C HIS A 134 -21.41 21.60 11.89
N HIS A 135 -22.13 21.21 12.93
CA HIS A 135 -23.19 22.05 13.48
C HIS A 135 -22.94 22.35 14.96
N HIS A 136 -22.40 21.37 15.67
CA HIS A 136 -22.11 21.53 17.09
C HIS A 136 -21.12 22.66 17.32
N HIS A 137 -20.90 23.01 18.59
CA HIS A 137 -19.97 24.07 18.93
C HIS A 137 -18.55 23.55 19.04
N HIS A 138 -17.58 24.35 18.61
CA HIS A 138 -16.18 23.96 18.65
C HIS A 138 -15.39 24.89 19.57
N MET A 1 16.36 9.09 -15.98
CA MET A 1 15.63 9.10 -14.72
C MET A 1 14.23 9.65 -14.91
N GLU A 2 13.39 8.90 -15.60
CA GLU A 2 12.01 9.32 -15.85
C GLU A 2 11.19 9.30 -14.56
N HIS A 3 10.03 9.95 -14.59
CA HIS A 3 9.15 10.01 -13.43
C HIS A 3 8.45 8.68 -13.21
N VAL A 4 8.19 8.35 -11.95
CA VAL A 4 7.53 7.11 -11.60
C VAL A 4 6.01 7.21 -11.79
N ALA A 5 5.39 6.11 -12.21
CA ALA A 5 3.95 6.10 -12.42
C ALA A 5 3.28 5.07 -11.51
N PHE A 6 2.14 5.46 -10.93
CA PHE A 6 1.40 4.58 -10.04
C PHE A 6 0.69 3.48 -10.82
N GLY A 7 0.87 2.24 -10.39
CA GLY A 7 0.25 1.12 -11.07
C GLY A 7 0.72 0.95 -12.49
N SER A 8 1.98 1.32 -12.73
CA SER A 8 2.56 1.21 -14.07
C SER A 8 2.90 -0.24 -14.40
N GLU A 9 3.09 -0.53 -15.68
CA GLU A 9 3.42 -1.87 -16.14
C GLU A 9 4.79 -2.30 -15.62
N ASP A 10 5.69 -1.33 -15.47
CA ASP A 10 7.03 -1.60 -14.98
C ASP A 10 7.33 -0.81 -13.71
N ILE A 11 6.31 -0.65 -12.88
CA ILE A 11 6.46 0.09 -11.63
C ILE A 11 7.41 -0.63 -10.68
N GLU A 12 7.35 -1.96 -10.67
CA GLU A 12 8.22 -2.75 -9.81
C GLU A 12 9.64 -2.79 -10.35
N ASN A 13 9.76 -2.84 -11.67
CA ASN A 13 11.07 -2.89 -12.32
C ASN A 13 11.85 -1.59 -12.06
N THR A 14 11.12 -0.47 -12.03
CA THR A 14 11.74 0.83 -11.80
C THR A 14 12.16 0.99 -10.34
N LEU A 15 11.20 0.78 -9.43
CA LEU A 15 11.47 0.90 -8.00
C LEU A 15 12.61 -0.04 -7.59
N ALA A 16 12.66 -1.20 -8.20
CA ALA A 16 13.70 -2.19 -7.89
C ALA A 16 15.09 -1.56 -7.97
N LYS A 17 15.26 -0.63 -8.91
CA LYS A 17 16.54 0.04 -9.08
C LYS A 17 16.61 1.31 -8.24
N MET A 18 15.44 1.88 -7.94
CA MET A 18 15.37 3.10 -7.14
C MET A 18 15.58 2.78 -5.66
N ASP A 19 16.01 3.78 -4.90
CA ASP A 19 16.26 3.62 -3.48
C ASP A 19 15.13 4.24 -2.65
N ASP A 20 15.34 4.32 -1.34
CA ASP A 20 14.34 4.90 -0.45
C ASP A 20 14.10 6.36 -0.78
N GLY A 21 15.18 7.09 -1.03
CA GLY A 21 15.07 8.50 -1.35
C GLY A 21 14.09 8.76 -2.48
N GLN A 22 14.00 7.83 -3.41
CA GLN A 22 13.10 7.95 -4.55
C GLN A 22 11.65 7.73 -4.12
N LEU A 23 11.45 6.72 -3.28
CA LEU A 23 10.10 6.40 -2.79
C LEU A 23 9.49 7.59 -2.06
N ASP A 24 10.29 8.23 -1.22
CA ASP A 24 9.82 9.39 -0.46
C ASP A 24 9.42 10.53 -1.39
N GLY A 25 9.98 10.52 -2.60
CA GLY A 25 9.66 11.56 -3.56
C GLY A 25 8.36 11.29 -4.30
N LEU A 26 7.95 10.03 -4.33
CA LEU A 26 6.72 9.64 -5.01
C LEU A 26 5.53 10.41 -4.45
N ALA A 27 4.49 10.57 -5.27
CA ALA A 27 3.29 11.28 -4.86
C ALA A 27 2.25 10.32 -4.31
N PHE A 28 2.69 9.15 -3.87
CA PHE A 28 1.79 8.14 -3.32
C PHE A 28 2.48 7.34 -2.22
N GLY A 29 1.77 6.34 -1.69
CA GLY A 29 2.33 5.51 -0.64
C GLY A 29 2.96 4.24 -1.17
N ALA A 30 4.05 3.82 -0.54
CA ALA A 30 4.75 2.61 -0.96
C ALA A 30 5.21 1.80 0.24
N ILE A 31 4.84 0.52 0.27
CA ILE A 31 5.22 -0.36 1.37
C ILE A 31 5.58 -1.75 0.87
N GLN A 32 6.79 -2.19 1.20
CA GLN A 32 7.26 -3.51 0.78
C GLN A 32 7.11 -4.53 1.90
N LEU A 33 6.39 -5.61 1.63
CA LEU A 33 6.17 -6.65 2.62
C LEU A 33 6.81 -7.96 2.18
N ASP A 34 7.12 -8.82 3.14
CA ASP A 34 7.74 -10.11 2.86
C ASP A 34 6.68 -11.21 2.72
N GLY A 35 7.14 -12.44 2.54
CA GLY A 35 6.22 -13.55 2.39
C GLY A 35 5.31 -13.71 3.59
N ASP A 36 5.79 -13.30 4.76
CA ASP A 36 5.01 -13.40 5.98
C ASP A 36 4.16 -12.14 6.20
N GLY A 37 4.54 -11.07 5.52
CA GLY A 37 3.82 -9.82 5.65
C GLY A 37 4.56 -8.80 6.49
N ASN A 38 5.84 -9.06 6.74
CA ASN A 38 6.68 -8.16 7.53
C ASN A 38 7.07 -6.92 6.72
N ILE A 39 6.99 -5.76 7.35
CA ILE A 39 7.34 -4.51 6.69
C ILE A 39 8.83 -4.44 6.41
N LEU A 40 9.21 -4.66 5.16
CA LEU A 40 10.60 -4.62 4.74
C LEU A 40 11.02 -3.21 4.36
N GLN A 41 10.11 -2.48 3.72
CA GLN A 41 10.38 -1.11 3.29
C GLN A 41 9.18 -0.21 3.57
N TYR A 42 9.45 1.08 3.75
CA TYR A 42 8.39 2.05 4.02
C TYR A 42 8.81 3.45 3.57
N ASN A 43 8.19 3.93 2.50
CA ASN A 43 8.49 5.25 1.98
C ASN A 43 7.96 6.34 2.91
N ALA A 44 8.69 7.46 2.96
CA ALA A 44 8.30 8.58 3.82
C ALA A 44 6.90 9.08 3.46
N ALA A 45 6.61 9.12 2.16
CA ALA A 45 5.31 9.57 1.68
C ALA A 45 4.18 8.93 2.47
N GLU A 46 4.11 7.60 2.42
CA GLU A 46 3.08 6.87 3.13
C GLU A 46 3.16 7.17 4.63
N GLY A 47 4.39 7.20 5.13
CA GLY A 47 4.62 7.46 6.54
C GLY A 47 4.06 8.80 6.98
N ASP A 48 4.03 9.76 6.05
CA ASP A 48 3.52 11.09 6.35
C ASP A 48 1.99 11.10 6.35
N ILE A 49 1.40 10.55 5.29
CA ILE A 49 -0.05 10.50 5.16
C ILE A 49 -0.66 9.71 6.31
N THR A 50 -0.19 8.47 6.50
CA THR A 50 -0.69 7.62 7.56
C THR A 50 -0.22 8.09 8.93
N GLY A 51 1.05 8.50 8.99
CA GLY A 51 1.61 8.97 10.25
C GLY A 51 2.41 7.90 10.96
N ARG A 52 3.07 7.04 10.19
CA ARG A 52 3.86 5.96 10.75
C ARG A 52 5.34 6.12 10.37
N ASP A 53 6.22 5.57 11.20
CA ASP A 53 7.65 5.66 10.94
C ASP A 53 8.15 4.42 10.21
N PRO A 54 9.06 4.62 9.25
CA PRO A 54 9.63 3.53 8.46
C PRO A 54 10.54 2.63 9.27
N LYS A 55 11.51 3.23 9.95
CA LYS A 55 12.46 2.49 10.77
C LYS A 55 11.75 1.86 11.97
N GLN A 56 10.52 2.30 12.23
CA GLN A 56 9.74 1.77 13.34
C GLN A 56 8.88 0.60 12.90
N VAL A 57 8.45 0.62 11.64
CA VAL A 57 7.62 -0.45 11.10
C VAL A 57 8.47 -1.64 10.67
N ILE A 58 9.74 -1.38 10.36
CA ILE A 58 10.65 -2.43 9.95
C ILE A 58 10.58 -3.63 10.89
N GLY A 59 10.24 -4.79 10.34
CA GLY A 59 10.14 -5.99 11.15
C GLY A 59 8.71 -6.30 11.55
N LYS A 60 7.89 -5.27 11.69
CA LYS A 60 6.50 -5.43 12.07
C LYS A 60 5.63 -5.73 10.86
N ASN A 61 4.63 -6.59 11.05
CA ASN A 61 3.72 -6.95 9.96
C ASN A 61 2.79 -5.79 9.61
N PHE A 62 2.32 -5.76 8.37
CA PHE A 62 1.42 -4.71 7.92
C PHE A 62 0.08 -4.78 8.63
N PHE A 63 -0.31 -6.00 9.01
CA PHE A 63 -1.58 -6.21 9.72
C PHE A 63 -1.36 -6.31 11.22
N LYS A 64 -0.10 -6.37 11.62
CA LYS A 64 0.26 -6.48 13.04
C LYS A 64 0.07 -5.14 13.74
N ASP A 65 0.75 -4.12 13.25
CA ASP A 65 0.66 -2.79 13.83
C ASP A 65 0.35 -1.74 12.76
N VAL A 66 0.98 -1.88 11.60
CA VAL A 66 0.76 -0.96 10.49
C VAL A 66 -0.72 -0.80 10.18
N ALA A 67 -1.49 -1.86 10.45
CA ALA A 67 -2.92 -1.85 10.20
C ALA A 67 -3.64 -2.83 11.12
N PRO A 68 -3.97 -2.38 12.34
CA PRO A 68 -4.67 -3.20 13.33
C PRO A 68 -6.12 -3.48 12.94
N GLY A 69 -6.46 -4.76 12.79
CA GLY A 69 -7.81 -5.12 12.43
C GLY A 69 -7.93 -5.47 10.95
N THR A 70 -6.81 -5.46 10.25
CA THR A 70 -6.80 -5.76 8.82
C THR A 70 -6.49 -7.24 8.58
N ASP A 71 -6.75 -8.06 9.59
CA ASP A 71 -6.50 -9.50 9.48
C ASP A 71 -7.73 -10.22 8.91
N SER A 72 -8.27 -9.69 7.82
CA SER A 72 -9.44 -10.28 7.18
C SER A 72 -9.05 -10.96 5.87
N PRO A 73 -9.96 -11.81 5.37
CA PRO A 73 -9.74 -12.55 4.12
C PRO A 73 -9.78 -11.64 2.90
N GLU A 74 -10.15 -10.39 3.11
CA GLU A 74 -10.23 -9.41 2.02
C GLU A 74 -8.88 -8.73 1.81
N PHE A 75 -8.16 -8.50 2.91
CA PHE A 75 -6.86 -7.85 2.85
C PHE A 75 -5.74 -8.85 3.14
N TYR A 76 -5.70 -9.31 4.39
CA TYR A 76 -4.67 -10.27 4.80
C TYR A 76 -4.76 -11.56 3.98
N GLY A 77 -5.99 -12.04 3.80
CA GLY A 77 -6.20 -13.27 3.04
C GLY A 77 -5.62 -13.18 1.65
N LYS A 78 -5.90 -12.07 0.95
CA LYS A 78 -5.41 -11.87 -0.40
C LYS A 78 -3.88 -11.84 -0.43
N PHE A 79 -3.29 -11.21 0.58
CA PHE A 79 -1.85 -11.11 0.67
C PHE A 79 -1.20 -12.50 0.63
N LYS A 80 -1.52 -13.32 1.63
CA LYS A 80 -0.97 -14.67 1.70
C LYS A 80 -1.47 -15.53 0.54
N GLU A 81 -2.70 -15.28 0.12
CA GLU A 81 -3.29 -16.04 -0.98
C GLU A 81 -2.37 -16.04 -2.19
N GLY A 82 -2.05 -14.85 -2.70
CA GLY A 82 -1.18 -14.73 -3.84
C GLY A 82 0.19 -15.34 -3.60
N VAL A 83 0.70 -15.14 -2.39
CA VAL A 83 2.02 -15.67 -2.03
C VAL A 83 2.12 -17.16 -2.34
N ALA A 84 1.00 -17.87 -2.18
CA ALA A 84 0.97 -19.30 -2.45
C ALA A 84 1.05 -19.58 -3.95
N SER A 85 0.43 -18.70 -4.74
CA SER A 85 0.43 -18.86 -6.19
C SER A 85 1.76 -18.42 -6.79
N GLY A 86 2.41 -17.46 -6.13
CA GLY A 86 3.69 -16.97 -6.60
C GLY A 86 3.55 -15.70 -7.44
N ASN A 87 2.55 -14.89 -7.10
CA ASN A 87 2.31 -13.65 -7.83
C ASN A 87 1.12 -12.89 -7.24
N LEU A 88 1.34 -12.30 -6.07
CA LEU A 88 0.29 -11.54 -5.40
C LEU A 88 -0.12 -10.32 -6.22
N ASN A 89 -1.17 -10.48 -7.00
CA ASN A 89 -1.67 -9.39 -7.85
C ASN A 89 -3.12 -9.05 -7.49
N THR A 90 -3.29 -7.97 -6.73
CA THR A 90 -4.63 -7.53 -6.32
C THR A 90 -4.76 -6.02 -6.43
N MET A 91 -5.92 -5.57 -6.90
CA MET A 91 -6.19 -4.14 -7.05
C MET A 91 -7.62 -3.81 -6.65
N PHE A 92 -7.77 -3.12 -5.52
CA PHE A 92 -9.08 -2.73 -5.02
C PHE A 92 -8.99 -1.54 -4.08
N GLU A 93 -10.13 -0.98 -3.71
CA GLU A 93 -10.18 0.17 -2.82
C GLU A 93 -10.31 -0.28 -1.36
N TRP A 94 -9.67 0.47 -0.47
CA TRP A 94 -9.72 0.16 0.96
C TRP A 94 -10.04 1.40 1.78
N MET A 95 -10.58 1.19 2.97
CA MET A 95 -10.93 2.30 3.86
C MET A 95 -9.88 2.47 4.95
N ILE A 96 -9.31 3.67 5.03
CA ILE A 96 -8.28 3.95 6.03
C ILE A 96 -8.83 4.88 7.11
N PRO A 97 -9.38 4.28 8.18
CA PRO A 97 -9.95 5.03 9.30
C PRO A 97 -8.87 5.73 10.13
N THR A 98 -9.05 7.04 10.32
CA THR A 98 -8.08 7.82 11.09
C THR A 98 -8.79 8.66 12.15
N SER A 99 -8.04 9.53 12.81
CA SER A 99 -8.59 10.41 13.84
C SER A 99 -9.51 11.47 13.24
N ARG A 100 -9.14 11.93 12.04
CA ARG A 100 -9.93 12.96 11.36
C ARG A 100 -11.16 12.35 10.71
N GLY A 101 -11.16 11.02 10.56
CA GLY A 101 -12.28 10.33 9.96
C GLY A 101 -11.86 9.37 8.87
N PRO A 102 -12.77 8.47 8.48
CA PRO A 102 -12.51 7.46 7.44
C PRO A 102 -12.39 8.09 6.05
N THR A 103 -11.49 7.53 5.24
CA THR A 103 -11.28 8.04 3.88
C THR A 103 -10.96 6.90 2.92
N LYS A 104 -11.73 6.81 1.85
CA LYS A 104 -11.54 5.77 0.85
C LYS A 104 -10.26 6.01 0.05
N VAL A 105 -9.58 4.93 -0.32
CA VAL A 105 -8.34 5.03 -1.09
C VAL A 105 -8.16 3.82 -2.00
N LYS A 106 -7.14 3.87 -2.84
CA LYS A 106 -6.86 2.78 -3.77
C LYS A 106 -5.66 1.96 -3.29
N VAL A 107 -5.83 0.64 -3.29
CA VAL A 107 -4.76 -0.26 -2.86
C VAL A 107 -4.33 -1.18 -3.99
N HIS A 108 -3.02 -1.36 -4.15
CA HIS A 108 -2.49 -2.22 -5.20
C HIS A 108 -1.28 -2.99 -4.68
N MET A 109 -1.39 -4.32 -4.70
CA MET A 109 -0.31 -5.18 -4.24
C MET A 109 0.23 -6.05 -5.38
N LYS A 110 1.49 -5.84 -5.73
CA LYS A 110 2.12 -6.60 -6.80
C LYS A 110 3.43 -7.23 -6.32
N LYS A 111 3.54 -8.55 -6.48
CA LYS A 111 4.74 -9.27 -6.07
C LYS A 111 5.98 -8.67 -6.71
N ALA A 112 7.08 -8.68 -5.97
CA ALA A 112 8.34 -8.14 -6.47
C ALA A 112 8.88 -8.98 -7.62
N LEU A 113 10.01 -8.55 -8.18
CA LEU A 113 10.64 -9.26 -9.28
C LEU A 113 11.47 -10.45 -8.78
N SER A 114 12.17 -10.22 -7.68
CA SER A 114 13.01 -11.27 -7.09
C SER A 114 12.16 -12.41 -6.53
N GLY A 115 10.91 -12.09 -6.21
CA GLY A 115 10.00 -13.09 -5.66
C GLY A 115 10.06 -13.17 -4.15
N ASP A 116 11.15 -12.64 -3.58
CA ASP A 116 11.32 -12.66 -2.13
C ASP A 116 10.85 -11.34 -1.51
N SER A 117 9.80 -10.77 -2.09
CA SER A 117 9.27 -9.51 -1.60
C SER A 117 8.01 -9.12 -2.37
N TYR A 118 7.19 -8.26 -1.77
CA TYR A 118 5.96 -7.80 -2.39
C TYR A 118 5.81 -6.29 -2.29
N TRP A 119 5.33 -5.67 -3.36
CA TRP A 119 5.14 -4.23 -3.39
C TRP A 119 3.69 -3.86 -3.10
N VAL A 120 3.48 -2.93 -2.17
CA VAL A 120 2.14 -2.49 -1.81
C VAL A 120 2.03 -0.97 -1.85
N PHE A 121 1.37 -0.47 -2.89
CA PHE A 121 1.19 0.97 -3.05
C PHE A 121 -0.21 1.40 -2.62
N VAL A 122 -0.32 2.63 -2.14
CA VAL A 122 -1.60 3.16 -1.69
C VAL A 122 -1.73 4.65 -2.03
N LYS A 123 -2.72 4.97 -2.85
CA LYS A 123 -2.96 6.35 -3.25
C LYS A 123 -4.38 6.78 -2.91
N ARG A 124 -4.53 8.04 -2.53
CA ARG A 124 -5.85 8.58 -2.17
C ARG A 124 -6.74 8.70 -3.40
N VAL A 125 -7.95 8.15 -3.31
CA VAL A 125 -8.89 8.18 -4.42
C VAL A 125 -9.37 9.61 -4.68
N LYS A 126 -10.06 9.80 -5.80
CA LYS A 126 -10.57 11.11 -6.17
C LYS A 126 -11.79 11.47 -5.33
N LEU A 127 -11.89 12.74 -4.95
CA LEU A 127 -13.01 13.23 -4.16
C LEU A 127 -13.91 14.15 -4.97
N ALA A 128 -14.23 13.73 -6.19
CA ALA A 128 -15.09 14.52 -7.07
C ALA A 128 -16.35 13.75 -7.43
N ALA A 129 -17.51 14.31 -7.06
CA ALA A 129 -18.79 13.68 -7.35
C ALA A 129 -19.22 13.97 -8.79
N ALA A 130 -20.44 13.53 -9.12
CA ALA A 130 -20.98 13.74 -10.46
C ALA A 130 -22.42 13.25 -10.56
N LEU A 131 -23.16 13.78 -11.52
CA LEU A 131 -24.55 13.41 -11.71
C LEU A 131 -24.79 12.96 -13.16
N GLU A 132 -25.60 11.91 -13.32
CA GLU A 132 -25.93 11.40 -14.64
C GLU A 132 -27.28 11.90 -15.12
N HIS A 133 -27.43 12.07 -16.43
CA HIS A 133 -28.68 12.55 -17.01
C HIS A 133 -28.74 12.22 -18.50
N HIS A 134 -29.95 12.25 -19.04
CA HIS A 134 -30.15 11.95 -20.46
C HIS A 134 -30.95 13.06 -21.14
N HIS A 135 -30.40 13.63 -22.19
CA HIS A 135 -31.06 14.70 -22.94
C HIS A 135 -32.15 14.14 -23.84
N HIS A 136 -31.73 13.45 -24.90
CA HIS A 136 -32.68 12.87 -25.84
C HIS A 136 -32.64 11.34 -25.78
N HIS A 137 -33.80 10.73 -25.56
CA HIS A 137 -33.89 9.28 -25.48
C HIS A 137 -33.31 8.61 -26.72
N HIS A 138 -32.66 7.47 -26.54
CA HIS A 138 -32.06 6.75 -27.65
C HIS A 138 -33.12 6.31 -28.66
N MET A 1 14.98 10.36 -18.07
CA MET A 1 14.55 9.92 -16.76
C MET A 1 13.16 10.45 -16.43
N GLU A 2 12.12 9.74 -16.87
CA GLU A 2 10.75 10.15 -16.62
C GLU A 2 10.34 9.84 -15.18
N HIS A 3 9.40 10.63 -14.66
CA HIS A 3 8.93 10.44 -13.30
C HIS A 3 8.21 9.10 -13.15
N VAL A 4 8.12 8.61 -11.92
CA VAL A 4 7.46 7.34 -11.64
C VAL A 4 5.96 7.45 -11.85
N ALA A 5 5.34 6.36 -12.30
CA ALA A 5 3.89 6.33 -12.53
C ALA A 5 3.22 5.28 -11.65
N PHE A 6 2.20 5.70 -10.92
CA PHE A 6 1.46 4.80 -10.04
C PHE A 6 0.71 3.74 -10.86
N GLY A 7 0.92 2.47 -10.50
CA GLY A 7 0.25 1.40 -11.21
C GLY A 7 0.76 1.22 -12.62
N SER A 8 2.04 1.54 -12.84
CA SER A 8 2.65 1.43 -14.16
C SER A 8 2.96 -0.03 -14.49
N GLU A 9 3.17 -0.31 -15.77
CA GLU A 9 3.48 -1.66 -16.22
C GLU A 9 4.83 -2.11 -15.68
N ASP A 10 5.75 -1.17 -15.52
CA ASP A 10 7.08 -1.46 -15.02
C ASP A 10 7.37 -0.69 -13.73
N ILE A 11 6.35 -0.55 -12.89
CA ILE A 11 6.49 0.17 -11.63
C ILE A 11 7.42 -0.57 -10.67
N GLU A 12 7.35 -1.90 -10.69
CA GLU A 12 8.18 -2.72 -9.83
C GLU A 12 9.62 -2.76 -10.34
N ASN A 13 9.78 -2.77 -11.66
CA ASN A 13 11.09 -2.80 -12.27
C ASN A 13 11.85 -1.51 -12.01
N THR A 14 11.13 -0.39 -12.00
CA THR A 14 11.74 0.91 -11.78
C THR A 14 12.16 1.06 -10.31
N LEU A 15 11.21 0.86 -9.40
CA LEU A 15 11.48 0.98 -7.97
C LEU A 15 12.62 0.05 -7.57
N ALA A 16 12.68 -1.12 -8.19
CA ALA A 16 13.73 -2.09 -7.89
C ALA A 16 15.11 -1.45 -7.95
N LYS A 17 15.28 -0.50 -8.88
CA LYS A 17 16.55 0.19 -9.04
C LYS A 17 16.59 1.45 -8.18
N MET A 18 15.42 2.02 -7.91
CA MET A 18 15.32 3.23 -7.10
C MET A 18 15.47 2.90 -5.62
N ASP A 19 16.00 3.86 -4.86
CA ASP A 19 16.20 3.68 -3.43
C ASP A 19 15.14 4.44 -2.64
N ASP A 20 15.21 4.34 -1.31
CA ASP A 20 14.26 5.03 -0.43
C ASP A 20 14.19 6.51 -0.77
N GLY A 21 15.34 7.08 -1.16
CA GLY A 21 15.39 8.49 -1.49
C GLY A 21 14.37 8.87 -2.56
N GLN A 22 14.07 7.93 -3.45
CA GLN A 22 13.11 8.17 -4.52
C GLN A 22 11.68 7.89 -4.04
N LEU A 23 11.52 6.81 -3.29
CA LEU A 23 10.21 6.43 -2.76
C LEU A 23 9.56 7.60 -2.04
N ASP A 24 10.32 8.25 -1.16
CA ASP A 24 9.81 9.38 -0.40
C ASP A 24 9.42 10.53 -1.34
N GLY A 25 10.05 10.58 -2.51
CA GLY A 25 9.75 11.62 -3.46
C GLY A 25 8.46 11.38 -4.21
N LEU A 26 8.03 10.13 -4.26
CA LEU A 26 6.79 9.75 -4.94
C LEU A 26 5.60 10.52 -4.37
N ALA A 27 4.57 10.70 -5.19
CA ALA A 27 3.37 11.40 -4.76
C ALA A 27 2.32 10.43 -4.23
N PHE A 28 2.78 9.25 -3.81
CA PHE A 28 1.86 8.23 -3.29
C PHE A 28 2.54 7.41 -2.19
N GLY A 29 1.83 6.42 -1.68
CA GLY A 29 2.38 5.57 -0.64
C GLY A 29 2.99 4.30 -1.17
N ALA A 30 4.08 3.87 -0.55
CA ALA A 30 4.78 2.65 -0.98
C ALA A 30 5.24 1.83 0.22
N ILE A 31 4.85 0.56 0.25
CA ILE A 31 5.23 -0.32 1.35
C ILE A 31 5.57 -1.72 0.83
N GLN A 32 6.76 -2.19 1.16
CA GLN A 32 7.20 -3.52 0.73
C GLN A 32 7.05 -4.53 1.86
N LEU A 33 6.34 -5.62 1.57
CA LEU A 33 6.12 -6.67 2.55
C LEU A 33 6.77 -7.98 2.12
N ASP A 34 7.06 -8.84 3.09
CA ASP A 34 7.68 -10.13 2.79
C ASP A 34 6.62 -11.22 2.66
N GLY A 35 7.07 -12.46 2.48
CA GLY A 35 6.15 -13.58 2.33
C GLY A 35 5.24 -13.73 3.53
N ASP A 36 5.72 -13.32 4.70
CA ASP A 36 4.94 -13.43 5.92
C ASP A 36 4.11 -12.17 6.15
N GLY A 37 4.50 -11.09 5.47
CA GLY A 37 3.77 -9.84 5.60
C GLY A 37 4.53 -8.82 6.44
N ASN A 38 5.80 -9.09 6.68
CA ASN A 38 6.63 -8.19 7.47
C ASN A 38 7.03 -6.96 6.67
N ILE A 39 6.97 -5.80 7.31
CA ILE A 39 7.33 -4.55 6.64
C ILE A 39 8.82 -4.49 6.34
N LEU A 40 9.17 -4.69 5.08
CA LEU A 40 10.57 -4.65 4.66
C LEU A 40 10.98 -3.25 4.25
N GLN A 41 10.06 -2.52 3.65
CA GLN A 41 10.33 -1.14 3.21
C GLN A 41 9.15 -0.24 3.52
N TYR A 42 9.43 1.05 3.70
CA TYR A 42 8.39 2.03 4.01
C TYR A 42 8.82 3.43 3.58
N ASN A 43 8.20 3.94 2.51
CA ASN A 43 8.52 5.27 2.01
C ASN A 43 7.99 6.35 2.95
N ALA A 44 8.73 7.46 3.02
CA ALA A 44 8.34 8.58 3.88
C ALA A 44 6.94 9.08 3.52
N ALA A 45 6.65 9.13 2.23
CA ALA A 45 5.34 9.58 1.76
C ALA A 45 4.21 8.93 2.54
N GLU A 46 4.15 7.61 2.47
CA GLU A 46 3.11 6.88 3.18
C GLU A 46 3.19 7.15 4.68
N GLY A 47 4.43 7.19 5.18
CA GLY A 47 4.66 7.43 6.59
C GLY A 47 4.09 8.77 7.04
N ASP A 48 4.06 9.74 6.14
CA ASP A 48 3.55 11.07 6.45
C ASP A 48 2.02 11.06 6.45
N ILE A 49 1.44 10.56 5.37
CA ILE A 49 -0.01 10.49 5.24
C ILE A 49 -0.63 9.69 6.38
N THR A 50 -0.16 8.47 6.56
CA THR A 50 -0.66 7.60 7.61
C THR A 50 -0.18 8.05 8.98
N GLY A 51 1.08 8.46 9.05
CA GLY A 51 1.65 8.92 10.31
C GLY A 51 2.45 7.84 11.01
N ARG A 52 3.10 6.98 10.22
CA ARG A 52 3.90 5.90 10.78
C ARG A 52 5.37 6.06 10.40
N ASP A 53 6.25 5.50 11.21
CA ASP A 53 7.69 5.58 10.96
C ASP A 53 8.18 4.34 10.21
N PRO A 54 9.10 4.56 9.26
CA PRO A 54 9.67 3.47 8.45
C PRO A 54 10.58 2.56 9.26
N LYS A 55 11.56 3.16 9.94
CA LYS A 55 12.49 2.40 10.77
C LYS A 55 11.79 1.77 11.96
N GLN A 56 10.56 2.21 12.21
CA GLN A 56 9.78 1.68 13.32
C GLN A 56 8.91 0.52 12.88
N VAL A 57 8.49 0.54 11.62
CA VAL A 57 7.64 -0.52 11.07
C VAL A 57 8.49 -1.71 10.65
N ILE A 58 9.75 -1.46 10.32
CA ILE A 58 10.66 -2.52 9.90
C ILE A 58 10.58 -3.71 10.83
N GLY A 59 10.24 -4.86 10.27
CA GLY A 59 10.13 -6.08 11.07
C GLY A 59 8.70 -6.38 11.48
N LYS A 60 7.90 -5.33 11.62
CA LYS A 60 6.50 -5.48 12.03
C LYS A 60 5.62 -5.76 10.81
N ASN A 61 4.62 -6.62 10.99
CA ASN A 61 3.70 -6.97 9.91
C ASN A 61 2.78 -5.81 9.58
N PHE A 62 2.30 -5.77 8.34
CA PHE A 62 1.42 -4.71 7.89
C PHE A 62 0.07 -4.77 8.62
N PHE A 63 -0.32 -5.98 8.99
CA PHE A 63 -1.58 -6.18 9.70
C PHE A 63 -1.35 -6.30 11.21
N LYS A 64 -0.09 -6.36 11.61
CA LYS A 64 0.27 -6.48 13.01
C LYS A 64 0.10 -5.14 13.72
N ASP A 65 0.79 -4.12 13.22
CA ASP A 65 0.72 -2.79 13.80
C ASP A 65 0.40 -1.74 12.74
N VAL A 66 1.02 -1.88 11.57
CA VAL A 66 0.79 -0.95 10.47
C VAL A 66 -0.70 -0.80 10.17
N ALA A 67 -1.46 -1.85 10.46
CA ALA A 67 -2.90 -1.83 10.23
C ALA A 67 -3.61 -2.82 11.15
N PRO A 68 -3.93 -2.36 12.37
CA PRO A 68 -4.62 -3.18 13.36
C PRO A 68 -6.07 -3.46 12.98
N GLY A 69 -6.41 -4.74 12.86
CA GLY A 69 -7.77 -5.11 12.49
C GLY A 69 -7.91 -5.46 11.02
N THR A 70 -6.78 -5.45 10.31
CA THR A 70 -6.78 -5.76 8.89
C THR A 70 -6.47 -7.24 8.65
N ASP A 71 -6.72 -8.06 9.66
CA ASP A 71 -6.46 -9.50 9.56
C ASP A 71 -7.69 -10.22 9.00
N SER A 72 -8.24 -9.69 7.92
CA SER A 72 -9.40 -10.29 7.28
C SER A 72 -9.03 -10.99 5.98
N PRO A 73 -9.93 -11.85 5.50
CA PRO A 73 -9.71 -12.60 4.26
C PRO A 73 -9.76 -11.71 3.02
N GLU A 74 -10.17 -10.46 3.22
CA GLU A 74 -10.26 -9.50 2.13
C GLU A 74 -8.93 -8.80 1.90
N PHE A 75 -8.22 -8.52 2.99
CA PHE A 75 -6.93 -7.84 2.92
C PHE A 75 -5.79 -8.82 3.19
N TYR A 76 -5.72 -9.29 4.44
CA TYR A 76 -4.67 -10.23 4.84
C TYR A 76 -4.76 -11.52 4.03
N GLY A 77 -5.98 -12.03 3.87
CA GLY A 77 -6.18 -13.25 3.12
C GLY A 77 -5.64 -13.16 1.71
N LYS A 78 -5.95 -12.07 1.03
CA LYS A 78 -5.49 -11.86 -0.34
C LYS A 78 -3.96 -11.81 -0.41
N PHE A 79 -3.36 -11.16 0.58
CA PHE A 79 -1.91 -11.04 0.64
C PHE A 79 -1.24 -12.40 0.60
N LYS A 80 -1.53 -13.22 1.62
CA LYS A 80 -0.96 -14.56 1.71
C LYS A 80 -1.46 -15.44 0.56
N GLU A 81 -2.70 -15.21 0.15
CA GLU A 81 -3.30 -15.98 -0.93
C GLU A 81 -2.38 -16.01 -2.15
N GLY A 82 -2.06 -14.84 -2.67
CA GLY A 82 -1.19 -14.76 -3.83
C GLY A 82 0.20 -15.31 -3.56
N VAL A 83 0.71 -15.07 -2.35
CA VAL A 83 2.03 -15.54 -1.96
C VAL A 83 2.18 -17.03 -2.25
N ALA A 84 1.08 -17.77 -2.08
CA ALA A 84 1.08 -19.21 -2.31
C ALA A 84 1.19 -19.52 -3.80
N SER A 85 0.57 -18.69 -4.62
CA SER A 85 0.59 -18.88 -6.07
C SER A 85 1.92 -18.41 -6.66
N GLY A 86 2.53 -17.42 -6.02
CA GLY A 86 3.80 -16.90 -6.50
C GLY A 86 3.63 -15.68 -7.36
N ASN A 87 2.61 -14.87 -7.07
CA ASN A 87 2.34 -13.67 -7.84
C ASN A 87 1.15 -12.90 -7.25
N LEU A 88 1.36 -12.32 -6.08
CA LEU A 88 0.31 -11.57 -5.41
C LEU A 88 -0.11 -10.35 -6.24
N ASN A 89 -1.16 -10.51 -7.03
CA ASN A 89 -1.65 -9.44 -7.88
C ASN A 89 -3.10 -9.11 -7.55
N THR A 90 -3.30 -8.05 -6.78
CA THR A 90 -4.64 -7.62 -6.39
C THR A 90 -4.79 -6.11 -6.48
N MET A 91 -5.96 -5.65 -6.91
CA MET A 91 -6.22 -4.23 -7.04
C MET A 91 -7.65 -3.89 -6.59
N PHE A 92 -7.76 -3.22 -5.45
CA PHE A 92 -9.07 -2.85 -4.93
C PHE A 92 -8.96 -1.64 -3.99
N GLU A 93 -10.10 -1.06 -3.64
CA GLU A 93 -10.12 0.10 -2.75
C GLU A 93 -10.27 -0.33 -1.30
N TRP A 94 -9.63 0.42 -0.40
CA TRP A 94 -9.69 0.12 1.02
C TRP A 94 -10.02 1.36 1.83
N MET A 95 -10.58 1.16 3.02
CA MET A 95 -10.94 2.27 3.89
C MET A 95 -9.91 2.46 4.99
N ILE A 96 -9.33 3.65 5.05
CA ILE A 96 -8.32 3.95 6.07
C ILE A 96 -8.87 4.90 7.13
N PRO A 97 -9.40 4.31 8.21
CA PRO A 97 -9.97 5.09 9.33
C PRO A 97 -8.91 5.83 10.12
N THR A 98 -9.11 7.14 10.29
CA THR A 98 -8.16 7.96 11.03
C THR A 98 -8.88 8.86 12.03
N SER A 99 -8.14 9.77 12.65
CA SER A 99 -8.71 10.68 13.64
C SER A 99 -9.65 11.67 12.98
N ARG A 100 -9.32 12.08 11.76
CA ARG A 100 -10.14 13.03 11.02
C ARG A 100 -11.36 12.35 10.42
N GLY A 101 -11.33 11.02 10.36
CA GLY A 101 -12.44 10.26 9.81
C GLY A 101 -12.00 9.28 8.74
N PRO A 102 -12.90 8.35 8.38
CA PRO A 102 -12.62 7.34 7.37
C PRO A 102 -12.54 7.92 5.96
N THR A 103 -11.60 7.42 5.17
CA THR A 103 -11.43 7.91 3.80
C THR A 103 -11.13 6.75 2.85
N LYS A 104 -11.73 6.80 1.66
CA LYS A 104 -11.52 5.76 0.67
C LYS A 104 -10.21 5.98 -0.09
N VAL A 105 -9.50 4.89 -0.35
CA VAL A 105 -8.22 4.97 -1.07
C VAL A 105 -8.02 3.75 -1.96
N LYS A 106 -7.14 3.88 -2.94
CA LYS A 106 -6.85 2.78 -3.86
C LYS A 106 -5.68 1.93 -3.35
N VAL A 107 -5.87 0.62 -3.34
CA VAL A 107 -4.83 -0.29 -2.89
C VAL A 107 -4.37 -1.22 -4.01
N HIS A 108 -3.06 -1.28 -4.21
CA HIS A 108 -2.50 -2.14 -5.25
C HIS A 108 -1.29 -2.92 -4.73
N MET A 109 -1.40 -4.24 -4.75
CA MET A 109 -0.32 -5.10 -4.28
C MET A 109 0.19 -5.99 -5.40
N LYS A 110 1.47 -5.81 -5.76
CA LYS A 110 2.08 -6.59 -6.82
C LYS A 110 3.41 -7.20 -6.34
N LYS A 111 3.52 -8.52 -6.46
CA LYS A 111 4.73 -9.22 -6.06
C LYS A 111 5.97 -8.59 -6.69
N ALA A 112 7.09 -8.65 -5.98
CA ALA A 112 8.33 -8.08 -6.47
C ALA A 112 8.91 -8.93 -7.60
N LEU A 113 10.04 -8.49 -8.14
CA LEU A 113 10.70 -9.21 -9.24
C LEU A 113 11.54 -10.37 -8.70
N SER A 114 12.25 -10.11 -7.61
CA SER A 114 13.10 -11.12 -7.00
C SER A 114 12.27 -12.31 -6.53
N GLY A 115 10.99 -12.07 -6.26
CA GLY A 115 10.11 -13.13 -5.80
C GLY A 115 10.10 -13.27 -4.29
N ASP A 116 11.11 -12.71 -3.64
CA ASP A 116 11.22 -12.77 -2.19
C ASP A 116 10.76 -11.46 -1.56
N SER A 117 9.75 -10.84 -2.16
CA SER A 117 9.22 -9.58 -1.66
C SER A 117 7.96 -9.18 -2.41
N TYR A 118 7.18 -8.28 -1.82
CA TYR A 118 5.93 -7.82 -2.43
C TYR A 118 5.79 -6.32 -2.29
N TRP A 119 5.30 -5.68 -3.34
CA TRP A 119 5.11 -4.22 -3.35
C TRP A 119 3.65 -3.87 -3.04
N VAL A 120 3.46 -2.86 -2.21
CA VAL A 120 2.12 -2.42 -1.83
C VAL A 120 2.01 -0.90 -1.89
N PHE A 121 1.34 -0.39 -2.93
CA PHE A 121 1.17 1.05 -3.09
C PHE A 121 -0.24 1.47 -2.67
N VAL A 122 -0.37 2.72 -2.23
CA VAL A 122 -1.66 3.25 -1.81
C VAL A 122 -1.87 4.68 -2.33
N LYS A 123 -2.87 4.83 -3.19
CA LYS A 123 -3.18 6.14 -3.77
C LYS A 123 -4.49 6.68 -3.21
N ARG A 124 -4.42 7.81 -2.51
CA ARG A 124 -5.60 8.43 -1.93
C ARG A 124 -6.58 8.84 -3.01
N VAL A 125 -7.81 8.32 -2.92
CA VAL A 125 -8.85 8.63 -3.89
C VAL A 125 -9.20 10.11 -3.86
N LYS A 126 -9.49 10.67 -5.04
CA LYS A 126 -9.84 12.08 -5.15
C LYS A 126 -11.13 12.38 -4.40
N LEU A 127 -11.12 13.44 -3.60
CA LEU A 127 -12.29 13.84 -2.83
C LEU A 127 -12.97 15.06 -3.44
N ALA A 128 -14.22 15.28 -3.07
CA ALA A 128 -14.98 16.41 -3.58
C ALA A 128 -16.26 16.62 -2.79
N ALA A 129 -16.29 17.70 -2.00
CA ALA A 129 -17.46 18.02 -1.18
C ALA A 129 -18.70 18.20 -2.05
N ALA A 130 -19.84 18.42 -1.40
CA ALA A 130 -21.09 18.62 -2.12
C ALA A 130 -21.39 20.10 -2.33
N LEU A 131 -21.19 20.57 -3.56
CA LEU A 131 -21.43 21.97 -3.89
C LEU A 131 -21.98 22.11 -5.30
N GLU A 132 -22.27 23.34 -5.71
CA GLU A 132 -22.79 23.60 -7.04
C GLU A 132 -21.91 22.97 -8.11
N HIS A 133 -22.52 22.20 -9.00
CA HIS A 133 -21.80 21.54 -10.07
C HIS A 133 -21.43 22.53 -11.17
N HIS A 134 -20.15 22.60 -11.51
CA HIS A 134 -19.67 23.50 -12.54
C HIS A 134 -19.43 22.75 -13.85
N HIS A 135 -19.92 23.32 -14.95
CA HIS A 135 -19.76 22.71 -16.26
C HIS A 135 -18.48 23.20 -16.94
N HIS A 136 -18.50 24.44 -17.41
CA HIS A 136 -17.34 25.02 -18.08
C HIS A 136 -17.13 26.46 -17.63
N HIS A 137 -16.12 27.12 -18.20
CA HIS A 137 -15.80 28.50 -17.86
C HIS A 137 -16.88 29.45 -18.38
N HIS A 138 -16.96 30.63 -17.78
CA HIS A 138 -17.94 31.63 -18.19
C HIS A 138 -17.85 31.90 -19.69
N MET A 1 17.14 10.87 -15.38
CA MET A 1 16.21 9.89 -14.82
C MET A 1 14.76 10.31 -15.08
N GLU A 2 13.92 9.32 -15.39
CA GLU A 2 12.51 9.58 -15.66
C GLU A 2 11.69 9.58 -14.37
N HIS A 3 10.43 10.01 -14.47
CA HIS A 3 9.55 10.06 -13.32
C HIS A 3 8.84 8.72 -13.13
N VAL A 4 8.44 8.44 -11.89
CA VAL A 4 7.75 7.20 -11.58
C VAL A 4 6.25 7.34 -11.80
N ALA A 5 5.61 6.24 -12.20
CA ALA A 5 4.17 6.24 -12.45
C ALA A 5 3.46 5.21 -11.58
N PHE A 6 2.40 5.63 -10.91
CA PHE A 6 1.63 4.74 -10.05
C PHE A 6 0.89 3.69 -10.87
N GLY A 7 1.03 2.43 -10.47
CA GLY A 7 0.37 1.34 -11.18
C GLY A 7 0.86 1.21 -12.60
N SER A 8 2.13 1.54 -12.84
CA SER A 8 2.71 1.46 -14.17
C SER A 8 3.01 0.01 -14.54
N GLU A 9 3.20 -0.24 -15.83
CA GLU A 9 3.50 -1.58 -16.31
C GLU A 9 4.85 -2.06 -15.80
N ASP A 10 5.78 -1.11 -15.61
CA ASP A 10 7.11 -1.43 -15.12
C ASP A 10 7.41 -0.69 -13.83
N ILE A 11 6.38 -0.52 -13.00
CA ILE A 11 6.53 0.18 -11.73
C ILE A 11 7.44 -0.59 -10.78
N GLU A 12 7.34 -1.92 -10.82
CA GLU A 12 8.17 -2.76 -9.96
C GLU A 12 9.61 -2.82 -10.47
N ASN A 13 9.77 -2.75 -11.79
CA ASN A 13 11.08 -2.79 -12.40
C ASN A 13 11.86 -1.51 -12.11
N THR A 14 11.15 -0.39 -12.10
CA THR A 14 11.77 0.91 -11.84
C THR A 14 12.19 1.03 -10.38
N LEU A 15 11.25 0.75 -9.48
CA LEU A 15 11.51 0.82 -8.04
C LEU A 15 12.65 -0.12 -7.65
N ALA A 16 12.67 -1.29 -8.27
CA ALA A 16 13.70 -2.29 -7.99
C ALA A 16 15.10 -1.68 -8.10
N LYS A 17 15.27 -0.80 -9.08
CA LYS A 17 16.56 -0.14 -9.29
C LYS A 17 16.70 1.10 -8.41
N MET A 18 15.56 1.68 -8.05
CA MET A 18 15.57 2.87 -7.20
C MET A 18 15.72 2.49 -5.73
N ASP A 19 16.20 3.44 -4.92
CA ASP A 19 16.41 3.20 -3.50
C ASP A 19 15.32 3.87 -2.68
N ASP A 20 15.50 3.89 -1.36
CA ASP A 20 14.52 4.50 -0.47
C ASP A 20 14.44 6.00 -0.69
N GLY A 21 15.57 6.61 -1.02
CA GLY A 21 15.60 8.04 -1.26
C GLY A 21 14.55 8.48 -2.27
N GLN A 22 14.60 7.90 -3.46
CA GLN A 22 13.66 8.24 -4.51
C GLN A 22 12.25 7.80 -4.14
N LEU A 23 12.14 6.64 -3.49
CA LEU A 23 10.85 6.11 -3.07
C LEU A 23 10.05 7.17 -2.30
N ASP A 24 10.71 7.82 -1.35
CA ASP A 24 10.06 8.85 -0.55
C ASP A 24 9.65 10.04 -1.41
N GLY A 25 10.37 10.25 -2.50
CA GLY A 25 10.07 11.36 -3.40
C GLY A 25 8.76 11.16 -4.13
N LEU A 26 8.30 9.92 -4.21
CA LEU A 26 7.06 9.60 -4.89
C LEU A 26 5.89 10.39 -4.29
N ALA A 27 4.87 10.64 -5.10
CA ALA A 27 3.71 11.38 -4.65
C ALA A 27 2.61 10.43 -4.17
N PHE A 28 3.01 9.23 -3.79
CA PHE A 28 2.05 8.23 -3.31
C PHE A 28 2.67 7.39 -2.20
N GLY A 29 1.91 6.40 -1.73
CA GLY A 29 2.40 5.54 -0.65
C GLY A 29 3.01 4.26 -1.18
N ALA A 30 4.12 3.84 -0.57
CA ALA A 30 4.79 2.61 -0.99
C ALA A 30 5.25 1.81 0.22
N ILE A 31 4.87 0.54 0.26
CA ILE A 31 5.25 -0.34 1.36
C ILE A 31 5.59 -1.73 0.85
N GLN A 32 6.80 -2.20 1.18
CA GLN A 32 7.24 -3.52 0.76
C GLN A 32 7.08 -4.54 1.88
N LEU A 33 6.38 -5.63 1.60
CA LEU A 33 6.15 -6.68 2.59
C LEU A 33 6.79 -7.98 2.15
N ASP A 34 7.08 -8.85 3.11
CA ASP A 34 7.69 -10.14 2.82
C ASP A 34 6.64 -11.23 2.71
N GLY A 35 7.08 -12.47 2.53
CA GLY A 35 6.15 -13.59 2.40
C GLY A 35 5.26 -13.73 3.62
N ASP A 36 5.76 -13.32 4.77
CA ASP A 36 5.00 -13.42 6.01
C ASP A 36 4.17 -12.16 6.23
N GLY A 37 4.53 -11.08 5.54
CA GLY A 37 3.81 -9.83 5.67
C GLY A 37 4.58 -8.80 6.49
N ASN A 38 5.85 -9.08 6.75
CA ASN A 38 6.68 -8.18 7.52
C ASN A 38 7.07 -6.95 6.70
N ILE A 39 7.01 -5.78 7.33
CA ILE A 39 7.36 -4.54 6.66
C ILE A 39 8.84 -4.47 6.35
N LEU A 40 9.19 -4.69 5.08
CA LEU A 40 10.59 -4.64 4.66
C LEU A 40 11.01 -3.23 4.28
N GLN A 41 10.08 -2.50 3.66
CA GLN A 41 10.35 -1.13 3.25
C GLN A 41 9.16 -0.23 3.54
N TYR A 42 9.43 1.06 3.72
CA TYR A 42 8.39 2.03 4.03
C TYR A 42 8.80 3.43 3.60
N ASN A 43 8.18 3.94 2.55
CA ASN A 43 8.49 5.27 2.04
C ASN A 43 7.97 6.35 2.99
N ALA A 44 8.68 7.47 3.03
CA ALA A 44 8.29 8.58 3.90
C ALA A 44 6.90 9.09 3.55
N ALA A 45 6.61 9.17 2.26
CA ALA A 45 5.31 9.64 1.80
C ALA A 45 4.18 8.98 2.57
N GLU A 46 4.11 7.66 2.50
CA GLU A 46 3.07 6.93 3.20
C GLU A 46 3.16 7.18 4.71
N GLY A 47 4.40 7.18 5.20
CA GLY A 47 4.63 7.41 6.61
C GLY A 47 4.08 8.74 7.08
N ASP A 48 4.04 9.71 6.18
CA ASP A 48 3.53 11.04 6.51
C ASP A 48 2.01 11.06 6.52
N ILE A 49 1.42 10.56 5.44
CA ILE A 49 -0.03 10.51 5.32
C ILE A 49 -0.65 9.72 6.46
N THR A 50 -0.19 8.47 6.64
CA THR A 50 -0.71 7.61 7.69
C THR A 50 -0.20 8.06 9.06
N GLY A 51 1.06 8.48 9.11
CA GLY A 51 1.64 8.93 10.36
C GLY A 51 2.45 7.85 11.05
N ARG A 52 3.06 6.97 10.26
CA ARG A 52 3.87 5.89 10.79
C ARG A 52 5.34 6.07 10.41
N ASP A 53 6.22 5.47 11.21
CA ASP A 53 7.66 5.57 10.97
C ASP A 53 8.16 4.34 10.22
N PRO A 54 9.08 4.57 9.27
CA PRO A 54 9.67 3.50 8.47
C PRO A 54 10.59 2.59 9.29
N LYS A 55 11.55 3.19 9.97
CA LYS A 55 12.49 2.44 10.79
C LYS A 55 11.79 1.80 11.98
N GLN A 56 10.56 2.22 12.23
CA GLN A 56 9.77 1.70 13.33
C GLN A 56 8.92 0.51 12.89
N VAL A 57 8.49 0.55 11.63
CA VAL A 57 7.67 -0.52 11.07
C VAL A 57 8.52 -1.71 10.64
N ILE A 58 9.79 -1.44 10.33
CA ILE A 58 10.71 -2.48 9.90
C ILE A 58 10.63 -3.70 10.83
N GLY A 59 10.28 -4.84 10.27
CA GLY A 59 10.18 -6.05 11.06
C GLY A 59 8.75 -6.36 11.47
N LYS A 60 7.95 -5.31 11.63
CA LYS A 60 6.56 -5.47 12.04
C LYS A 60 5.67 -5.75 10.83
N ASN A 61 4.67 -6.60 11.01
CA ASN A 61 3.75 -6.95 9.94
C ASN A 61 2.84 -5.78 9.60
N PHE A 62 2.35 -5.74 8.37
CA PHE A 62 1.46 -4.69 7.92
C PHE A 62 0.12 -4.75 8.64
N PHE A 63 -0.28 -5.96 9.01
CA PHE A 63 -1.54 -6.17 9.71
C PHE A 63 -1.32 -6.29 11.22
N LYS A 64 -0.06 -6.36 11.61
CA LYS A 64 0.29 -6.47 13.03
C LYS A 64 0.12 -5.13 13.75
N ASP A 65 0.82 -4.11 13.25
CA ASP A 65 0.74 -2.78 13.84
C ASP A 65 0.42 -1.74 12.78
N VAL A 66 1.04 -1.87 11.60
CA VAL A 66 0.83 -0.94 10.51
C VAL A 66 -0.66 -0.79 10.20
N ALA A 67 -1.43 -1.84 10.48
CA ALA A 67 -2.87 -1.82 10.24
C ALA A 67 -3.59 -2.80 11.15
N PRO A 68 -3.90 -2.34 12.37
CA PRO A 68 -4.60 -3.17 13.37
C PRO A 68 -6.05 -3.43 12.99
N GLY A 69 -6.40 -4.71 12.86
CA GLY A 69 -7.75 -5.08 12.49
C GLY A 69 -7.88 -5.43 11.02
N THR A 70 -6.76 -5.42 10.31
CA THR A 70 -6.76 -5.73 8.88
C THR A 70 -6.44 -7.20 8.65
N ASP A 71 -6.69 -8.02 9.67
CA ASP A 71 -6.44 -9.46 9.57
C ASP A 71 -7.65 -10.19 9.02
N SER A 72 -8.20 -9.67 7.91
CA SER A 72 -9.38 -10.28 7.29
C SER A 72 -9.00 -10.97 5.99
N PRO A 73 -9.90 -11.84 5.50
CA PRO A 73 -9.68 -12.59 4.27
C PRO A 73 -9.74 -11.69 3.03
N GLU A 74 -10.12 -10.44 3.23
CA GLU A 74 -10.22 -9.48 2.14
C GLU A 74 -8.87 -8.79 1.90
N PHE A 75 -8.16 -8.52 2.99
CA PHE A 75 -6.87 -7.85 2.91
C PHE A 75 -5.74 -8.83 3.21
N TYR A 76 -5.66 -9.29 4.45
CA TYR A 76 -4.63 -10.22 4.86
C TYR A 76 -4.71 -11.52 4.06
N GLY A 77 -5.93 -12.03 3.90
CA GLY A 77 -6.13 -13.26 3.15
C GLY A 77 -5.59 -13.18 1.74
N LYS A 78 -5.90 -12.07 1.06
CA LYS A 78 -5.45 -11.88 -0.31
C LYS A 78 -3.93 -11.82 -0.37
N PHE A 79 -3.32 -11.20 0.64
CA PHE A 79 -1.87 -11.09 0.70
C PHE A 79 -1.20 -12.46 0.66
N LYS A 80 -1.49 -13.28 1.65
CA LYS A 80 -0.92 -14.62 1.73
C LYS A 80 -1.44 -15.49 0.58
N GLU A 81 -2.69 -15.27 0.18
CA GLU A 81 -3.28 -16.03 -0.90
C GLU A 81 -2.38 -16.04 -2.13
N GLY A 82 -2.07 -14.85 -2.63
CA GLY A 82 -1.22 -14.74 -3.81
C GLY A 82 0.15 -15.34 -3.58
N VAL A 83 0.70 -15.13 -2.39
CA VAL A 83 2.02 -15.66 -2.05
C VAL A 83 2.10 -17.15 -2.35
N ALA A 84 1.00 -17.85 -2.16
CA ALA A 84 0.94 -19.29 -2.41
C ALA A 84 1.10 -19.60 -3.89
N SER A 85 0.55 -18.73 -4.73
CA SER A 85 0.63 -18.91 -6.18
C SER A 85 1.96 -18.39 -6.72
N GLY A 86 2.51 -17.39 -6.05
CA GLY A 86 3.78 -16.82 -6.47
C GLY A 86 3.59 -15.59 -7.34
N ASN A 87 2.55 -14.83 -7.07
CA ASN A 87 2.27 -13.62 -7.84
C ASN A 87 1.08 -12.86 -7.24
N LEU A 88 1.30 -12.29 -6.05
CA LEU A 88 0.25 -11.53 -5.36
C LEU A 88 -0.18 -10.32 -6.19
N ASN A 89 -1.24 -10.49 -6.96
CA ASN A 89 -1.75 -9.41 -7.80
C ASN A 89 -3.18 -9.05 -7.42
N THR A 90 -3.34 -7.97 -6.67
CA THR A 90 -4.66 -7.53 -6.25
C THR A 90 -4.80 -6.01 -6.36
N MET A 91 -5.96 -5.57 -6.84
CA MET A 91 -6.22 -4.14 -7.00
C MET A 91 -7.65 -3.80 -6.60
N PHE A 92 -7.80 -3.09 -5.49
CA PHE A 92 -9.12 -2.70 -5.00
C PHE A 92 -9.01 -1.51 -4.06
N GLU A 93 -10.17 -0.93 -3.71
CA GLU A 93 -10.20 0.21 -2.82
C GLU A 93 -10.34 -0.22 -1.36
N TRP A 94 -9.65 0.49 -0.47
CA TRP A 94 -9.69 0.16 0.95
C TRP A 94 -10.03 1.40 1.77
N MET A 95 -10.58 1.17 2.96
CA MET A 95 -10.95 2.27 3.85
C MET A 95 -9.90 2.47 4.94
N ILE A 96 -9.34 3.67 5.01
CA ILE A 96 -8.33 3.98 6.01
C ILE A 96 -8.88 4.91 7.09
N PRO A 97 -9.40 4.31 8.16
CA PRO A 97 -9.97 5.06 9.28
C PRO A 97 -8.91 5.80 10.09
N THR A 98 -9.11 7.10 10.28
CA THR A 98 -8.17 7.92 11.02
C THR A 98 -8.90 8.84 12.00
N SER A 99 -8.14 9.75 12.62
CA SER A 99 -8.72 10.68 13.58
C SER A 99 -9.71 11.63 12.90
N ARG A 100 -9.41 11.99 11.65
CA ARG A 100 -10.27 12.89 10.89
C ARG A 100 -11.48 12.14 10.33
N GLY A 101 -11.39 10.81 10.32
CA GLY A 101 -12.49 10.00 9.82
C GLY A 101 -12.05 9.05 8.72
N PRO A 102 -12.94 8.14 8.33
CA PRO A 102 -12.67 7.16 7.27
C PRO A 102 -12.57 7.80 5.90
N THR A 103 -11.57 7.38 5.12
CA THR A 103 -11.37 7.91 3.78
C THR A 103 -11.04 6.79 2.79
N LYS A 104 -11.79 6.74 1.70
CA LYS A 104 -11.57 5.72 0.67
C LYS A 104 -10.27 5.97 -0.08
N VAL A 105 -9.58 4.89 -0.42
CA VAL A 105 -8.31 4.99 -1.14
C VAL A 105 -8.11 3.79 -2.05
N LYS A 106 -7.15 3.92 -2.98
CA LYS A 106 -6.85 2.84 -3.91
C LYS A 106 -5.67 2.01 -3.42
N VAL A 107 -5.86 0.69 -3.38
CA VAL A 107 -4.81 -0.22 -2.93
C VAL A 107 -4.37 -1.14 -4.06
N HIS A 108 -3.06 -1.27 -4.23
CA HIS A 108 -2.49 -2.13 -5.27
C HIS A 108 -1.29 -2.91 -4.75
N MET A 109 -1.40 -4.23 -4.76
CA MET A 109 -0.31 -5.09 -4.29
C MET A 109 0.19 -5.99 -5.40
N LYS A 110 1.46 -5.80 -5.77
CA LYS A 110 2.07 -6.60 -6.83
C LYS A 110 3.39 -7.22 -6.36
N LYS A 111 3.49 -8.54 -6.46
CA LYS A 111 4.69 -9.25 -6.05
C LYS A 111 5.93 -8.64 -6.70
N ALA A 112 7.05 -8.71 -5.99
CA ALA A 112 8.30 -8.16 -6.49
C ALA A 112 8.83 -8.99 -7.65
N LEU A 113 9.95 -8.56 -8.23
CA LEU A 113 10.56 -9.25 -9.36
C LEU A 113 11.40 -10.43 -8.88
N SER A 114 12.09 -10.24 -7.75
CA SER A 114 12.93 -11.28 -7.19
C SER A 114 12.10 -12.43 -6.65
N GLY A 115 10.84 -12.14 -6.31
CA GLY A 115 9.96 -13.16 -5.79
C GLY A 115 10.01 -13.25 -4.27
N ASP A 116 11.07 -12.73 -3.69
CA ASP A 116 11.24 -12.75 -2.24
C ASP A 116 10.80 -11.43 -1.61
N SER A 117 9.73 -10.86 -2.16
CA SER A 117 9.21 -9.58 -1.66
C SER A 117 7.94 -9.19 -2.40
N TYR A 118 7.16 -8.30 -1.80
CA TYR A 118 5.92 -7.83 -2.41
C TYR A 118 5.79 -6.32 -2.29
N TRP A 119 5.29 -5.69 -3.35
CA TRP A 119 5.12 -4.24 -3.37
C TRP A 119 3.68 -3.87 -3.06
N VAL A 120 3.49 -2.86 -2.20
CA VAL A 120 2.16 -2.42 -1.83
C VAL A 120 2.04 -0.89 -1.92
N PHE A 121 1.37 -0.42 -2.95
CA PHE A 121 1.19 1.01 -3.16
C PHE A 121 -0.20 1.46 -2.70
N VAL A 122 -0.31 2.72 -2.30
CA VAL A 122 -1.58 3.28 -1.84
C VAL A 122 -1.74 4.72 -2.29
N LYS A 123 -2.83 4.99 -3.01
CA LYS A 123 -3.10 6.34 -3.49
C LYS A 123 -4.50 6.80 -3.08
N ARG A 124 -4.57 7.95 -2.43
CA ARG A 124 -5.86 8.49 -1.98
C ARG A 124 -6.75 8.83 -3.17
N VAL A 125 -7.97 8.30 -3.15
CA VAL A 125 -8.92 8.55 -4.23
C VAL A 125 -9.38 10.00 -4.22
N LYS A 126 -10.09 10.39 -5.28
CA LYS A 126 -10.59 11.75 -5.41
C LYS A 126 -12.07 11.83 -5.01
N LEU A 127 -12.36 12.62 -3.99
CA LEU A 127 -13.73 12.78 -3.52
C LEU A 127 -14.66 13.18 -4.65
N ALA A 128 -15.76 12.45 -4.78
CA ALA A 128 -16.73 12.73 -5.83
C ALA A 128 -17.98 11.86 -5.68
N ALA A 129 -19.14 12.42 -6.02
CA ALA A 129 -20.39 11.69 -5.91
C ALA A 129 -20.51 10.65 -7.02
N ALA A 130 -21.61 9.90 -7.00
CA ALA A 130 -21.85 8.87 -8.00
C ALA A 130 -23.21 9.08 -8.69
N LEU A 131 -23.26 8.74 -9.98
CA LEU A 131 -24.48 8.90 -10.75
C LEU A 131 -24.32 8.31 -12.15
N GLU A 132 -25.25 7.44 -12.53
CA GLU A 132 -25.22 6.81 -13.85
C GLU A 132 -25.15 7.85 -14.95
N HIS A 133 -24.07 7.81 -15.73
CA HIS A 133 -23.89 8.76 -16.83
C HIS A 133 -24.45 8.20 -18.13
N HIS A 134 -24.31 8.96 -19.21
CA HIS A 134 -24.80 8.54 -20.51
C HIS A 134 -23.89 7.49 -21.12
N HIS A 135 -24.25 7.00 -22.31
CA HIS A 135 -23.46 5.99 -23.00
C HIS A 135 -22.20 6.61 -23.60
N HIS A 136 -21.35 5.76 -24.18
CA HIS A 136 -20.11 6.21 -24.79
C HIS A 136 -20.23 6.21 -26.31
N HIS A 137 -19.42 7.04 -26.97
CA HIS A 137 -19.43 7.12 -28.42
C HIS A 137 -19.22 5.75 -29.05
N HIS A 138 -20.02 5.44 -30.07
CA HIS A 138 -19.92 4.16 -30.75
C HIS A 138 -20.67 4.19 -32.08
N MET A 1 16.86 9.23 -15.17
CA MET A 1 15.74 8.66 -14.42
C MET A 1 14.44 9.39 -14.75
N GLU A 2 13.45 8.63 -15.21
CA GLU A 2 12.16 9.20 -15.56
C GLU A 2 11.24 9.25 -14.35
N HIS A 3 10.09 9.91 -14.50
CA HIS A 3 9.12 10.03 -13.43
C HIS A 3 8.43 8.69 -13.16
N VAL A 4 8.10 8.43 -11.91
CA VAL A 4 7.43 7.20 -11.53
C VAL A 4 5.91 7.33 -11.66
N ALA A 5 5.25 6.22 -11.95
CA ALA A 5 3.80 6.21 -12.11
C ALA A 5 3.16 5.16 -11.21
N PHE A 6 2.13 5.56 -10.47
CA PHE A 6 1.43 4.65 -9.57
C PHE A 6 0.67 3.59 -10.36
N GLY A 7 0.87 2.32 -9.99
CA GLY A 7 0.20 1.23 -10.67
C GLY A 7 0.61 1.11 -12.12
N SER A 8 1.86 1.48 -12.41
CA SER A 8 2.37 1.43 -13.78
C SER A 8 2.69 -0.02 -14.18
N GLU A 9 2.81 -0.25 -15.48
CA GLU A 9 3.11 -1.59 -15.99
C GLU A 9 4.50 -2.03 -15.56
N ASP A 10 5.41 -1.07 -15.43
CA ASP A 10 6.78 -1.36 -15.03
C ASP A 10 7.14 -0.62 -13.75
N ILE A 11 6.18 -0.53 -12.83
CA ILE A 11 6.39 0.14 -11.56
C ILE A 11 7.35 -0.64 -10.67
N GLU A 12 7.25 -1.96 -10.73
CA GLU A 12 8.11 -2.83 -9.93
C GLU A 12 9.53 -2.85 -10.49
N ASN A 13 9.64 -2.81 -11.81
CA ASN A 13 10.95 -2.83 -12.47
C ASN A 13 11.70 -1.53 -12.21
N THR A 14 10.97 -0.42 -12.17
CA THR A 14 11.58 0.89 -11.93
C THR A 14 12.08 1.01 -10.50
N LEU A 15 11.19 0.73 -9.54
CA LEU A 15 11.55 0.80 -8.13
C LEU A 15 12.72 -0.13 -7.81
N ALA A 16 12.74 -1.28 -8.47
CA ALA A 16 13.81 -2.25 -8.26
C ALA A 16 15.19 -1.61 -8.40
N LYS A 17 15.30 -0.64 -9.31
CA LYS A 17 16.55 0.06 -9.53
C LYS A 17 16.65 1.30 -8.65
N MET A 18 15.49 1.85 -8.28
CA MET A 18 15.45 3.03 -7.43
C MET A 18 15.63 2.66 -5.97
N ASP A 19 16.16 3.59 -5.18
CA ASP A 19 16.38 3.37 -3.76
C ASP A 19 15.33 4.10 -2.92
N ASP A 20 15.45 3.98 -1.61
CA ASP A 20 14.52 4.62 -0.69
C ASP A 20 14.49 6.14 -0.91
N GLY A 21 15.64 6.69 -1.26
CA GLY A 21 15.74 8.12 -1.49
C GLY A 21 14.68 8.62 -2.46
N GLN A 22 14.54 7.91 -3.57
CA GLN A 22 13.55 8.30 -4.59
C GLN A 22 12.15 7.85 -4.19
N LEU A 23 12.07 6.69 -3.55
CA LEU A 23 10.79 6.15 -3.10
C LEU A 23 10.00 7.19 -2.33
N ASP A 24 10.67 7.85 -1.38
CA ASP A 24 10.02 8.88 -0.56
C ASP A 24 9.59 10.06 -1.43
N GLY A 25 10.31 10.28 -2.53
CA GLY A 25 9.98 11.39 -3.41
C GLY A 25 8.66 11.18 -4.12
N LEU A 26 8.22 9.93 -4.21
CA LEU A 26 6.96 9.61 -4.87
C LEU A 26 5.80 10.39 -4.26
N ALA A 27 4.78 10.64 -5.06
CA ALA A 27 3.61 11.38 -4.61
C ALA A 27 2.52 10.42 -4.12
N PHE A 28 2.91 9.21 -3.76
CA PHE A 28 1.97 8.21 -3.28
C PHE A 28 2.58 7.37 -2.16
N GLY A 29 1.83 6.38 -1.70
CA GLY A 29 2.32 5.52 -0.64
C GLY A 29 2.95 4.24 -1.16
N ALA A 30 4.06 3.84 -0.55
CA ALA A 30 4.77 2.63 -0.97
C ALA A 30 5.22 1.81 0.24
N ILE A 31 4.83 0.54 0.27
CA ILE A 31 5.20 -0.35 1.37
C ILE A 31 5.56 -1.73 0.86
N GLN A 32 6.77 -2.17 1.17
CA GLN A 32 7.24 -3.49 0.74
C GLN A 32 7.08 -4.52 1.86
N LEU A 33 6.35 -5.59 1.58
CA LEU A 33 6.14 -6.63 2.57
C LEU A 33 6.77 -7.95 2.13
N ASP A 34 7.08 -8.82 3.09
CA ASP A 34 7.70 -10.10 2.79
C ASP A 34 6.64 -11.19 2.67
N GLY A 35 7.09 -12.43 2.48
CA GLY A 35 6.16 -13.54 2.34
C GLY A 35 5.27 -13.70 3.56
N ASP A 36 5.78 -13.29 4.72
CA ASP A 36 5.01 -13.38 5.95
C ASP A 36 4.18 -12.12 6.19
N GLY A 37 4.54 -11.05 5.50
CA GLY A 37 3.81 -9.80 5.64
C GLY A 37 4.58 -8.77 6.47
N ASN A 38 5.85 -9.05 6.72
CA ASN A 38 6.69 -8.14 7.50
C ASN A 38 7.06 -6.92 6.68
N ILE A 39 7.01 -5.75 7.32
CA ILE A 39 7.35 -4.51 6.65
C ILE A 39 8.85 -4.43 6.34
N LEU A 40 9.21 -4.65 5.09
CA LEU A 40 10.60 -4.61 4.66
C LEU A 40 11.01 -3.19 4.28
N GLN A 41 10.09 -2.47 3.64
CA GLN A 41 10.36 -1.10 3.22
C GLN A 41 9.16 -0.20 3.51
N TYR A 42 9.43 1.09 3.69
CA TYR A 42 8.38 2.05 3.98
C TYR A 42 8.79 3.46 3.55
N ASN A 43 8.11 3.98 2.54
CA ASN A 43 8.41 5.32 2.03
C ASN A 43 7.90 6.39 2.98
N ALA A 44 8.59 7.52 3.02
CA ALA A 44 8.22 8.64 3.89
C ALA A 44 6.82 9.15 3.54
N ALA A 45 6.53 9.22 2.25
CA ALA A 45 5.22 9.68 1.79
C ALA A 45 4.10 9.03 2.57
N GLU A 46 4.03 7.71 2.51
CA GLU A 46 2.99 6.98 3.21
C GLU A 46 3.10 7.23 4.72
N GLY A 47 4.32 7.22 5.21
CA GLY A 47 4.57 7.45 6.62
C GLY A 47 4.02 8.77 7.09
N ASP A 48 3.97 9.76 6.20
CA ASP A 48 3.47 11.08 6.53
C ASP A 48 1.94 11.09 6.54
N ILE A 49 1.35 10.55 5.48
CA ILE A 49 -0.11 10.50 5.36
C ILE A 49 -0.72 9.70 6.51
N THR A 50 -0.25 8.47 6.70
CA THR A 50 -0.75 7.61 7.76
C THR A 50 -0.22 8.04 9.12
N GLY A 51 1.03 8.51 9.13
CA GLY A 51 1.64 8.96 10.38
C GLY A 51 2.44 7.87 11.05
N ARG A 52 3.06 7.01 10.24
CA ARG A 52 3.87 5.92 10.77
C ARG A 52 5.33 6.08 10.38
N ASP A 53 6.22 5.54 11.19
CA ASP A 53 7.65 5.62 10.94
C ASP A 53 8.15 4.38 10.19
N PRO A 54 9.06 4.59 9.22
CA PRO A 54 9.62 3.51 8.42
C PRO A 54 10.55 2.61 9.23
N LYS A 55 11.52 3.22 9.92
CA LYS A 55 12.47 2.48 10.73
C LYS A 55 11.78 1.84 11.94
N GLN A 56 10.54 2.27 12.19
CA GLN A 56 9.77 1.75 13.31
C GLN A 56 8.91 0.56 12.87
N VAL A 57 8.48 0.58 11.61
CA VAL A 57 7.65 -0.49 11.07
C VAL A 57 8.49 -1.67 10.64
N ILE A 58 9.76 -1.40 10.32
CA ILE A 58 10.67 -2.46 9.89
C ILE A 58 10.60 -3.66 10.83
N GLY A 59 10.26 -4.82 10.27
CA GLY A 59 10.17 -6.02 11.07
C GLY A 59 8.74 -6.33 11.48
N LYS A 60 7.93 -5.29 11.64
CA LYS A 60 6.54 -5.46 12.03
C LYS A 60 5.66 -5.74 10.82
N ASN A 61 4.66 -6.60 11.01
CA ASN A 61 3.74 -6.95 9.93
C ASN A 61 2.81 -5.79 9.60
N PHE A 62 2.34 -5.75 8.35
CA PHE A 62 1.44 -4.69 7.91
C PHE A 62 0.10 -4.76 8.65
N PHE A 63 -0.30 -5.97 9.03
CA PHE A 63 -1.55 -6.18 9.72
C PHE A 63 -1.32 -6.31 11.22
N LYS A 64 -0.06 -6.37 11.62
CA LYS A 64 0.30 -6.48 13.03
C LYS A 64 0.13 -5.14 13.75
N ASP A 65 0.81 -4.12 13.25
CA ASP A 65 0.72 -2.78 13.84
C ASP A 65 0.41 -1.74 12.78
N VAL A 66 1.04 -1.87 11.61
CA VAL A 66 0.81 -0.94 10.51
C VAL A 66 -0.67 -0.79 10.22
N ALA A 67 -1.44 -1.84 10.48
CA ALA A 67 -2.87 -1.82 10.25
C ALA A 67 -3.60 -2.81 11.16
N PRO A 68 -3.91 -2.37 12.38
CA PRO A 68 -4.61 -3.20 13.37
C PRO A 68 -6.06 -3.47 12.98
N GLY A 69 -6.40 -4.75 12.84
CA GLY A 69 -7.75 -5.12 12.47
C GLY A 69 -7.89 -5.46 11.00
N THR A 70 -6.76 -5.45 10.28
CA THR A 70 -6.76 -5.76 8.86
C THR A 70 -6.46 -7.24 8.62
N ASP A 71 -6.72 -8.05 9.63
CA ASP A 71 -6.48 -9.49 9.54
C ASP A 71 -7.71 -10.20 8.98
N SER A 72 -8.24 -9.68 7.88
CA SER A 72 -9.43 -10.26 7.25
C SER A 72 -9.05 -10.96 5.94
N PRO A 73 -9.96 -11.81 5.44
CA PRO A 73 -9.74 -12.56 4.21
C PRO A 73 -9.78 -11.66 2.98
N GLU A 74 -10.15 -10.40 3.18
CA GLU A 74 -10.23 -9.44 2.09
C GLU A 74 -8.88 -8.75 1.87
N PHE A 75 -8.16 -8.51 2.97
CA PHE A 75 -6.86 -7.86 2.89
C PHE A 75 -5.73 -8.86 3.18
N TYR A 76 -5.68 -9.33 4.43
CA TYR A 76 -4.66 -10.28 4.83
C TYR A 76 -4.77 -11.58 4.03
N GLY A 77 -6.00 -12.06 3.85
CA GLY A 77 -6.21 -13.28 3.11
C GLY A 77 -5.66 -13.21 1.70
N LYS A 78 -5.90 -12.09 1.02
CA LYS A 78 -5.42 -11.90 -0.34
C LYS A 78 -3.90 -11.88 -0.37
N PHE A 79 -3.29 -11.25 0.63
CA PHE A 79 -1.85 -11.15 0.71
C PHE A 79 -1.21 -12.54 0.64
N LYS A 80 -1.52 -13.38 1.63
CA LYS A 80 -0.98 -14.73 1.69
C LYS A 80 -1.50 -15.57 0.53
N GLU A 81 -2.74 -15.31 0.12
CA GLU A 81 -3.36 -16.05 -0.98
C GLU A 81 -2.45 -16.06 -2.20
N GLY A 82 -2.12 -14.87 -2.70
CA GLY A 82 -1.25 -14.77 -3.86
C GLY A 82 0.11 -15.38 -3.63
N VAL A 83 0.66 -15.17 -2.44
CA VAL A 83 1.96 -15.69 -2.08
C VAL A 83 2.05 -17.18 -2.38
N ALA A 84 0.95 -17.89 -2.18
CA ALA A 84 0.89 -19.33 -2.43
C ALA A 84 1.07 -19.63 -3.91
N SER A 85 0.49 -18.78 -4.76
CA SER A 85 0.58 -18.97 -6.20
C SER A 85 1.92 -18.47 -6.73
N GLY A 86 2.48 -17.46 -6.06
CA GLY A 86 3.75 -16.91 -6.48
C GLY A 86 3.59 -15.67 -7.35
N ASN A 87 2.54 -14.90 -7.09
CA ASN A 87 2.27 -13.68 -7.85
C ASN A 87 1.10 -12.92 -7.26
N LEU A 88 1.31 -12.35 -6.08
CA LEU A 88 0.27 -11.58 -5.40
C LEU A 88 -0.14 -10.37 -6.22
N ASN A 89 -1.19 -10.52 -7.01
CA ASN A 89 -1.69 -9.43 -7.85
C ASN A 89 -3.13 -9.08 -7.50
N THR A 90 -3.30 -8.00 -6.74
CA THR A 90 -4.64 -7.57 -6.34
C THR A 90 -4.77 -6.05 -6.44
N MET A 91 -5.93 -5.59 -6.90
CA MET A 91 -6.18 -4.15 -7.03
C MET A 91 -7.60 -3.81 -6.61
N PHE A 92 -7.73 -3.13 -5.49
CA PHE A 92 -9.04 -2.74 -4.97
C PHE A 92 -8.93 -1.53 -4.03
N GLU A 93 -10.07 -0.95 -3.68
CA GLU A 93 -10.10 0.21 -2.80
C GLU A 93 -10.25 -0.22 -1.34
N TRP A 94 -9.55 0.46 -0.44
CA TRP A 94 -9.61 0.15 0.98
C TRP A 94 -9.95 1.39 1.79
N MET A 95 -10.53 1.18 2.98
CA MET A 95 -10.90 2.28 3.85
C MET A 95 -9.86 2.48 4.95
N ILE A 96 -9.29 3.68 5.02
CA ILE A 96 -8.30 4.00 6.02
C ILE A 96 -8.86 4.92 7.09
N PRO A 97 -9.39 4.32 8.17
CA PRO A 97 -9.96 5.07 9.29
C PRO A 97 -8.91 5.82 10.10
N THR A 98 -9.12 7.12 10.28
CA THR A 98 -8.19 7.95 11.04
C THR A 98 -8.91 8.76 12.11
N SER A 99 -8.18 9.68 12.74
CA SER A 99 -8.76 10.52 13.78
C SER A 99 -9.71 11.55 13.18
N ARG A 100 -9.37 12.05 12.00
CA ARG A 100 -10.19 13.05 11.32
C ARG A 100 -11.40 12.39 10.66
N GLY A 101 -11.34 11.07 10.51
CA GLY A 101 -12.43 10.35 9.88
C GLY A 101 -11.95 9.39 8.81
N PRO A 102 -12.84 8.47 8.40
CA PRO A 102 -12.53 7.47 7.37
C PRO A 102 -12.40 8.09 5.99
N THR A 103 -11.53 7.51 5.17
CA THR A 103 -11.31 8.01 3.81
C THR A 103 -10.98 6.86 2.85
N LYS A 104 -11.74 6.78 1.78
CA LYS A 104 -11.54 5.73 0.78
C LYS A 104 -10.26 5.97 0.00
N VAL A 105 -9.55 4.89 -0.32
CA VAL A 105 -8.30 4.98 -1.07
C VAL A 105 -8.12 3.77 -1.98
N LYS A 106 -7.12 3.84 -2.85
CA LYS A 106 -6.83 2.75 -3.78
C LYS A 106 -5.62 1.95 -3.32
N VAL A 107 -5.76 0.63 -3.28
CA VAL A 107 -4.68 -0.25 -2.87
C VAL A 107 -4.26 -1.19 -3.98
N HIS A 108 -2.96 -1.34 -4.18
CA HIS A 108 -2.43 -2.21 -5.22
C HIS A 108 -1.23 -3.00 -4.72
N MET A 109 -1.36 -4.33 -4.71
CA MET A 109 -0.30 -5.20 -4.26
C MET A 109 0.23 -6.07 -5.39
N LYS A 110 1.50 -5.89 -5.75
CA LYS A 110 2.11 -6.65 -6.82
C LYS A 110 3.42 -7.29 -6.35
N LYS A 111 3.51 -8.60 -6.51
CA LYS A 111 4.71 -9.34 -6.10
C LYS A 111 5.95 -8.75 -6.78
N ALA A 112 7.06 -8.71 -6.03
CA ALA A 112 8.31 -8.18 -6.55
C ALA A 112 8.83 -9.05 -7.69
N LEU A 113 9.96 -8.65 -8.26
CA LEU A 113 10.57 -9.39 -9.36
C LEU A 113 11.40 -10.55 -8.84
N SER A 114 12.11 -10.33 -7.74
CA SER A 114 12.95 -11.36 -7.13
C SER A 114 12.08 -12.47 -6.55
N GLY A 115 10.85 -12.14 -6.21
CA GLY A 115 9.94 -13.12 -5.63
C GLY A 115 10.03 -13.17 -4.12
N ASP A 116 11.12 -12.65 -3.57
CA ASP A 116 11.31 -12.63 -2.13
C ASP A 116 10.85 -11.30 -1.53
N SER A 117 9.79 -10.74 -2.10
CA SER A 117 9.25 -9.46 -1.63
C SER A 117 8.00 -9.08 -2.40
N TYR A 118 7.18 -8.22 -1.80
CA TYR A 118 5.95 -7.78 -2.44
C TYR A 118 5.81 -6.26 -2.38
N TRP A 119 5.33 -5.67 -3.46
CA TRP A 119 5.16 -4.22 -3.53
C TRP A 119 3.71 -3.83 -3.25
N VAL A 120 3.51 -2.96 -2.27
CA VAL A 120 2.17 -2.49 -1.91
C VAL A 120 2.08 -0.98 -1.95
N PHE A 121 1.43 -0.46 -2.98
CA PHE A 121 1.27 0.98 -3.14
C PHE A 121 -0.12 1.43 -2.69
N VAL A 122 -0.23 2.67 -2.25
CA VAL A 122 -1.50 3.21 -1.79
C VAL A 122 -1.63 4.69 -2.15
N LYS A 123 -2.69 5.03 -2.89
CA LYS A 123 -2.92 6.40 -3.31
C LYS A 123 -4.36 6.81 -3.03
N ARG A 124 -4.54 8.01 -2.48
CA ARG A 124 -5.88 8.52 -2.16
C ARG A 124 -6.72 8.64 -3.42
N VAL A 125 -7.92 8.07 -3.39
CA VAL A 125 -8.83 8.12 -4.52
C VAL A 125 -9.29 9.54 -4.79
N LYS A 126 -9.94 9.74 -5.94
CA LYS A 126 -10.44 11.05 -6.32
C LYS A 126 -11.34 11.62 -5.24
N LEU A 127 -11.48 12.95 -5.22
CA LEU A 127 -12.32 13.62 -4.24
C LEU A 127 -13.60 14.14 -4.88
N ALA A 128 -14.15 13.37 -5.80
CA ALA A 128 -15.39 13.74 -6.48
C ALA A 128 -16.53 12.82 -6.11
N ALA A 129 -17.70 13.06 -6.69
CA ALA A 129 -18.87 12.25 -6.42
C ALA A 129 -18.68 10.82 -6.93
N ALA A 130 -19.63 9.94 -6.58
CA ALA A 130 -19.56 8.55 -7.00
C ALA A 130 -20.80 7.78 -6.56
N LEU A 131 -21.32 6.95 -7.44
CA LEU A 131 -22.52 6.16 -7.14
C LEU A 131 -22.48 4.83 -7.89
N GLU A 132 -23.13 3.81 -7.30
CA GLU A 132 -23.17 2.49 -7.92
C GLU A 132 -24.25 2.43 -9.00
N HIS A 133 -24.12 1.45 -9.90
CA HIS A 133 -25.08 1.28 -10.98
C HIS A 133 -25.73 -0.10 -10.92
N HIS A 134 -27.05 -0.11 -10.85
CA HIS A 134 -27.80 -1.36 -10.79
C HIS A 134 -28.44 -1.68 -12.14
N HIS A 135 -27.74 -2.47 -12.95
CA HIS A 135 -28.24 -2.84 -14.27
C HIS A 135 -27.63 -4.18 -14.71
N HIS A 136 -28.42 -4.98 -15.41
CA HIS A 136 -27.96 -6.27 -15.90
C HIS A 136 -28.33 -6.47 -17.37
N HIS A 137 -27.54 -7.26 -18.07
CA HIS A 137 -27.79 -7.52 -19.48
C HIS A 137 -28.72 -8.71 -19.66
N HIS A 138 -29.83 -8.49 -20.38
CA HIS A 138 -30.81 -9.54 -20.62
C HIS A 138 -30.19 -10.69 -21.41
N MET A 1 15.96 10.37 -16.57
CA MET A 1 15.29 10.04 -15.32
C MET A 1 13.82 10.44 -15.38
N GLU A 2 12.99 9.58 -15.96
CA GLU A 2 11.56 9.84 -16.09
C GLU A 2 10.89 9.76 -14.72
N HIS A 3 9.61 10.15 -14.68
CA HIS A 3 8.85 10.13 -13.44
C HIS A 3 8.20 8.76 -13.23
N VAL A 4 7.78 8.49 -11.99
CA VAL A 4 7.14 7.23 -11.66
C VAL A 4 5.63 7.31 -11.83
N ALA A 5 5.03 6.20 -12.25
CA ALA A 5 3.58 6.14 -12.44
C ALA A 5 2.96 5.05 -11.58
N PHE A 6 1.92 5.42 -10.83
CA PHE A 6 1.23 4.47 -9.96
C PHE A 6 0.55 3.39 -10.78
N GLY A 7 0.88 2.13 -10.49
CA GLY A 7 0.29 1.02 -11.22
C GLY A 7 0.77 0.94 -12.65
N SER A 8 2.00 1.36 -12.88
CA SER A 8 2.57 1.34 -14.22
C SER A 8 2.97 -0.08 -14.62
N GLU A 9 3.16 -0.29 -15.93
CA GLU A 9 3.54 -1.60 -16.44
C GLU A 9 4.91 -2.01 -15.92
N ASP A 10 5.78 -1.03 -15.71
CA ASP A 10 7.13 -1.28 -15.22
C ASP A 10 7.37 -0.56 -13.91
N ILE A 11 6.36 -0.53 -13.05
CA ILE A 11 6.47 0.14 -11.75
C ILE A 11 7.47 -0.57 -10.85
N GLU A 12 7.52 -1.89 -10.97
CA GLU A 12 8.45 -2.68 -10.15
C GLU A 12 9.87 -2.58 -10.70
N ASN A 13 9.99 -2.59 -12.02
CA ASN A 13 11.30 -2.51 -12.67
C ASN A 13 11.97 -1.17 -12.37
N THR A 14 11.16 -0.11 -12.31
CA THR A 14 11.66 1.23 -12.03
C THR A 14 12.07 1.37 -10.57
N LEU A 15 11.19 0.96 -9.67
CA LEU A 15 11.46 1.04 -8.24
C LEU A 15 12.63 0.15 -7.85
N ALA A 16 12.72 -1.02 -8.50
CA ALA A 16 13.79 -1.96 -8.23
C ALA A 16 15.16 -1.28 -8.35
N LYS A 17 15.27 -0.35 -9.29
CA LYS A 17 16.53 0.37 -9.50
C LYS A 17 16.58 1.62 -8.63
N MET A 18 15.42 2.16 -8.28
CA MET A 18 15.34 3.35 -7.44
C MET A 18 15.52 2.99 -5.97
N ASP A 19 16.09 3.93 -5.21
CA ASP A 19 16.31 3.72 -3.79
C ASP A 19 15.28 4.47 -2.95
N ASP A 20 15.31 4.24 -1.64
CA ASP A 20 14.37 4.89 -0.74
C ASP A 20 14.39 6.40 -0.93
N GLY A 21 15.56 6.94 -1.27
CA GLY A 21 15.69 8.37 -1.48
C GLY A 21 14.65 8.91 -2.45
N GLN A 22 14.50 8.22 -3.58
CA GLN A 22 13.54 8.63 -4.60
C GLN A 22 12.14 8.15 -4.24
N LEU A 23 12.04 6.98 -3.62
CA LEU A 23 10.76 6.43 -3.23
C LEU A 23 9.94 7.43 -2.44
N ASP A 24 10.58 8.10 -1.48
CA ASP A 24 9.92 9.09 -0.65
C ASP A 24 9.47 10.28 -1.49
N GLY A 25 10.18 10.53 -2.59
CA GLY A 25 9.83 11.64 -3.46
C GLY A 25 8.51 11.42 -4.18
N LEU A 26 8.10 10.16 -4.28
CA LEU A 26 6.84 9.82 -4.95
C LEU A 26 5.67 10.57 -4.32
N ALA A 27 4.62 10.79 -5.11
CA ALA A 27 3.44 11.49 -4.63
C ALA A 27 2.38 10.51 -4.13
N PHE A 28 2.83 9.30 -3.77
CA PHE A 28 1.92 8.28 -3.28
C PHE A 28 2.58 7.45 -2.17
N GLY A 29 1.87 6.44 -1.69
CA GLY A 29 2.39 5.59 -0.64
C GLY A 29 3.02 4.32 -1.19
N ALA A 30 4.11 3.89 -0.57
CA ALA A 30 4.80 2.67 -1.00
C ALA A 30 5.28 1.86 0.20
N ILE A 31 4.88 0.59 0.24
CA ILE A 31 5.27 -0.29 1.33
C ILE A 31 5.60 -1.69 0.82
N GLN A 32 6.79 -2.17 1.16
CA GLN A 32 7.23 -3.50 0.73
C GLN A 32 7.08 -4.51 1.86
N LEU A 33 6.38 -5.60 1.58
CA LEU A 33 6.15 -6.66 2.57
C LEU A 33 6.80 -7.97 2.13
N ASP A 34 7.09 -8.82 3.09
CA ASP A 34 7.71 -10.12 2.81
C ASP A 34 6.65 -11.21 2.68
N GLY A 35 7.10 -12.45 2.48
CA GLY A 35 6.17 -13.55 2.35
C GLY A 35 5.27 -13.71 3.55
N ASP A 36 5.76 -13.30 4.72
CA ASP A 36 5.00 -13.40 5.95
C ASP A 36 4.16 -12.15 6.17
N GLY A 37 4.53 -11.06 5.49
CA GLY A 37 3.81 -9.82 5.63
C GLY A 37 4.56 -8.80 6.45
N ASN A 38 5.83 -9.06 6.72
CA ASN A 38 6.66 -8.17 7.51
C ASN A 38 7.06 -6.94 6.69
N ILE A 39 7.00 -5.77 7.32
CA ILE A 39 7.35 -4.52 6.66
C ILE A 39 8.84 -4.47 6.36
N LEU A 40 9.19 -4.65 5.09
CA LEU A 40 10.59 -4.62 4.66
C LEU A 40 11.00 -3.21 4.26
N GLN A 41 10.07 -2.48 3.65
CA GLN A 41 10.34 -1.11 3.21
C GLN A 41 9.16 -0.21 3.52
N TYR A 42 9.44 1.08 3.71
CA TYR A 42 8.41 2.06 4.01
C TYR A 42 8.83 3.46 3.59
N ASN A 43 8.20 3.98 2.54
CA ASN A 43 8.52 5.31 2.04
C ASN A 43 7.99 6.38 2.98
N ALA A 44 8.72 7.50 3.06
CA ALA A 44 8.33 8.60 3.93
C ALA A 44 6.93 9.12 3.57
N ALA A 45 6.64 9.17 2.28
CA ALA A 45 5.34 9.64 1.81
C ALA A 45 4.21 8.98 2.57
N GLU A 46 4.14 7.65 2.49
CA GLU A 46 3.10 6.91 3.20
C GLU A 46 3.18 7.17 4.70
N GLY A 47 4.41 7.21 5.20
CA GLY A 47 4.64 7.45 6.61
C GLY A 47 4.07 8.78 7.08
N ASP A 48 4.05 9.75 6.17
CA ASP A 48 3.53 11.08 6.50
C ASP A 48 2.01 11.09 6.49
N ILE A 49 1.42 10.56 5.41
CA ILE A 49 -0.03 10.50 5.28
C ILE A 49 -0.65 9.69 6.42
N THR A 50 -0.17 8.47 6.59
CA THR A 50 -0.67 7.59 7.64
C THR A 50 -0.19 8.04 9.02
N GLY A 51 1.06 8.47 9.09
CA GLY A 51 1.62 8.92 10.35
C GLY A 51 2.43 7.84 11.04
N ARG A 52 3.08 7.00 10.25
CA ARG A 52 3.89 5.92 10.80
C ARG A 52 5.36 6.08 10.41
N ASP A 53 6.25 5.51 11.21
CA ASP A 53 7.69 5.60 10.96
C ASP A 53 8.18 4.37 10.21
N PRO A 54 9.10 4.58 9.26
CA PRO A 54 9.67 3.49 8.45
C PRO A 54 10.59 2.58 9.27
N LYS A 55 11.55 3.19 9.96
CA LYS A 55 12.49 2.43 10.78
C LYS A 55 11.77 1.80 11.98
N GLN A 56 10.54 2.24 12.23
CA GLN A 56 9.76 1.71 13.34
C GLN A 56 8.89 0.53 12.88
N VAL A 57 8.47 0.57 11.63
CA VAL A 57 7.64 -0.49 11.07
C VAL A 57 8.48 -1.69 10.65
N ILE A 58 9.75 -1.43 10.34
CA ILE A 58 10.67 -2.49 9.92
C ILE A 58 10.58 -3.69 10.85
N GLY A 59 10.23 -4.84 10.29
CA GLY A 59 10.13 -6.05 11.09
C GLY A 59 8.69 -6.35 11.49
N LYS A 60 7.90 -5.30 11.64
CA LYS A 60 6.50 -5.45 12.03
C LYS A 60 5.62 -5.74 10.81
N ASN A 61 4.62 -6.60 10.99
CA ASN A 61 3.71 -6.96 9.91
C ASN A 61 2.79 -5.78 9.57
N PHE A 62 2.31 -5.76 8.33
CA PHE A 62 1.42 -4.70 7.87
C PHE A 62 0.08 -4.76 8.60
N PHE A 63 -0.32 -5.97 8.99
CA PHE A 63 -1.59 -6.17 9.68
C PHE A 63 -1.36 -6.28 11.19
N LYS A 64 -0.10 -6.35 11.59
CA LYS A 64 0.26 -6.45 13.00
C LYS A 64 0.09 -5.12 13.71
N ASP A 65 0.78 -4.09 13.20
CA ASP A 65 0.71 -2.76 13.78
C ASP A 65 0.38 -1.72 12.72
N VAL A 66 1.01 -1.87 11.55
CA VAL A 66 0.79 -0.94 10.44
C VAL A 66 -0.70 -0.78 10.15
N ALA A 67 -1.46 -1.83 10.42
CA ALA A 67 -2.90 -1.82 10.19
C ALA A 67 -3.62 -2.80 11.10
N PRO A 68 -3.94 -2.35 12.33
CA PRO A 68 -4.63 -3.18 13.31
C PRO A 68 -6.07 -3.46 12.93
N GLY A 69 -6.42 -4.74 12.79
CA GLY A 69 -7.78 -5.11 12.42
C GLY A 69 -7.91 -5.44 10.95
N THR A 70 -6.78 -5.46 10.24
CA THR A 70 -6.78 -5.77 8.82
C THR A 70 -6.49 -7.25 8.59
N ASP A 71 -6.74 -8.06 9.60
CA ASP A 71 -6.50 -9.51 9.51
C ASP A 71 -7.73 -10.21 8.94
N SER A 72 -8.26 -9.69 7.83
CA SER A 72 -9.43 -10.28 7.20
C SER A 72 -9.05 -10.97 5.89
N PRO A 73 -9.96 -11.83 5.40
CA PRO A 73 -9.75 -12.57 4.14
C PRO A 73 -9.77 -11.67 2.92
N GLU A 74 -10.14 -10.41 3.13
CA GLU A 74 -10.21 -9.45 2.03
C GLU A 74 -8.85 -8.78 1.81
N PHE A 75 -8.14 -8.55 2.90
CA PHE A 75 -6.83 -7.91 2.83
C PHE A 75 -5.72 -8.92 3.14
N TYR A 76 -5.67 -9.36 4.38
CA TYR A 76 -4.65 -10.33 4.82
C TYR A 76 -4.76 -11.62 4.01
N GLY A 77 -5.98 -12.10 3.83
CA GLY A 77 -6.20 -13.33 3.08
C GLY A 77 -5.62 -13.26 1.69
N LYS A 78 -5.89 -12.16 0.99
CA LYS A 78 -5.39 -11.98 -0.37
C LYS A 78 -3.87 -11.96 -0.39
N PHE A 79 -3.26 -11.33 0.62
CA PHE A 79 -1.81 -11.25 0.71
C PHE A 79 -1.18 -12.63 0.66
N LYS A 80 -1.52 -13.46 1.65
CA LYS A 80 -0.99 -14.82 1.72
C LYS A 80 -1.52 -15.67 0.57
N GLU A 81 -2.75 -15.40 0.16
CA GLU A 81 -3.36 -16.15 -0.94
C GLU A 81 -2.44 -16.20 -2.14
N GLY A 82 -2.05 -15.03 -2.64
CA GLY A 82 -1.17 -14.95 -3.79
C GLY A 82 0.16 -15.62 -3.54
N VAL A 83 0.74 -15.35 -2.38
CA VAL A 83 2.03 -15.93 -2.02
C VAL A 83 2.03 -17.44 -2.21
N ALA A 84 0.87 -18.06 -2.00
CA ALA A 84 0.74 -19.50 -2.15
C ALA A 84 1.28 -19.97 -3.49
N SER A 85 0.99 -19.20 -4.54
CA SER A 85 1.45 -19.53 -5.89
C SER A 85 2.68 -18.72 -6.26
N GLY A 86 2.78 -17.52 -5.70
CA GLY A 86 3.91 -16.66 -5.99
C GLY A 86 3.58 -15.56 -6.97
N ASN A 87 2.33 -15.11 -6.95
CA ASN A 87 1.88 -14.06 -7.85
C ASN A 87 0.76 -13.23 -7.21
N LEU A 88 1.09 -12.57 -6.10
CA LEU A 88 0.11 -11.75 -5.40
C LEU A 88 -0.26 -10.52 -6.22
N ASN A 89 -1.35 -10.64 -6.97
CA ASN A 89 -1.82 -9.53 -7.81
C ASN A 89 -3.25 -9.14 -7.44
N THR A 90 -3.39 -8.06 -6.67
CA THR A 90 -4.69 -7.58 -6.26
C THR A 90 -4.78 -6.06 -6.34
N MET A 91 -5.90 -5.57 -6.84
CA MET A 91 -6.11 -4.13 -6.96
C MET A 91 -7.54 -3.75 -6.60
N PHE A 92 -7.69 -3.06 -5.46
CA PHE A 92 -9.01 -2.65 -5.00
C PHE A 92 -8.90 -1.45 -4.07
N GLU A 93 -10.05 -0.91 -3.67
CA GLU A 93 -10.07 0.25 -2.78
C GLU A 93 -10.26 -0.19 -1.33
N TRP A 94 -9.54 0.47 -0.42
CA TRP A 94 -9.61 0.14 0.99
C TRP A 94 -9.95 1.39 1.82
N MET A 95 -10.55 1.17 2.98
CA MET A 95 -10.94 2.27 3.86
C MET A 95 -9.89 2.47 4.95
N ILE A 96 -9.31 3.68 5.01
CA ILE A 96 -8.31 4.00 6.00
C ILE A 96 -8.87 4.94 7.08
N PRO A 97 -9.37 4.35 8.16
CA PRO A 97 -9.95 5.11 9.28
C PRO A 97 -8.89 5.87 10.06
N THR A 98 -9.11 7.17 10.24
CA THR A 98 -8.17 8.01 10.97
C THR A 98 -8.90 8.94 11.94
N SER A 99 -8.16 9.86 12.54
CA SER A 99 -8.74 10.80 13.49
C SER A 99 -9.76 11.72 12.80
N ARG A 100 -9.47 12.08 11.56
CA ARG A 100 -10.35 12.94 10.78
C ARG A 100 -11.55 12.16 10.26
N GLY A 101 -11.45 10.84 10.26
CA GLY A 101 -12.53 10.00 9.78
C GLY A 101 -12.08 9.04 8.69
N PRO A 102 -12.98 8.13 8.29
CA PRO A 102 -12.69 7.14 7.25
C PRO A 102 -12.60 7.77 5.87
N THR A 103 -11.59 7.36 5.11
CA THR A 103 -11.39 7.89 3.77
C THR A 103 -11.03 6.77 2.78
N LYS A 104 -11.71 6.76 1.64
CA LYS A 104 -11.46 5.74 0.62
C LYS A 104 -10.14 5.99 -0.08
N VAL A 105 -9.42 4.91 -0.37
CA VAL A 105 -8.13 5.01 -1.04
C VAL A 105 -7.90 3.83 -1.99
N LYS A 106 -7.00 4.01 -2.94
CA LYS A 106 -6.70 2.97 -3.91
C LYS A 106 -5.54 2.09 -3.42
N VAL A 107 -5.78 0.79 -3.33
CA VAL A 107 -4.77 -0.15 -2.88
C VAL A 107 -4.33 -1.07 -4.02
N HIS A 108 -3.02 -1.23 -4.17
CA HIS A 108 -2.46 -2.09 -5.21
C HIS A 108 -1.29 -2.90 -4.68
N MET A 109 -1.42 -4.22 -4.71
CA MET A 109 -0.38 -5.11 -4.24
C MET A 109 0.13 -6.00 -5.36
N LYS A 110 1.40 -5.86 -5.71
CA LYS A 110 2.00 -6.65 -6.77
C LYS A 110 3.34 -7.23 -6.33
N LYS A 111 3.47 -8.55 -6.42
CA LYS A 111 4.70 -9.24 -6.03
C LYS A 111 5.91 -8.62 -6.73
N ALA A 112 7.05 -8.61 -6.05
CA ALA A 112 8.27 -8.05 -6.61
C ALA A 112 8.75 -8.89 -7.80
N LEU A 113 9.86 -8.46 -8.40
CA LEU A 113 10.42 -9.17 -9.55
C LEU A 113 11.28 -10.34 -9.09
N SER A 114 11.96 -10.17 -7.96
CA SER A 114 12.82 -11.21 -7.42
C SER A 114 11.99 -12.35 -6.82
N GLY A 115 10.76 -12.02 -6.44
CA GLY A 115 9.88 -13.02 -5.86
C GLY A 115 10.01 -13.11 -4.36
N ASP A 116 11.11 -12.59 -3.83
CA ASP A 116 11.35 -12.61 -2.38
C ASP A 116 10.90 -11.31 -1.74
N SER A 117 9.80 -10.76 -2.24
CA SER A 117 9.26 -9.51 -1.71
C SER A 117 7.98 -9.11 -2.44
N TYR A 118 7.17 -8.29 -1.81
CA TYR A 118 5.92 -7.82 -2.40
C TYR A 118 5.78 -6.31 -2.29
N TRP A 119 5.28 -5.69 -3.36
CA TRP A 119 5.09 -4.25 -3.38
C TRP A 119 3.65 -3.88 -3.06
N VAL A 120 3.48 -2.86 -2.22
CA VAL A 120 2.14 -2.41 -1.85
C VAL A 120 2.05 -0.89 -1.91
N PHE A 121 1.37 -0.38 -2.93
CA PHE A 121 1.21 1.06 -3.09
C PHE A 121 -0.18 1.50 -2.66
N VAL A 122 -0.29 2.76 -2.22
CA VAL A 122 -1.57 3.30 -1.77
C VAL A 122 -1.74 4.74 -2.24
N LYS A 123 -2.89 5.03 -2.85
CA LYS A 123 -3.17 6.37 -3.34
C LYS A 123 -4.43 6.93 -2.68
N ARG A 124 -4.39 8.21 -2.34
CA ARG A 124 -5.53 8.87 -1.69
C ARG A 124 -6.56 9.29 -2.73
N VAL A 125 -7.73 8.66 -2.71
CA VAL A 125 -8.80 8.97 -3.64
C VAL A 125 -9.25 10.42 -3.48
N LYS A 126 -9.30 11.14 -4.60
CA LYS A 126 -9.72 12.54 -4.59
C LYS A 126 -11.16 12.67 -4.12
N LEU A 127 -11.48 13.81 -3.50
CA LEU A 127 -12.83 14.07 -3.01
C LEU A 127 -13.55 15.06 -3.90
N ALA A 128 -14.88 14.91 -4.00
CA ALA A 128 -15.69 15.80 -4.82
C ALA A 128 -17.17 15.49 -4.66
N ALA A 129 -17.96 16.52 -4.37
CA ALA A 129 -19.40 16.36 -4.19
C ALA A 129 -20.17 17.42 -4.98
N ALA A 130 -21.49 17.37 -4.87
CA ALA A 130 -22.35 18.32 -5.57
C ALA A 130 -22.42 19.65 -4.82
N LEU A 131 -21.73 20.65 -5.35
CA LEU A 131 -21.71 21.97 -4.74
C LEU A 131 -21.78 23.07 -5.79
N GLU A 132 -22.02 24.30 -5.35
CA GLU A 132 -22.12 25.43 -6.26
C GLU A 132 -20.82 25.61 -7.04
N HIS A 133 -20.93 25.51 -8.37
CA HIS A 133 -19.77 25.66 -9.24
C HIS A 133 -19.31 27.11 -9.30
N HIS A 134 -18.00 27.32 -9.25
CA HIS A 134 -17.43 28.66 -9.29
C HIS A 134 -16.11 28.67 -10.07
N HIS A 135 -15.77 29.83 -10.62
CA HIS A 135 -14.53 29.97 -11.38
C HIS A 135 -13.35 30.22 -10.45
N HIS A 136 -12.13 30.14 -11.01
CA HIS A 136 -10.92 30.36 -10.22
C HIS A 136 -10.65 31.85 -10.05
N HIS A 137 -10.33 32.25 -8.83
CA HIS A 137 -10.05 33.65 -8.53
C HIS A 137 -8.68 34.05 -9.06
N HIS A 138 -8.56 35.31 -9.47
CA HIS A 138 -7.30 35.82 -10.00
C HIS A 138 -7.20 37.33 -9.80
N MET A 1 15.72 7.47 -13.31
CA MET A 1 15.93 8.85 -13.71
C MET A 1 14.61 9.49 -14.13
N GLU A 2 13.77 8.73 -14.81
CA GLU A 2 12.48 9.23 -15.27
C GLU A 2 11.48 9.30 -14.12
N HIS A 3 10.33 9.91 -14.38
CA HIS A 3 9.29 10.04 -13.37
C HIS A 3 8.59 8.70 -13.13
N VAL A 4 8.16 8.49 -11.90
CA VAL A 4 7.47 7.25 -11.54
C VAL A 4 5.95 7.41 -11.62
N ALA A 5 5.28 6.35 -12.03
CA ALA A 5 3.82 6.38 -12.15
C ALA A 5 3.18 5.34 -11.23
N PHE A 6 2.07 5.72 -10.61
CA PHE A 6 1.35 4.83 -9.70
C PHE A 6 0.59 3.76 -10.48
N GLY A 7 0.82 2.50 -10.13
CA GLY A 7 0.16 1.41 -10.80
C GLY A 7 0.58 1.26 -12.24
N SER A 8 1.83 1.61 -12.53
CA SER A 8 2.36 1.52 -13.89
C SER A 8 2.67 0.08 -14.26
N GLU A 9 2.81 -0.17 -15.55
CA GLU A 9 3.10 -1.52 -16.04
C GLU A 9 4.47 -1.97 -15.58
N ASP A 10 5.40 -1.03 -15.44
CA ASP A 10 6.75 -1.33 -15.00
C ASP A 10 7.10 -0.57 -13.73
N ILE A 11 6.11 -0.41 -12.86
CA ILE A 11 6.31 0.29 -11.60
C ILE A 11 7.31 -0.43 -10.72
N GLU A 12 7.26 -1.75 -10.73
CA GLU A 12 8.17 -2.57 -9.93
C GLU A 12 9.56 -2.58 -10.54
N ASN A 13 9.63 -2.58 -11.86
CA ASN A 13 10.90 -2.59 -12.58
C ASN A 13 11.69 -1.31 -12.30
N THR A 14 10.98 -0.20 -12.18
CA THR A 14 11.61 1.09 -11.92
C THR A 14 12.08 1.18 -10.47
N LEU A 15 11.17 0.93 -9.55
CA LEU A 15 11.49 0.98 -8.12
C LEU A 15 12.65 0.04 -7.79
N ALA A 16 12.68 -1.10 -8.45
CA ALA A 16 13.73 -2.09 -8.23
C ALA A 16 15.11 -1.45 -8.35
N LYS A 17 15.24 -0.50 -9.26
CA LYS A 17 16.51 0.18 -9.47
C LYS A 17 16.62 1.41 -8.56
N MET A 18 15.49 1.96 -8.19
CA MET A 18 15.46 3.13 -7.32
C MET A 18 15.59 2.73 -5.85
N ASP A 19 16.12 3.64 -5.05
CA ASP A 19 16.32 3.38 -3.63
C ASP A 19 15.27 4.11 -2.79
N ASP A 20 15.42 4.03 -1.48
CA ASP A 20 14.47 4.68 -0.57
C ASP A 20 14.46 6.19 -0.78
N GLY A 21 15.62 6.74 -1.11
CA GLY A 21 15.72 8.17 -1.34
C GLY A 21 14.69 8.68 -2.32
N GLN A 22 14.57 7.99 -3.46
CA GLN A 22 13.62 8.38 -4.49
C GLN A 22 12.20 7.91 -4.12
N LEU A 23 12.12 6.75 -3.49
CA LEU A 23 10.83 6.20 -3.09
C LEU A 23 10.01 7.22 -2.31
N ASP A 24 10.65 7.87 -1.34
CA ASP A 24 9.99 8.88 -0.52
C ASP A 24 9.57 10.08 -1.37
N GLY A 25 10.31 10.32 -2.45
CA GLY A 25 9.99 11.43 -3.33
C GLY A 25 8.69 11.24 -4.08
N LEU A 26 8.24 9.99 -4.17
CA LEU A 26 7.00 9.68 -4.86
C LEU A 26 5.83 10.45 -4.26
N ALA A 27 4.81 10.69 -5.07
CA ALA A 27 3.63 11.42 -4.63
C ALA A 27 2.54 10.47 -4.14
N PHE A 28 2.95 9.26 -3.77
CA PHE A 28 2.00 8.25 -3.29
C PHE A 28 2.63 7.42 -2.17
N GLY A 29 1.87 6.43 -1.70
CA GLY A 29 2.37 5.57 -0.63
C GLY A 29 3.00 4.30 -1.16
N ALA A 30 4.09 3.87 -0.53
CA ALA A 30 4.78 2.65 -0.93
C ALA A 30 5.22 1.83 0.28
N ILE A 31 4.82 0.57 0.29
CA ILE A 31 5.17 -0.32 1.40
C ILE A 31 5.53 -1.71 0.89
N GLN A 32 6.75 -2.14 1.19
CA GLN A 32 7.22 -3.46 0.75
C GLN A 32 7.05 -4.49 1.87
N LEU A 33 6.33 -5.56 1.59
CA LEU A 33 6.09 -6.62 2.56
C LEU A 33 6.76 -7.92 2.13
N ASP A 34 7.03 -8.79 3.09
CA ASP A 34 7.67 -10.07 2.81
C ASP A 34 6.62 -11.17 2.66
N GLY A 35 7.08 -12.40 2.47
CA GLY A 35 6.17 -13.52 2.32
C GLY A 35 5.25 -13.70 3.51
N ASP A 36 5.73 -13.30 4.68
CA ASP A 36 4.94 -13.41 5.90
C ASP A 36 4.10 -12.16 6.13
N GLY A 37 4.48 -11.07 5.47
CA GLY A 37 3.75 -9.82 5.61
C GLY A 37 4.50 -8.81 6.45
N ASN A 38 5.79 -9.05 6.67
CA ASN A 38 6.62 -8.15 7.47
C ASN A 38 7.01 -6.92 6.66
N ILE A 39 6.95 -5.77 7.30
CA ILE A 39 7.30 -4.51 6.65
C ILE A 39 8.80 -4.44 6.36
N LEU A 40 9.16 -4.66 5.10
CA LEU A 40 10.57 -4.62 4.69
C LEU A 40 10.98 -3.20 4.31
N GLN A 41 10.07 -2.47 3.68
CA GLN A 41 10.35 -1.10 3.26
C GLN A 41 9.16 -0.19 3.55
N TYR A 42 9.43 1.09 3.74
CA TYR A 42 8.38 2.06 4.01
C TYR A 42 8.79 3.46 3.60
N ASN A 43 8.16 3.98 2.56
CA ASN A 43 8.47 5.32 2.06
C ASN A 43 7.94 6.39 3.00
N ALA A 44 8.67 7.50 3.09
CA ALA A 44 8.27 8.60 3.96
C ALA A 44 6.89 9.11 3.60
N ALA A 45 6.60 9.18 2.30
CA ALA A 45 5.31 9.66 1.84
C ALA A 45 4.17 8.98 2.60
N GLU A 46 4.10 7.66 2.52
CA GLU A 46 3.06 6.92 3.20
C GLU A 46 3.14 7.18 4.71
N GLY A 47 4.37 7.22 5.21
CA GLY A 47 4.58 7.46 6.63
C GLY A 47 4.01 8.79 7.09
N ASP A 48 4.00 9.77 6.20
CA ASP A 48 3.48 11.10 6.51
C ASP A 48 1.96 11.10 6.51
N ILE A 49 1.37 10.57 5.43
CA ILE A 49 -0.07 10.51 5.30
C ILE A 49 -0.70 9.71 6.43
N THR A 50 -0.23 8.47 6.60
CA THR A 50 -0.73 7.60 7.64
C THR A 50 -0.26 8.05 9.02
N GLY A 51 1.01 8.45 9.10
CA GLY A 51 1.56 8.90 10.37
C GLY A 51 2.37 7.82 11.06
N ARG A 52 3.03 6.98 10.27
CA ARG A 52 3.84 5.90 10.81
C ARG A 52 5.31 6.06 10.42
N ASP A 53 6.21 5.53 11.23
CA ASP A 53 7.64 5.62 10.97
C ASP A 53 8.13 4.39 10.22
N PRO A 54 9.05 4.60 9.27
CA PRO A 54 9.62 3.51 8.46
C PRO A 54 10.53 2.61 9.27
N LYS A 55 11.50 3.20 9.95
CA LYS A 55 12.45 2.45 10.77
C LYS A 55 11.74 1.82 11.96
N GLN A 56 10.52 2.25 12.21
CA GLN A 56 9.74 1.72 13.33
C GLN A 56 8.88 0.55 12.89
N VAL A 57 8.44 0.58 11.63
CA VAL A 57 7.61 -0.48 11.08
C VAL A 57 8.46 -1.68 10.65
N ILE A 58 9.72 -1.41 10.33
CA ILE A 58 10.64 -2.46 9.90
C ILE A 58 10.57 -3.66 10.84
N GLY A 59 10.21 -4.82 10.28
CA GLY A 59 10.11 -6.03 11.08
C GLY A 59 8.69 -6.33 11.49
N LYS A 60 7.89 -5.30 11.65
CA LYS A 60 6.49 -5.46 12.04
C LYS A 60 5.61 -5.74 10.83
N ASN A 61 4.60 -6.59 11.01
CA ASN A 61 3.69 -6.95 9.94
C ASN A 61 2.77 -5.79 9.60
N PHE A 62 2.29 -5.76 8.36
CA PHE A 62 1.40 -4.70 7.90
C PHE A 62 0.06 -4.76 8.63
N PHE A 63 -0.34 -5.98 9.02
CA PHE A 63 -1.60 -6.18 9.72
C PHE A 63 -1.37 -6.30 11.22
N LYS A 64 -0.10 -6.36 11.62
CA LYS A 64 0.25 -6.47 13.03
C LYS A 64 0.07 -5.14 13.74
N ASP A 65 0.76 -4.11 13.24
CA ASP A 65 0.68 -2.78 13.83
C ASP A 65 0.36 -1.73 12.76
N VAL A 66 0.98 -1.87 11.59
CA VAL A 66 0.77 -0.94 10.50
C VAL A 66 -0.72 -0.79 10.19
N ALA A 67 -1.49 -1.84 10.47
CA ALA A 67 -2.92 -1.82 10.23
C ALA A 67 -3.64 -2.80 11.14
N PRO A 68 -3.97 -2.35 12.37
CA PRO A 68 -4.66 -3.17 13.36
C PRO A 68 -6.10 -3.44 12.98
N GLY A 69 -6.45 -4.71 12.83
CA GLY A 69 -7.80 -5.09 12.47
C GLY A 69 -7.94 -5.43 11.01
N THR A 70 -6.82 -5.42 10.29
CA THR A 70 -6.81 -5.74 8.87
C THR A 70 -6.50 -7.20 8.63
N ASP A 71 -6.75 -8.03 9.64
CA ASP A 71 -6.50 -9.46 9.54
C ASP A 71 -7.72 -10.19 8.97
N SER A 72 -8.25 -9.67 7.88
CA SER A 72 -9.41 -10.27 7.23
C SER A 72 -9.02 -10.98 5.94
N PRO A 73 -9.92 -11.85 5.44
CA PRO A 73 -9.69 -12.60 4.21
C PRO A 73 -9.72 -11.72 2.97
N GLU A 74 -10.10 -10.46 3.16
CA GLU A 74 -10.17 -9.50 2.05
C GLU A 74 -8.84 -8.81 1.84
N PHE A 75 -8.13 -8.55 2.93
CA PHE A 75 -6.83 -7.88 2.87
C PHE A 75 -5.71 -8.87 3.17
N TYR A 76 -5.65 -9.32 4.43
CA TYR A 76 -4.62 -10.27 4.86
C TYR A 76 -4.71 -11.56 4.06
N GLY A 77 -5.94 -12.06 3.89
CA GLY A 77 -6.13 -13.30 3.15
C GLY A 77 -5.58 -13.22 1.73
N LYS A 78 -5.89 -12.12 1.05
CA LYS A 78 -5.42 -11.93 -0.32
C LYS A 78 -3.90 -11.87 -0.37
N PHE A 79 -3.30 -11.27 0.64
CA PHE A 79 -1.84 -11.15 0.70
C PHE A 79 -1.19 -12.53 0.64
N LYS A 80 -1.49 -13.36 1.63
CA LYS A 80 -0.93 -14.71 1.70
C LYS A 80 -1.46 -15.58 0.56
N GLU A 81 -2.71 -15.32 0.16
CA GLU A 81 -3.33 -16.09 -0.91
C GLU A 81 -2.43 -16.14 -2.14
N GLY A 82 -2.02 -14.96 -2.62
CA GLY A 82 -1.16 -14.91 -3.79
C GLY A 82 0.18 -15.60 -3.56
N VAL A 83 0.77 -15.38 -2.39
CA VAL A 83 2.05 -15.98 -2.05
C VAL A 83 2.01 -17.49 -2.27
N ALA A 84 0.85 -18.09 -2.08
CA ALA A 84 0.68 -19.53 -2.25
C ALA A 84 1.21 -19.96 -3.62
N SER A 85 0.91 -19.19 -4.65
CA SER A 85 1.35 -19.49 -6.00
C SER A 85 2.59 -18.71 -6.37
N GLY A 86 2.72 -17.51 -5.78
CA GLY A 86 3.88 -16.68 -6.06
C GLY A 86 3.56 -15.55 -7.03
N ASN A 87 2.32 -15.08 -6.99
CA ASN A 87 1.89 -14.00 -7.88
C ASN A 87 0.79 -13.18 -7.24
N LEU A 88 1.11 -12.53 -6.12
CA LEU A 88 0.14 -11.71 -5.40
C LEU A 88 -0.25 -10.49 -6.22
N ASN A 89 -1.34 -10.60 -6.97
CA ASN A 89 -1.82 -9.49 -7.80
C ASN A 89 -3.24 -9.11 -7.42
N THR A 90 -3.37 -8.02 -6.66
CA THR A 90 -4.68 -7.54 -6.22
C THR A 90 -4.76 -6.03 -6.32
N MET A 91 -5.88 -5.54 -6.83
CA MET A 91 -6.09 -4.10 -6.98
C MET A 91 -7.54 -3.72 -6.65
N PHE A 92 -7.71 -3.04 -5.53
CA PHE A 92 -9.04 -2.62 -5.09
C PHE A 92 -8.95 -1.40 -4.18
N GLU A 93 -10.10 -0.95 -3.69
CA GLU A 93 -10.15 0.21 -2.80
C GLU A 93 -10.32 -0.22 -1.35
N TRP A 94 -9.58 0.43 -0.46
CA TRP A 94 -9.65 0.12 0.97
C TRP A 94 -9.98 1.37 1.79
N MET A 95 -10.55 1.16 2.97
CA MET A 95 -10.92 2.27 3.85
C MET A 95 -9.87 2.45 4.95
N ILE A 96 -9.31 3.65 5.01
CA ILE A 96 -8.28 3.96 6.01
C ILE A 96 -8.85 4.89 7.08
N PRO A 97 -9.39 4.30 8.16
CA PRO A 97 -9.96 5.05 9.28
C PRO A 97 -8.90 5.77 10.09
N THR A 98 -9.08 7.07 10.27
CA THR A 98 -8.13 7.88 11.04
C THR A 98 -8.85 8.73 12.07
N SER A 99 -8.10 9.63 12.71
CA SER A 99 -8.67 10.51 13.73
C SER A 99 -9.59 11.54 13.10
N ARG A 100 -9.24 11.99 11.91
CA ARG A 100 -10.03 12.98 11.19
C ARG A 100 -11.26 12.34 10.56
N GLY A 101 -11.24 11.01 10.45
CA GLY A 101 -12.36 10.30 9.86
C GLY A 101 -11.94 9.33 8.78
N PRO A 102 -12.84 8.41 8.41
CA PRO A 102 -12.57 7.41 7.38
C PRO A 102 -12.46 8.02 5.98
N THR A 103 -11.54 7.51 5.17
CA THR A 103 -11.33 8.00 3.82
C THR A 103 -10.95 6.87 2.87
N LYS A 104 -11.70 6.77 1.77
CA LYS A 104 -11.44 5.73 0.78
C LYS A 104 -10.13 5.99 0.04
N VAL A 105 -9.43 4.92 -0.33
CA VAL A 105 -8.18 5.03 -1.05
C VAL A 105 -7.97 3.84 -1.99
N LYS A 106 -7.03 4.00 -2.91
CA LYS A 106 -6.73 2.94 -3.87
C LYS A 106 -5.56 2.09 -3.39
N VAL A 107 -5.78 0.78 -3.33
CA VAL A 107 -4.73 -0.14 -2.89
C VAL A 107 -4.30 -1.07 -4.03
N HIS A 108 -2.99 -1.23 -4.18
CA HIS A 108 -2.44 -2.08 -5.23
C HIS A 108 -1.26 -2.89 -4.71
N MET A 109 -1.39 -4.21 -4.73
CA MET A 109 -0.32 -5.09 -4.26
C MET A 109 0.17 -6.00 -5.39
N LYS A 110 1.44 -5.84 -5.75
CA LYS A 110 2.04 -6.63 -6.82
C LYS A 110 3.37 -7.22 -6.38
N LYS A 111 3.49 -8.54 -6.47
CA LYS A 111 4.74 -9.22 -6.09
C LYS A 111 5.94 -8.59 -6.78
N ALA A 112 7.09 -8.61 -6.10
CA ALA A 112 8.31 -8.05 -6.65
C ALA A 112 8.81 -8.88 -7.83
N LEU A 113 9.93 -8.47 -8.41
CA LEU A 113 10.52 -9.18 -9.54
C LEU A 113 11.35 -10.37 -9.07
N SER A 114 12.05 -10.20 -7.96
CA SER A 114 12.87 -11.27 -7.40
C SER A 114 12.02 -12.37 -6.82
N GLY A 115 10.79 -12.03 -6.44
CA GLY A 115 9.88 -13.01 -5.88
C GLY A 115 9.99 -13.11 -4.37
N ASP A 116 11.10 -12.61 -3.83
CA ASP A 116 11.32 -12.64 -2.40
C ASP A 116 10.89 -11.32 -1.75
N SER A 117 9.82 -10.74 -2.27
CA SER A 117 9.31 -9.48 -1.75
C SER A 117 8.03 -9.07 -2.48
N TYR A 118 7.22 -8.25 -1.82
CA TYR A 118 5.97 -7.79 -2.40
C TYR A 118 5.84 -6.27 -2.29
N TRP A 119 5.32 -5.65 -3.34
CA TRP A 119 5.14 -4.20 -3.36
C TRP A 119 3.69 -3.82 -3.09
N VAL A 120 3.49 -2.86 -2.19
CA VAL A 120 2.14 -2.42 -1.84
C VAL A 120 2.05 -0.90 -1.89
N PHE A 121 1.40 -0.38 -2.94
CA PHE A 121 1.24 1.06 -3.10
C PHE A 121 -0.16 1.50 -2.68
N VAL A 122 -0.27 2.75 -2.25
CA VAL A 122 -1.55 3.30 -1.82
C VAL A 122 -1.70 4.75 -2.25
N LYS A 123 -2.72 5.01 -3.08
CA LYS A 123 -2.97 6.36 -3.56
C LYS A 123 -4.37 6.82 -3.18
N ARG A 124 -4.45 8.01 -2.58
CA ARG A 124 -5.73 8.57 -2.16
C ARG A 124 -6.67 8.74 -3.34
N VAL A 125 -7.87 8.19 -3.22
CA VAL A 125 -8.87 8.29 -4.28
C VAL A 125 -9.40 9.71 -4.41
N LYS A 126 -10.16 9.96 -5.48
CA LYS A 126 -10.72 11.28 -5.73
C LYS A 126 -12.10 11.39 -5.11
N LEU A 127 -12.51 12.63 -4.82
CA LEU A 127 -13.82 12.87 -4.22
C LEU A 127 -14.90 12.98 -5.29
N ALA A 128 -15.41 11.83 -5.73
CA ALA A 128 -16.45 11.80 -6.75
C ALA A 128 -16.91 10.37 -7.01
N ALA A 129 -17.91 10.23 -7.88
CA ALA A 129 -18.44 8.91 -8.22
C ALA A 129 -18.68 8.79 -9.72
N ALA A 130 -19.07 7.60 -10.15
CA ALA A 130 -19.33 7.35 -11.57
C ALA A 130 -20.07 6.02 -11.76
N LEU A 131 -21.10 6.04 -12.60
CA LEU A 131 -21.89 4.84 -12.88
C LEU A 131 -22.90 5.10 -13.98
N GLU A 132 -22.79 4.36 -15.07
CA GLU A 132 -23.71 4.50 -16.20
C GLU A 132 -24.79 3.43 -16.17
N HIS A 133 -25.87 3.67 -16.88
CA HIS A 133 -26.99 2.73 -16.94
C HIS A 133 -27.90 3.04 -18.12
N HIS A 134 -28.01 2.08 -19.04
CA HIS A 134 -28.86 2.25 -20.22
C HIS A 134 -29.28 0.90 -20.78
N HIS A 135 -30.57 0.76 -21.08
CA HIS A 135 -31.10 -0.48 -21.64
C HIS A 135 -30.38 -0.86 -22.92
N HIS A 136 -29.51 -1.87 -22.84
CA HIS A 136 -28.75 -2.32 -24.00
C HIS A 136 -29.69 -2.77 -25.12
N HIS A 137 -29.75 -1.99 -26.18
CA HIS A 137 -30.61 -2.31 -27.32
C HIS A 137 -29.89 -3.24 -28.29
N HIS A 138 -30.52 -4.38 -28.58
CA HIS A 138 -29.94 -5.35 -29.50
C HIS A 138 -29.73 -4.75 -30.88
N MET A 1 16.03 8.90 -13.03
CA MET A 1 16.01 9.89 -14.10
C MET A 1 14.59 10.10 -14.61
N GLU A 2 13.88 9.01 -14.87
CA GLU A 2 12.52 9.08 -15.37
C GLU A 2 11.52 9.20 -14.21
N HIS A 3 10.33 9.72 -14.51
CA HIS A 3 9.30 9.89 -13.49
C HIS A 3 8.59 8.56 -13.22
N VAL A 4 8.19 8.37 -11.97
CA VAL A 4 7.50 7.15 -11.57
C VAL A 4 5.98 7.32 -11.65
N ALA A 5 5.29 6.25 -12.01
CA ALA A 5 3.84 6.29 -12.12
C ALA A 5 3.19 5.26 -11.20
N PHE A 6 2.13 5.66 -10.51
CA PHE A 6 1.42 4.76 -9.59
C PHE A 6 0.63 3.71 -10.36
N GLY A 7 0.79 2.46 -9.96
CA GLY A 7 0.09 1.38 -10.62
C GLY A 7 0.49 1.22 -12.07
N SER A 8 1.75 1.54 -12.38
CA SER A 8 2.25 1.45 -13.73
C SER A 8 2.54 -0.01 -14.10
N GLU A 9 2.66 -0.28 -15.40
CA GLU A 9 2.93 -1.62 -15.88
C GLU A 9 4.32 -2.08 -15.47
N ASP A 10 5.25 -1.13 -15.38
CA ASP A 10 6.62 -1.43 -14.98
C ASP A 10 7.01 -0.67 -13.72
N ILE A 11 6.07 -0.56 -12.79
CA ILE A 11 6.32 0.14 -11.54
C ILE A 11 7.30 -0.62 -10.66
N GLU A 12 7.22 -1.95 -10.70
CA GLU A 12 8.10 -2.80 -9.91
C GLU A 12 9.50 -2.83 -10.51
N ASN A 13 9.57 -2.80 -11.84
CA ASN A 13 10.85 -2.82 -12.54
C ASN A 13 11.63 -1.53 -12.30
N THR A 14 10.91 -0.41 -12.24
CA THR A 14 11.53 0.89 -12.02
C THR A 14 12.05 1.01 -10.60
N LEU A 15 11.18 0.74 -9.63
CA LEU A 15 11.55 0.82 -8.22
C LEU A 15 12.72 -0.12 -7.92
N ALA A 16 12.73 -1.27 -8.57
CA ALA A 16 13.78 -2.26 -8.37
C ALA A 16 15.17 -1.62 -8.53
N LYS A 17 15.28 -0.69 -9.47
CA LYS A 17 16.54 -0.01 -9.72
C LYS A 17 16.67 1.23 -8.84
N MET A 18 15.53 1.79 -8.45
CA MET A 18 15.52 2.98 -7.59
C MET A 18 15.78 2.62 -6.14
N ASP A 19 16.29 3.57 -5.37
CA ASP A 19 16.57 3.35 -3.96
C ASP A 19 15.52 4.01 -3.08
N ASP A 20 15.72 3.94 -1.77
CA ASP A 20 14.79 4.53 -0.82
C ASP A 20 14.66 6.03 -1.06
N GLY A 21 15.77 6.67 -1.44
CA GLY A 21 15.76 8.10 -1.68
C GLY A 21 14.67 8.51 -2.65
N GLN A 22 14.65 7.88 -3.83
CA GLN A 22 13.65 8.20 -4.83
C GLN A 22 12.25 7.78 -4.37
N LEU A 23 12.18 6.64 -3.69
CA LEU A 23 10.91 6.12 -3.19
C LEU A 23 10.16 7.19 -2.41
N ASP A 24 10.87 7.88 -1.52
CA ASP A 24 10.27 8.93 -0.71
C ASP A 24 9.82 10.10 -1.58
N GLY A 25 10.50 10.29 -2.70
CA GLY A 25 10.15 11.36 -3.61
C GLY A 25 8.80 11.15 -4.28
N LEU A 26 8.36 9.90 -4.31
CA LEU A 26 7.08 9.57 -4.93
C LEU A 26 5.94 10.37 -4.30
N ALA A 27 4.91 10.65 -5.08
CA ALA A 27 3.76 11.40 -4.60
C ALA A 27 2.66 10.46 -4.12
N PHE A 28 3.04 9.23 -3.78
CA PHE A 28 2.07 8.24 -3.31
C PHE A 28 2.68 7.39 -2.19
N GLY A 29 1.92 6.41 -1.72
CA GLY A 29 2.39 5.54 -0.66
C GLY A 29 3.01 4.27 -1.18
N ALA A 30 4.10 3.85 -0.57
CA ALA A 30 4.80 2.63 -0.97
C ALA A 30 5.25 1.82 0.23
N ILE A 31 4.86 0.55 0.27
CA ILE A 31 5.22 -0.33 1.36
C ILE A 31 5.58 -1.73 0.86
N GLN A 32 6.79 -2.17 1.18
CA GLN A 32 7.26 -3.49 0.76
C GLN A 32 7.09 -4.51 1.88
N LEU A 33 6.38 -5.60 1.59
CA LEU A 33 6.15 -6.64 2.58
C LEU A 33 6.78 -7.95 2.13
N ASP A 34 7.08 -8.82 3.10
CA ASP A 34 7.69 -10.11 2.81
C ASP A 34 6.63 -11.20 2.66
N GLY A 35 7.08 -12.44 2.48
CA GLY A 35 6.15 -13.54 2.34
C GLY A 35 5.24 -13.70 3.54
N ASP A 36 5.72 -13.30 4.71
CA ASP A 36 4.95 -13.39 5.93
C ASP A 36 4.13 -12.12 6.16
N GLY A 37 4.51 -11.04 5.48
CA GLY A 37 3.80 -9.79 5.62
C GLY A 37 4.56 -8.77 6.45
N ASN A 38 5.84 -9.06 6.70
CA ASN A 38 6.69 -8.17 7.49
C ASN A 38 7.07 -6.93 6.67
N ILE A 39 6.99 -5.76 7.30
CA ILE A 39 7.34 -4.52 6.65
C ILE A 39 8.83 -4.44 6.36
N LEU A 40 9.19 -4.66 5.10
CA LEU A 40 10.60 -4.62 4.69
C LEU A 40 11.01 -3.21 4.31
N GLN A 41 10.10 -2.48 3.68
CA GLN A 41 10.36 -1.10 3.26
C GLN A 41 9.16 -0.20 3.55
N TYR A 42 9.43 1.08 3.74
CA TYR A 42 8.38 2.05 4.02
C TYR A 42 8.80 3.45 3.60
N ASN A 43 8.16 3.97 2.55
CA ASN A 43 8.47 5.31 2.05
C ASN A 43 7.95 6.38 3.00
N ALA A 44 8.66 7.49 3.07
CA ALA A 44 8.28 8.60 3.94
C ALA A 44 6.89 9.11 3.59
N ALA A 45 6.60 9.18 2.29
CA ALA A 45 5.31 9.66 1.81
C ALA A 45 4.17 8.99 2.58
N GLU A 46 4.10 7.67 2.51
CA GLU A 46 3.05 6.93 3.19
C GLU A 46 3.13 7.18 4.70
N GLY A 47 4.36 7.19 5.21
CA GLY A 47 4.58 7.42 6.62
C GLY A 47 4.02 8.75 7.09
N ASP A 48 4.00 9.74 6.20
CA ASP A 48 3.50 11.06 6.52
C ASP A 48 1.97 11.07 6.51
N ILE A 49 1.39 10.53 5.45
CA ILE A 49 -0.07 10.47 5.31
C ILE A 49 -0.69 9.67 6.44
N THR A 50 -0.21 8.44 6.62
CA THR A 50 -0.73 7.56 7.66
C THR A 50 -0.22 8.00 9.04
N GLY A 51 1.01 8.47 9.09
CA GLY A 51 1.58 8.93 10.35
C GLY A 51 2.39 7.83 11.03
N ARG A 52 3.04 6.99 10.23
CA ARG A 52 3.84 5.91 10.77
C ARG A 52 5.31 6.07 10.40
N ASP A 53 6.20 5.53 11.21
CA ASP A 53 7.63 5.62 10.97
C ASP A 53 8.13 4.39 10.22
N PRO A 54 9.06 4.60 9.27
CA PRO A 54 9.64 3.53 8.46
C PRO A 54 10.55 2.62 9.28
N LYS A 55 11.51 3.23 9.98
CA LYS A 55 12.46 2.48 10.79
C LYS A 55 11.75 1.84 11.98
N GLN A 56 10.51 2.27 12.23
CA GLN A 56 9.73 1.73 13.34
C GLN A 56 8.87 0.56 12.89
N VAL A 57 8.46 0.59 11.62
CA VAL A 57 7.63 -0.48 11.07
C VAL A 57 8.49 -1.66 10.64
N ILE A 58 9.76 -1.40 10.33
CA ILE A 58 10.68 -2.45 9.91
C ILE A 58 10.60 -3.65 10.84
N GLY A 59 10.26 -4.80 10.28
CA GLY A 59 10.16 -6.02 11.07
C GLY A 59 8.73 -6.33 11.48
N LYS A 60 7.92 -5.28 11.64
CA LYS A 60 6.52 -5.45 12.02
C LYS A 60 5.65 -5.72 10.82
N ASN A 61 4.65 -6.58 11.00
CA ASN A 61 3.73 -6.94 9.92
C ASN A 61 2.80 -5.77 9.58
N PHE A 62 2.34 -5.74 8.34
CA PHE A 62 1.44 -4.68 7.90
C PHE A 62 0.10 -4.75 8.62
N PHE A 63 -0.30 -5.97 9.00
CA PHE A 63 -1.56 -6.18 9.71
C PHE A 63 -1.33 -6.29 11.21
N LYS A 64 -0.07 -6.36 11.61
CA LYS A 64 0.29 -6.46 13.02
C LYS A 64 0.12 -5.13 13.73
N ASP A 65 0.80 -4.10 13.22
CA ASP A 65 0.73 -2.78 13.81
C ASP A 65 0.39 -1.73 12.75
N VAL A 66 1.01 -1.87 11.59
CA VAL A 66 0.78 -0.94 10.49
C VAL A 66 -0.71 -0.79 10.19
N ALA A 67 -1.46 -1.84 10.47
CA ALA A 67 -2.90 -1.83 10.24
C ALA A 67 -3.61 -2.83 11.15
N PRO A 68 -3.93 -2.37 12.38
CA PRO A 68 -4.61 -3.20 13.37
C PRO A 68 -6.07 -3.49 12.99
N GLY A 69 -6.40 -4.76 12.85
CA GLY A 69 -7.75 -5.14 12.50
C GLY A 69 -7.89 -5.49 11.02
N THR A 70 -6.77 -5.46 10.31
CA THR A 70 -6.77 -5.77 8.88
C THR A 70 -6.45 -7.24 8.64
N ASP A 71 -6.70 -8.06 9.65
CA ASP A 71 -6.44 -9.50 9.55
C ASP A 71 -7.66 -10.23 8.99
N SER A 72 -8.22 -9.71 7.91
CA SER A 72 -9.39 -10.30 7.29
C SER A 72 -9.01 -11.00 5.98
N PRO A 73 -9.91 -11.87 5.49
CA PRO A 73 -9.69 -12.62 4.24
C PRO A 73 -9.75 -11.71 3.02
N GLU A 74 -10.13 -10.46 3.22
CA GLU A 74 -10.23 -9.50 2.13
C GLU A 74 -8.89 -8.81 1.90
N PHE A 75 -8.17 -8.55 2.99
CA PHE A 75 -6.88 -7.89 2.91
C PHE A 75 -5.75 -8.86 3.20
N TYR A 76 -5.68 -9.32 4.45
CA TYR A 76 -4.64 -10.26 4.86
C TYR A 76 -4.72 -11.56 4.06
N GLY A 77 -5.94 -12.06 3.89
CA GLY A 77 -6.14 -13.28 3.14
C GLY A 77 -5.60 -13.19 1.73
N LYS A 78 -5.92 -12.10 1.05
CA LYS A 78 -5.46 -11.89 -0.32
C LYS A 78 -3.95 -11.82 -0.38
N PHE A 79 -3.34 -11.23 0.63
CA PHE A 79 -1.88 -11.11 0.69
C PHE A 79 -1.21 -12.47 0.65
N LYS A 80 -1.50 -13.31 1.64
CA LYS A 80 -0.93 -14.65 1.71
C LYS A 80 -1.45 -15.51 0.56
N GLU A 81 -2.69 -15.29 0.17
CA GLU A 81 -3.30 -16.06 -0.92
C GLU A 81 -2.39 -16.06 -2.15
N GLY A 82 -2.09 -14.87 -2.66
CA GLY A 82 -1.24 -14.75 -3.84
C GLY A 82 0.14 -15.34 -3.60
N VAL A 83 0.69 -15.12 -2.41
CA VAL A 83 2.00 -15.63 -2.07
C VAL A 83 2.11 -17.13 -2.36
N ALA A 84 1.01 -17.84 -2.14
CA ALA A 84 0.98 -19.28 -2.38
C ALA A 84 1.10 -19.59 -3.86
N SER A 85 0.52 -18.74 -4.70
CA SER A 85 0.56 -18.93 -6.14
C SER A 85 1.89 -18.44 -6.71
N GLY A 86 2.47 -17.44 -6.06
CA GLY A 86 3.75 -16.90 -6.52
C GLY A 86 3.57 -15.66 -7.39
N ASN A 87 2.53 -14.88 -7.10
CA ASN A 87 2.26 -13.67 -7.86
C ASN A 87 1.08 -12.91 -7.25
N LEU A 88 1.30 -12.33 -6.08
CA LEU A 88 0.27 -11.57 -5.39
C LEU A 88 -0.15 -10.35 -6.22
N ASN A 89 -1.23 -10.51 -6.99
CA ASN A 89 -1.74 -9.43 -7.82
C ASN A 89 -3.17 -9.06 -7.44
N THR A 90 -3.32 -7.98 -6.69
CA THR A 90 -4.64 -7.53 -6.27
C THR A 90 -4.78 -6.01 -6.39
N MET A 91 -5.93 -5.57 -6.88
CA MET A 91 -6.19 -4.14 -7.05
C MET A 91 -7.62 -3.79 -6.67
N PHE A 92 -7.77 -3.09 -5.55
CA PHE A 92 -9.10 -2.70 -5.07
C PHE A 92 -9.00 -1.48 -4.15
N GLU A 93 -10.15 -1.01 -3.69
CA GLU A 93 -10.20 0.15 -2.80
C GLU A 93 -10.33 -0.28 -1.35
N TRP A 94 -9.65 0.42 -0.45
CA TRP A 94 -9.70 0.12 0.97
C TRP A 94 -10.02 1.35 1.79
N MET A 95 -10.58 1.14 2.97
CA MET A 95 -10.95 2.25 3.85
C MET A 95 -9.90 2.44 4.95
N ILE A 96 -9.32 3.63 5.01
CA ILE A 96 -8.31 3.95 6.00
C ILE A 96 -8.86 4.88 7.07
N PRO A 97 -9.38 4.30 8.16
CA PRO A 97 -9.95 5.07 9.28
C PRO A 97 -8.88 5.80 10.07
N THR A 98 -9.07 7.11 10.24
CA THR A 98 -8.12 7.93 10.98
C THR A 98 -8.83 8.81 12.01
N SER A 99 -8.08 9.71 12.62
CA SER A 99 -8.64 10.62 13.63
C SER A 99 -9.60 11.61 12.99
N ARG A 100 -9.26 12.04 11.78
CA ARG A 100 -10.09 13.01 11.05
C ARG A 100 -11.32 12.33 10.45
N GLY A 101 -11.28 11.00 10.37
CA GLY A 101 -12.40 10.25 9.82
C GLY A 101 -11.97 9.29 8.74
N PRO A 102 -12.87 8.35 8.38
CA PRO A 102 -12.60 7.35 7.35
C PRO A 102 -12.52 7.96 5.96
N THR A 103 -11.61 7.45 5.14
CA THR A 103 -11.43 7.94 3.79
C THR A 103 -11.07 6.81 2.83
N LYS A 104 -11.79 6.73 1.72
CA LYS A 104 -11.55 5.69 0.72
C LYS A 104 -10.24 5.94 -0.02
N VAL A 105 -9.55 4.86 -0.38
CA VAL A 105 -8.28 4.96 -1.09
C VAL A 105 -8.08 3.77 -2.02
N LYS A 106 -7.05 3.86 -2.87
CA LYS A 106 -6.75 2.78 -3.80
C LYS A 106 -5.58 1.94 -3.30
N VAL A 107 -5.76 0.63 -3.30
CA VAL A 107 -4.72 -0.29 -2.84
C VAL A 107 -4.30 -1.24 -3.96
N HIS A 108 -3.00 -1.33 -4.20
CA HIS A 108 -2.46 -2.20 -5.24
C HIS A 108 -1.25 -2.97 -4.74
N MET A 109 -1.36 -4.30 -4.72
CA MET A 109 -0.27 -5.15 -4.26
C MET A 109 0.23 -6.04 -5.39
N LYS A 110 1.50 -5.85 -5.77
CA LYS A 110 2.10 -6.65 -6.83
C LYS A 110 3.41 -7.28 -6.37
N LYS A 111 3.50 -8.60 -6.50
CA LYS A 111 4.70 -9.32 -6.09
C LYS A 111 5.94 -8.75 -6.76
N ALA A 112 7.05 -8.70 -6.02
CA ALA A 112 8.30 -8.18 -6.55
C ALA A 112 8.81 -9.03 -7.70
N LEU A 113 9.94 -8.63 -8.27
CA LEU A 113 10.54 -9.36 -9.39
C LEU A 113 11.37 -10.53 -8.87
N SER A 114 12.07 -10.32 -7.77
CA SER A 114 12.90 -11.36 -7.18
C SER A 114 12.05 -12.48 -6.59
N GLY A 115 10.81 -12.14 -6.24
CA GLY A 115 9.92 -13.12 -5.67
C GLY A 115 10.00 -13.18 -4.15
N ASP A 116 11.10 -12.66 -3.61
CA ASP A 116 11.30 -12.66 -2.17
C ASP A 116 10.85 -11.33 -1.56
N SER A 117 9.78 -10.76 -2.11
CA SER A 117 9.26 -9.49 -1.63
C SER A 117 8.00 -9.09 -2.39
N TYR A 118 7.19 -8.23 -1.80
CA TYR A 118 5.95 -7.77 -2.41
C TYR A 118 5.83 -6.26 -2.33
N TRP A 119 5.35 -5.65 -3.40
CA TRP A 119 5.17 -4.19 -3.44
C TRP A 119 3.73 -3.82 -3.16
N VAL A 120 3.53 -2.88 -2.23
CA VAL A 120 2.19 -2.43 -1.88
C VAL A 120 2.08 -0.91 -1.96
N PHE A 121 1.43 -0.43 -3.00
CA PHE A 121 1.25 1.00 -3.20
C PHE A 121 -0.13 1.46 -2.76
N VAL A 122 -0.24 2.72 -2.34
CA VAL A 122 -1.52 3.27 -1.90
C VAL A 122 -1.70 4.70 -2.39
N LYS A 123 -2.84 4.96 -3.01
CA LYS A 123 -3.13 6.30 -3.52
C LYS A 123 -4.53 6.75 -3.09
N ARG A 124 -4.59 7.89 -2.41
CA ARG A 124 -5.86 8.44 -1.94
C ARG A 124 -6.78 8.77 -3.11
N VAL A 125 -8.01 8.27 -3.07
CA VAL A 125 -8.97 8.52 -4.13
C VAL A 125 -9.45 9.97 -4.11
N LYS A 126 -10.17 10.37 -5.15
CA LYS A 126 -10.69 11.72 -5.24
C LYS A 126 -12.17 11.78 -4.87
N LEU A 127 -12.62 12.94 -4.40
CA LEU A 127 -14.02 13.10 -4.01
C LEU A 127 -14.52 11.88 -3.24
N ALA A 128 -13.66 11.31 -2.41
CA ALA A 128 -14.02 10.14 -1.62
C ALA A 128 -15.32 10.37 -0.86
N ALA A 129 -15.88 9.30 -0.31
CA ALA A 129 -17.12 9.39 0.45
C ALA A 129 -17.01 10.41 1.57
N ALA A 130 -18.12 10.65 2.27
CA ALA A 130 -18.15 11.60 3.36
C ALA A 130 -19.51 11.61 4.05
N LEU A 131 -19.54 12.13 5.27
CA LEU A 131 -20.79 12.18 6.04
C LEU A 131 -20.81 13.43 6.93
N GLU A 132 -22.00 13.96 7.15
CA GLU A 132 -22.18 15.15 7.97
C GLU A 132 -22.88 14.81 9.29
N HIS A 133 -22.84 15.74 10.24
CA HIS A 133 -23.48 15.54 11.53
C HIS A 133 -24.25 16.78 11.96
N HIS A 134 -24.80 16.74 13.16
CA HIS A 134 -25.58 17.86 13.69
C HIS A 134 -25.05 18.29 15.06
N HIS A 135 -25.34 19.53 15.43
CA HIS A 135 -24.89 20.06 16.72
C HIS A 135 -26.00 20.87 17.39
N HIS A 136 -26.05 20.81 18.71
CA HIS A 136 -27.07 21.54 19.47
C HIS A 136 -26.47 22.76 20.15
N HIS A 137 -26.98 23.94 19.80
CA HIS A 137 -26.49 25.19 20.37
C HIS A 137 -26.82 25.27 21.87
N HIS A 138 -25.81 25.62 22.67
CA HIS A 138 -26.00 25.74 24.11
C HIS A 138 -26.24 27.19 24.51
N MET A 1 15.24 8.44 -15.41
CA MET A 1 15.08 9.79 -15.94
C MET A 1 13.64 10.26 -15.80
N GLU A 2 12.73 9.55 -16.46
CA GLU A 2 11.31 9.90 -16.42
C GLU A 2 10.77 9.79 -14.99
N HIS A 3 9.55 10.29 -14.79
CA HIS A 3 8.92 10.25 -13.48
C HIS A 3 8.19 8.94 -13.26
N VAL A 4 8.08 8.52 -12.01
CA VAL A 4 7.41 7.27 -11.67
C VAL A 4 5.90 7.40 -11.84
N ALA A 5 5.25 6.29 -12.17
CA ALA A 5 3.81 6.28 -12.37
C ALA A 5 3.14 5.24 -11.47
N PHE A 6 2.02 5.60 -10.85
CA PHE A 6 1.30 4.71 -9.97
C PHE A 6 0.58 3.62 -10.78
N GLY A 7 0.75 2.37 -10.35
CA GLY A 7 0.11 1.26 -11.04
C GLY A 7 0.60 1.11 -12.47
N SER A 8 1.86 1.46 -12.70
CA SER A 8 2.45 1.37 -14.03
C SER A 8 2.78 -0.08 -14.37
N GLU A 9 2.96 -0.35 -15.67
CA GLU A 9 3.29 -1.70 -16.12
C GLU A 9 4.66 -2.12 -15.62
N ASP A 10 5.55 -1.16 -15.47
CA ASP A 10 6.91 -1.43 -15.00
C ASP A 10 7.21 -0.65 -13.73
N ILE A 11 6.20 -0.49 -12.88
CA ILE A 11 6.35 0.24 -11.63
C ILE A 11 7.32 -0.49 -10.69
N GLU A 12 7.25 -1.82 -10.69
CA GLU A 12 8.12 -2.62 -9.84
C GLU A 12 9.53 -2.66 -10.39
N ASN A 13 9.65 -2.78 -11.70
CA ASN A 13 10.95 -2.83 -12.36
C ASN A 13 11.74 -1.55 -12.11
N THR A 14 11.03 -0.43 -12.07
CA THR A 14 11.66 0.87 -11.83
C THR A 14 12.10 1.01 -10.38
N LEU A 15 11.15 0.82 -9.46
CA LEU A 15 11.43 0.94 -8.04
C LEU A 15 12.56 -0.02 -7.63
N ALA A 16 12.59 -1.18 -8.25
CA ALA A 16 13.61 -2.18 -7.95
C ALA A 16 15.01 -1.57 -8.05
N LYS A 17 15.19 -0.64 -8.97
CA LYS A 17 16.47 0.02 -9.16
C LYS A 17 16.56 1.29 -8.31
N MET A 18 15.41 1.87 -8.02
CA MET A 18 15.36 3.09 -7.21
C MET A 18 15.55 2.76 -5.73
N ASP A 19 16.02 3.74 -4.97
CA ASP A 19 16.24 3.56 -3.54
C ASP A 19 15.14 4.25 -2.73
N ASP A 20 15.31 4.25 -1.41
CA ASP A 20 14.34 4.88 -0.52
C ASP A 20 14.15 6.35 -0.87
N GLY A 21 15.25 7.04 -1.16
CA GLY A 21 15.20 8.44 -1.50
C GLY A 21 14.18 8.73 -2.59
N GLN A 22 14.02 7.78 -3.51
CA GLN A 22 13.06 7.95 -4.60
C GLN A 22 11.64 7.71 -4.14
N LEU A 23 11.45 6.67 -3.34
CA LEU A 23 10.13 6.33 -2.81
C LEU A 23 9.50 7.52 -2.09
N ASP A 24 10.30 8.18 -1.24
CA ASP A 24 9.83 9.34 -0.49
C ASP A 24 9.46 10.47 -1.44
N GLY A 25 10.05 10.48 -2.62
CA GLY A 25 9.77 11.51 -3.59
C GLY A 25 8.46 11.27 -4.34
N LEU A 26 8.02 10.02 -4.36
CA LEU A 26 6.79 9.66 -5.04
C LEU A 26 5.60 10.42 -4.46
N ALA A 27 4.57 10.61 -5.27
CA ALA A 27 3.37 11.32 -4.84
C ALA A 27 2.32 10.35 -4.31
N PHE A 28 2.78 9.17 -3.89
CA PHE A 28 1.88 8.16 -3.35
C PHE A 28 2.56 7.34 -2.25
N GLY A 29 1.85 6.34 -1.74
CA GLY A 29 2.41 5.51 -0.69
C GLY A 29 3.04 4.25 -1.22
N ALA A 30 4.12 3.80 -0.58
CA ALA A 30 4.83 2.60 -1.00
C ALA A 30 5.30 1.80 0.20
N ILE A 31 4.95 0.51 0.23
CA ILE A 31 5.35 -0.36 1.33
C ILE A 31 5.73 -1.75 0.82
N GLN A 32 6.91 -2.20 1.20
CA GLN A 32 7.39 -3.52 0.77
C GLN A 32 7.19 -4.55 1.88
N LEU A 33 6.41 -5.58 1.59
CA LEU A 33 6.14 -6.63 2.55
C LEU A 33 6.76 -7.96 2.11
N ASP A 34 7.05 -8.83 3.07
CA ASP A 34 7.64 -10.12 2.77
C ASP A 34 6.56 -11.20 2.63
N GLY A 35 7.00 -12.43 2.42
CA GLY A 35 6.06 -13.53 2.27
C GLY A 35 5.16 -13.70 3.47
N ASP A 36 5.66 -13.31 4.64
CA ASP A 36 4.89 -13.42 5.88
C ASP A 36 4.07 -12.16 6.13
N GLY A 37 4.46 -11.07 5.46
CA GLY A 37 3.75 -9.81 5.62
C GLY A 37 4.52 -8.82 6.46
N ASN A 38 5.81 -9.09 6.67
CA ASN A 38 6.66 -8.21 7.47
C ASN A 38 7.06 -6.97 6.68
N ILE A 39 7.01 -5.81 7.33
CA ILE A 39 7.36 -4.56 6.69
C ILE A 39 8.86 -4.49 6.42
N LEU A 40 9.23 -4.72 5.16
CA LEU A 40 10.64 -4.69 4.76
C LEU A 40 11.07 -3.27 4.41
N GLN A 41 10.17 -2.53 3.76
CA GLN A 41 10.46 -1.15 3.37
C GLN A 41 9.25 -0.25 3.63
N TYR A 42 9.51 1.03 3.82
CA TYR A 42 8.44 2.00 4.07
C TYR A 42 8.86 3.40 3.62
N ASN A 43 8.25 3.88 2.55
CA ASN A 43 8.56 5.20 2.01
C ASN A 43 8.03 6.29 2.94
N ALA A 44 8.76 7.40 3.00
CA ALA A 44 8.36 8.52 3.85
C ALA A 44 6.97 9.03 3.47
N ALA A 45 6.68 9.07 2.17
CA ALA A 45 5.40 9.53 1.68
C ALA A 45 4.25 8.88 2.45
N GLU A 46 4.18 7.56 2.41
CA GLU A 46 3.13 6.84 3.11
C GLU A 46 3.21 7.12 4.61
N GLY A 47 4.44 7.16 5.12
CA GLY A 47 4.65 7.42 6.53
C GLY A 47 4.09 8.77 6.96
N ASP A 48 4.09 9.72 6.04
CA ASP A 48 3.58 11.06 6.33
C ASP A 48 2.06 11.08 6.33
N ILE A 49 1.47 10.53 5.27
CA ILE A 49 0.02 10.48 5.14
C ILE A 49 -0.61 9.69 6.28
N THR A 50 -0.13 8.47 6.48
CA THR A 50 -0.64 7.61 7.54
C THR A 50 -0.15 8.07 8.91
N GLY A 51 1.10 8.50 8.96
CA GLY A 51 1.67 8.95 10.22
C GLY A 51 2.45 7.88 10.94
N ARG A 52 3.08 7.00 10.17
CA ARG A 52 3.87 5.90 10.74
C ARG A 52 5.35 6.06 10.39
N ASP A 53 6.21 5.51 11.25
CA ASP A 53 7.65 5.58 11.03
C ASP A 53 8.14 4.35 10.28
N PRO A 54 9.06 4.57 9.32
CA PRO A 54 9.63 3.48 8.52
C PRO A 54 10.55 2.57 9.33
N LYS A 55 11.52 3.18 10.01
CA LYS A 55 12.46 2.43 10.83
C LYS A 55 11.77 1.80 12.02
N GLN A 56 10.53 2.22 12.28
CA GLN A 56 9.75 1.70 13.40
C GLN A 56 8.90 0.51 12.95
N VAL A 57 8.48 0.55 11.69
CA VAL A 57 7.64 -0.52 11.14
C VAL A 57 8.49 -1.71 10.71
N ILE A 58 9.76 -1.45 10.40
CA ILE A 58 10.68 -2.49 9.97
C ILE A 58 10.61 -3.70 10.90
N GLY A 59 10.26 -4.85 10.34
CA GLY A 59 10.16 -6.06 11.13
C GLY A 59 8.73 -6.37 11.53
N LYS A 60 7.92 -5.34 11.68
CA LYS A 60 6.53 -5.51 12.07
C LYS A 60 5.65 -5.79 10.85
N ASN A 61 4.63 -6.62 11.05
CA ASN A 61 3.72 -6.97 9.96
C ASN A 61 2.80 -5.80 9.63
N PHE A 62 2.32 -5.77 8.39
CA PHE A 62 1.43 -4.71 7.93
C PHE A 62 0.09 -4.77 8.67
N PHE A 63 -0.31 -5.98 9.05
CA PHE A 63 -1.57 -6.18 9.76
C PHE A 63 -1.34 -6.29 11.27
N LYS A 64 -0.07 -6.38 11.65
CA LYS A 64 0.29 -6.49 13.06
C LYS A 64 0.13 -5.15 13.77
N ASP A 65 0.81 -4.13 13.27
CA ASP A 65 0.74 -2.80 13.86
C ASP A 65 0.42 -1.76 12.80
N VAL A 66 1.04 -1.89 11.64
CA VAL A 66 0.82 -0.95 10.53
C VAL A 66 -0.66 -0.80 10.24
N ALA A 67 -1.43 -1.84 10.51
CA ALA A 67 -2.87 -1.83 10.28
C ALA A 67 -3.59 -2.81 11.20
N PRO A 68 -3.91 -2.36 12.42
CA PRO A 68 -4.60 -3.18 13.41
C PRO A 68 -6.05 -3.45 13.03
N GLY A 69 -6.40 -4.73 12.89
CA GLY A 69 -7.75 -5.09 12.53
C GLY A 69 -7.89 -5.45 11.06
N THR A 70 -6.77 -5.42 10.34
CA THR A 70 -6.77 -5.74 8.92
C THR A 70 -6.45 -7.21 8.69
N ASP A 71 -6.71 -8.04 9.70
CA ASP A 71 -6.46 -9.47 9.60
C ASP A 71 -7.67 -10.20 9.04
N SER A 72 -8.23 -9.68 7.95
CA SER A 72 -9.39 -10.27 7.32
C SER A 72 -9.02 -10.96 6.01
N PRO A 73 -9.92 -11.83 5.52
CA PRO A 73 -9.70 -12.57 4.28
C PRO A 73 -9.75 -11.68 3.05
N GLU A 74 -10.15 -10.42 3.25
CA GLU A 74 -10.24 -9.46 2.16
C GLU A 74 -8.90 -8.76 1.94
N PHE A 75 -8.19 -8.50 3.02
CA PHE A 75 -6.89 -7.83 2.96
C PHE A 75 -5.75 -8.81 3.24
N TYR A 76 -5.69 -9.28 4.48
CA TYR A 76 -4.65 -10.22 4.90
C TYR A 76 -4.73 -11.51 4.08
N GLY A 77 -5.95 -12.01 3.91
CA GLY A 77 -6.15 -13.24 3.17
C GLY A 77 -5.63 -13.14 1.75
N LYS A 78 -5.94 -12.03 1.08
CA LYS A 78 -5.49 -11.82 -0.30
C LYS A 78 -3.97 -11.76 -0.37
N PHE A 79 -3.35 -11.16 0.65
CA PHE A 79 -1.91 -11.04 0.70
C PHE A 79 -1.24 -12.41 0.64
N LYS A 80 -1.53 -13.24 1.63
CA LYS A 80 -0.96 -14.59 1.69
C LYS A 80 -1.48 -15.45 0.55
N GLU A 81 -2.73 -15.22 0.15
CA GLU A 81 -3.34 -15.98 -0.93
C GLU A 81 -2.43 -15.99 -2.16
N GLY A 82 -2.09 -14.80 -2.65
CA GLY A 82 -1.23 -14.70 -3.82
C GLY A 82 0.13 -15.32 -3.59
N VAL A 83 0.70 -15.09 -2.42
CA VAL A 83 2.01 -15.64 -2.08
C VAL A 83 2.06 -17.14 -2.34
N ALA A 84 0.95 -17.82 -2.10
CA ALA A 84 0.86 -19.25 -2.30
C ALA A 84 1.06 -19.61 -3.77
N SER A 85 0.58 -18.76 -4.67
CA SER A 85 0.71 -18.98 -6.09
C SER A 85 2.03 -18.43 -6.62
N GLY A 86 2.53 -17.39 -5.97
CA GLY A 86 3.78 -16.79 -6.37
C GLY A 86 3.59 -15.57 -7.26
N ASN A 87 2.51 -14.84 -7.01
CA ASN A 87 2.21 -13.64 -7.80
C ASN A 87 1.03 -12.88 -7.19
N LEU A 88 1.27 -12.25 -6.05
CA LEU A 88 0.22 -11.48 -5.37
C LEU A 88 -0.19 -10.28 -6.20
N ASN A 89 -1.27 -10.43 -6.97
CA ASN A 89 -1.77 -9.35 -7.82
C ASN A 89 -3.20 -8.99 -7.44
N THR A 90 -3.35 -7.91 -6.69
CA THR A 90 -4.68 -7.46 -6.27
C THR A 90 -4.81 -5.95 -6.39
N MET A 91 -5.97 -5.49 -6.86
CA MET A 91 -6.22 -4.07 -7.02
C MET A 91 -7.65 -3.73 -6.63
N PHE A 92 -7.79 -3.01 -5.51
CA PHE A 92 -9.11 -2.62 -5.02
C PHE A 92 -9.00 -1.41 -4.08
N GLU A 93 -10.15 -0.91 -3.65
CA GLU A 93 -10.17 0.24 -2.75
C GLU A 93 -10.31 -0.20 -1.29
N TRP A 94 -9.63 0.51 -0.40
CA TRP A 94 -9.68 0.18 1.02
C TRP A 94 -10.02 1.42 1.84
N MET A 95 -10.58 1.19 3.03
CA MET A 95 -10.95 2.30 3.92
C MET A 95 -9.88 2.51 4.99
N ILE A 96 -9.33 3.71 5.04
CA ILE A 96 -8.31 4.05 6.01
C ILE A 96 -8.86 4.98 7.09
N PRO A 97 -9.35 4.40 8.19
CA PRO A 97 -9.91 5.15 9.32
C PRO A 97 -8.84 5.92 10.08
N THR A 98 -9.07 7.22 10.26
CA THR A 98 -8.13 8.06 10.98
C THR A 98 -8.85 9.02 11.92
N SER A 99 -8.10 9.95 12.51
CA SER A 99 -8.67 10.91 13.43
C SER A 99 -9.82 11.68 12.78
N ARG A 100 -9.68 11.93 11.48
CA ARG A 100 -10.71 12.66 10.73
C ARG A 100 -11.84 11.72 10.31
N GLY A 101 -11.58 10.42 10.35
CA GLY A 101 -12.58 9.45 9.98
C GLY A 101 -12.12 8.56 8.83
N PRO A 102 -13.04 7.72 8.32
CA PRO A 102 -12.74 6.80 7.22
C PRO A 102 -12.52 7.53 5.89
N THR A 103 -11.43 7.20 5.21
CA THR A 103 -11.11 7.82 3.93
C THR A 103 -10.85 6.77 2.86
N LYS A 104 -11.68 6.75 1.83
CA LYS A 104 -11.53 5.80 0.74
C LYS A 104 -10.24 6.05 -0.02
N VAL A 105 -9.54 4.96 -0.35
CA VAL A 105 -8.28 5.06 -1.09
C VAL A 105 -8.09 3.87 -2.02
N LYS A 106 -7.06 3.93 -2.86
CA LYS A 106 -6.77 2.85 -3.80
C LYS A 106 -5.59 2.01 -3.32
N VAL A 107 -5.77 0.70 -3.30
CA VAL A 107 -4.71 -0.21 -2.86
C VAL A 107 -4.30 -1.14 -3.99
N HIS A 108 -2.99 -1.26 -4.21
CA HIS A 108 -2.47 -2.13 -5.26
C HIS A 108 -1.26 -2.91 -4.76
N MET A 109 -1.39 -4.24 -4.76
CA MET A 109 -0.31 -5.10 -4.30
C MET A 109 0.19 -5.99 -5.44
N LYS A 110 1.46 -5.81 -5.81
CA LYS A 110 2.06 -6.60 -6.88
C LYS A 110 3.37 -7.23 -6.42
N LYS A 111 3.46 -8.55 -6.55
CA LYS A 111 4.66 -9.27 -6.15
C LYS A 111 5.90 -8.66 -6.79
N ALA A 112 7.00 -8.63 -6.04
CA ALA A 112 8.25 -8.07 -6.54
C ALA A 112 8.80 -8.90 -7.70
N LEU A 113 9.94 -8.47 -8.24
CA LEU A 113 10.56 -9.17 -9.36
C LEU A 113 11.38 -10.36 -8.87
N SER A 114 12.12 -10.15 -7.77
CA SER A 114 12.95 -11.20 -7.21
C SER A 114 12.10 -12.34 -6.67
N GLY A 115 10.85 -12.02 -6.33
CA GLY A 115 9.94 -13.03 -5.80
C GLY A 115 10.00 -13.13 -4.29
N ASP A 116 11.09 -12.62 -3.71
CA ASP A 116 11.26 -12.66 -2.26
C ASP A 116 10.79 -11.35 -1.62
N SER A 117 9.75 -10.76 -2.20
CA SER A 117 9.22 -9.49 -1.69
C SER A 117 7.96 -9.10 -2.45
N TYR A 118 7.16 -8.23 -1.85
CA TYR A 118 5.92 -7.77 -2.47
C TYR A 118 5.80 -6.24 -2.36
N TRP A 119 5.32 -5.62 -3.43
CA TRP A 119 5.14 -4.17 -3.45
C TRP A 119 3.69 -3.80 -3.15
N VAL A 120 3.50 -2.91 -2.17
CA VAL A 120 2.16 -2.47 -1.80
C VAL A 120 2.06 -0.95 -1.82
N PHE A 121 1.39 -0.42 -2.84
CA PHE A 121 1.23 1.02 -2.98
C PHE A 121 -0.17 1.44 -2.53
N VAL A 122 -0.27 2.67 -2.04
CA VAL A 122 -1.55 3.20 -1.57
C VAL A 122 -1.67 4.69 -1.91
N LYS A 123 -2.65 5.03 -2.75
CA LYS A 123 -2.88 6.41 -3.15
C LYS A 123 -4.31 6.84 -2.82
N ARG A 124 -4.48 8.10 -2.42
CA ARG A 124 -5.79 8.62 -2.09
C ARG A 124 -6.64 8.79 -3.35
N VAL A 125 -7.84 8.22 -3.32
CA VAL A 125 -8.75 8.32 -4.46
C VAL A 125 -9.17 9.75 -4.72
N LYS A 126 -9.71 10.00 -5.91
CA LYS A 126 -10.15 11.34 -6.28
C LYS A 126 -11.65 11.50 -6.08
N LEU A 127 -12.10 12.74 -5.91
CA LEU A 127 -13.51 13.03 -5.71
C LEU A 127 -14.11 13.69 -6.95
N ALA A 128 -15.23 13.12 -7.42
CA ALA A 128 -15.90 13.66 -8.59
C ALA A 128 -17.40 13.74 -8.38
N ALA A 129 -18.07 14.60 -9.15
CA ALA A 129 -19.51 14.76 -9.03
C ALA A 129 -20.24 13.46 -9.35
N ALA A 130 -21.57 13.49 -9.20
CA ALA A 130 -22.38 12.31 -9.48
C ALA A 130 -22.03 11.16 -8.53
N LEU A 131 -22.82 10.99 -7.49
CA LEU A 131 -22.58 9.94 -6.51
C LEU A 131 -23.75 8.96 -6.49
N GLU A 132 -23.45 7.70 -6.17
CA GLU A 132 -24.48 6.66 -6.11
C GLU A 132 -25.65 7.10 -5.24
N HIS A 133 -26.82 6.52 -5.50
CA HIS A 133 -28.02 6.86 -4.74
C HIS A 133 -28.66 5.60 -4.15
N HIS A 134 -29.45 5.78 -3.10
CA HIS A 134 -30.12 4.66 -2.44
C HIS A 134 -31.55 4.52 -2.96
N HIS A 135 -32.04 3.28 -2.99
CA HIS A 135 -33.39 3.00 -3.46
C HIS A 135 -33.88 1.65 -2.95
N HIS A 136 -35.13 1.31 -3.26
CA HIS A 136 -35.71 0.04 -2.84
C HIS A 136 -34.81 -1.12 -3.22
N HIS A 137 -34.82 -2.16 -2.38
CA HIS A 137 -34.00 -3.34 -2.63
C HIS A 137 -34.25 -3.89 -4.03
N HIS A 138 -33.18 -3.99 -4.82
CA HIS A 138 -33.28 -4.50 -6.18
C HIS A 138 -32.56 -5.83 -6.32
N MET A 1 16.41 10.95 -15.56
CA MET A 1 15.55 9.78 -15.42
C MET A 1 14.07 10.19 -15.47
N GLU A 2 13.25 9.32 -16.05
CA GLU A 2 11.82 9.59 -16.15
C GLU A 2 11.16 9.55 -14.77
N HIS A 3 9.90 9.98 -14.73
CA HIS A 3 9.15 10.00 -13.47
C HIS A 3 8.46 8.66 -13.23
N VAL A 4 8.05 8.42 -11.99
CA VAL A 4 7.38 7.18 -11.64
C VAL A 4 5.87 7.28 -11.86
N ALA A 5 5.25 6.17 -12.23
CA ALA A 5 3.82 6.14 -12.48
C ALA A 5 3.14 5.05 -11.65
N PHE A 6 2.05 5.41 -10.97
CA PHE A 6 1.32 4.46 -10.14
C PHE A 6 0.65 3.39 -11.00
N GLY A 7 0.90 2.13 -10.67
CA GLY A 7 0.32 1.03 -11.42
C GLY A 7 0.85 0.96 -12.84
N SER A 8 2.10 1.37 -13.03
CA SER A 8 2.72 1.35 -14.35
C SER A 8 3.12 -0.07 -14.74
N GLU A 9 3.36 -0.28 -16.03
CA GLU A 9 3.74 -1.59 -16.53
C GLU A 9 5.11 -1.99 -16.01
N ASP A 10 5.97 -1.00 -15.77
CA ASP A 10 7.31 -1.26 -15.26
C ASP A 10 7.53 -0.53 -13.93
N ILE A 11 6.49 -0.48 -13.12
CA ILE A 11 6.57 0.18 -11.81
C ILE A 11 7.54 -0.54 -10.89
N GLU A 12 7.57 -1.86 -10.98
CA GLU A 12 8.45 -2.67 -10.15
C GLU A 12 9.89 -2.60 -10.67
N ASN A 13 10.03 -2.63 -11.99
CA ASN A 13 11.36 -2.58 -12.61
C ASN A 13 12.06 -1.26 -12.29
N THR A 14 11.28 -0.19 -12.22
CA THR A 14 11.83 1.13 -11.93
C THR A 14 12.20 1.26 -10.45
N LEU A 15 11.25 0.95 -9.58
CA LEU A 15 11.47 1.02 -8.14
C LEU A 15 12.63 0.12 -7.72
N ALA A 16 12.75 -1.03 -8.39
CA ALA A 16 13.82 -1.97 -8.10
C ALA A 16 15.19 -1.31 -8.19
N LYS A 17 15.33 -0.39 -9.13
CA LYS A 17 16.59 0.32 -9.33
C LYS A 17 16.66 1.56 -8.45
N MET A 18 15.49 2.10 -8.10
CA MET A 18 15.41 3.29 -7.27
C MET A 18 15.60 2.93 -5.80
N ASP A 19 16.06 3.89 -5.01
CA ASP A 19 16.29 3.67 -3.58
C ASP A 19 15.17 4.32 -2.76
N ASP A 20 15.38 4.37 -1.44
CA ASP A 20 14.40 4.96 -0.54
C ASP A 20 14.30 6.47 -0.76
N GLY A 21 15.43 7.09 -1.08
CA GLY A 21 15.45 8.52 -1.30
C GLY A 21 14.43 8.96 -2.34
N GLN A 22 14.54 8.40 -3.54
CA GLN A 22 13.61 8.74 -4.62
C GLN A 22 12.20 8.27 -4.29
N LEU A 23 12.10 7.12 -3.63
CA LEU A 23 10.81 6.56 -3.27
C LEU A 23 9.97 7.59 -2.51
N ASP A 24 10.60 8.29 -1.57
CA ASP A 24 9.92 9.30 -0.77
C ASP A 24 9.42 10.43 -1.65
N GLY A 25 10.10 10.65 -2.77
CA GLY A 25 9.72 11.71 -3.69
C GLY A 25 8.39 11.44 -4.36
N LEU A 26 7.99 10.17 -4.40
CA LEU A 26 6.74 9.79 -5.03
C LEU A 26 5.56 10.53 -4.40
N ALA A 27 4.50 10.72 -5.19
CA ALA A 27 3.31 11.42 -4.71
C ALA A 27 2.28 10.44 -4.19
N PHE A 28 2.73 9.25 -3.81
CA PHE A 28 1.84 8.22 -3.29
C PHE A 28 2.52 7.41 -2.19
N GLY A 29 1.81 6.40 -1.68
CA GLY A 29 2.37 5.57 -0.63
C GLY A 29 2.99 4.29 -1.18
N ALA A 30 4.08 3.86 -0.56
CA ALA A 30 4.77 2.65 -0.99
C ALA A 30 5.24 1.83 0.22
N ILE A 31 4.85 0.56 0.25
CA ILE A 31 5.23 -0.32 1.35
C ILE A 31 5.57 -1.72 0.83
N GLN A 32 6.75 -2.20 1.18
CA GLN A 32 7.20 -3.52 0.76
C GLN A 32 7.05 -4.54 1.89
N LEU A 33 6.35 -5.63 1.60
CA LEU A 33 6.13 -6.68 2.60
C LEU A 33 6.77 -7.99 2.15
N ASP A 34 7.07 -8.85 3.12
CA ASP A 34 7.68 -10.15 2.82
C ASP A 34 6.62 -11.23 2.69
N GLY A 35 7.06 -12.47 2.52
CA GLY A 35 6.14 -13.58 2.37
C GLY A 35 5.22 -13.72 3.57
N ASP A 36 5.70 -13.31 4.74
CA ASP A 36 4.92 -13.40 5.96
C ASP A 36 4.10 -12.14 6.17
N GLY A 37 4.49 -11.07 5.49
CA GLY A 37 3.77 -9.80 5.62
C GLY A 37 4.54 -8.78 6.45
N ASN A 38 5.81 -9.09 6.72
CA ASN A 38 6.65 -8.19 7.51
C ASN A 38 7.05 -6.96 6.70
N ILE A 39 6.97 -5.79 7.33
CA ILE A 39 7.33 -4.54 6.66
C ILE A 39 8.82 -4.48 6.37
N LEU A 40 9.17 -4.69 5.11
CA LEU A 40 10.57 -4.65 4.69
C LEU A 40 10.98 -3.24 4.28
N GLN A 41 10.05 -2.50 3.68
CA GLN A 41 10.32 -1.14 3.24
C GLN A 41 9.13 -0.23 3.55
N TYR A 42 9.42 1.06 3.73
CA TYR A 42 8.37 2.03 4.03
C TYR A 42 8.80 3.43 3.60
N ASN A 43 8.18 3.94 2.55
CA ASN A 43 8.49 5.27 2.03
C ASN A 43 7.97 6.35 2.97
N ALA A 44 8.68 7.47 3.03
CA ALA A 44 8.29 8.57 3.89
C ALA A 44 6.90 9.08 3.54
N ALA A 45 6.60 9.13 2.24
CA ALA A 45 5.31 9.59 1.77
C ALA A 45 4.17 8.93 2.55
N GLU A 46 4.11 7.60 2.48
CA GLU A 46 3.07 6.87 3.18
C GLU A 46 3.15 7.14 4.69
N GLY A 47 4.39 7.18 5.18
CA GLY A 47 4.62 7.42 6.59
C GLY A 47 4.03 8.75 7.05
N ASP A 48 4.02 9.73 6.14
CA ASP A 48 3.49 11.05 6.47
C ASP A 48 1.97 11.05 6.46
N ILE A 49 1.40 10.54 5.37
CA ILE A 49 -0.06 10.48 5.24
C ILE A 49 -0.68 9.67 6.36
N THR A 50 -0.20 8.45 6.54
CA THR A 50 -0.72 7.58 7.60
C THR A 50 -0.23 8.03 8.97
N GLY A 51 1.02 8.46 9.04
CA GLY A 51 1.59 8.92 10.29
C GLY A 51 2.38 7.84 10.99
N ARG A 52 3.03 6.98 10.22
CA ARG A 52 3.83 5.89 10.77
C ARG A 52 5.30 6.06 10.40
N ASP A 53 6.18 5.48 11.22
CA ASP A 53 7.61 5.58 10.99
C ASP A 53 8.12 4.35 10.23
N PRO A 54 9.04 4.56 9.29
CA PRO A 54 9.62 3.48 8.49
C PRO A 54 10.53 2.58 9.31
N LYS A 55 11.50 3.19 9.99
CA LYS A 55 12.44 2.43 10.82
C LYS A 55 11.73 1.80 12.01
N GLN A 56 10.49 2.23 12.25
CA GLN A 56 9.71 1.70 13.36
C GLN A 56 8.85 0.52 12.91
N VAL A 57 8.43 0.55 11.66
CA VAL A 57 7.61 -0.52 11.09
C VAL A 57 8.45 -1.71 10.67
N ILE A 58 9.72 -1.44 10.36
CA ILE A 58 10.64 -2.50 9.95
C ILE A 58 10.55 -3.70 10.88
N GLY A 59 10.21 -4.86 10.32
CA GLY A 59 10.10 -6.07 11.10
C GLY A 59 8.67 -6.37 11.50
N LYS A 60 7.86 -5.32 11.65
CA LYS A 60 6.47 -5.48 12.03
C LYS A 60 5.59 -5.76 10.81
N ASN A 61 4.59 -6.62 10.99
CA ASN A 61 3.69 -6.97 9.90
C ASN A 61 2.76 -5.80 9.56
N PHE A 62 2.29 -5.76 8.33
CA PHE A 62 1.40 -4.69 7.88
C PHE A 62 0.06 -4.77 8.62
N PHE A 63 -0.33 -5.98 9.00
CA PHE A 63 -1.59 -6.19 9.71
C PHE A 63 -1.35 -6.29 11.22
N LYS A 64 -0.08 -6.34 11.61
CA LYS A 64 0.28 -6.45 13.02
C LYS A 64 0.11 -5.10 13.72
N ASP A 65 0.79 -4.08 13.22
CA ASP A 65 0.71 -2.75 13.79
C ASP A 65 0.37 -1.71 12.72
N VAL A 66 1.00 -1.85 11.55
CA VAL A 66 0.77 -0.93 10.44
C VAL A 66 -0.72 -0.79 10.15
N ALA A 67 -1.48 -1.84 10.44
CA ALA A 67 -2.92 -1.82 10.21
C ALA A 67 -3.63 -2.81 11.12
N PRO A 68 -3.95 -2.35 12.35
CA PRO A 68 -4.63 -3.18 13.35
C PRO A 68 -6.08 -3.47 12.97
N GLY A 69 -6.42 -4.74 12.84
CA GLY A 69 -7.77 -5.12 12.48
C GLY A 69 -7.91 -5.47 11.02
N THR A 70 -6.79 -5.47 10.31
CA THR A 70 -6.79 -5.80 8.88
C THR A 70 -6.49 -7.27 8.64
N ASP A 71 -6.74 -8.08 9.66
CA ASP A 71 -6.49 -9.52 9.57
C ASP A 71 -7.72 -10.24 9.00
N SER A 72 -8.25 -9.72 7.90
CA SER A 72 -9.42 -10.31 7.27
C SER A 72 -9.05 -11.01 5.96
N PRO A 73 -9.94 -11.88 5.48
CA PRO A 73 -9.73 -12.62 4.23
C PRO A 73 -9.78 -11.72 3.00
N GLU A 74 -10.18 -10.47 3.20
CA GLU A 74 -10.27 -9.51 2.11
C GLU A 74 -8.94 -8.80 1.90
N PHE A 75 -8.22 -8.53 2.98
CA PHE A 75 -6.93 -7.85 2.92
C PHE A 75 -5.80 -8.84 3.19
N TYR A 76 -5.73 -9.32 4.42
CA TYR A 76 -4.69 -10.25 4.83
C TYR A 76 -4.78 -11.55 4.02
N GLY A 77 -6.00 -12.05 3.85
CA GLY A 77 -6.19 -13.28 3.10
C GLY A 77 -5.65 -13.18 1.69
N LYS A 78 -5.95 -12.08 1.00
CA LYS A 78 -5.49 -11.88 -0.36
C LYS A 78 -3.97 -11.82 -0.42
N PHE A 79 -3.37 -11.16 0.58
CA PHE A 79 -1.92 -11.04 0.65
C PHE A 79 -1.24 -12.41 0.61
N LYS A 80 -1.54 -13.23 1.61
CA LYS A 80 -0.97 -14.56 1.70
C LYS A 80 -1.46 -15.44 0.55
N GLU A 81 -2.70 -15.22 0.14
CA GLU A 81 -3.29 -15.99 -0.95
C GLU A 81 -2.37 -16.02 -2.16
N GLY A 82 -2.05 -14.84 -2.69
CA GLY A 82 -1.19 -14.74 -3.85
C GLY A 82 0.19 -15.31 -3.57
N VAL A 83 0.71 -15.07 -2.37
CA VAL A 83 2.02 -15.56 -2.00
C VAL A 83 2.16 -17.05 -2.27
N ALA A 84 1.07 -17.78 -2.10
CA ALA A 84 1.06 -19.22 -2.34
C ALA A 84 1.20 -19.53 -3.83
N SER A 85 0.60 -18.69 -4.66
CA SER A 85 0.64 -18.88 -6.11
C SER A 85 1.98 -18.40 -6.67
N GLY A 86 2.57 -17.40 -6.01
CA GLY A 86 3.84 -16.87 -6.46
C GLY A 86 3.68 -15.63 -7.32
N ASN A 87 2.65 -14.85 -7.05
CA ASN A 87 2.38 -13.63 -7.81
C ASN A 87 1.19 -12.88 -7.23
N LEU A 88 1.37 -12.30 -6.04
CA LEU A 88 0.32 -11.55 -5.38
C LEU A 88 -0.08 -10.33 -6.20
N ASN A 89 -1.13 -10.48 -7.01
CA ASN A 89 -1.61 -9.39 -7.86
C ASN A 89 -3.06 -9.06 -7.54
N THR A 90 -3.27 -8.00 -6.76
CA THR A 90 -4.62 -7.59 -6.38
C THR A 90 -4.77 -6.08 -6.46
N MET A 91 -5.93 -5.62 -6.89
CA MET A 91 -6.20 -4.18 -6.99
C MET A 91 -7.63 -3.86 -6.55
N PHE A 92 -7.74 -3.20 -5.41
CA PHE A 92 -9.05 -2.83 -4.88
C PHE A 92 -8.94 -1.63 -3.94
N GLU A 93 -10.07 -1.03 -3.62
CA GLU A 93 -10.09 0.13 -2.73
C GLU A 93 -10.27 -0.30 -1.27
N TRP A 94 -9.59 0.39 -0.37
CA TRP A 94 -9.67 0.08 1.05
C TRP A 94 -9.99 1.33 1.87
N MET A 95 -10.58 1.12 3.04
CA MET A 95 -10.93 2.23 3.92
C MET A 95 -9.88 2.42 5.02
N ILE A 96 -9.29 3.61 5.06
CA ILE A 96 -8.27 3.92 6.06
C ILE A 96 -8.81 4.88 7.10
N PRO A 97 -9.35 4.32 8.20
CA PRO A 97 -9.90 5.11 9.30
C PRO A 97 -8.83 5.85 10.09
N THR A 98 -9.00 7.15 10.24
CA THR A 98 -8.03 7.98 10.97
C THR A 98 -8.73 8.87 11.98
N SER A 99 -7.98 9.78 12.59
CA SER A 99 -8.52 10.71 13.58
C SER A 99 -9.46 11.71 12.91
N ARG A 100 -9.12 12.10 11.69
CA ARG A 100 -9.93 13.06 10.94
C ARG A 100 -11.18 12.39 10.36
N GLY A 101 -11.15 11.06 10.31
CA GLY A 101 -12.28 10.32 9.78
C GLY A 101 -11.88 9.34 8.70
N PRO A 102 -12.79 8.41 8.37
CA PRO A 102 -12.54 7.38 7.34
C PRO A 102 -12.46 7.97 5.95
N THR A 103 -11.54 7.45 5.14
CA THR A 103 -11.37 7.92 3.77
C THR A 103 -11.04 6.78 2.82
N LYS A 104 -11.70 6.75 1.67
CA LYS A 104 -11.47 5.70 0.69
C LYS A 104 -10.16 5.92 -0.05
N VAL A 105 -9.45 4.83 -0.32
CA VAL A 105 -8.17 4.90 -1.01
C VAL A 105 -7.98 3.70 -1.93
N LYS A 106 -7.06 3.82 -2.89
CA LYS A 106 -6.78 2.75 -3.83
C LYS A 106 -5.61 1.89 -3.34
N VAL A 107 -5.83 0.59 -3.26
CA VAL A 107 -4.79 -0.34 -2.82
C VAL A 107 -4.34 -1.24 -3.96
N HIS A 108 -3.03 -1.32 -4.17
CA HIS A 108 -2.46 -2.15 -5.22
C HIS A 108 -1.27 -2.94 -4.71
N MET A 109 -1.38 -4.26 -4.74
CA MET A 109 -0.29 -5.13 -4.27
C MET A 109 0.22 -6.01 -5.41
N LYS A 110 1.49 -5.83 -5.75
CA LYS A 110 2.11 -6.61 -6.82
C LYS A 110 3.42 -7.24 -6.34
N LYS A 111 3.52 -8.56 -6.50
CA LYS A 111 4.71 -9.29 -6.09
C LYS A 111 5.96 -8.70 -6.74
N ALA A 112 7.04 -8.63 -5.98
CA ALA A 112 8.30 -8.08 -6.48
C ALA A 112 8.82 -8.90 -7.66
N LEU A 113 9.91 -8.45 -8.25
CA LEU A 113 10.50 -9.14 -9.39
C LEU A 113 11.37 -10.30 -8.94
N SER A 114 12.05 -10.12 -7.80
CA SER A 114 12.91 -11.16 -7.26
C SER A 114 12.08 -12.31 -6.70
N GLY A 115 10.85 -12.02 -6.33
CA GLY A 115 9.98 -13.04 -5.78
C GLY A 115 10.09 -13.14 -4.26
N ASP A 116 11.17 -12.61 -3.71
CA ASP A 116 11.38 -12.64 -2.28
C ASP A 116 10.91 -11.34 -1.62
N SER A 117 9.81 -10.79 -2.15
CA SER A 117 9.25 -9.55 -1.63
C SER A 117 8.00 -9.15 -2.39
N TYR A 118 7.18 -8.30 -1.78
CA TYR A 118 5.95 -7.84 -2.40
C TYR A 118 5.80 -6.33 -2.28
N TRP A 119 5.32 -5.70 -3.33
CA TRP A 119 5.12 -4.25 -3.34
C TRP A 119 3.68 -3.89 -3.05
N VAL A 120 3.48 -2.87 -2.21
CA VAL A 120 2.13 -2.44 -1.85
C VAL A 120 2.03 -0.91 -1.90
N PHE A 121 1.36 -0.41 -2.94
CA PHE A 121 1.19 1.03 -3.11
C PHE A 121 -0.21 1.46 -2.70
N VAL A 122 -0.34 2.70 -2.25
CA VAL A 122 -1.63 3.24 -1.83
C VAL A 122 -1.84 4.65 -2.35
N LYS A 123 -2.85 4.82 -3.20
CA LYS A 123 -3.16 6.11 -3.79
C LYS A 123 -4.48 6.65 -3.24
N ARG A 124 -4.41 7.78 -2.54
CA ARG A 124 -5.60 8.40 -1.96
C ARG A 124 -6.61 8.75 -3.05
N VAL A 125 -7.83 8.24 -2.90
CA VAL A 125 -8.89 8.50 -3.87
C VAL A 125 -9.30 9.98 -3.86
N LYS A 126 -9.62 10.50 -5.03
CA LYS A 126 -10.03 11.89 -5.17
C LYS A 126 -11.21 12.20 -4.26
N LEU A 127 -11.38 13.48 -3.93
CA LEU A 127 -12.48 13.90 -3.06
C LEU A 127 -13.82 13.63 -3.72
N ALA A 128 -14.85 13.44 -2.90
CA ALA A 128 -16.20 13.16 -3.39
C ALA A 128 -17.19 13.02 -2.25
N ALA A 129 -18.47 13.16 -2.57
CA ALA A 129 -19.53 13.04 -1.57
C ALA A 129 -19.52 11.67 -0.92
N ALA A 130 -20.39 11.47 0.06
CA ALA A 130 -20.49 10.20 0.77
C ALA A 130 -21.61 10.23 1.81
N LEU A 131 -22.23 9.08 2.03
CA LEU A 131 -23.33 8.98 2.99
C LEU A 131 -23.18 7.71 3.83
N GLU A 132 -23.28 7.86 5.15
CA GLU A 132 -23.17 6.73 6.05
C GLU A 132 -24.44 6.58 6.90
N HIS A 133 -24.42 5.62 7.82
CA HIS A 133 -25.57 5.37 8.69
C HIS A 133 -25.19 5.60 10.15
N HIS A 134 -26.17 5.48 11.03
CA HIS A 134 -25.96 5.67 12.46
C HIS A 134 -27.00 4.92 13.28
N HIS A 135 -26.58 4.41 14.43
CA HIS A 135 -27.48 3.67 15.31
C HIS A 135 -27.06 3.82 16.77
N HIS A 136 -27.84 3.22 17.67
CA HIS A 136 -27.55 3.28 19.09
C HIS A 136 -28.15 2.07 19.82
N HIS A 137 -27.53 1.71 20.94
CA HIS A 137 -28.01 0.58 21.74
C HIS A 137 -29.14 1.00 22.67
N HIS A 138 -29.86 0.03 23.20
CA HIS A 138 -30.97 0.30 24.11
C HIS A 138 -30.45 0.51 25.53
N MET A 1 16.22 7.94 -12.05
CA MET A 1 16.36 9.14 -12.87
C MET A 1 15.02 9.53 -13.49
N GLU A 2 14.34 8.55 -14.08
CA GLU A 2 13.04 8.79 -14.71
C GLU A 2 11.94 8.89 -13.66
N HIS A 3 10.75 9.27 -14.11
CA HIS A 3 9.61 9.41 -13.21
C HIS A 3 8.93 8.06 -12.98
N VAL A 4 8.24 7.95 -11.86
CA VAL A 4 7.55 6.70 -11.52
C VAL A 4 6.05 6.81 -11.81
N ALA A 5 5.43 5.68 -12.14
CA ALA A 5 4.01 5.65 -12.44
C ALA A 5 3.30 4.59 -11.60
N PHE A 6 2.23 5.00 -10.92
CA PHE A 6 1.46 4.09 -10.08
C PHE A 6 0.85 2.97 -10.91
N GLY A 7 1.06 1.73 -10.48
CA GLY A 7 0.52 0.59 -11.20
C GLY A 7 1.11 0.45 -12.59
N SER A 8 2.36 0.86 -12.74
CA SER A 8 3.04 0.78 -14.03
C SER A 8 3.39 -0.67 -14.37
N GLU A 9 3.66 -0.93 -15.64
CA GLU A 9 4.02 -2.27 -16.09
C GLU A 9 5.38 -2.68 -15.56
N ASP A 10 6.26 -1.70 -15.38
CA ASP A 10 7.60 -1.96 -14.88
C ASP A 10 7.86 -1.19 -13.59
N ILE A 11 6.84 -1.12 -12.74
CA ILE A 11 6.96 -0.41 -11.47
C ILE A 11 8.10 -0.97 -10.62
N GLU A 12 8.29 -2.28 -10.70
CA GLU A 12 9.34 -2.95 -9.94
C GLU A 12 10.70 -2.74 -10.61
N ASN A 13 10.76 -2.97 -11.91
CA ASN A 13 12.00 -2.81 -12.67
C ASN A 13 12.61 -1.44 -12.41
N THR A 14 11.75 -0.44 -12.19
CA THR A 14 12.21 0.92 -11.94
C THR A 14 12.65 1.09 -10.49
N LEU A 15 11.73 0.85 -9.56
CA LEU A 15 12.03 0.98 -8.14
C LEU A 15 13.26 0.17 -7.77
N ALA A 16 13.44 -0.98 -8.42
CA ALA A 16 14.59 -1.83 -8.16
C ALA A 16 15.90 -1.08 -8.38
N LYS A 17 15.91 -0.22 -9.38
CA LYS A 17 17.10 0.57 -9.70
C LYS A 17 17.19 1.80 -8.81
N MET A 18 16.04 2.27 -8.33
CA MET A 18 16.00 3.44 -7.46
C MET A 18 16.22 3.05 -6.01
N ASP A 19 16.64 4.01 -5.20
CA ASP A 19 16.89 3.77 -3.78
C ASP A 19 15.75 4.33 -2.93
N ASP A 20 15.85 4.13 -1.61
CA ASP A 20 14.84 4.61 -0.69
C ASP A 20 14.61 6.11 -0.86
N GLY A 21 15.68 6.83 -1.17
CA GLY A 21 15.58 8.26 -1.37
C GLY A 21 14.53 8.64 -2.40
N GLN A 22 14.63 8.06 -3.58
CA GLN A 22 13.68 8.33 -4.66
C GLN A 22 12.28 7.84 -4.28
N LEU A 23 12.22 6.67 -3.66
CA LEU A 23 10.95 6.10 -3.25
C LEU A 23 10.12 7.10 -2.45
N ASP A 24 10.76 7.75 -1.49
CA ASP A 24 10.09 8.74 -0.65
C ASP A 24 9.65 9.94 -1.48
N GLY A 25 10.38 10.21 -2.57
CA GLY A 25 10.05 11.33 -3.42
C GLY A 25 8.74 11.12 -4.16
N LEU A 26 8.29 9.88 -4.23
CA LEU A 26 7.03 9.56 -4.92
C LEU A 26 5.87 10.36 -4.33
N ALA A 27 4.85 10.59 -5.16
CA ALA A 27 3.68 11.34 -4.72
C ALA A 27 2.58 10.41 -4.21
N PHE A 28 2.98 9.20 -3.82
CA PHE A 28 2.03 8.22 -3.33
C PHE A 28 2.64 7.37 -2.21
N GLY A 29 1.89 6.39 -1.73
CA GLY A 29 2.38 5.54 -0.67
C GLY A 29 3.00 4.25 -1.19
N ALA A 30 4.08 3.82 -0.55
CA ALA A 30 4.77 2.59 -0.96
C ALA A 30 5.22 1.78 0.25
N ILE A 31 4.84 0.51 0.28
CA ILE A 31 5.20 -0.37 1.39
C ILE A 31 5.55 -1.76 0.89
N GLN A 32 6.78 -2.20 1.17
CA GLN A 32 7.25 -3.50 0.75
C GLN A 32 7.09 -4.52 1.88
N LEU A 33 6.37 -5.60 1.59
CA LEU A 33 6.13 -6.66 2.58
C LEU A 33 6.78 -7.97 2.13
N ASP A 34 7.06 -8.83 3.09
CA ASP A 34 7.67 -10.12 2.81
C ASP A 34 6.61 -11.21 2.68
N GLY A 35 7.06 -12.46 2.49
CA GLY A 35 6.14 -13.56 2.36
C GLY A 35 5.23 -13.72 3.57
N ASP A 36 5.74 -13.32 4.73
CA ASP A 36 4.97 -13.42 5.97
C ASP A 36 4.14 -12.16 6.19
N GLY A 37 4.51 -11.09 5.51
CA GLY A 37 3.78 -9.83 5.65
C GLY A 37 4.54 -8.81 6.48
N ASN A 38 5.82 -9.08 6.72
CA ASN A 38 6.66 -8.18 7.50
C ASN A 38 7.05 -6.95 6.69
N ILE A 39 6.99 -5.79 7.32
CA ILE A 39 7.35 -4.53 6.65
C ILE A 39 8.84 -4.46 6.37
N LEU A 40 9.20 -4.67 5.10
CA LEU A 40 10.60 -4.63 4.70
C LEU A 40 11.01 -3.21 4.31
N GLN A 41 10.10 -2.50 3.67
CA GLN A 41 10.38 -1.12 3.24
C GLN A 41 9.17 -0.22 3.53
N TYR A 42 9.45 1.06 3.71
CA TYR A 42 8.39 2.03 4.00
C TYR A 42 8.81 3.43 3.57
N ASN A 43 8.16 3.94 2.52
CA ASN A 43 8.46 5.27 2.01
C ASN A 43 7.95 6.36 2.95
N ALA A 44 8.67 7.47 3.03
CA ALA A 44 8.28 8.58 3.89
C ALA A 44 6.89 9.09 3.53
N ALA A 45 6.60 9.16 2.24
CA ALA A 45 5.31 9.64 1.78
C ALA A 45 4.17 8.97 2.55
N GLU A 46 4.10 7.66 2.47
CA GLU A 46 3.06 6.92 3.18
C GLU A 46 3.15 7.18 4.69
N GLY A 47 4.38 7.21 5.18
CA GLY A 47 4.61 7.45 6.60
C GLY A 47 4.04 8.78 7.05
N ASP A 48 4.03 9.76 6.16
CA ASP A 48 3.51 11.09 6.48
C ASP A 48 1.99 11.08 6.48
N ILE A 49 1.40 10.56 5.40
CA ILE A 49 -0.05 10.50 5.28
C ILE A 49 -0.67 9.70 6.41
N THR A 50 -0.19 8.47 6.59
CA THR A 50 -0.68 7.59 7.65
C THR A 50 -0.19 8.04 9.02
N GLY A 51 1.06 8.49 9.07
CA GLY A 51 1.63 8.94 10.32
C GLY A 51 2.43 7.86 11.02
N ARG A 52 3.08 7.00 10.23
CA ARG A 52 3.89 5.92 10.77
C ARG A 52 5.35 6.08 10.37
N ASP A 53 6.25 5.53 11.19
CA ASP A 53 7.68 5.61 10.93
C ASP A 53 8.16 4.38 10.19
N PRO A 54 9.08 4.58 9.22
CA PRO A 54 9.65 3.49 8.43
C PRO A 54 10.56 2.59 9.25
N LYS A 55 11.54 3.18 9.92
CA LYS A 55 12.47 2.43 10.75
C LYS A 55 11.77 1.81 11.94
N GLN A 56 10.54 2.24 12.19
CA GLN A 56 9.76 1.72 13.31
C GLN A 56 8.90 0.54 12.87
N VAL A 57 8.46 0.56 11.61
CA VAL A 57 7.64 -0.49 11.07
C VAL A 57 8.48 -1.69 10.64
N ILE A 58 9.75 -1.43 10.32
CA ILE A 58 10.66 -2.48 9.91
C ILE A 58 10.59 -3.68 10.84
N GLY A 59 10.24 -4.84 10.30
CA GLY A 59 10.14 -6.04 11.10
C GLY A 59 8.72 -6.35 11.51
N LYS A 60 7.91 -5.31 11.65
CA LYS A 60 6.51 -5.47 12.05
C LYS A 60 5.63 -5.75 10.83
N ASN A 61 4.63 -6.60 11.02
CA ASN A 61 3.71 -6.96 9.94
C ASN A 61 2.79 -5.80 9.61
N PHE A 62 2.31 -5.77 8.36
CA PHE A 62 1.42 -4.71 7.91
C PHE A 62 0.08 -4.79 8.64
N PHE A 63 -0.31 -5.98 9.02
CA PHE A 63 -1.58 -6.19 9.73
C PHE A 63 -1.35 -6.30 11.23
N LYS A 64 -0.08 -6.38 11.63
CA LYS A 64 0.28 -6.48 13.04
C LYS A 64 0.10 -5.14 13.75
N ASP A 65 0.79 -4.11 13.25
CA ASP A 65 0.71 -2.79 13.83
C ASP A 65 0.39 -1.74 12.77
N VAL A 66 1.01 -1.88 11.60
CA VAL A 66 0.79 -0.95 10.50
C VAL A 66 -0.69 -0.80 10.19
N ALA A 67 -1.46 -1.85 10.48
CA ALA A 67 -2.90 -1.83 10.24
C ALA A 67 -3.61 -2.82 11.16
N PRO A 68 -3.93 -2.36 12.38
CA PRO A 68 -4.63 -3.18 13.37
C PRO A 68 -6.08 -3.46 12.99
N GLY A 69 -6.42 -4.74 12.85
CA GLY A 69 -7.77 -5.12 12.48
C GLY A 69 -7.90 -5.45 11.01
N THR A 70 -6.78 -5.44 10.30
CA THR A 70 -6.77 -5.76 8.88
C THR A 70 -6.47 -7.23 8.64
N ASP A 71 -6.73 -8.06 9.65
CA ASP A 71 -6.47 -9.49 9.55
C ASP A 71 -7.69 -10.22 8.98
N SER A 72 -8.24 -9.68 7.90
CA SER A 72 -9.41 -10.29 7.27
C SER A 72 -9.04 -10.98 5.96
N PRO A 73 -9.93 -11.85 5.48
CA PRO A 73 -9.72 -12.59 4.23
C PRO A 73 -9.78 -11.70 3.01
N GLU A 74 -10.16 -10.43 3.21
CA GLU A 74 -10.26 -9.48 2.11
C GLU A 74 -8.92 -8.77 1.89
N PHE A 75 -8.21 -8.50 2.98
CA PHE A 75 -6.92 -7.84 2.90
C PHE A 75 -5.79 -8.81 3.18
N TYR A 76 -5.71 -9.29 4.43
CA TYR A 76 -4.67 -10.22 4.82
C TYR A 76 -4.76 -11.52 4.01
N GLY A 77 -5.98 -12.03 3.86
CA GLY A 77 -6.19 -13.25 3.11
C GLY A 77 -5.64 -13.16 1.69
N LYS A 78 -5.94 -12.06 1.01
CA LYS A 78 -5.48 -11.86 -0.36
C LYS A 78 -3.96 -11.81 -0.41
N PHE A 79 -3.36 -11.15 0.57
CA PHE A 79 -1.91 -11.02 0.65
C PHE A 79 -1.24 -12.40 0.60
N LYS A 80 -1.53 -13.21 1.61
CA LYS A 80 -0.96 -14.56 1.69
C LYS A 80 -1.47 -15.43 0.55
N GLU A 81 -2.71 -15.20 0.13
CA GLU A 81 -3.30 -15.97 -0.95
C GLU A 81 -2.39 -16.00 -2.17
N GLY A 82 -2.05 -14.82 -2.68
CA GLY A 82 -1.18 -14.72 -3.84
C GLY A 82 0.20 -15.29 -3.57
N VAL A 83 0.71 -15.03 -2.37
CA VAL A 83 2.04 -15.51 -1.99
C VAL A 83 2.18 -17.01 -2.26
N ALA A 84 1.09 -17.74 -2.08
CA ALA A 84 1.09 -19.18 -2.31
C ALA A 84 1.19 -19.51 -3.79
N SER A 85 0.56 -18.67 -4.61
CA SER A 85 0.57 -18.86 -6.06
C SER A 85 1.91 -18.42 -6.66
N GLY A 86 2.52 -17.43 -6.02
CA GLY A 86 3.80 -16.92 -6.51
C GLY A 86 3.64 -15.68 -7.37
N ASN A 87 2.63 -14.88 -7.07
CA ASN A 87 2.37 -13.66 -7.83
C ASN A 87 1.18 -12.91 -7.25
N LEU A 88 1.37 -12.31 -6.08
CA LEU A 88 0.31 -11.56 -5.42
C LEU A 88 -0.11 -10.36 -6.27
N ASN A 89 -1.16 -10.53 -7.06
CA ASN A 89 -1.66 -9.46 -7.91
C ASN A 89 -3.11 -9.13 -7.58
N THR A 90 -3.31 -8.06 -6.83
CA THR A 90 -4.65 -7.64 -6.45
C THR A 90 -4.80 -6.12 -6.53
N MET A 91 -5.98 -5.67 -6.98
CA MET A 91 -6.25 -4.25 -7.11
C MET A 91 -7.67 -3.92 -6.67
N PHE A 92 -7.78 -3.23 -5.53
CA PHE A 92 -9.09 -2.86 -5.00
C PHE A 92 -8.97 -1.65 -4.07
N GLU A 93 -10.11 -1.10 -3.67
CA GLU A 93 -10.13 0.05 -2.79
C GLU A 93 -10.26 -0.38 -1.32
N TRP A 94 -9.67 0.42 -0.43
CA TRP A 94 -9.70 0.13 0.99
C TRP A 94 -10.03 1.38 1.81
N MET A 95 -10.57 1.18 3.00
CA MET A 95 -10.93 2.29 3.87
C MET A 95 -9.90 2.46 4.98
N ILE A 96 -9.30 3.64 5.06
CA ILE A 96 -8.29 3.92 6.07
C ILE A 96 -8.85 4.87 7.14
N PRO A 97 -9.39 4.30 8.22
CA PRO A 97 -9.96 5.06 9.32
C PRO A 97 -8.89 5.79 10.14
N THR A 98 -9.07 7.09 10.32
CA THR A 98 -8.12 7.90 11.07
C THR A 98 -8.84 8.78 12.09
N SER A 99 -8.09 9.68 12.72
CA SER A 99 -8.65 10.58 13.71
C SER A 99 -9.58 11.60 13.06
N ARG A 100 -9.24 12.02 11.85
CA ARG A 100 -10.04 12.99 11.13
C ARG A 100 -11.27 12.32 10.50
N GLY A 101 -11.23 11.00 10.42
CA GLY A 101 -12.34 10.27 9.85
C GLY A 101 -11.90 9.30 8.76
N PRO A 102 -12.81 8.39 8.38
CA PRO A 102 -12.54 7.38 7.34
C PRO A 102 -12.41 8.00 5.96
N THR A 103 -11.49 7.47 5.15
CA THR A 103 -11.28 7.98 3.80
C THR A 103 -10.96 6.84 2.84
N LYS A 104 -11.68 6.80 1.73
CA LYS A 104 -11.48 5.76 0.72
C LYS A 104 -10.16 5.99 -0.03
N VAL A 105 -9.48 4.89 -0.34
CA VAL A 105 -8.21 4.96 -1.06
C VAL A 105 -8.01 3.73 -1.94
N LYS A 106 -7.13 3.86 -2.93
CA LYS A 106 -6.84 2.76 -3.84
C LYS A 106 -5.68 1.91 -3.33
N VAL A 107 -5.86 0.60 -3.36
CA VAL A 107 -4.81 -0.32 -2.89
C VAL A 107 -4.38 -1.26 -4.01
N HIS A 108 -3.08 -1.32 -4.25
CA HIS A 108 -2.52 -2.18 -5.29
C HIS A 108 -1.31 -2.96 -4.77
N MET A 109 -1.42 -4.28 -4.78
CA MET A 109 -0.33 -5.14 -4.31
C MET A 109 0.18 -6.02 -5.44
N LYS A 110 1.45 -5.83 -5.81
CA LYS A 110 2.06 -6.61 -6.87
C LYS A 110 3.39 -7.23 -6.40
N LYS A 111 3.50 -8.54 -6.57
CA LYS A 111 4.70 -9.26 -6.16
C LYS A 111 5.95 -8.60 -6.74
N ALA A 112 7.06 -8.69 -6.01
CA ALA A 112 8.32 -8.10 -6.45
C ALA A 112 8.91 -8.89 -7.62
N LEU A 113 10.06 -8.44 -8.11
CA LEU A 113 10.73 -9.09 -9.22
C LEU A 113 11.53 -10.31 -8.74
N SER A 114 12.25 -10.14 -7.64
CA SER A 114 13.05 -11.22 -7.08
C SER A 114 12.17 -12.36 -6.60
N GLY A 115 10.92 -12.04 -6.29
CA GLY A 115 9.99 -13.06 -5.82
C GLY A 115 9.99 -13.19 -4.31
N ASP A 116 11.05 -12.70 -3.68
CA ASP A 116 11.18 -12.78 -2.22
C ASP A 116 10.72 -11.47 -1.58
N SER A 117 9.71 -10.85 -2.17
CA SER A 117 9.18 -9.59 -1.65
C SER A 117 7.93 -9.18 -2.41
N TYR A 118 7.14 -8.30 -1.80
CA TYR A 118 5.90 -7.82 -2.41
C TYR A 118 5.75 -6.32 -2.24
N TRP A 119 5.26 -5.66 -3.28
CA TRP A 119 5.07 -4.22 -3.26
C TRP A 119 3.62 -3.86 -2.94
N VAL A 120 3.43 -2.83 -2.14
CA VAL A 120 2.10 -2.39 -1.74
C VAL A 120 1.97 -0.87 -1.84
N PHE A 121 1.29 -0.41 -2.88
CA PHE A 121 1.10 1.03 -3.09
C PHE A 121 -0.30 1.46 -2.62
N VAL A 122 -0.41 2.72 -2.22
CA VAL A 122 -1.69 3.26 -1.76
C VAL A 122 -1.86 4.71 -2.20
N LYS A 123 -2.88 4.95 -3.03
CA LYS A 123 -3.16 6.29 -3.52
C LYS A 123 -4.56 6.74 -3.12
N ARG A 124 -4.63 7.89 -2.45
CA ARG A 124 -5.91 8.42 -2.00
C ARG A 124 -6.83 8.71 -3.19
N VAL A 125 -8.05 8.19 -3.11
CA VAL A 125 -9.03 8.38 -4.19
C VAL A 125 -9.17 9.85 -4.54
N LYS A 126 -9.87 10.14 -5.63
CA LYS A 126 -10.07 11.51 -6.08
C LYS A 126 -10.88 12.30 -5.06
N LEU A 127 -10.75 13.62 -5.09
CA LEU A 127 -11.45 14.49 -4.16
C LEU A 127 -12.56 15.26 -4.88
N ALA A 128 -13.37 14.54 -5.65
CA ALA A 128 -14.47 15.16 -6.38
C ALA A 128 -15.79 14.49 -6.03
N ALA A 129 -16.67 15.24 -5.36
CA ALA A 129 -17.97 14.71 -4.98
C ALA A 129 -18.79 15.78 -4.25
N ALA A 130 -20.10 15.54 -4.15
CA ALA A 130 -20.99 16.48 -3.48
C ALA A 130 -22.41 15.93 -3.40
N LEU A 131 -22.93 15.83 -2.18
CA LEU A 131 -24.29 15.32 -1.97
C LEU A 131 -25.16 16.35 -1.27
N GLU A 132 -26.41 16.45 -1.70
CA GLU A 132 -27.35 17.40 -1.12
C GLU A 132 -28.45 16.67 -0.34
N HIS A 133 -28.07 15.61 0.37
CA HIS A 133 -29.02 14.83 1.15
C HIS A 133 -28.63 14.83 2.62
N HIS A 134 -29.61 15.03 3.49
CA HIS A 134 -29.38 15.05 4.94
C HIS A 134 -30.68 14.84 5.70
N HIS A 135 -30.60 14.92 7.02
CA HIS A 135 -31.77 14.75 7.88
C HIS A 135 -32.33 16.10 8.32
N HIS A 136 -33.60 16.10 8.72
CA HIS A 136 -34.25 17.32 9.16
C HIS A 136 -34.10 17.50 10.67
N HIS A 137 -33.17 18.37 11.06
CA HIS A 137 -32.93 18.63 12.47
C HIS A 137 -34.18 19.15 13.16
N HIS A 138 -34.42 18.68 14.38
CA HIS A 138 -35.60 19.09 15.15
C HIS A 138 -35.49 20.55 15.57
N MET A 1 16.86 10.10 -14.05
CA MET A 1 15.93 8.98 -14.12
C MET A 1 14.54 9.47 -14.52
N GLU A 2 13.67 8.52 -14.89
CA GLU A 2 12.31 8.85 -15.29
C GLU A 2 11.38 8.90 -14.08
N HIS A 3 10.23 9.54 -14.24
CA HIS A 3 9.25 9.67 -13.17
C HIS A 3 8.54 8.34 -12.93
N VAL A 4 7.96 8.19 -11.74
CA VAL A 4 7.25 6.96 -11.39
C VAL A 4 5.75 7.11 -11.64
N ALA A 5 5.11 6.01 -12.03
CA ALA A 5 3.68 6.01 -12.30
C ALA A 5 2.97 4.94 -11.50
N PHE A 6 1.94 5.34 -10.76
CA PHE A 6 1.17 4.41 -9.94
C PHE A 6 0.53 3.33 -10.80
N GLY A 7 0.88 2.07 -10.53
CA GLY A 7 0.33 0.97 -11.29
C GLY A 7 0.91 0.88 -12.69
N SER A 8 2.15 1.30 -12.84
CA SER A 8 2.82 1.27 -14.13
C SER A 8 3.19 -0.15 -14.53
N GLU A 9 3.46 -0.36 -15.82
CA GLU A 9 3.82 -1.68 -16.32
C GLU A 9 5.19 -2.09 -15.79
N ASP A 10 6.06 -1.12 -15.56
CA ASP A 10 7.39 -1.39 -15.06
C ASP A 10 7.63 -0.67 -13.73
N ILE A 11 6.59 -0.59 -12.92
CA ILE A 11 6.68 0.06 -11.62
C ILE A 11 7.70 -0.63 -10.72
N GLU A 12 7.74 -1.95 -10.80
CA GLU A 12 8.68 -2.73 -9.99
C GLU A 12 10.09 -2.64 -10.55
N ASN A 13 10.19 -2.67 -11.88
CA ASN A 13 11.49 -2.58 -12.55
C ASN A 13 12.20 -1.28 -12.21
N THR A 14 11.42 -0.21 -12.09
CA THR A 14 11.98 1.11 -11.77
C THR A 14 12.37 1.19 -10.29
N LEU A 15 11.43 0.87 -9.42
CA LEU A 15 11.68 0.91 -7.98
C LEU A 15 12.81 -0.03 -7.60
N ALA A 16 12.89 -1.17 -8.28
CA ALA A 16 13.93 -2.15 -8.01
C ALA A 16 15.31 -1.51 -8.06
N LYS A 17 15.47 -0.55 -8.96
CA LYS A 17 16.76 0.15 -9.12
C LYS A 17 16.82 1.36 -8.21
N MET A 18 15.66 1.92 -7.88
CA MET A 18 15.59 3.09 -7.02
C MET A 18 15.65 2.69 -5.55
N ASP A 19 16.15 3.59 -4.72
CA ASP A 19 16.27 3.34 -3.28
C ASP A 19 15.17 4.07 -2.51
N ASP A 20 15.30 4.07 -1.19
CA ASP A 20 14.32 4.73 -0.33
C ASP A 20 14.34 6.24 -0.56
N GLY A 21 15.52 6.78 -0.85
CA GLY A 21 15.64 8.21 -1.09
C GLY A 21 14.64 8.71 -2.11
N GLN A 22 14.52 8.01 -3.23
CA GLN A 22 13.59 8.40 -4.28
C GLN A 22 12.18 7.94 -3.95
N LEU A 23 12.07 6.78 -3.31
CA LEU A 23 10.76 6.23 -2.94
C LEU A 23 9.94 7.26 -2.17
N ASP A 24 10.57 7.92 -1.21
CA ASP A 24 9.89 8.93 -0.40
C ASP A 24 9.48 10.12 -1.26
N GLY A 25 10.22 10.35 -2.34
CA GLY A 25 9.92 11.45 -3.23
C GLY A 25 8.61 11.26 -3.97
N LEU A 26 8.17 10.01 -4.07
CA LEU A 26 6.93 9.68 -4.77
C LEU A 26 5.76 10.45 -4.17
N ALA A 27 4.73 10.69 -4.99
CA ALA A 27 3.55 11.42 -4.55
C ALA A 27 2.46 10.46 -4.08
N PHE A 28 2.87 9.25 -3.70
CA PHE A 28 1.93 8.23 -3.23
C PHE A 28 2.55 7.39 -2.12
N GLY A 29 1.80 6.39 -1.66
CA GLY A 29 2.28 5.53 -0.60
C GLY A 29 2.92 4.26 -1.13
N ALA A 30 4.04 3.87 -0.54
CA ALA A 30 4.75 2.66 -0.96
C ALA A 30 5.20 1.84 0.24
N ILE A 31 4.83 0.57 0.26
CA ILE A 31 5.19 -0.32 1.36
C ILE A 31 5.56 -1.71 0.84
N GLN A 32 6.77 -2.15 1.17
CA GLN A 32 7.23 -3.47 0.74
C GLN A 32 7.07 -4.49 1.86
N LEU A 33 6.32 -5.55 1.57
CA LEU A 33 6.08 -6.61 2.54
C LEU A 33 6.75 -7.92 2.11
N ASP A 34 7.03 -8.78 3.07
CA ASP A 34 7.66 -10.07 2.79
C ASP A 34 6.61 -11.17 2.66
N GLY A 35 7.08 -12.40 2.47
CA GLY A 35 6.17 -13.52 2.34
C GLY A 35 5.27 -13.69 3.55
N ASP A 36 5.76 -13.28 4.71
CA ASP A 36 4.99 -13.38 5.94
C ASP A 36 4.16 -12.13 6.18
N GLY A 37 4.52 -11.05 5.50
CA GLY A 37 3.78 -9.81 5.64
C GLY A 37 4.55 -8.78 6.47
N ASN A 38 5.83 -9.05 6.70
CA ASN A 38 6.67 -8.14 7.49
C ASN A 38 7.04 -6.90 6.67
N ILE A 39 7.00 -5.75 7.31
CA ILE A 39 7.33 -4.49 6.65
C ILE A 39 8.82 -4.41 6.34
N LEU A 40 9.17 -4.64 5.09
CA LEU A 40 10.56 -4.59 4.67
C LEU A 40 10.97 -3.17 4.29
N GLN A 41 10.06 -2.44 3.66
CA GLN A 41 10.32 -1.07 3.25
C GLN A 41 9.12 -0.17 3.55
N TYR A 42 9.39 1.11 3.74
CA TYR A 42 8.33 2.07 4.03
C TYR A 42 8.74 3.48 3.62
N ASN A 43 8.07 4.01 2.59
CA ASN A 43 8.37 5.34 2.09
C ASN A 43 7.86 6.41 3.06
N ALA A 44 8.54 7.56 3.06
CA ALA A 44 8.16 8.66 3.94
C ALA A 44 6.76 9.17 3.61
N ALA A 45 6.44 9.23 2.32
CA ALA A 45 5.14 9.70 1.87
C ALA A 45 4.02 9.03 2.66
N GLU A 46 3.96 7.71 2.58
CA GLU A 46 2.93 6.96 3.29
C GLU A 46 3.05 7.20 4.80
N GLY A 47 4.29 7.18 5.28
CA GLY A 47 4.55 7.38 6.69
C GLY A 47 4.00 8.71 7.19
N ASP A 48 3.96 9.70 6.31
CA ASP A 48 3.48 11.03 6.66
C ASP A 48 1.94 11.04 6.69
N ILE A 49 1.33 10.52 5.63
CA ILE A 49 -0.12 10.49 5.54
C ILE A 49 -0.72 9.66 6.67
N THR A 50 -0.25 8.43 6.82
CA THR A 50 -0.74 7.53 7.86
C THR A 50 -0.21 7.95 9.23
N GLY A 51 1.00 8.49 9.24
CA GLY A 51 1.61 8.92 10.49
C GLY A 51 2.42 7.82 11.16
N ARG A 52 3.04 6.98 10.34
CA ARG A 52 3.86 5.88 10.85
C ARG A 52 5.32 6.05 10.45
N ASP A 53 6.22 5.52 11.27
CA ASP A 53 7.64 5.62 11.00
C ASP A 53 8.14 4.39 10.24
N PRO A 54 9.05 4.60 9.29
CA PRO A 54 9.62 3.53 8.47
C PRO A 54 10.54 2.63 9.27
N LYS A 55 11.52 3.23 9.94
CA LYS A 55 12.47 2.49 10.75
C LYS A 55 11.79 1.84 11.96
N GLN A 56 10.55 2.26 12.22
CA GLN A 56 9.79 1.73 13.34
C GLN A 56 8.92 0.55 12.90
N VAL A 57 8.49 0.58 11.64
CA VAL A 57 7.66 -0.49 11.10
C VAL A 57 8.51 -1.67 10.66
N ILE A 58 9.76 -1.40 10.33
CA ILE A 58 10.68 -2.45 9.89
C ILE A 58 10.61 -3.65 10.81
N GLY A 59 10.26 -4.81 10.25
CA GLY A 59 10.17 -6.03 11.03
C GLY A 59 8.75 -6.33 11.45
N LYS A 60 7.94 -5.30 11.62
CA LYS A 60 6.55 -5.46 12.02
C LYS A 60 5.65 -5.73 10.82
N ASN A 61 4.66 -6.60 11.01
CA ASN A 61 3.74 -6.95 9.93
C ASN A 61 2.81 -5.78 9.61
N PHE A 62 2.33 -5.74 8.38
CA PHE A 62 1.42 -4.68 7.93
C PHE A 62 0.09 -4.76 8.67
N PHE A 63 -0.30 -5.97 9.05
CA PHE A 63 -1.55 -6.18 9.76
C PHE A 63 -1.32 -6.31 11.25
N LYS A 64 -0.04 -6.37 11.65
CA LYS A 64 0.32 -6.49 13.05
C LYS A 64 0.15 -5.15 13.77
N ASP A 65 0.82 -4.13 13.28
CA ASP A 65 0.74 -2.79 13.87
C ASP A 65 0.40 -1.75 12.81
N VAL A 66 1.02 -1.88 11.64
CA VAL A 66 0.79 -0.95 10.55
C VAL A 66 -0.69 -0.80 10.25
N ALA A 67 -1.45 -1.85 10.53
CA ALA A 67 -2.89 -1.85 10.30
C ALA A 67 -3.61 -2.84 11.21
N PRO A 68 -3.92 -2.40 12.44
CA PRO A 68 -4.60 -3.23 13.43
C PRO A 68 -6.05 -3.50 13.06
N GLY A 69 -6.38 -4.77 12.91
CA GLY A 69 -7.74 -5.16 12.56
C GLY A 69 -7.89 -5.49 11.08
N THR A 70 -6.76 -5.47 10.36
CA THR A 70 -6.77 -5.77 8.94
C THR A 70 -6.46 -7.24 8.69
N ASP A 71 -6.71 -8.07 9.69
CA ASP A 71 -6.44 -9.51 9.58
C ASP A 71 -7.67 -10.23 9.02
N SER A 72 -8.22 -9.70 7.93
CA SER A 72 -9.39 -10.29 7.30
C SER A 72 -9.01 -11.00 6.00
N PRO A 73 -9.92 -11.86 5.51
CA PRO A 73 -9.70 -12.61 4.27
C PRO A 73 -9.75 -11.71 3.04
N GLU A 74 -10.12 -10.45 3.24
CA GLU A 74 -10.20 -9.49 2.14
C GLU A 74 -8.86 -8.81 1.92
N PHE A 75 -8.15 -8.55 3.00
CA PHE A 75 -6.85 -7.89 2.93
C PHE A 75 -5.72 -8.88 3.22
N TYR A 76 -5.66 -9.35 4.47
CA TYR A 76 -4.64 -10.28 4.89
C TYR A 76 -4.73 -11.58 4.09
N GLY A 77 -5.95 -12.08 3.93
CA GLY A 77 -6.16 -13.31 3.18
C GLY A 77 -5.62 -13.23 1.77
N LYS A 78 -5.89 -12.11 1.10
CA LYS A 78 -5.43 -11.92 -0.28
C LYS A 78 -3.91 -11.87 -0.33
N PHE A 79 -3.29 -11.26 0.68
CA PHE A 79 -1.85 -11.16 0.75
C PHE A 79 -1.19 -12.52 0.66
N LYS A 80 -1.49 -13.37 1.66
CA LYS A 80 -0.93 -14.72 1.70
C LYS A 80 -1.46 -15.57 0.55
N GLU A 81 -2.71 -15.31 0.16
CA GLU A 81 -3.33 -16.06 -0.93
C GLU A 81 -2.43 -16.07 -2.16
N GLY A 82 -2.11 -14.88 -2.67
CA GLY A 82 -1.27 -14.77 -3.84
C GLY A 82 0.10 -15.39 -3.62
N VAL A 83 0.66 -15.19 -2.44
CA VAL A 83 1.96 -15.74 -2.11
C VAL A 83 2.04 -17.23 -2.42
N ALA A 84 0.92 -17.92 -2.21
CA ALA A 84 0.85 -19.35 -2.46
C ALA A 84 0.99 -19.66 -3.95
N SER A 85 0.44 -18.77 -4.78
CA SER A 85 0.51 -18.95 -6.23
C SER A 85 1.83 -18.45 -6.78
N GLY A 86 2.40 -17.44 -6.12
CA GLY A 86 3.67 -16.89 -6.55
C GLY A 86 3.49 -15.66 -7.43
N ASN A 87 2.43 -14.90 -7.16
CA ASN A 87 2.15 -13.69 -7.93
C ASN A 87 1.00 -12.91 -7.31
N LEU A 88 1.23 -12.36 -6.12
CA LEU A 88 0.21 -11.59 -5.41
C LEU A 88 -0.20 -10.36 -6.23
N ASN A 89 -1.28 -10.50 -6.99
CA ASN A 89 -1.77 -9.40 -7.80
C ASN A 89 -3.20 -9.03 -7.42
N THR A 90 -3.33 -7.95 -6.66
CA THR A 90 -4.64 -7.49 -6.21
C THR A 90 -4.76 -5.98 -6.31
N MET A 91 -5.90 -5.50 -6.81
CA MET A 91 -6.13 -4.07 -6.97
C MET A 91 -7.57 -3.72 -6.60
N PHE A 92 -7.73 -3.03 -5.47
CA PHE A 92 -9.06 -2.62 -5.01
C PHE A 92 -8.97 -1.40 -4.10
N GLU A 93 -10.11 -0.97 -3.60
CA GLU A 93 -10.17 0.20 -2.72
C GLU A 93 -10.32 -0.23 -1.26
N TRP A 94 -9.60 0.44 -0.37
CA TRP A 94 -9.65 0.13 1.05
C TRP A 94 -9.99 1.38 1.87
N MET A 95 -10.57 1.16 3.04
CA MET A 95 -10.94 2.27 3.92
C MET A 95 -9.89 2.48 5.01
N ILE A 96 -9.33 3.68 5.07
CA ILE A 96 -8.32 4.00 6.07
C ILE A 96 -8.88 4.94 7.13
N PRO A 97 -9.38 4.35 8.23
CA PRO A 97 -9.95 5.11 9.34
C PRO A 97 -8.90 5.88 10.12
N THR A 98 -9.11 7.18 10.28
CA THR A 98 -8.18 8.02 11.01
C THR A 98 -8.90 8.86 12.07
N SER A 99 -8.16 9.79 12.68
CA SER A 99 -8.73 10.65 13.71
C SER A 99 -9.71 11.65 13.10
N ARG A 100 -9.39 12.13 11.91
CA ARG A 100 -10.23 13.10 11.23
C ARG A 100 -11.42 12.41 10.55
N GLY A 101 -11.31 11.09 10.40
CA GLY A 101 -12.38 10.33 9.77
C GLY A 101 -11.87 9.39 8.70
N PRO A 102 -12.70 8.42 8.30
CA PRO A 102 -12.35 7.43 7.29
C PRO A 102 -12.25 8.05 5.89
N THR A 103 -11.42 7.46 5.05
CA THR A 103 -11.22 7.94 3.69
C THR A 103 -10.92 6.81 2.73
N LYS A 104 -11.54 6.85 1.55
CA LYS A 104 -11.32 5.82 0.54
C LYS A 104 -9.98 6.00 -0.17
N VAL A 105 -9.26 4.91 -0.36
CA VAL A 105 -7.97 4.94 -1.02
C VAL A 105 -7.77 3.73 -1.92
N LYS A 106 -6.91 3.88 -2.93
CA LYS A 106 -6.62 2.80 -3.85
C LYS A 106 -5.45 1.96 -3.37
N VAL A 107 -5.68 0.66 -3.23
CA VAL A 107 -4.64 -0.27 -2.77
C VAL A 107 -4.23 -1.22 -3.89
N HIS A 108 -2.94 -1.27 -4.17
CA HIS A 108 -2.41 -2.13 -5.22
C HIS A 108 -1.21 -2.93 -4.71
N MET A 109 -1.34 -4.25 -4.70
CA MET A 109 -0.27 -5.12 -4.24
C MET A 109 0.23 -6.02 -5.37
N LYS A 110 1.49 -5.84 -5.75
CA LYS A 110 2.08 -6.64 -6.81
C LYS A 110 3.41 -7.25 -6.36
N LYS A 111 3.51 -8.57 -6.48
CA LYS A 111 4.72 -9.28 -6.08
C LYS A 111 5.95 -8.68 -6.76
N ALA A 112 7.07 -8.67 -6.05
CA ALA A 112 8.31 -8.13 -6.59
C ALA A 112 8.83 -8.98 -7.75
N LEU A 113 9.94 -8.56 -8.34
CA LEU A 113 10.53 -9.28 -9.46
C LEU A 113 11.36 -10.45 -8.98
N SER A 114 12.05 -10.27 -7.85
CA SER A 114 12.88 -11.31 -7.29
C SER A 114 12.03 -12.44 -6.69
N GLY A 115 10.79 -12.10 -6.33
CA GLY A 115 9.90 -13.09 -5.77
C GLY A 115 9.99 -13.16 -4.26
N ASP A 116 11.09 -12.64 -3.71
CA ASP A 116 11.30 -12.65 -2.26
C ASP A 116 10.85 -11.32 -1.65
N SER A 117 9.78 -10.76 -2.18
CA SER A 117 9.25 -9.49 -1.69
C SER A 117 7.98 -9.10 -2.44
N TYR A 118 7.19 -8.22 -1.84
CA TYR A 118 5.95 -7.77 -2.44
C TYR A 118 5.84 -6.25 -2.38
N TRP A 119 5.34 -5.65 -3.45
CA TRP A 119 5.18 -4.20 -3.52
C TRP A 119 3.73 -3.80 -3.26
N VAL A 120 3.54 -2.95 -2.26
CA VAL A 120 2.20 -2.49 -1.90
C VAL A 120 2.11 -0.97 -1.96
N PHE A 121 1.46 -0.46 -3.01
CA PHE A 121 1.30 0.97 -3.19
C PHE A 121 -0.08 1.43 -2.74
N VAL A 122 -0.17 2.68 -2.32
CA VAL A 122 -1.44 3.25 -1.85
C VAL A 122 -1.58 4.70 -2.29
N LYS A 123 -2.58 4.96 -3.14
CA LYS A 123 -2.84 6.30 -3.63
C LYS A 123 -4.29 6.70 -3.40
N ARG A 124 -4.50 7.93 -2.96
CA ARG A 124 -5.84 8.44 -2.69
C ARG A 124 -6.75 8.21 -3.90
N VAL A 125 -8.02 7.90 -3.62
CA VAL A 125 -8.99 7.66 -4.69
C VAL A 125 -9.45 8.97 -5.31
N LYS A 126 -9.70 8.94 -6.62
CA LYS A 126 -10.15 10.13 -7.34
C LYS A 126 -11.54 10.55 -6.87
N LEU A 127 -11.86 11.83 -7.07
CA LEU A 127 -13.16 12.36 -6.67
C LEU A 127 -14.29 11.51 -7.22
N ALA A 128 -15.25 11.16 -6.37
CA ALA A 128 -16.38 10.35 -6.78
C ALA A 128 -17.35 10.13 -5.61
N ALA A 129 -18.62 9.95 -5.94
CA ALA A 129 -19.65 9.73 -4.91
C ALA A 129 -21.01 9.51 -5.55
N ALA A 130 -21.78 8.57 -4.97
CA ALA A 130 -23.11 8.27 -5.49
C ALA A 130 -23.79 7.21 -4.62
N LEU A 131 -25.05 7.46 -4.28
CA LEU A 131 -25.81 6.52 -3.46
C LEU A 131 -27.26 6.98 -3.33
N GLU A 132 -28.19 6.12 -3.73
CA GLU A 132 -29.61 6.44 -3.66
C GLU A 132 -30.16 6.14 -2.26
N HIS A 133 -31.48 6.19 -2.14
CA HIS A 133 -32.13 5.92 -0.86
C HIS A 133 -33.22 4.86 -1.02
N HIS A 134 -33.06 3.75 -0.30
CA HIS A 134 -34.03 2.66 -0.37
C HIS A 134 -34.97 2.70 0.84
N HIS A 135 -34.39 2.61 2.03
CA HIS A 135 -35.17 2.63 3.26
C HIS A 135 -36.10 3.84 3.30
N HIS A 136 -37.26 3.67 3.92
CA HIS A 136 -38.24 4.75 4.02
C HIS A 136 -38.80 4.84 5.44
N HIS A 137 -39.31 3.73 5.94
CA HIS A 137 -39.89 3.67 7.28
C HIS A 137 -38.90 4.23 8.31
N HIS A 138 -39.41 5.05 9.22
CA HIS A 138 -38.57 5.65 10.26
C HIS A 138 -39.09 5.27 11.65
N MET A 1 16.28 11.48 -13.98
CA MET A 1 15.70 10.16 -14.18
C MET A 1 14.24 10.26 -14.63
N GLU A 2 13.67 9.14 -15.04
CA GLU A 2 12.29 9.11 -15.51
C GLU A 2 11.32 9.13 -14.33
N HIS A 3 10.17 9.76 -14.53
CA HIS A 3 9.16 9.86 -13.48
C HIS A 3 8.52 8.50 -13.21
N VAL A 4 7.86 8.37 -12.07
CA VAL A 4 7.21 7.13 -11.69
C VAL A 4 5.70 7.23 -11.83
N ALA A 5 5.07 6.13 -12.21
CA ALA A 5 3.62 6.09 -12.38
C ALA A 5 2.98 5.02 -11.51
N PHE A 6 1.90 5.38 -10.84
CA PHE A 6 1.20 4.45 -9.96
C PHE A 6 0.51 3.35 -10.76
N GLY A 7 0.78 2.10 -10.40
CA GLY A 7 0.19 0.98 -11.09
C GLY A 7 0.66 0.88 -12.53
N SER A 8 1.89 1.30 -12.78
CA SER A 8 2.46 1.26 -14.13
C SER A 8 2.84 -0.17 -14.52
N GLU A 9 3.01 -0.40 -15.81
CA GLU A 9 3.36 -1.71 -16.32
C GLU A 9 4.75 -2.13 -15.83
N ASP A 10 5.62 -1.14 -15.65
CA ASP A 10 6.98 -1.40 -15.19
C ASP A 10 7.27 -0.65 -13.90
N ILE A 11 6.27 -0.61 -13.02
CA ILE A 11 6.41 0.09 -11.74
C ILE A 11 7.42 -0.62 -10.84
N GLU A 12 7.44 -1.95 -10.91
CA GLU A 12 8.35 -2.75 -10.10
C GLU A 12 9.78 -2.65 -10.64
N ASN A 13 9.91 -2.65 -11.97
CA ASN A 13 11.22 -2.55 -12.61
C ASN A 13 11.87 -1.20 -12.33
N THR A 14 11.04 -0.15 -12.31
CA THR A 14 11.53 1.20 -12.06
C THR A 14 12.00 1.36 -10.62
N LEU A 15 11.15 0.95 -9.67
CA LEU A 15 11.48 1.05 -8.26
C LEU A 15 12.69 0.19 -7.93
N ALA A 16 12.82 -0.95 -8.58
CA ALA A 16 13.93 -1.85 -8.36
C ALA A 16 15.26 -1.15 -8.62
N LYS A 17 15.28 -0.27 -9.60
CA LYS A 17 16.48 0.47 -9.96
C LYS A 17 16.59 1.75 -9.13
N MET A 18 15.45 2.27 -8.68
CA MET A 18 15.43 3.49 -7.88
C MET A 18 15.83 3.19 -6.44
N ASP A 19 16.30 4.23 -5.75
CA ASP A 19 16.72 4.08 -4.36
C ASP A 19 15.67 4.66 -3.41
N ASP A 20 15.90 4.50 -2.11
CA ASP A 20 14.97 5.00 -1.10
C ASP A 20 14.69 6.49 -1.33
N GLY A 21 15.73 7.25 -1.66
CA GLY A 21 15.57 8.67 -1.89
C GLY A 21 14.47 8.97 -2.88
N GLN A 22 14.57 8.38 -4.07
CA GLN A 22 13.58 8.61 -5.12
C GLN A 22 12.20 8.12 -4.66
N LEU A 23 12.17 6.97 -4.00
CA LEU A 23 10.91 6.41 -3.52
C LEU A 23 10.13 7.44 -2.70
N ASP A 24 10.84 8.14 -1.82
CA ASP A 24 10.21 9.17 -0.98
C ASP A 24 9.67 10.31 -1.83
N GLY A 25 10.30 10.54 -2.98
CA GLY A 25 9.87 11.61 -3.86
C GLY A 25 8.51 11.33 -4.48
N LEU A 26 8.12 10.07 -4.50
CA LEU A 26 6.83 9.68 -5.06
C LEU A 26 5.69 10.44 -4.40
N ALA A 27 4.62 10.68 -5.17
CA ALA A 27 3.46 11.40 -4.64
C ALA A 27 2.40 10.42 -4.15
N PHE A 28 2.82 9.21 -3.83
CA PHE A 28 1.91 8.18 -3.32
C PHE A 28 2.56 7.36 -2.23
N GLY A 29 1.84 6.36 -1.73
CA GLY A 29 2.35 5.51 -0.68
C GLY A 29 2.98 4.23 -1.22
N ALA A 30 4.07 3.80 -0.59
CA ALA A 30 4.77 2.59 -1.01
C ALA A 30 5.23 1.79 0.20
N ILE A 31 4.84 0.51 0.24
CA ILE A 31 5.22 -0.36 1.33
C ILE A 31 5.57 -1.77 0.82
N GLN A 32 6.77 -2.22 1.16
CA GLN A 32 7.22 -3.55 0.74
C GLN A 32 7.07 -4.56 1.87
N LEU A 33 6.35 -5.65 1.58
CA LEU A 33 6.13 -6.69 2.58
C LEU A 33 6.77 -8.01 2.14
N ASP A 34 7.07 -8.86 3.11
CA ASP A 34 7.69 -10.15 2.82
C ASP A 34 6.63 -11.25 2.70
N GLY A 35 7.08 -12.48 2.55
CA GLY A 35 6.16 -13.59 2.42
C GLY A 35 5.25 -13.73 3.62
N ASP A 36 5.73 -13.32 4.78
CA ASP A 36 4.96 -13.40 6.01
C ASP A 36 4.12 -12.14 6.21
N GLY A 37 4.51 -11.07 5.52
CA GLY A 37 3.80 -9.81 5.64
C GLY A 37 4.56 -8.78 6.44
N ASN A 38 5.81 -9.09 6.76
CA ASN A 38 6.65 -8.18 7.53
C ASN A 38 7.04 -6.96 6.71
N ILE A 39 6.98 -5.80 7.34
CA ILE A 39 7.33 -4.55 6.67
C ILE A 39 8.82 -4.48 6.37
N LEU A 40 9.18 -4.67 5.10
CA LEU A 40 10.58 -4.63 4.68
C LEU A 40 10.99 -3.22 4.28
N GLN A 41 10.06 -2.51 3.64
CA GLN A 41 10.32 -1.15 3.20
C GLN A 41 9.14 -0.24 3.50
N TYR A 42 9.41 1.06 3.68
CA TYR A 42 8.37 2.03 3.98
C TYR A 42 8.79 3.43 3.54
N ASN A 43 8.15 3.94 2.50
CA ASN A 43 8.46 5.26 1.98
C ASN A 43 7.94 6.35 2.93
N ALA A 44 8.66 7.46 2.99
CA ALA A 44 8.27 8.58 3.85
C ALA A 44 6.88 9.08 3.50
N ALA A 45 6.57 9.14 2.21
CA ALA A 45 5.27 9.60 1.75
C ALA A 45 4.15 8.95 2.52
N GLU A 46 4.09 7.62 2.46
CA GLU A 46 3.04 6.88 3.15
C GLU A 46 3.14 7.15 4.66
N GLY A 47 4.37 7.18 5.15
CA GLY A 47 4.60 7.42 6.57
C GLY A 47 4.03 8.76 7.03
N ASP A 48 4.02 9.73 6.12
CA ASP A 48 3.50 11.06 6.44
C ASP A 48 1.98 11.06 6.44
N ILE A 49 1.39 10.54 5.38
CA ILE A 49 -0.06 10.48 5.26
C ILE A 49 -0.68 9.68 6.40
N THR A 50 -0.19 8.45 6.57
CA THR A 50 -0.69 7.57 7.62
C THR A 50 -0.20 8.03 9.00
N GLY A 51 1.06 8.46 9.06
CA GLY A 51 1.62 8.92 10.31
C GLY A 51 2.43 7.84 11.01
N ARG A 52 3.08 6.99 10.22
CA ARG A 52 3.89 5.91 10.78
C ARG A 52 5.35 6.07 10.38
N ASP A 53 6.24 5.51 11.18
CA ASP A 53 7.68 5.59 10.91
C ASP A 53 8.15 4.34 10.17
N PRO A 54 9.07 4.54 9.21
CA PRO A 54 9.63 3.45 8.40
C PRO A 54 10.54 2.54 9.22
N LYS A 55 11.52 3.14 9.88
CA LYS A 55 12.47 2.40 10.70
C LYS A 55 11.77 1.78 11.91
N GLN A 56 10.55 2.22 12.17
CA GLN A 56 9.77 1.70 13.30
C GLN A 56 8.90 0.53 12.87
N VAL A 57 8.46 0.55 11.62
CA VAL A 57 7.62 -0.51 11.08
C VAL A 57 8.46 -1.71 10.65
N ILE A 58 9.72 -1.46 10.32
CA ILE A 58 10.63 -2.52 9.91
C ILE A 58 10.55 -3.72 10.85
N GLY A 59 10.19 -4.87 10.30
CA GLY A 59 10.09 -6.08 11.10
C GLY A 59 8.66 -6.39 11.51
N LYS A 60 7.84 -5.34 11.63
CA LYS A 60 6.45 -5.51 12.01
C LYS A 60 5.58 -5.78 10.79
N ASN A 61 4.59 -6.65 10.96
CA ASN A 61 3.68 -6.99 9.87
C ASN A 61 2.75 -5.82 9.54
N PHE A 62 2.28 -5.77 8.31
CA PHE A 62 1.39 -4.70 7.87
C PHE A 62 0.06 -4.78 8.61
N PHE A 63 -0.33 -5.99 9.00
CA PHE A 63 -1.59 -6.19 9.71
C PHE A 63 -1.35 -6.30 11.21
N LYS A 64 -0.08 -6.37 11.60
CA LYS A 64 0.29 -6.48 13.00
C LYS A 64 0.12 -5.14 13.71
N ASP A 65 0.80 -4.12 13.21
CA ASP A 65 0.72 -2.78 13.79
C ASP A 65 0.39 -1.74 12.72
N VAL A 66 1.01 -1.88 11.56
CA VAL A 66 0.79 -0.95 10.46
C VAL A 66 -0.70 -0.80 10.17
N ALA A 67 -1.47 -1.85 10.45
CA ALA A 67 -2.91 -1.83 10.22
C ALA A 67 -3.63 -2.82 11.14
N PRO A 68 -3.94 -2.37 12.36
CA PRO A 68 -4.62 -3.20 13.35
C PRO A 68 -6.08 -3.47 12.97
N GLY A 69 -6.41 -4.75 12.83
CA GLY A 69 -7.76 -5.12 12.48
C GLY A 69 -7.90 -5.47 11.00
N THR A 70 -6.77 -5.48 10.29
CA THR A 70 -6.77 -5.80 8.87
C THR A 70 -6.47 -7.28 8.64
N ASP A 71 -6.72 -8.10 9.66
CA ASP A 71 -6.47 -9.53 9.57
C ASP A 71 -7.69 -10.26 9.00
N SER A 72 -8.23 -9.73 7.91
CA SER A 72 -9.40 -10.33 7.28
C SER A 72 -9.03 -11.02 5.97
N PRO A 73 -9.93 -11.89 5.49
CA PRO A 73 -9.70 -12.64 4.24
C PRO A 73 -9.76 -11.74 3.01
N GLU A 74 -10.16 -10.48 3.21
CA GLU A 74 -10.25 -9.52 2.12
C GLU A 74 -8.93 -8.82 1.90
N PHE A 75 -8.21 -8.55 2.99
CA PHE A 75 -6.91 -7.88 2.91
C PHE A 75 -5.77 -8.86 3.19
N TYR A 76 -5.71 -9.33 4.44
CA TYR A 76 -4.67 -10.26 4.83
C TYR A 76 -4.75 -11.56 4.02
N GLY A 77 -5.97 -12.06 3.86
CA GLY A 77 -6.17 -13.28 3.11
C GLY A 77 -5.62 -13.19 1.70
N LYS A 78 -5.93 -12.09 1.02
CA LYS A 78 -5.46 -11.89 -0.35
C LYS A 78 -3.94 -11.83 -0.40
N PHE A 79 -3.33 -11.19 0.59
CA PHE A 79 -1.88 -11.07 0.65
C PHE A 79 -1.22 -12.44 0.61
N LYS A 80 -1.52 -13.26 1.61
CA LYS A 80 -0.95 -14.60 1.69
C LYS A 80 -1.45 -15.47 0.54
N GLU A 81 -2.70 -15.24 0.13
CA GLU A 81 -3.29 -16.01 -0.95
C GLU A 81 -2.37 -16.03 -2.17
N GLY A 82 -2.05 -14.85 -2.68
CA GLY A 82 -1.18 -14.76 -3.85
C GLY A 82 0.20 -15.34 -3.59
N VAL A 83 0.72 -15.10 -2.39
CA VAL A 83 2.03 -15.60 -2.01
C VAL A 83 2.15 -17.10 -2.28
N ALA A 84 1.04 -17.82 -2.09
CA ALA A 84 1.02 -19.26 -2.31
C ALA A 84 1.19 -19.59 -3.79
N SER A 85 0.65 -18.73 -4.65
CA SER A 85 0.74 -18.94 -6.09
C SER A 85 2.07 -18.42 -6.63
N GLY A 86 2.62 -17.41 -5.97
CA GLY A 86 3.89 -16.84 -6.39
C GLY A 86 3.71 -15.62 -7.28
N ASN A 87 2.65 -14.85 -7.02
CA ASN A 87 2.37 -13.65 -7.80
C ASN A 87 1.18 -12.89 -7.22
N LEU A 88 1.38 -12.32 -6.04
CA LEU A 88 0.31 -11.56 -5.38
C LEU A 88 -0.09 -10.34 -6.20
N ASN A 89 -1.13 -10.51 -7.00
CA ASN A 89 -1.62 -9.42 -7.85
C ASN A 89 -3.08 -9.08 -7.53
N THR A 90 -3.28 -8.03 -6.75
CA THR A 90 -4.62 -7.60 -6.37
C THR A 90 -4.76 -6.08 -6.44
N MET A 91 -5.92 -5.63 -6.89
CA MET A 91 -6.18 -4.19 -7.01
C MET A 91 -7.61 -3.86 -6.58
N PHE A 92 -7.74 -3.19 -5.43
CA PHE A 92 -9.06 -2.82 -4.91
C PHE A 92 -8.95 -1.61 -3.99
N GLU A 93 -10.09 -1.05 -3.62
CA GLU A 93 -10.13 0.11 -2.74
C GLU A 93 -10.28 -0.32 -1.28
N TRP A 94 -9.61 0.40 -0.39
CA TRP A 94 -9.68 0.09 1.04
C TRP A 94 -10.01 1.33 1.85
N MET A 95 -10.59 1.13 3.02
CA MET A 95 -10.96 2.24 3.90
C MET A 95 -9.90 2.46 4.99
N ILE A 96 -9.33 3.66 5.02
CA ILE A 96 -8.32 3.99 6.01
C ILE A 96 -8.86 4.94 7.07
N PRO A 97 -9.37 4.37 8.17
CA PRO A 97 -9.92 5.15 9.28
C PRO A 97 -8.86 5.92 10.05
N THR A 98 -9.07 7.22 10.20
CA THR A 98 -8.12 8.08 10.91
C THR A 98 -8.84 8.95 11.93
N SER A 99 -8.09 9.89 12.52
CA SER A 99 -8.66 10.79 13.53
C SER A 99 -9.64 11.76 12.89
N ARG A 100 -9.33 12.18 11.66
CA ARG A 100 -10.19 13.12 10.94
C ARG A 100 -11.40 12.41 10.36
N GLY A 101 -11.33 11.07 10.29
CA GLY A 101 -12.43 10.30 9.75
C GLY A 101 -11.98 9.33 8.67
N PRO A 102 -12.86 8.37 8.33
CA PRO A 102 -12.57 7.37 7.31
C PRO A 102 -12.51 7.96 5.90
N THR A 103 -11.61 7.44 5.08
CA THR A 103 -11.45 7.92 3.71
C THR A 103 -11.11 6.78 2.76
N LYS A 104 -11.73 6.77 1.59
CA LYS A 104 -11.49 5.73 0.60
C LYS A 104 -10.16 5.95 -0.10
N VAL A 105 -9.44 4.86 -0.37
CA VAL A 105 -8.15 4.93 -1.03
C VAL A 105 -7.94 3.74 -1.97
N LYS A 106 -7.04 3.91 -2.94
CA LYS A 106 -6.76 2.85 -3.89
C LYS A 106 -5.60 1.98 -3.40
N VAL A 107 -5.84 0.67 -3.32
CA VAL A 107 -4.83 -0.26 -2.87
C VAL A 107 -4.39 -1.18 -4.00
N HIS A 108 -3.07 -1.33 -4.16
CA HIS A 108 -2.51 -2.17 -5.21
C HIS A 108 -1.30 -2.94 -4.69
N MET A 109 -1.40 -4.27 -4.71
CA MET A 109 -0.31 -5.13 -4.25
C MET A 109 0.21 -6.00 -5.38
N LYS A 110 1.48 -5.83 -5.71
CA LYS A 110 2.11 -6.61 -6.78
C LYS A 110 3.42 -7.22 -6.30
N LYS A 111 3.53 -8.53 -6.44
CA LYS A 111 4.74 -9.25 -6.02
C LYS A 111 5.97 -8.64 -6.67
N ALA A 112 7.09 -8.64 -5.94
CA ALA A 112 8.34 -8.10 -6.45
C ALA A 112 8.85 -8.91 -7.63
N LEU A 113 9.95 -8.44 -8.23
CA LEU A 113 10.54 -9.13 -9.37
C LEU A 113 11.41 -10.30 -8.92
N SER A 114 12.08 -10.13 -7.80
CA SER A 114 12.95 -11.16 -7.26
C SER A 114 12.13 -12.32 -6.71
N GLY A 115 10.89 -12.05 -6.35
CA GLY A 115 10.01 -13.09 -5.81
C GLY A 115 10.11 -13.19 -4.30
N ASP A 116 11.18 -12.66 -3.74
CA ASP A 116 11.37 -12.69 -2.29
C ASP A 116 10.90 -11.40 -1.64
N SER A 117 9.80 -10.85 -2.17
CA SER A 117 9.25 -9.61 -1.64
C SER A 117 7.97 -9.22 -2.39
N TYR A 118 7.18 -8.34 -1.80
CA TYR A 118 5.95 -7.88 -2.41
C TYR A 118 5.80 -6.37 -2.29
N TRP A 119 5.29 -5.75 -3.35
CA TRP A 119 5.10 -4.30 -3.36
C TRP A 119 3.66 -3.94 -3.05
N VAL A 120 3.47 -2.91 -2.21
CA VAL A 120 2.13 -2.47 -1.84
C VAL A 120 2.01 -0.95 -1.90
N PHE A 121 1.34 -0.46 -2.93
CA PHE A 121 1.16 0.98 -3.11
C PHE A 121 -0.23 1.41 -2.66
N VAL A 122 -0.34 2.66 -2.22
CA VAL A 122 -1.62 3.20 -1.77
C VAL A 122 -1.80 4.64 -2.22
N LYS A 123 -2.93 4.92 -2.87
CA LYS A 123 -3.22 6.27 -3.35
C LYS A 123 -4.48 6.82 -2.68
N ARG A 124 -4.44 8.11 -2.35
CA ARG A 124 -5.58 8.76 -1.70
C ARG A 124 -6.62 9.16 -2.73
N VAL A 125 -7.75 8.45 -2.75
CA VAL A 125 -8.83 8.74 -3.67
C VAL A 125 -9.34 10.17 -3.50
N LYS A 126 -9.71 10.80 -4.62
CA LYS A 126 -10.21 12.17 -4.58
C LYS A 126 -11.59 12.22 -3.94
N LEU A 127 -11.66 12.83 -2.76
CA LEU A 127 -12.92 12.95 -2.04
C LEU A 127 -13.07 14.34 -1.43
N ALA A 128 -14.25 14.62 -0.90
CA ALA A 128 -14.53 15.92 -0.28
C ALA A 128 -15.94 15.97 0.28
N ALA A 129 -16.06 16.43 1.52
CA ALA A 129 -17.36 16.53 2.18
C ALA A 129 -17.21 17.13 3.58
N ALA A 130 -18.20 17.93 3.98
CA ALA A 130 -18.19 18.56 5.29
C ALA A 130 -19.46 19.39 5.51
N LEU A 131 -19.70 19.75 6.76
CA LEU A 131 -20.88 20.54 7.11
C LEU A 131 -20.49 21.74 7.97
N GLU A 132 -21.04 22.90 7.62
CA GLU A 132 -20.75 24.13 8.36
C GLU A 132 -21.96 24.56 9.19
N HIS A 133 -21.70 25.32 10.25
CA HIS A 133 -22.77 25.79 11.12
C HIS A 133 -23.40 27.07 10.56
N HIS A 134 -24.30 27.67 11.33
CA HIS A 134 -24.98 28.89 10.91
C HIS A 134 -23.98 30.04 10.74
N HIS A 135 -23.75 30.44 9.50
CA HIS A 135 -22.82 31.53 9.21
C HIS A 135 -23.25 32.81 9.91
N HIS A 136 -24.56 33.06 9.94
CA HIS A 136 -25.11 34.25 10.58
C HIS A 136 -25.10 34.11 12.09
N HIS A 137 -23.91 34.18 12.69
CA HIS A 137 -23.77 34.05 14.13
C HIS A 137 -24.66 35.06 14.86
N HIS A 138 -25.20 34.65 16.00
CA HIS A 138 -26.06 35.52 16.79
C HIS A 138 -25.40 35.92 18.10
N MET A 1 16.26 9.82 -16.38
CA MET A 1 15.56 9.44 -15.16
C MET A 1 14.11 9.93 -15.19
N GLU A 2 13.28 9.24 -15.97
CA GLU A 2 11.88 9.61 -16.08
C GLU A 2 11.19 9.56 -14.72
N HIS A 3 9.94 10.03 -14.68
CA HIS A 3 9.17 10.03 -13.44
C HIS A 3 8.46 8.71 -13.24
N VAL A 4 8.13 8.40 -11.98
CA VAL A 4 7.44 7.16 -11.65
C VAL A 4 5.93 7.28 -11.90
N ALA A 5 5.32 6.19 -12.34
CA ALA A 5 3.89 6.17 -12.61
C ALA A 5 3.19 5.07 -11.80
N PHE A 6 2.10 5.44 -11.14
CA PHE A 6 1.34 4.50 -10.34
C PHE A 6 0.72 3.41 -11.21
N GLY A 7 0.93 2.15 -10.82
CA GLY A 7 0.38 1.05 -11.58
C GLY A 7 0.98 0.94 -12.97
N SER A 8 2.24 1.35 -13.10
CA SER A 8 2.92 1.31 -14.39
C SER A 8 3.30 -0.13 -14.75
N GLU A 9 3.61 -0.35 -16.03
CA GLU A 9 3.98 -1.67 -16.51
C GLU A 9 5.33 -2.09 -15.93
N ASP A 10 6.20 -1.11 -15.69
CA ASP A 10 7.52 -1.38 -15.14
C ASP A 10 7.72 -0.64 -13.83
N ILE A 11 6.65 -0.54 -13.04
CA ILE A 11 6.70 0.14 -11.75
C ILE A 11 7.66 -0.57 -10.80
N GLU A 12 7.68 -1.90 -10.86
CA GLU A 12 8.55 -2.69 -10.00
C GLU A 12 10.00 -2.62 -10.49
N ASN A 13 10.18 -2.68 -11.81
CA ASN A 13 11.51 -2.63 -12.40
C ASN A 13 12.21 -1.33 -12.03
N THR A 14 11.45 -0.24 -11.96
CA THR A 14 12.00 1.06 -11.63
C THR A 14 12.34 1.15 -10.14
N LEU A 15 11.34 0.91 -9.30
CA LEU A 15 11.52 0.95 -7.85
C LEU A 15 12.63 0.00 -7.41
N ALA A 16 12.70 -1.16 -8.08
CA ALA A 16 13.71 -2.16 -7.76
C ALA A 16 15.11 -1.58 -7.84
N LYS A 17 15.31 -0.67 -8.79
CA LYS A 17 16.61 -0.04 -8.98
C LYS A 17 16.71 1.25 -8.15
N MET A 18 15.57 1.85 -7.87
CA MET A 18 15.53 3.08 -7.09
C MET A 18 15.70 2.78 -5.60
N ASP A 19 16.10 3.79 -4.83
CA ASP A 19 16.29 3.63 -3.40
C ASP A 19 15.15 4.27 -2.62
N ASP A 20 15.31 4.36 -1.31
CA ASP A 20 14.29 4.96 -0.46
C ASP A 20 14.05 6.42 -0.82
N GLY A 21 15.14 7.13 -1.11
CA GLY A 21 15.04 8.53 -1.47
C GLY A 21 14.02 8.77 -2.58
N GLN A 22 13.92 7.82 -3.50
CA GLN A 22 13.00 7.94 -4.62
C GLN A 22 11.56 7.72 -4.15
N LEU A 23 11.37 6.71 -3.30
CA LEU A 23 10.05 6.40 -2.78
C LEU A 23 9.43 7.60 -2.08
N ASP A 24 10.23 8.27 -1.25
CA ASP A 24 9.76 9.44 -0.51
C ASP A 24 9.37 10.57 -1.48
N GLY A 25 9.96 10.55 -2.66
CA GLY A 25 9.67 11.57 -3.66
C GLY A 25 8.36 11.31 -4.38
N LEU A 26 7.91 10.06 -4.37
CA LEU A 26 6.67 9.69 -5.03
C LEU A 26 5.49 10.45 -4.44
N ALA A 27 4.44 10.62 -5.25
CA ALA A 27 3.24 11.34 -4.79
C ALA A 27 2.20 10.36 -4.26
N PHE A 28 2.65 9.19 -3.84
CA PHE A 28 1.75 8.17 -3.30
C PHE A 28 2.44 7.37 -2.20
N GLY A 29 1.74 6.37 -1.67
CA GLY A 29 2.30 5.53 -0.62
C GLY A 29 2.93 4.26 -1.16
N ALA A 30 4.03 3.85 -0.56
CA ALA A 30 4.72 2.64 -0.97
C ALA A 30 5.19 1.82 0.23
N ILE A 31 4.80 0.55 0.26
CA ILE A 31 5.19 -0.33 1.35
C ILE A 31 5.55 -1.72 0.84
N GLN A 32 6.74 -2.19 1.18
CA GLN A 32 7.20 -3.51 0.76
C GLN A 32 7.06 -4.53 1.88
N LEU A 33 6.35 -5.61 1.60
CA LEU A 33 6.13 -6.67 2.60
C LEU A 33 6.77 -7.97 2.15
N ASP A 34 7.09 -8.83 3.11
CA ASP A 34 7.71 -10.12 2.82
C ASP A 34 6.64 -11.20 2.67
N GLY A 35 7.09 -12.45 2.49
CA GLY A 35 6.18 -13.55 2.33
C GLY A 35 5.26 -13.72 3.53
N ASP A 36 5.73 -13.30 4.70
CA ASP A 36 4.94 -13.41 5.92
C ASP A 36 4.11 -12.15 6.14
N GLY A 37 4.50 -11.06 5.47
CA GLY A 37 3.79 -9.81 5.61
C GLY A 37 4.54 -8.80 6.45
N ASN A 38 5.81 -9.07 6.69
CA ASN A 38 6.65 -8.17 7.49
C ASN A 38 7.05 -6.94 6.68
N ILE A 39 6.95 -5.78 7.31
CA ILE A 39 7.31 -4.53 6.66
C ILE A 39 8.80 -4.46 6.37
N LEU A 40 9.17 -4.69 5.11
CA LEU A 40 10.57 -4.65 4.70
C LEU A 40 10.99 -3.24 4.31
N GLN A 41 10.08 -2.50 3.69
CA GLN A 41 10.34 -1.14 3.26
C GLN A 41 9.16 -0.23 3.54
N TYR A 42 9.42 1.06 3.72
CA TYR A 42 8.38 2.03 4.00
C TYR A 42 8.80 3.44 3.55
N ASN A 43 8.14 3.94 2.51
CA ASN A 43 8.45 5.26 1.99
C ASN A 43 7.94 6.36 2.93
N ALA A 44 8.65 7.47 2.99
CA ALA A 44 8.26 8.58 3.84
C ALA A 44 6.86 9.08 3.49
N ALA A 45 6.56 9.12 2.20
CA ALA A 45 5.26 9.58 1.72
C ALA A 45 4.14 8.92 2.51
N GLU A 46 4.08 7.59 2.45
CA GLU A 46 3.04 6.86 3.16
C GLU A 46 3.13 7.13 4.66
N GLY A 47 4.37 7.20 5.15
CA GLY A 47 4.59 7.46 6.56
C GLY A 47 4.02 8.78 7.01
N ASP A 48 4.00 9.75 6.10
CA ASP A 48 3.47 11.08 6.40
C ASP A 48 1.94 11.08 6.39
N ILE A 49 1.36 10.54 5.33
CA ILE A 49 -0.09 10.47 5.21
C ILE A 49 -0.70 9.67 6.36
N THR A 50 -0.22 8.45 6.54
CA THR A 50 -0.72 7.58 7.61
C THR A 50 -0.22 8.05 8.97
N GLY A 51 1.03 8.48 9.02
CA GLY A 51 1.60 8.94 10.28
C GLY A 51 2.41 7.87 10.98
N ARG A 52 3.05 7.02 10.20
CA ARG A 52 3.85 5.93 10.75
C ARG A 52 5.33 6.09 10.37
N ASP A 53 6.21 5.54 11.19
CA ASP A 53 7.65 5.63 10.93
C ASP A 53 8.14 4.38 10.19
N PRO A 54 9.05 4.59 9.24
CA PRO A 54 9.62 3.50 8.43
C PRO A 54 10.53 2.60 9.25
N LYS A 55 11.51 3.20 9.93
CA LYS A 55 12.44 2.45 10.76
C LYS A 55 11.74 1.83 11.95
N GLN A 56 10.51 2.26 12.20
CA GLN A 56 9.74 1.74 13.32
C GLN A 56 8.88 0.56 12.88
N VAL A 57 8.44 0.59 11.62
CA VAL A 57 7.61 -0.48 11.08
C VAL A 57 8.46 -1.68 10.66
N ILE A 58 9.72 -1.42 10.34
CA ILE A 58 10.64 -2.47 9.92
C ILE A 58 10.56 -3.67 10.86
N GLY A 59 10.22 -4.82 10.30
CA GLY A 59 10.11 -6.03 11.10
C GLY A 59 8.68 -6.34 11.51
N LYS A 60 7.88 -5.30 11.65
CA LYS A 60 6.48 -5.45 12.04
C LYS A 60 5.61 -5.74 10.83
N ASN A 61 4.61 -6.60 11.01
CA ASN A 61 3.70 -6.96 9.92
C ASN A 61 2.76 -5.79 9.59
N PHE A 62 2.29 -5.77 8.35
CA PHE A 62 1.39 -4.71 7.90
C PHE A 62 0.06 -4.78 8.63
N PHE A 63 -0.34 -6.00 9.01
CA PHE A 63 -1.60 -6.21 9.71
C PHE A 63 -1.36 -6.32 11.21
N LYS A 64 -0.10 -6.38 11.61
CA LYS A 64 0.25 -6.49 13.02
C LYS A 64 0.08 -5.15 13.73
N ASP A 65 0.77 -4.12 13.23
CA ASP A 65 0.68 -2.79 13.82
C ASP A 65 0.36 -1.75 12.76
N VAL A 66 0.98 -1.89 11.59
CA VAL A 66 0.76 -0.96 10.49
C VAL A 66 -0.72 -0.81 10.19
N ALA A 67 -1.49 -1.85 10.47
CA ALA A 67 -2.93 -1.84 10.23
C ALA A 67 -3.65 -2.83 11.15
N PRO A 68 -3.97 -2.37 12.36
CA PRO A 68 -4.67 -3.20 13.36
C PRO A 68 -6.11 -3.47 12.97
N GLY A 69 -6.45 -4.76 12.83
CA GLY A 69 -7.80 -5.12 12.47
C GLY A 69 -7.93 -5.48 11.00
N THR A 70 -6.81 -5.48 10.30
CA THR A 70 -6.79 -5.81 8.87
C THR A 70 -6.50 -7.28 8.64
N ASP A 71 -6.74 -8.10 9.66
CA ASP A 71 -6.51 -9.53 9.57
C ASP A 71 -7.72 -10.25 9.01
N SER A 72 -8.25 -9.74 7.91
CA SER A 72 -9.42 -10.34 7.28
C SER A 72 -9.05 -11.02 5.97
N PRO A 73 -9.94 -11.90 5.48
CA PRO A 73 -9.72 -12.64 4.23
C PRO A 73 -9.78 -11.74 3.00
N GLU A 74 -10.18 -10.49 3.21
CA GLU A 74 -10.27 -9.53 2.12
C GLU A 74 -8.93 -8.82 1.90
N PHE A 75 -8.22 -8.55 2.98
CA PHE A 75 -6.93 -7.89 2.91
C PHE A 75 -5.80 -8.86 3.19
N TYR A 76 -5.73 -9.35 4.43
CA TYR A 76 -4.69 -10.28 4.84
C TYR A 76 -4.77 -11.57 4.02
N GLY A 77 -6.00 -12.07 3.85
CA GLY A 77 -6.20 -13.29 3.09
C GLY A 77 -5.65 -13.20 1.68
N LYS A 78 -5.96 -12.10 1.01
CA LYS A 78 -5.50 -11.89 -0.36
C LYS A 78 -3.97 -11.83 -0.42
N PHE A 79 -3.37 -11.20 0.59
CA PHE A 79 -1.92 -11.06 0.64
C PHE A 79 -1.26 -12.44 0.60
N LYS A 80 -1.54 -13.27 1.59
CA LYS A 80 -0.98 -14.61 1.66
C LYS A 80 -1.48 -15.48 0.52
N GLU A 81 -2.72 -15.25 0.12
CA GLU A 81 -3.33 -16.01 -0.98
C GLU A 81 -2.41 -16.04 -2.19
N GLY A 82 -2.09 -14.86 -2.71
CA GLY A 82 -1.22 -14.77 -3.86
C GLY A 82 0.16 -15.33 -3.60
N VAL A 83 0.68 -15.07 -2.39
CA VAL A 83 2.00 -15.55 -2.02
C VAL A 83 2.15 -17.04 -2.29
N ALA A 84 1.07 -17.78 -2.09
CA ALA A 84 1.07 -19.22 -2.32
C ALA A 84 1.17 -19.54 -3.81
N SER A 85 0.56 -18.71 -4.63
CA SER A 85 0.57 -18.91 -6.07
C SER A 85 1.90 -18.44 -6.67
N GLY A 86 2.51 -17.45 -6.04
CA GLY A 86 3.78 -16.94 -6.52
C GLY A 86 3.62 -15.70 -7.39
N ASN A 87 2.60 -14.90 -7.09
CA ASN A 87 2.32 -13.69 -7.85
C ASN A 87 1.15 -12.93 -7.26
N LEU A 88 1.34 -12.35 -6.08
CA LEU A 88 0.30 -11.60 -5.41
C LEU A 88 -0.10 -10.37 -6.22
N ASN A 89 -1.14 -10.52 -7.04
CA ASN A 89 -1.63 -9.42 -7.87
C ASN A 89 -3.08 -9.09 -7.54
N THR A 90 -3.28 -8.03 -6.76
CA THR A 90 -4.62 -7.61 -6.38
C THR A 90 -4.75 -6.09 -6.44
N MET A 91 -5.92 -5.62 -6.87
CA MET A 91 -6.18 -4.20 -6.99
C MET A 91 -7.60 -3.87 -6.54
N PHE A 92 -7.73 -3.20 -5.39
CA PHE A 92 -9.04 -2.83 -4.86
C PHE A 92 -8.91 -1.64 -3.92
N GLU A 93 -10.04 -1.00 -3.63
CA GLU A 93 -10.06 0.16 -2.74
C GLU A 93 -10.25 -0.28 -1.29
N TRP A 94 -9.55 0.40 -0.38
CA TRP A 94 -9.64 0.08 1.04
C TRP A 94 -9.96 1.33 1.85
N MET A 95 -10.56 1.13 3.02
CA MET A 95 -10.93 2.23 3.90
C MET A 95 -9.89 2.43 4.99
N ILE A 96 -9.31 3.63 5.04
CA ILE A 96 -8.30 3.95 6.04
C ILE A 96 -8.85 4.89 7.11
N PRO A 97 -9.38 4.31 8.19
CA PRO A 97 -9.95 5.08 9.30
C PRO A 97 -8.89 5.83 10.10
N THR A 98 -9.06 7.13 10.26
CA THR A 98 -8.13 7.96 11.00
C THR A 98 -8.83 8.80 12.04
N SER A 99 -8.10 9.71 12.67
CA SER A 99 -8.65 10.58 13.70
C SER A 99 -9.61 11.60 13.09
N ARG A 100 -9.27 12.09 11.90
CA ARG A 100 -10.09 13.07 11.22
C ARG A 100 -11.29 12.41 10.55
N GLY A 101 -11.22 11.09 10.39
CA GLY A 101 -12.31 10.36 9.78
C GLY A 101 -11.82 9.40 8.70
N PRO A 102 -12.70 8.46 8.30
CA PRO A 102 -12.37 7.46 7.28
C PRO A 102 -12.25 8.07 5.89
N THR A 103 -11.41 7.47 5.06
CA THR A 103 -11.20 7.97 3.69
C THR A 103 -10.89 6.81 2.75
N LYS A 104 -11.58 6.79 1.61
CA LYS A 104 -11.37 5.75 0.61
C LYS A 104 -10.04 5.95 -0.12
N VAL A 105 -9.34 4.85 -0.38
CA VAL A 105 -8.06 4.90 -1.06
C VAL A 105 -7.88 3.70 -1.98
N LYS A 106 -7.00 3.83 -2.97
CA LYS A 106 -6.74 2.76 -3.91
C LYS A 106 -5.58 1.89 -3.43
N VAL A 107 -5.83 0.59 -3.30
CA VAL A 107 -4.80 -0.35 -2.85
C VAL A 107 -4.35 -1.26 -3.98
N HIS A 108 -3.04 -1.36 -4.17
CA HIS A 108 -2.48 -2.19 -5.23
C HIS A 108 -1.28 -2.98 -4.72
N MET A 109 -1.38 -4.31 -4.73
CA MET A 109 -0.29 -5.17 -4.28
C MET A 109 0.21 -6.05 -5.41
N LYS A 110 1.49 -5.87 -5.76
CA LYS A 110 2.10 -6.65 -6.83
C LYS A 110 3.41 -7.27 -6.36
N LYS A 111 3.51 -8.59 -6.50
CA LYS A 111 4.72 -9.31 -6.09
C LYS A 111 5.96 -8.70 -6.74
N ALA A 112 7.06 -8.68 -6.00
CA ALA A 112 8.31 -8.13 -6.50
C ALA A 112 8.85 -8.96 -7.66
N LEU A 113 9.95 -8.50 -8.25
CA LEU A 113 10.56 -9.20 -9.37
C LEU A 113 11.44 -10.34 -8.88
N SER A 114 12.09 -10.14 -7.74
CA SER A 114 12.97 -11.16 -7.17
C SER A 114 12.15 -12.30 -6.58
N GLY A 115 10.90 -12.02 -6.23
CA GLY A 115 10.03 -13.03 -5.66
C GLY A 115 10.14 -13.10 -4.15
N ASP A 116 11.23 -12.55 -3.60
CA ASP A 116 11.44 -12.55 -2.16
C ASP A 116 10.94 -11.25 -1.54
N SER A 117 9.85 -10.73 -2.07
CA SER A 117 9.27 -9.49 -1.57
C SER A 117 8.02 -9.11 -2.36
N TYR A 118 7.19 -8.26 -1.77
CA TYR A 118 5.96 -7.82 -2.42
C TYR A 118 5.81 -6.30 -2.32
N TRP A 119 5.32 -5.69 -3.40
CA TRP A 119 5.13 -4.25 -3.44
C TRP A 119 3.68 -3.89 -3.17
N VAL A 120 3.48 -2.94 -2.25
CA VAL A 120 2.14 -2.50 -1.88
C VAL A 120 2.03 -0.98 -1.92
N PHE A 121 1.37 -0.47 -2.95
CA PHE A 121 1.19 0.97 -3.10
C PHE A 121 -0.21 1.41 -2.67
N VAL A 122 -0.32 2.65 -2.22
CA VAL A 122 -1.61 3.18 -1.77
C VAL A 122 -1.80 4.61 -2.24
N LYS A 123 -2.89 4.85 -2.98
CA LYS A 123 -3.19 6.18 -3.49
C LYS A 123 -4.43 6.76 -2.81
N ARG A 124 -4.38 8.04 -2.48
CA ARG A 124 -5.49 8.71 -1.83
C ARG A 124 -6.55 9.12 -2.85
N VAL A 125 -7.67 8.41 -2.86
CA VAL A 125 -8.76 8.70 -3.79
C VAL A 125 -9.20 10.15 -3.67
N LYS A 126 -9.57 10.75 -4.79
CA LYS A 126 -10.03 12.13 -4.81
C LYS A 126 -11.19 12.34 -3.85
N LEU A 127 -11.33 13.56 -3.34
CA LEU A 127 -12.40 13.88 -2.41
C LEU A 127 -13.78 13.64 -3.05
N ALA A 128 -14.84 14.00 -2.34
CA ALA A 128 -16.19 13.82 -2.83
C ALA A 128 -16.52 12.34 -3.02
N ALA A 129 -15.88 11.49 -2.22
CA ALA A 129 -16.09 10.05 -2.30
C ALA A 129 -17.35 9.65 -1.52
N ALA A 130 -17.96 8.54 -1.93
CA ALA A 130 -19.16 8.05 -1.27
C ALA A 130 -18.90 7.76 0.20
N LEU A 131 -19.61 8.46 1.07
CA LEU A 131 -19.46 8.28 2.51
C LEU A 131 -20.49 9.10 3.28
N GLU A 132 -21.10 8.49 4.29
CA GLU A 132 -22.10 9.16 5.10
C GLU A 132 -21.45 10.15 6.07
N HIS A 133 -22.04 11.34 6.17
CA HIS A 133 -21.51 12.37 7.06
C HIS A 133 -22.49 13.53 7.18
N HIS A 134 -22.28 14.38 8.18
CA HIS A 134 -23.14 15.53 8.41
C HIS A 134 -22.98 16.55 7.29
N HIS A 135 -23.68 17.68 7.43
CA HIS A 135 -23.62 18.74 6.43
C HIS A 135 -22.18 19.19 6.20
N HIS A 136 -21.64 19.94 7.15
CA HIS A 136 -20.27 20.43 7.05
C HIS A 136 -19.84 21.13 8.35
N HIS A 137 -18.56 21.39 8.48
CA HIS A 137 -18.03 22.06 9.66
C HIS A 137 -18.77 23.36 9.93
N HIS A 138 -18.63 23.88 11.15
CA HIS A 138 -19.29 25.12 11.53
C HIS A 138 -18.28 26.12 12.08
N MET A 1 16.74 10.33 -15.62
CA MET A 1 15.81 9.63 -14.75
C MET A 1 14.37 10.01 -15.06
N GLU A 2 13.55 9.01 -15.38
CA GLU A 2 12.15 9.24 -15.71
C GLU A 2 11.30 9.29 -14.44
N HIS A 3 10.05 9.72 -14.59
CA HIS A 3 9.13 9.82 -13.47
C HIS A 3 8.40 8.49 -13.25
N VAL A 4 7.99 8.24 -12.01
CA VAL A 4 7.27 7.01 -11.67
C VAL A 4 5.78 7.15 -11.95
N ALA A 5 5.16 6.05 -12.36
CA ALA A 5 3.73 6.04 -12.66
C ALA A 5 3.00 5.01 -11.81
N PHE A 6 2.09 5.48 -10.96
CA PHE A 6 1.32 4.59 -10.10
C PHE A 6 0.60 3.52 -10.92
N GLY A 7 1.02 2.27 -10.76
CA GLY A 7 0.41 1.18 -11.49
C GLY A 7 0.96 1.04 -12.89
N SER A 8 2.23 1.39 -13.06
CA SER A 8 2.88 1.30 -14.37
C SER A 8 3.22 -0.14 -14.71
N GLU A 9 3.47 -0.40 -15.99
CA GLU A 9 3.80 -1.75 -16.45
C GLU A 9 5.13 -2.21 -15.86
N ASP A 10 6.03 -1.26 -15.62
CA ASP A 10 7.34 -1.57 -15.06
C ASP A 10 7.55 -0.82 -13.74
N ILE A 11 6.48 -0.72 -12.95
CA ILE A 11 6.56 -0.03 -11.66
C ILE A 11 7.50 -0.75 -10.70
N GLU A 12 7.50 -2.08 -10.78
CA GLU A 12 8.35 -2.89 -9.91
C GLU A 12 9.80 -2.84 -10.37
N ASN A 13 10.00 -2.93 -11.69
CA ASN A 13 11.35 -2.89 -12.26
C ASN A 13 12.03 -1.56 -11.95
N THR A 14 11.26 -0.49 -12.02
CA THR A 14 11.79 0.85 -11.75
C THR A 14 12.15 1.02 -10.28
N LEU A 15 11.19 0.75 -9.41
CA LEU A 15 11.40 0.86 -7.97
C LEU A 15 12.50 -0.08 -7.51
N ALA A 16 12.54 -1.26 -8.10
CA ALA A 16 13.55 -2.26 -7.76
C ALA A 16 14.96 -1.67 -7.82
N LYS A 17 15.17 -0.79 -8.78
CA LYS A 17 16.47 -0.14 -8.95
C LYS A 17 16.57 1.12 -8.11
N MET A 18 15.42 1.74 -7.84
CA MET A 18 15.37 2.95 -7.05
C MET A 18 15.50 2.64 -5.56
N ASP A 19 15.97 3.62 -4.79
CA ASP A 19 16.12 3.44 -3.34
C ASP A 19 14.99 4.13 -2.59
N ASP A 20 15.14 4.23 -1.27
CA ASP A 20 14.12 4.86 -0.43
C ASP A 20 13.97 6.33 -0.79
N GLY A 21 15.10 7.00 -1.00
CA GLY A 21 15.06 8.42 -1.34
C GLY A 21 14.14 8.71 -2.50
N GLN A 22 14.04 7.76 -3.42
CA GLN A 22 13.18 7.93 -4.59
C GLN A 22 11.70 7.81 -4.21
N LEU A 23 11.41 6.85 -3.34
CA LEU A 23 10.03 6.62 -2.89
C LEU A 23 9.49 7.86 -2.19
N ASP A 24 10.31 8.46 -1.33
CA ASP A 24 9.91 9.65 -0.60
C ASP A 24 9.48 10.77 -1.54
N GLY A 25 9.97 10.71 -2.78
CA GLY A 25 9.63 11.72 -3.76
C GLY A 25 8.31 11.42 -4.45
N LEU A 26 7.90 10.16 -4.43
CA LEU A 26 6.64 9.75 -5.06
C LEU A 26 5.47 10.51 -4.47
N ALA A 27 4.41 10.65 -5.25
CA ALA A 27 3.21 11.36 -4.80
C ALA A 27 2.18 10.39 -4.23
N PHE A 28 2.65 9.22 -3.80
CA PHE A 28 1.77 8.20 -3.24
C PHE A 28 2.50 7.41 -2.16
N GLY A 29 1.81 6.40 -1.61
CA GLY A 29 2.41 5.57 -0.57
C GLY A 29 3.02 4.30 -1.13
N ALA A 30 4.10 3.84 -0.50
CA ALA A 30 4.78 2.63 -0.93
C ALA A 30 5.27 1.82 0.26
N ILE A 31 4.91 0.54 0.30
CA ILE A 31 5.31 -0.34 1.38
C ILE A 31 5.66 -1.73 0.87
N GLN A 32 6.86 -2.20 1.21
CA GLN A 32 7.31 -3.52 0.78
C GLN A 32 7.14 -4.54 1.90
N LEU A 33 6.39 -5.60 1.60
CA LEU A 33 6.14 -6.66 2.59
C LEU A 33 6.80 -7.97 2.14
N ASP A 34 7.07 -8.83 3.11
CA ASP A 34 7.68 -10.13 2.82
C ASP A 34 6.63 -11.22 2.70
N GLY A 35 7.08 -12.46 2.53
CA GLY A 35 6.16 -13.57 2.40
C GLY A 35 5.28 -13.74 3.62
N ASP A 36 5.79 -13.34 4.78
CA ASP A 36 5.04 -13.45 6.02
C ASP A 36 4.18 -12.20 6.25
N GLY A 37 4.53 -11.12 5.57
CA GLY A 37 3.79 -9.88 5.71
C GLY A 37 4.52 -8.85 6.53
N ASN A 38 5.81 -9.11 6.79
CA ASN A 38 6.63 -8.20 7.58
C ASN A 38 7.03 -6.98 6.75
N ILE A 39 7.03 -5.81 7.39
CA ILE A 39 7.38 -4.57 6.72
C ILE A 39 8.88 -4.51 6.42
N LEU A 40 9.23 -4.71 5.15
CA LEU A 40 10.63 -4.69 4.74
C LEU A 40 11.05 -3.28 4.34
N GLN A 41 10.14 -2.53 3.72
CA GLN A 41 10.43 -1.17 3.30
C GLN A 41 9.24 -0.25 3.59
N TYR A 42 9.52 1.03 3.75
CA TYR A 42 8.48 2.01 4.04
C TYR A 42 8.90 3.41 3.59
N ASN A 43 8.27 3.90 2.54
CA ASN A 43 8.58 5.22 2.00
C ASN A 43 8.05 6.32 2.92
N ALA A 44 8.78 7.42 3.01
CA ALA A 44 8.38 8.54 3.85
C ALA A 44 7.00 9.04 3.49
N ALA A 45 6.70 9.07 2.19
CA ALA A 45 5.41 9.53 1.71
C ALA A 45 4.27 8.88 2.49
N GLU A 46 4.22 7.55 2.46
CA GLU A 46 3.18 6.83 3.17
C GLU A 46 3.26 7.12 4.67
N GLY A 47 4.49 7.19 5.17
CA GLY A 47 4.71 7.46 6.58
C GLY A 47 4.14 8.80 7.00
N ASP A 48 4.11 9.75 6.08
CA ASP A 48 3.60 11.09 6.36
C ASP A 48 2.07 11.08 6.36
N ILE A 49 1.49 10.54 5.28
CA ILE A 49 0.04 10.48 5.15
C ILE A 49 -0.59 9.69 6.31
N THR A 50 -0.10 8.47 6.50
CA THR A 50 -0.61 7.61 7.56
C THR A 50 -0.12 8.07 8.93
N GLY A 51 1.15 8.50 8.99
CA GLY A 51 1.71 8.97 10.23
C GLY A 51 2.50 7.88 10.95
N ARG A 52 3.14 7.01 10.18
CA ARG A 52 3.92 5.92 10.75
C ARG A 52 5.40 6.07 10.39
N ASP A 53 6.27 5.49 11.22
CA ASP A 53 7.70 5.56 10.98
C ASP A 53 8.20 4.31 10.24
N PRO A 54 9.11 4.52 9.28
CA PRO A 54 9.68 3.42 8.48
C PRO A 54 10.59 2.52 9.31
N LYS A 55 11.56 3.13 9.99
CA LYS A 55 12.50 2.38 10.81
C LYS A 55 11.80 1.76 12.01
N GLN A 56 10.57 2.19 12.26
CA GLN A 56 9.79 1.68 13.38
C GLN A 56 8.92 0.50 12.94
N VAL A 57 8.49 0.52 11.68
CA VAL A 57 7.65 -0.54 11.14
C VAL A 57 8.49 -1.74 10.72
N ILE A 58 9.75 -1.48 10.40
CA ILE A 58 10.66 -2.55 9.98
C ILE A 58 10.58 -3.75 10.92
N GLY A 59 10.23 -4.90 10.37
CA GLY A 59 10.12 -6.10 11.17
C GLY A 59 8.69 -6.40 11.57
N LYS A 60 7.89 -5.35 11.71
CA LYS A 60 6.49 -5.51 12.10
C LYS A 60 5.62 -5.79 10.88
N ASN A 61 4.60 -6.63 11.07
CA ASN A 61 3.69 -6.98 9.99
C ASN A 61 2.78 -5.82 9.64
N PHE A 62 2.30 -5.79 8.40
CA PHE A 62 1.42 -4.73 7.94
C PHE A 62 0.09 -4.78 8.66
N PHE A 63 -0.33 -5.97 9.05
CA PHE A 63 -1.59 -6.16 9.76
C PHE A 63 -1.36 -6.27 11.26
N LYS A 64 -0.10 -6.36 11.66
CA LYS A 64 0.26 -6.45 13.07
C LYS A 64 0.10 -5.11 13.78
N ASP A 65 0.79 -4.10 13.27
CA ASP A 65 0.74 -2.76 13.84
C ASP A 65 0.42 -1.73 12.77
N VAL A 66 1.05 -1.87 11.61
CA VAL A 66 0.84 -0.95 10.50
C VAL A 66 -0.65 -0.78 10.20
N ALA A 67 -1.42 -1.82 10.48
CA ALA A 67 -2.86 -1.79 10.24
C ALA A 67 -3.59 -2.77 11.16
N PRO A 68 -3.91 -2.31 12.38
CA PRO A 68 -4.61 -3.13 13.37
C PRO A 68 -6.06 -3.40 12.99
N GLY A 69 -6.41 -4.67 12.85
CA GLY A 69 -7.76 -5.04 12.48
C GLY A 69 -7.89 -5.40 11.01
N THR A 70 -6.76 -5.43 10.31
CA THR A 70 -6.75 -5.75 8.90
C THR A 70 -6.46 -7.23 8.67
N ASP A 71 -6.73 -8.04 9.69
CA ASP A 71 -6.50 -9.47 9.61
C ASP A 71 -7.73 -10.19 9.04
N SER A 72 -8.24 -9.68 7.93
CA SER A 72 -9.42 -10.26 7.29
C SER A 72 -9.03 -10.97 6.00
N PRO A 73 -9.93 -11.83 5.51
CA PRO A 73 -9.72 -12.59 4.28
C PRO A 73 -9.75 -11.71 3.04
N GLU A 74 -10.12 -10.44 3.22
CA GLU A 74 -10.19 -9.50 2.12
C GLU A 74 -8.84 -8.82 1.90
N PHE A 75 -8.14 -8.55 2.99
CA PHE A 75 -6.84 -7.90 2.92
C PHE A 75 -5.72 -8.90 3.23
N TYR A 76 -5.67 -9.36 4.48
CA TYR A 76 -4.65 -10.31 4.91
C TYR A 76 -4.75 -11.61 4.10
N GLY A 77 -5.97 -12.09 3.92
CA GLY A 77 -6.18 -13.32 3.18
C GLY A 77 -5.64 -13.25 1.77
N LYS A 78 -5.89 -12.12 1.11
CA LYS A 78 -5.42 -11.93 -0.26
C LYS A 78 -3.89 -11.91 -0.32
N PHE A 79 -3.28 -11.29 0.69
CA PHE A 79 -1.83 -11.19 0.75
C PHE A 79 -1.19 -12.58 0.67
N LYS A 80 -1.49 -13.43 1.65
CA LYS A 80 -0.94 -14.78 1.68
C LYS A 80 -1.49 -15.61 0.52
N GLU A 81 -2.73 -15.34 0.13
CA GLU A 81 -3.36 -16.06 -0.97
C GLU A 81 -2.46 -16.07 -2.20
N GLY A 82 -2.12 -14.88 -2.69
CA GLY A 82 -1.26 -14.78 -3.86
C GLY A 82 0.11 -15.40 -3.63
N VAL A 83 0.66 -15.20 -2.44
CA VAL A 83 1.97 -15.74 -2.10
C VAL A 83 2.05 -17.23 -2.41
N ALA A 84 0.93 -17.92 -2.24
CA ALA A 84 0.87 -19.36 -2.51
C ALA A 84 0.96 -19.64 -4.00
N SER A 85 0.38 -18.76 -4.80
CA SER A 85 0.38 -18.92 -6.25
C SER A 85 1.73 -18.47 -6.84
N GLY A 86 2.36 -17.51 -6.18
CA GLY A 86 3.64 -17.02 -6.64
C GLY A 86 3.50 -15.75 -7.47
N ASN A 87 2.49 -14.94 -7.16
CA ASN A 87 2.25 -13.70 -7.88
C ASN A 87 1.07 -12.94 -7.28
N LEU A 88 1.29 -12.35 -6.10
CA LEU A 88 0.25 -11.60 -5.42
C LEU A 88 -0.17 -10.39 -6.25
N ASN A 89 -1.24 -10.53 -7.01
CA ASN A 89 -1.75 -9.45 -7.85
C ASN A 89 -3.18 -9.09 -7.46
N THR A 90 -3.34 -8.03 -6.70
CA THR A 90 -4.66 -7.58 -6.26
C THR A 90 -4.78 -6.07 -6.35
N MET A 91 -5.94 -5.59 -6.81
CA MET A 91 -6.19 -4.17 -6.93
C MET A 91 -7.61 -3.81 -6.51
N PHE A 92 -7.74 -3.13 -5.37
CA PHE A 92 -9.05 -2.74 -4.87
C PHE A 92 -8.93 -1.56 -3.92
N GLU A 93 -10.07 -0.94 -3.61
CA GLU A 93 -10.09 0.21 -2.72
C GLU A 93 -10.25 -0.22 -1.27
N TRP A 94 -9.58 0.48 -0.36
CA TRP A 94 -9.64 0.17 1.06
C TRP A 94 -9.97 1.41 1.88
N MET A 95 -10.56 1.19 3.06
CA MET A 95 -10.92 2.29 3.94
C MET A 95 -9.86 2.51 5.02
N ILE A 96 -9.30 3.71 5.06
CA ILE A 96 -8.28 4.04 6.04
C ILE A 96 -8.82 4.98 7.12
N PRO A 97 -9.33 4.40 8.21
CA PRO A 97 -9.89 5.16 9.33
C PRO A 97 -8.82 5.91 10.10
N THR A 98 -9.03 7.22 10.28
CA THR A 98 -8.08 8.06 11.00
C THR A 98 -8.81 9.03 11.93
N SER A 99 -8.05 9.94 12.53
CA SER A 99 -8.62 10.93 13.44
C SER A 99 -9.67 11.78 12.74
N ARG A 100 -9.43 12.06 11.46
CA ARG A 100 -10.35 12.87 10.67
C ARG A 100 -11.54 12.04 10.20
N GLY A 101 -11.40 10.72 10.26
CA GLY A 101 -12.46 9.84 9.84
C GLY A 101 -12.05 8.90 8.73
N PRO A 102 -12.96 7.99 8.33
CA PRO A 102 -12.69 7.02 7.28
C PRO A 102 -12.59 7.66 5.90
N THR A 103 -11.51 7.33 5.17
CA THR A 103 -11.30 7.89 3.84
C THR A 103 -10.96 6.79 2.84
N LYS A 104 -11.75 6.68 1.78
CA LYS A 104 -11.53 5.68 0.75
C LYS A 104 -10.23 5.95 0.00
N VAL A 105 -9.53 4.87 -0.35
CA VAL A 105 -8.27 4.99 -1.08
C VAL A 105 -8.05 3.80 -1.99
N LYS A 106 -7.15 3.96 -2.96
CA LYS A 106 -6.85 2.89 -3.91
C LYS A 106 -5.68 2.04 -3.40
N VAL A 107 -5.89 0.74 -3.35
CA VAL A 107 -4.86 -0.19 -2.90
C VAL A 107 -4.41 -1.12 -4.02
N HIS A 108 -3.10 -1.19 -4.24
CA HIS A 108 -2.55 -2.03 -5.29
C HIS A 108 -1.34 -2.83 -4.77
N MET A 109 -1.45 -4.15 -4.78
CA MET A 109 -0.38 -5.01 -4.30
C MET A 109 0.14 -5.88 -5.44
N LYS A 110 1.42 -5.70 -5.78
CA LYS A 110 2.04 -6.47 -6.85
C LYS A 110 3.36 -7.08 -6.38
N LYS A 111 3.50 -8.38 -6.54
CA LYS A 111 4.71 -9.09 -6.14
C LYS A 111 5.95 -8.40 -6.70
N ALA A 112 7.06 -8.51 -5.99
CA ALA A 112 8.32 -7.91 -6.42
C ALA A 112 9.00 -8.76 -7.48
N LEU A 113 10.03 -8.20 -8.11
CA LEU A 113 10.77 -8.91 -9.15
C LEU A 113 11.72 -9.93 -8.54
N SER A 114 12.20 -9.65 -7.34
CA SER A 114 13.12 -10.55 -6.64
C SER A 114 12.47 -11.90 -6.39
N GLY A 115 11.13 -11.91 -6.33
CA GLY A 115 10.41 -13.14 -6.10
C GLY A 115 10.21 -13.42 -4.62
N ASP A 116 11.01 -12.76 -3.78
CA ASP A 116 10.92 -12.94 -2.34
C ASP A 116 10.48 -11.65 -1.65
N SER A 117 9.63 -10.88 -2.33
CA SER A 117 9.14 -9.62 -1.79
C SER A 117 7.84 -9.21 -2.48
N TYR A 118 7.12 -8.29 -1.85
CA TYR A 118 5.85 -7.81 -2.39
C TYR A 118 5.75 -6.29 -2.26
N TRP A 119 5.20 -5.65 -3.29
CA TRP A 119 5.04 -4.21 -3.30
C TRP A 119 3.60 -3.81 -2.96
N VAL A 120 3.46 -2.79 -2.13
CA VAL A 120 2.13 -2.32 -1.74
C VAL A 120 2.03 -0.80 -1.88
N PHE A 121 1.32 -0.35 -2.90
CA PHE A 121 1.14 1.08 -3.14
C PHE A 121 -0.25 1.54 -2.71
N VAL A 122 -0.34 2.77 -2.24
CA VAL A 122 -1.62 3.33 -1.81
C VAL A 122 -1.77 4.77 -2.28
N LYS A 123 -2.81 5.03 -3.07
CA LYS A 123 -3.07 6.37 -3.58
C LYS A 123 -4.48 6.83 -3.21
N ARG A 124 -4.57 7.98 -2.56
CA ARG A 124 -5.85 8.54 -2.14
C ARG A 124 -6.78 8.72 -3.35
N VAL A 125 -7.98 8.18 -3.24
CA VAL A 125 -8.96 8.27 -4.30
C VAL A 125 -9.49 9.69 -4.44
N LYS A 126 -10.23 9.94 -5.52
CA LYS A 126 -10.79 11.27 -5.77
C LYS A 126 -12.24 11.34 -5.28
N LEU A 127 -12.70 12.55 -5.01
CA LEU A 127 -14.07 12.77 -4.54
C LEU A 127 -15.07 12.08 -5.46
N ALA A 128 -16.03 11.37 -4.87
CA ALA A 128 -17.04 10.67 -5.63
C ALA A 128 -18.15 10.15 -4.73
N ALA A 129 -19.12 9.45 -5.31
CA ALA A 129 -20.23 8.89 -4.56
C ALA A 129 -19.75 7.80 -3.61
N ALA A 130 -20.38 7.71 -2.45
CA ALA A 130 -20.02 6.70 -1.45
C ALA A 130 -20.92 6.79 -0.23
N LEU A 131 -21.53 5.67 0.14
CA LEU A 131 -22.42 5.62 1.30
C LEU A 131 -22.35 4.26 1.98
N GLU A 132 -22.34 4.27 3.31
CA GLU A 132 -22.28 3.04 4.08
C GLU A 132 -23.51 2.88 4.96
N HIS A 133 -23.49 1.88 5.83
CA HIS A 133 -24.60 1.62 6.74
C HIS A 133 -24.10 1.24 8.13
N HIS A 134 -25.03 1.13 9.08
CA HIS A 134 -24.69 0.76 10.44
C HIS A 134 -25.94 0.49 11.27
N HIS A 135 -25.75 0.11 12.52
CA HIS A 135 -26.86 -0.19 13.41
C HIS A 135 -26.57 0.30 14.83
N HIS A 136 -27.62 0.37 15.65
CA HIS A 136 -27.47 0.83 17.03
C HIS A 136 -26.60 -0.14 17.83
N HIS A 137 -25.48 0.37 18.35
CA HIS A 137 -24.57 -0.45 19.14
C HIS A 137 -24.97 -0.46 20.61
N HIS A 138 -24.43 -1.41 21.37
CA HIS A 138 -24.73 -1.52 22.78
C HIS A 138 -23.75 -2.46 23.47
N MET A 1 16.26 9.45 -16.72
CA MET A 1 15.55 9.25 -15.47
C MET A 1 14.09 9.68 -15.59
N GLU A 2 13.25 8.78 -16.08
CA GLU A 2 11.83 9.07 -16.25
C GLU A 2 11.10 9.06 -14.91
N HIS A 3 9.94 9.72 -14.87
CA HIS A 3 9.16 9.79 -13.65
C HIS A 3 8.46 8.46 -13.37
N VAL A 4 8.01 8.27 -12.13
CA VAL A 4 7.34 7.04 -11.75
C VAL A 4 5.82 7.18 -11.91
N ALA A 5 5.18 6.07 -12.27
CA ALA A 5 3.73 6.07 -12.46
C ALA A 5 3.05 5.07 -11.53
N PHE A 6 1.95 5.48 -10.91
CA PHE A 6 1.22 4.62 -10.00
C PHE A 6 0.48 3.52 -10.75
N GLY A 7 0.74 2.27 -10.36
CA GLY A 7 0.09 1.15 -11.02
C GLY A 7 0.53 0.99 -12.46
N SER A 8 1.77 1.37 -12.75
CA SER A 8 2.31 1.27 -14.10
C SER A 8 2.64 -0.18 -14.45
N GLU A 9 2.79 -0.45 -15.73
CA GLU A 9 3.12 -1.80 -16.20
C GLU A 9 4.49 -2.23 -15.70
N ASP A 10 5.39 -1.27 -15.55
CA ASP A 10 6.75 -1.55 -15.08
C ASP A 10 7.05 -0.78 -13.80
N ILE A 11 6.03 -0.61 -12.95
CA ILE A 11 6.20 0.11 -11.70
C ILE A 11 7.16 -0.60 -10.77
N GLU A 12 7.10 -1.94 -10.78
CA GLU A 12 7.97 -2.74 -9.93
C GLU A 12 9.39 -2.78 -10.48
N ASN A 13 9.49 -2.88 -11.81
CA ASN A 13 10.81 -2.92 -12.47
C ASN A 13 11.56 -1.61 -12.24
N THR A 14 10.84 -0.51 -12.22
CA THR A 14 11.44 0.80 -12.02
C THR A 14 11.90 0.98 -10.58
N LEU A 15 11.00 0.72 -9.63
CA LEU A 15 11.30 0.86 -8.21
C LEU A 15 12.44 -0.08 -7.82
N ALA A 16 12.45 -1.28 -8.40
CA ALA A 16 13.48 -2.26 -8.11
C ALA A 16 14.88 -1.67 -8.28
N LYS A 17 15.02 -0.80 -9.27
CA LYS A 17 16.31 -0.15 -9.54
C LYS A 17 16.46 1.11 -8.71
N MET A 18 15.33 1.72 -8.36
CA MET A 18 15.32 2.94 -7.56
C MET A 18 15.56 2.63 -6.08
N ASP A 19 16.09 3.61 -5.35
CA ASP A 19 16.36 3.45 -3.93
C ASP A 19 15.29 4.12 -3.09
N ASP A 20 15.53 4.21 -1.78
CA ASP A 20 14.59 4.84 -0.87
C ASP A 20 14.48 6.33 -1.14
N GLY A 21 15.59 6.95 -1.54
CA GLY A 21 15.60 8.37 -1.81
C GLY A 21 14.50 8.77 -2.80
N GLN A 22 14.52 8.16 -3.97
CA GLN A 22 13.53 8.46 -5.00
C GLN A 22 12.14 8.02 -4.55
N LEU A 23 12.08 6.88 -3.87
CA LEU A 23 10.81 6.34 -3.39
C LEU A 23 10.03 7.39 -2.62
N ASP A 24 10.72 8.10 -1.73
CA ASP A 24 10.09 9.14 -0.93
C ASP A 24 9.60 10.29 -1.81
N GLY A 25 10.26 10.48 -2.94
CA GLY A 25 9.88 11.53 -3.87
C GLY A 25 8.53 11.28 -4.51
N LEU A 26 8.11 10.02 -4.53
CA LEU A 26 6.84 9.64 -5.13
C LEU A 26 5.69 10.41 -4.50
N ALA A 27 4.63 10.64 -5.27
CA ALA A 27 3.47 11.35 -4.78
C ALA A 27 2.41 10.39 -4.26
N PHE A 28 2.83 9.18 -3.89
CA PHE A 28 1.92 8.17 -3.38
C PHE A 28 2.59 7.35 -2.27
N GLY A 29 1.86 6.35 -1.77
CA GLY A 29 2.40 5.52 -0.71
C GLY A 29 3.03 4.25 -1.24
N ALA A 30 4.10 3.81 -0.60
CA ALA A 30 4.80 2.59 -1.01
C ALA A 30 5.30 1.81 0.20
N ILE A 31 4.95 0.53 0.25
CA ILE A 31 5.36 -0.33 1.35
C ILE A 31 5.74 -1.72 0.85
N GLN A 32 6.92 -2.19 1.26
CA GLN A 32 7.39 -3.51 0.86
C GLN A 32 7.16 -4.54 1.96
N LEU A 33 6.46 -5.60 1.63
CA LEU A 33 6.16 -6.66 2.60
C LEU A 33 6.79 -7.98 2.15
N ASP A 34 7.11 -8.83 3.13
CA ASP A 34 7.70 -10.13 2.85
C ASP A 34 6.62 -11.20 2.71
N GLY A 35 7.06 -12.44 2.49
CA GLY A 35 6.11 -13.54 2.35
C GLY A 35 5.22 -13.70 3.56
N ASP A 36 5.73 -13.29 4.72
CA ASP A 36 4.96 -13.40 5.96
C ASP A 36 4.13 -12.15 6.19
N GLY A 37 4.50 -11.06 5.53
CA GLY A 37 3.78 -9.81 5.68
C GLY A 37 4.53 -8.80 6.51
N ASN A 38 5.82 -9.08 6.75
CA ASN A 38 6.65 -8.18 7.55
C ASN A 38 7.04 -6.94 6.75
N ILE A 39 6.98 -5.79 7.40
CA ILE A 39 7.33 -4.53 6.75
C ILE A 39 8.82 -4.46 6.46
N LEU A 40 9.19 -4.70 5.21
CA LEU A 40 10.59 -4.67 4.80
C LEU A 40 11.01 -3.25 4.44
N GLN A 41 10.11 -2.50 3.79
CA GLN A 41 10.39 -1.13 3.39
C GLN A 41 9.20 -0.23 3.68
N TYR A 42 9.46 1.06 3.82
CA TYR A 42 8.40 2.03 4.08
C TYR A 42 8.82 3.43 3.64
N ASN A 43 8.21 3.90 2.56
CA ASN A 43 8.51 5.22 2.03
C ASN A 43 7.99 6.32 2.95
N ALA A 44 8.70 7.43 3.02
CA ALA A 44 8.30 8.55 3.86
C ALA A 44 6.91 9.06 3.47
N ALA A 45 6.64 9.10 2.18
CA ALA A 45 5.35 9.56 1.69
C ALA A 45 4.20 8.91 2.45
N GLU A 46 4.14 7.59 2.40
CA GLU A 46 3.08 6.86 3.10
C GLU A 46 3.15 7.14 4.61
N GLY A 47 4.38 7.20 5.11
CA GLY A 47 4.59 7.45 6.52
C GLY A 47 4.02 8.80 6.95
N ASP A 48 4.01 9.76 6.04
CA ASP A 48 3.49 11.09 6.33
C ASP A 48 1.96 11.10 6.31
N ILE A 49 1.40 10.53 5.25
CA ILE A 49 -0.06 10.48 5.10
C ILE A 49 -0.69 9.68 6.25
N THR A 50 -0.21 8.47 6.46
CA THR A 50 -0.72 7.61 7.52
C THR A 50 -0.25 8.09 8.89
N GLY A 51 1.02 8.51 8.96
CA GLY A 51 1.57 8.97 10.21
C GLY A 51 2.36 7.91 10.94
N ARG A 52 3.01 7.03 10.18
CA ARG A 52 3.80 5.95 10.76
C ARG A 52 5.28 6.11 10.40
N ASP A 53 6.15 5.56 11.24
CA ASP A 53 7.58 5.64 11.01
C ASP A 53 8.08 4.41 10.28
N PRO A 54 9.00 4.61 9.32
CA PRO A 54 9.58 3.52 8.53
C PRO A 54 10.50 2.63 9.35
N LYS A 55 11.46 3.25 10.03
CA LYS A 55 12.41 2.51 10.85
C LYS A 55 11.70 1.87 12.05
N GLN A 56 10.46 2.30 12.30
CA GLN A 56 9.69 1.77 13.41
C GLN A 56 8.84 0.59 12.97
N VAL A 57 8.42 0.61 11.71
CA VAL A 57 7.58 -0.46 11.16
C VAL A 57 8.44 -1.65 10.74
N ILE A 58 9.71 -1.38 10.43
CA ILE A 58 10.63 -2.43 10.01
C ILE A 58 10.56 -3.64 10.95
N GLY A 59 10.22 -4.79 10.38
CA GLY A 59 10.11 -6.00 11.18
C GLY A 59 8.69 -6.31 11.59
N LYS A 60 7.88 -5.27 11.73
CA LYS A 60 6.48 -5.43 12.10
C LYS A 60 5.61 -5.73 10.89
N ASN A 61 4.60 -6.58 11.07
CA ASN A 61 3.70 -6.94 9.99
C ASN A 61 2.77 -5.78 9.65
N PHE A 62 2.30 -5.75 8.40
CA PHE A 62 1.41 -4.70 7.95
C PHE A 62 0.07 -4.78 8.66
N PHE A 63 -0.32 -5.98 9.05
CA PHE A 63 -1.59 -6.18 9.75
C PHE A 63 -1.37 -6.30 11.26
N LYS A 64 -0.10 -6.36 11.66
CA LYS A 64 0.25 -6.47 13.07
C LYS A 64 0.07 -5.13 13.78
N ASP A 65 0.75 -4.10 13.29
CA ASP A 65 0.66 -2.77 13.86
C ASP A 65 0.34 -1.73 12.80
N VAL A 66 0.98 -1.87 11.63
CA VAL A 66 0.76 -0.94 10.53
C VAL A 66 -0.73 -0.79 10.22
N ALA A 67 -1.49 -1.85 10.50
CA ALA A 67 -2.92 -1.83 10.25
C ALA A 67 -3.65 -2.82 11.16
N PRO A 68 -3.98 -2.37 12.38
CA PRO A 68 -4.66 -3.19 13.37
C PRO A 68 -6.12 -3.47 12.98
N GLY A 69 -6.45 -4.74 12.84
CA GLY A 69 -7.81 -5.12 12.47
C GLY A 69 -7.94 -5.46 11.01
N THR A 70 -6.81 -5.45 10.30
CA THR A 70 -6.80 -5.75 8.87
C THR A 70 -6.50 -7.23 8.63
N ASP A 71 -6.75 -8.06 9.64
CA ASP A 71 -6.49 -9.49 9.54
C ASP A 71 -7.71 -10.22 8.97
N SER A 72 -8.25 -9.69 7.87
CA SER A 72 -9.42 -10.28 7.24
C SER A 72 -9.03 -10.97 5.93
N PRO A 73 -9.94 -11.83 5.43
CA PRO A 73 -9.71 -12.58 4.19
C PRO A 73 -9.74 -11.68 2.96
N GLU A 74 -10.13 -10.42 3.17
CA GLU A 74 -10.21 -9.45 2.08
C GLU A 74 -8.86 -8.76 1.86
N PHE A 75 -8.14 -8.53 2.95
CA PHE A 75 -6.84 -7.87 2.88
C PHE A 75 -5.72 -8.86 3.18
N TYR A 76 -5.67 -9.33 4.43
CA TYR A 76 -4.65 -10.28 4.84
C TYR A 76 -4.73 -11.58 4.03
N GLY A 77 -5.96 -12.07 3.86
CA GLY A 77 -6.17 -13.30 3.11
C GLY A 77 -5.60 -13.21 1.70
N LYS A 78 -5.86 -12.10 1.03
CA LYS A 78 -5.37 -11.89 -0.33
C LYS A 78 -3.85 -11.88 -0.37
N PHE A 79 -3.24 -11.23 0.63
CA PHE A 79 -1.79 -11.14 0.72
C PHE A 79 -1.16 -12.53 0.65
N LYS A 80 -1.46 -13.37 1.63
CA LYS A 80 -0.92 -14.72 1.68
C LYS A 80 -1.44 -15.56 0.52
N GLU A 81 -2.68 -15.30 0.11
CA GLU A 81 -3.30 -16.02 -0.98
C GLU A 81 -2.39 -16.03 -2.21
N GLY A 82 -2.07 -14.85 -2.70
CA GLY A 82 -1.20 -14.74 -3.87
C GLY A 82 0.17 -15.34 -3.64
N VAL A 83 0.71 -15.14 -2.45
CA VAL A 83 2.02 -15.66 -2.09
C VAL A 83 2.11 -17.15 -2.39
N ALA A 84 1.00 -17.86 -2.20
CA ALA A 84 0.95 -19.30 -2.46
C ALA A 84 1.13 -19.59 -3.95
N SER A 85 0.58 -18.72 -4.79
CA SER A 85 0.68 -18.89 -6.23
C SER A 85 2.02 -18.36 -6.76
N GLY A 86 2.56 -17.37 -6.07
CA GLY A 86 3.82 -16.79 -6.49
C GLY A 86 3.65 -15.56 -7.35
N ASN A 87 2.59 -14.80 -7.10
CA ASN A 87 2.31 -13.58 -7.86
C ASN A 87 1.13 -12.84 -7.26
N LEU A 88 1.33 -12.27 -6.07
CA LEU A 88 0.29 -11.52 -5.39
C LEU A 88 -0.13 -10.30 -6.21
N ASN A 89 -1.20 -10.46 -7.00
CA ASN A 89 -1.69 -9.37 -7.83
C ASN A 89 -3.15 -9.04 -7.48
N THR A 90 -3.33 -7.97 -6.73
CA THR A 90 -4.65 -7.53 -6.31
C THR A 90 -4.81 -6.02 -6.41
N MET A 91 -5.96 -5.58 -6.88
CA MET A 91 -6.23 -4.15 -7.02
C MET A 91 -7.66 -3.82 -6.62
N PHE A 92 -7.81 -3.13 -5.49
CA PHE A 92 -9.12 -2.75 -4.99
C PHE A 92 -9.03 -1.54 -4.05
N GLU A 93 -10.18 -1.01 -3.68
CA GLU A 93 -10.23 0.14 -2.79
C GLU A 93 -10.36 -0.28 -1.33
N TRP A 94 -9.69 0.44 -0.44
CA TRP A 94 -9.73 0.12 0.98
C TRP A 94 -10.04 1.37 1.81
N MET A 95 -10.60 1.16 2.99
CA MET A 95 -10.95 2.27 3.88
C MET A 95 -9.88 2.46 4.96
N ILE A 96 -9.32 3.65 5.02
CA ILE A 96 -8.28 3.95 6.01
C ILE A 96 -8.82 4.88 7.10
N PRO A 97 -9.37 4.30 8.17
CA PRO A 97 -9.93 5.05 9.29
C PRO A 97 -8.85 5.76 10.11
N THR A 98 -9.01 7.06 10.29
CA THR A 98 -8.05 7.85 11.06
C THR A 98 -8.76 8.73 12.08
N SER A 99 -7.99 9.62 12.72
CA SER A 99 -8.54 10.52 13.72
C SER A 99 -9.46 11.56 13.08
N ARG A 100 -9.10 11.99 11.87
CA ARG A 100 -9.88 12.98 11.15
C ARG A 100 -11.12 12.35 10.53
N GLY A 101 -11.12 11.03 10.43
CA GLY A 101 -12.25 10.32 9.85
C GLY A 101 -11.84 9.34 8.78
N PRO A 102 -12.75 8.44 8.40
CA PRO A 102 -12.49 7.43 7.38
C PRO A 102 -12.39 8.04 5.98
N THR A 103 -11.49 7.47 5.16
CA THR A 103 -11.29 7.96 3.81
C THR A 103 -10.93 6.82 2.87
N LYS A 104 -11.70 6.68 1.80
CA LYS A 104 -11.48 5.62 0.81
C LYS A 104 -10.18 5.88 0.04
N VAL A 105 -9.49 4.80 -0.32
CA VAL A 105 -8.25 4.90 -1.06
C VAL A 105 -8.05 3.70 -1.97
N LYS A 106 -7.11 3.82 -2.91
CA LYS A 106 -6.82 2.75 -3.84
C LYS A 106 -5.64 1.91 -3.37
N VAL A 107 -5.84 0.60 -3.28
CA VAL A 107 -4.78 -0.31 -2.83
C VAL A 107 -4.37 -1.25 -3.96
N HIS A 108 -3.06 -1.33 -4.22
CA HIS A 108 -2.54 -2.21 -5.26
C HIS A 108 -1.33 -2.98 -4.76
N MET A 109 -1.44 -4.31 -4.74
CA MET A 109 -0.35 -5.16 -4.29
C MET A 109 0.17 -6.03 -5.42
N LYS A 110 1.45 -5.84 -5.77
CA LYS A 110 2.06 -6.60 -6.86
C LYS A 110 3.37 -7.24 -6.38
N LYS A 111 3.47 -8.55 -6.54
CA LYS A 111 4.67 -9.28 -6.13
C LYS A 111 5.92 -8.68 -6.77
N ALA A 112 7.02 -8.69 -6.04
CA ALA A 112 8.28 -8.15 -6.54
C ALA A 112 8.80 -8.99 -7.71
N LEU A 113 9.91 -8.54 -8.31
CA LEU A 113 10.50 -9.25 -9.43
C LEU A 113 11.36 -10.41 -8.95
N SER A 114 12.06 -10.21 -7.83
CA SER A 114 12.91 -11.24 -7.27
C SER A 114 12.08 -12.38 -6.69
N GLY A 115 10.84 -12.08 -6.34
CA GLY A 115 9.95 -13.08 -5.78
C GLY A 115 10.04 -13.16 -4.26
N ASP A 116 11.13 -12.64 -3.72
CA ASP A 116 11.34 -12.65 -2.27
C ASP A 116 10.87 -11.34 -1.63
N SER A 117 9.80 -10.79 -2.18
CA SER A 117 9.25 -9.53 -1.67
C SER A 117 7.98 -9.15 -2.44
N TYR A 118 7.18 -8.27 -1.84
CA TYR A 118 5.95 -7.82 -2.46
C TYR A 118 5.81 -6.31 -2.35
N TRP A 119 5.27 -5.69 -3.40
CA TRP A 119 5.08 -4.24 -3.43
C TRP A 119 3.65 -3.88 -3.06
N VAL A 120 3.50 -2.88 -2.20
CA VAL A 120 2.18 -2.43 -1.76
C VAL A 120 2.06 -0.92 -1.85
N PHE A 121 1.34 -0.44 -2.86
CA PHE A 121 1.15 0.99 -3.06
C PHE A 121 -0.24 1.42 -2.60
N VAL A 122 -0.36 2.68 -2.17
CA VAL A 122 -1.64 3.21 -1.71
C VAL A 122 -1.80 4.67 -2.13
N LYS A 123 -2.79 4.93 -2.96
CA LYS A 123 -3.07 6.28 -3.44
C LYS A 123 -4.44 6.75 -2.99
N ARG A 124 -4.51 8.01 -2.53
CA ARG A 124 -5.77 8.57 -2.07
C ARG A 124 -6.72 8.83 -3.24
N VAL A 125 -7.93 8.30 -3.14
CA VAL A 125 -8.94 8.47 -4.19
C VAL A 125 -9.44 9.91 -4.24
N LYS A 126 -10.20 10.22 -5.28
CA LYS A 126 -10.75 11.56 -5.45
C LYS A 126 -11.85 11.83 -4.41
N LEU A 127 -12.05 13.10 -4.09
CA LEU A 127 -13.06 13.49 -3.12
C LEU A 127 -14.43 13.63 -3.78
N ALA A 128 -15.42 14.06 -3.01
CA ALA A 128 -16.78 14.24 -3.52
C ALA A 128 -17.37 12.91 -3.97
N ALA A 129 -16.93 11.83 -3.34
CA ALA A 129 -17.43 10.50 -3.67
C ALA A 129 -18.83 10.28 -3.10
N ALA A 130 -19.58 9.39 -3.75
CA ALA A 130 -20.94 9.09 -3.31
C ALA A 130 -21.56 8.00 -4.18
N LEU A 131 -22.19 7.02 -3.54
CA LEU A 131 -22.82 5.92 -4.24
C LEU A 131 -24.12 5.50 -3.56
N GLU A 132 -25.12 5.17 -4.36
CA GLU A 132 -26.42 4.76 -3.83
C GLU A 132 -26.33 3.39 -3.17
N HIS A 133 -27.47 2.87 -2.72
CA HIS A 133 -27.51 1.56 -2.07
C HIS A 133 -28.63 0.71 -2.64
N HIS A 134 -28.53 -0.60 -2.45
CA HIS A 134 -29.54 -1.53 -2.95
C HIS A 134 -30.33 -2.14 -1.80
N HIS A 135 -31.37 -1.44 -1.35
CA HIS A 135 -32.21 -1.91 -0.26
C HIS A 135 -33.54 -2.43 -0.79
N HIS A 136 -34.17 -3.31 -0.01
CA HIS A 136 -35.45 -3.89 -0.40
C HIS A 136 -36.58 -3.37 0.49
N HIS A 137 -37.79 -3.88 0.27
CA HIS A 137 -38.94 -3.46 1.06
C HIS A 137 -38.94 -4.13 2.43
N HIS A 138 -39.70 -3.57 3.36
CA HIS A 138 -39.79 -4.12 4.70
C HIS A 138 -41.24 -4.32 5.12
N MET A 1 16.74 11.32 -15.05
CA MET A 1 16.00 10.12 -14.66
C MET A 1 14.52 10.28 -15.01
N GLU A 2 13.85 9.15 -15.23
CA GLU A 2 12.43 9.15 -15.57
C GLU A 2 11.58 9.13 -14.31
N HIS A 3 10.35 9.64 -14.44
CA HIS A 3 9.43 9.69 -13.30
C HIS A 3 8.76 8.33 -13.10
N VAL A 4 8.19 8.13 -11.91
CA VAL A 4 7.52 6.88 -11.57
C VAL A 4 6.01 6.99 -11.77
N ALA A 5 5.38 5.88 -12.15
CA ALA A 5 3.94 5.86 -12.36
C ALA A 5 3.28 4.78 -11.51
N PHE A 6 2.10 5.08 -11.00
CA PHE A 6 1.36 4.15 -10.16
C PHE A 6 0.71 3.06 -11.00
N GLY A 7 0.97 1.80 -10.65
CA GLY A 7 0.40 0.69 -11.39
C GLY A 7 0.95 0.59 -12.79
N SER A 8 2.21 1.00 -12.98
CA SER A 8 2.85 0.95 -14.28
C SER A 8 3.27 -0.47 -14.63
N GLU A 9 3.54 -0.70 -15.91
CA GLU A 9 3.95 -2.02 -16.38
C GLU A 9 5.32 -2.39 -15.82
N ASP A 10 6.15 -1.39 -15.61
CA ASP A 10 7.50 -1.60 -15.08
C ASP A 10 7.68 -0.84 -13.76
N ILE A 11 6.64 -0.80 -12.96
CA ILE A 11 6.69 -0.09 -11.68
C ILE A 11 7.74 -0.72 -10.76
N GLU A 12 7.84 -2.05 -10.80
CA GLU A 12 8.80 -2.76 -9.98
C GLU A 12 10.21 -2.62 -10.53
N ASN A 13 10.34 -2.71 -11.85
CA ASN A 13 11.63 -2.59 -12.50
C ASN A 13 12.29 -1.25 -12.18
N THR A 14 11.48 -0.21 -12.06
CA THR A 14 11.98 1.12 -11.76
C THR A 14 12.34 1.24 -10.28
N LEU A 15 11.40 0.90 -9.41
CA LEU A 15 11.62 0.98 -7.97
C LEU A 15 12.81 0.11 -7.56
N ALA A 16 12.97 -1.03 -8.24
CA ALA A 16 14.08 -1.94 -7.95
C ALA A 16 15.41 -1.23 -8.04
N LYS A 17 15.52 -0.30 -8.99
CA LYS A 17 16.75 0.46 -9.19
C LYS A 17 16.79 1.67 -8.27
N MET A 18 15.63 2.16 -7.88
CA MET A 18 15.53 3.32 -7.00
C MET A 18 15.63 2.89 -5.54
N ASP A 19 16.17 3.78 -4.71
CA ASP A 19 16.31 3.50 -3.29
C ASP A 19 15.26 4.23 -2.47
N ASP A 20 15.28 4.04 -1.16
CA ASP A 20 14.33 4.69 -0.26
C ASP A 20 14.29 6.19 -0.51
N GLY A 21 15.46 6.76 -0.81
CA GLY A 21 15.53 8.19 -1.06
C GLY A 21 14.54 8.65 -2.10
N GLN A 22 14.49 7.95 -3.23
CA GLN A 22 13.56 8.30 -4.30
C GLN A 22 12.16 7.82 -3.99
N LEU A 23 12.06 6.66 -3.34
CA LEU A 23 10.77 6.08 -2.99
C LEU A 23 9.91 7.11 -2.25
N ASP A 24 10.50 7.77 -1.27
CA ASP A 24 9.79 8.78 -0.48
C ASP A 24 9.38 9.95 -1.36
N GLY A 25 10.14 10.20 -2.42
CA GLY A 25 9.85 11.29 -3.32
C GLY A 25 8.56 11.08 -4.10
N LEU A 26 8.14 9.83 -4.20
CA LEU A 26 6.92 9.49 -4.92
C LEU A 26 5.72 10.26 -4.36
N ALA A 27 4.71 10.46 -5.19
CA ALA A 27 3.51 11.19 -4.78
C ALA A 27 2.43 10.22 -4.29
N PHE A 28 2.87 9.02 -3.89
CA PHE A 28 1.93 8.02 -3.40
C PHE A 28 2.56 7.20 -2.28
N GLY A 29 1.82 6.21 -1.78
CA GLY A 29 2.32 5.37 -0.71
C GLY A 29 2.94 4.08 -1.22
N ALA A 30 4.05 3.69 -0.61
CA ALA A 30 4.75 2.47 -1.00
C ALA A 30 5.23 1.69 0.22
N ILE A 31 4.88 0.41 0.27
CA ILE A 31 5.27 -0.44 1.38
C ILE A 31 5.66 -1.84 0.89
N GLN A 32 6.88 -2.25 1.23
CA GLN A 32 7.37 -3.56 0.82
C GLN A 32 7.16 -4.59 1.94
N LEU A 33 6.40 -5.63 1.64
CA LEU A 33 6.12 -6.68 2.61
C LEU A 33 6.74 -8.00 2.17
N ASP A 34 7.06 -8.85 3.15
CA ASP A 34 7.66 -10.15 2.87
C ASP A 34 6.59 -11.22 2.73
N GLY A 35 7.03 -12.46 2.54
CA GLY A 35 6.09 -13.56 2.40
C GLY A 35 5.19 -13.72 3.61
N ASP A 36 5.68 -13.31 4.76
CA ASP A 36 4.91 -13.41 6.00
C ASP A 36 4.10 -12.14 6.23
N GLY A 37 4.48 -11.06 5.56
CA GLY A 37 3.77 -9.80 5.70
C GLY A 37 4.54 -8.79 6.54
N ASN A 38 5.82 -9.07 6.76
CA ASN A 38 6.66 -8.19 7.54
C ASN A 38 7.06 -6.95 6.74
N ILE A 39 6.98 -5.78 7.38
CA ILE A 39 7.32 -4.52 6.72
C ILE A 39 8.81 -4.44 6.44
N LEU A 40 9.20 -4.71 5.20
CA LEU A 40 10.59 -4.66 4.79
C LEU A 40 11.01 -3.24 4.44
N GLN A 41 10.11 -2.52 3.77
CA GLN A 41 10.40 -1.14 3.37
C GLN A 41 9.18 -0.26 3.63
N TYR A 42 9.44 1.04 3.80
CA TYR A 42 8.37 2.00 4.04
C TYR A 42 8.77 3.40 3.58
N ASN A 43 8.12 3.87 2.52
CA ASN A 43 8.40 5.20 1.99
C ASN A 43 7.90 6.29 2.92
N ALA A 44 8.59 7.42 2.93
CA ALA A 44 8.20 8.55 3.78
C ALA A 44 6.82 9.05 3.41
N ALA A 45 6.53 9.10 2.12
CA ALA A 45 5.23 9.57 1.65
C ALA A 45 4.09 8.92 2.43
N GLU A 46 4.03 7.60 2.40
CA GLU A 46 2.98 6.88 3.12
C GLU A 46 3.08 7.17 4.62
N GLY A 47 4.32 7.15 5.11
CA GLY A 47 4.55 7.41 6.52
C GLY A 47 4.00 8.76 6.97
N ASP A 48 3.99 9.72 6.05
CA ASP A 48 3.49 11.05 6.36
C ASP A 48 1.96 11.07 6.37
N ILE A 49 1.36 10.53 5.31
CA ILE A 49 -0.09 10.50 5.21
C ILE A 49 -0.71 9.70 6.34
N THR A 50 -0.24 8.46 6.52
CA THR A 50 -0.74 7.60 7.58
C THR A 50 -0.23 8.04 8.95
N GLY A 51 1.01 8.54 8.97
CA GLY A 51 1.59 9.00 10.22
C GLY A 51 2.37 7.91 10.92
N ARG A 52 2.99 7.03 10.14
CA ARG A 52 3.78 5.93 10.69
C ARG A 52 5.25 6.09 10.34
N ASP A 53 6.12 5.55 11.20
CA ASP A 53 7.56 5.63 10.97
C ASP A 53 8.06 4.40 10.24
N PRO A 54 8.98 4.61 9.28
CA PRO A 54 9.55 3.53 8.48
C PRO A 54 10.48 2.63 9.30
N LYS A 55 11.45 3.25 9.98
CA LYS A 55 12.40 2.52 10.80
C LYS A 55 11.71 1.88 12.00
N GLN A 56 10.47 2.30 12.25
CA GLN A 56 9.70 1.77 13.38
C GLN A 56 8.85 0.59 12.93
N VAL A 57 8.42 0.61 11.67
CA VAL A 57 7.60 -0.47 11.13
C VAL A 57 8.46 -1.65 10.70
N ILE A 58 9.73 -1.38 10.39
CA ILE A 58 10.65 -2.43 9.97
C ILE A 58 10.58 -3.63 10.91
N GLY A 59 10.24 -4.79 10.35
CA GLY A 59 10.15 -6.00 11.14
C GLY A 59 8.72 -6.31 11.56
N LYS A 60 7.91 -5.27 11.70
CA LYS A 60 6.52 -5.44 12.10
C LYS A 60 5.64 -5.74 10.89
N ASN A 61 4.64 -6.58 11.09
CA ASN A 61 3.72 -6.94 10.01
C ASN A 61 2.79 -5.79 9.67
N PHE A 62 2.31 -5.75 8.43
CA PHE A 62 1.41 -4.70 7.98
C PHE A 62 0.08 -4.77 8.71
N PHE A 63 -0.31 -5.99 9.10
CA PHE A 63 -1.57 -6.21 9.80
C PHE A 63 -1.34 -6.31 11.31
N LYS A 64 -0.08 -6.37 11.71
CA LYS A 64 0.28 -6.47 13.12
C LYS A 64 0.09 -5.12 13.82
N ASP A 65 0.77 -4.10 13.32
CA ASP A 65 0.68 -2.76 13.90
C ASP A 65 0.36 -1.73 12.83
N VAL A 66 0.98 -1.87 11.66
CA VAL A 66 0.75 -0.95 10.56
C VAL A 66 -0.73 -0.80 10.25
N ALA A 67 -1.50 -1.85 10.53
CA ALA A 67 -2.93 -1.85 10.29
C ALA A 67 -3.65 -2.84 11.21
N PRO A 68 -3.96 -2.39 12.42
CA PRO A 68 -4.65 -3.22 13.42
C PRO A 68 -6.10 -3.49 13.04
N GLY A 69 -6.44 -4.77 12.89
CA GLY A 69 -7.80 -5.13 12.53
C GLY A 69 -7.94 -5.47 11.06
N THR A 70 -6.82 -5.45 10.34
CA THR A 70 -6.82 -5.75 8.91
C THR A 70 -6.52 -7.22 8.65
N ASP A 71 -6.76 -8.05 9.67
CA ASP A 71 -6.52 -9.48 9.55
C ASP A 71 -7.74 -10.20 8.98
N SER A 72 -8.27 -9.67 7.89
CA SER A 72 -9.44 -10.25 7.24
C SER A 72 -9.06 -10.96 5.95
N PRO A 73 -9.96 -11.82 5.45
CA PRO A 73 -9.74 -12.58 4.22
C PRO A 73 -9.76 -11.69 2.98
N GLU A 74 -10.13 -10.43 3.17
CA GLU A 74 -10.19 -9.47 2.07
C GLU A 74 -8.85 -8.78 1.87
N PHE A 75 -8.16 -8.51 2.97
CA PHE A 75 -6.86 -7.86 2.91
C PHE A 75 -5.73 -8.84 3.22
N TYR A 76 -5.70 -9.32 4.46
CA TYR A 76 -4.68 -10.27 4.89
C TYR A 76 -4.77 -11.56 4.09
N GLY A 77 -5.99 -12.05 3.89
CA GLY A 77 -6.18 -13.27 3.14
C GLY A 77 -5.64 -13.18 1.73
N LYS A 78 -5.92 -12.07 1.06
CA LYS A 78 -5.45 -11.86 -0.30
C LYS A 78 -3.91 -11.82 -0.35
N PHE A 79 -3.31 -11.21 0.66
CA PHE A 79 -1.86 -11.10 0.73
C PHE A 79 -1.21 -12.48 0.66
N LYS A 80 -1.50 -13.32 1.65
CA LYS A 80 -0.95 -14.66 1.69
C LYS A 80 -1.46 -15.50 0.53
N GLU A 81 -2.71 -15.26 0.13
CA GLU A 81 -3.31 -16.01 -0.97
C GLU A 81 -2.40 -16.00 -2.19
N GLY A 82 -2.09 -14.81 -2.69
CA GLY A 82 -1.23 -14.69 -3.85
C GLY A 82 0.15 -15.28 -3.62
N VAL A 83 0.68 -15.07 -2.42
CA VAL A 83 2.00 -15.57 -2.07
C VAL A 83 2.12 -17.06 -2.37
N ALA A 84 1.02 -17.78 -2.18
CA ALA A 84 1.00 -19.22 -2.43
C ALA A 84 1.09 -19.51 -3.93
N SER A 85 0.46 -18.65 -4.73
CA SER A 85 0.47 -18.81 -6.18
C SER A 85 1.80 -18.36 -6.78
N GLY A 86 2.43 -17.39 -6.12
CA GLY A 86 3.71 -16.89 -6.60
C GLY A 86 3.55 -15.64 -7.45
N ASN A 87 2.55 -14.83 -7.13
CA ASN A 87 2.30 -13.59 -7.87
C ASN A 87 1.11 -12.83 -7.27
N LEU A 88 1.33 -12.27 -6.08
CA LEU A 88 0.29 -11.51 -5.41
C LEU A 88 -0.12 -10.29 -6.22
N ASN A 89 -1.19 -10.43 -6.99
CA ASN A 89 -1.69 -9.34 -7.83
C ASN A 89 -3.13 -8.99 -7.46
N THR A 90 -3.29 -7.92 -6.69
CA THR A 90 -4.61 -7.46 -6.27
C THR A 90 -4.74 -5.95 -6.38
N MET A 91 -5.89 -5.49 -6.84
CA MET A 91 -6.14 -4.07 -6.99
C MET A 91 -7.58 -3.72 -6.58
N PHE A 92 -7.71 -3.03 -5.46
CA PHE A 92 -9.02 -2.64 -4.95
C PHE A 92 -8.90 -1.45 -4.00
N GLU A 93 -10.05 -0.86 -3.66
CA GLU A 93 -10.07 0.29 -2.76
C GLU A 93 -10.23 -0.17 -1.31
N TRP A 94 -9.55 0.53 -0.40
CA TRP A 94 -9.62 0.20 1.02
C TRP A 94 -9.96 1.43 1.86
N MET A 95 -10.54 1.21 3.04
CA MET A 95 -10.91 2.31 3.92
C MET A 95 -9.87 2.48 5.02
N ILE A 96 -9.30 3.68 5.10
CA ILE A 96 -8.29 3.98 6.12
C ILE A 96 -8.86 4.91 7.20
N PRO A 97 -9.39 4.31 8.27
CA PRO A 97 -9.97 5.05 9.39
C PRO A 97 -8.91 5.79 10.20
N THR A 98 -9.11 7.09 10.39
CA THR A 98 -8.17 7.90 11.15
C THR A 98 -8.90 8.75 12.19
N SER A 99 -8.16 9.66 12.82
CA SER A 99 -8.73 10.54 13.84
C SER A 99 -9.66 11.56 13.19
N ARG A 100 -9.29 12.02 12.01
CA ARG A 100 -10.09 13.01 11.29
C ARG A 100 -11.30 12.35 10.62
N GLY A 101 -11.25 11.03 10.49
CA GLY A 101 -12.34 10.30 9.88
C GLY A 101 -11.86 9.34 8.81
N PRO A 102 -12.74 8.42 8.40
CA PRO A 102 -12.42 7.42 7.37
C PRO A 102 -12.29 8.03 5.98
N THR A 103 -11.40 7.46 5.17
CA THR A 103 -11.18 7.97 3.82
C THR A 103 -10.83 6.83 2.87
N LYS A 104 -11.59 6.69 1.80
CA LYS A 104 -11.36 5.65 0.81
C LYS A 104 -10.07 5.91 0.04
N VAL A 105 -9.33 4.85 -0.24
CA VAL A 105 -8.07 4.95 -0.97
C VAL A 105 -7.87 3.77 -1.91
N LYS A 106 -7.04 3.97 -2.92
CA LYS A 106 -6.76 2.91 -3.90
C LYS A 106 -5.58 2.07 -3.46
N VAL A 107 -5.79 0.76 -3.33
CA VAL A 107 -4.74 -0.15 -2.92
C VAL A 107 -4.32 -1.07 -4.08
N HIS A 108 -3.02 -1.32 -4.19
CA HIS A 108 -2.50 -2.17 -5.24
C HIS A 108 -1.27 -2.94 -4.76
N MET A 109 -1.37 -4.27 -4.75
CA MET A 109 -0.26 -5.11 -4.31
C MET A 109 0.24 -5.98 -5.45
N LYS A 110 1.51 -5.82 -5.80
CA LYS A 110 2.12 -6.60 -6.88
C LYS A 110 3.43 -7.23 -6.43
N LYS A 111 3.53 -8.55 -6.56
CA LYS A 111 4.72 -9.27 -6.17
C LYS A 111 5.97 -8.64 -6.80
N ALA A 112 7.05 -8.60 -6.04
CA ALA A 112 8.31 -8.02 -6.51
C ALA A 112 8.83 -8.80 -7.72
N LEU A 113 9.95 -8.34 -8.27
CA LEU A 113 10.57 -8.99 -9.42
C LEU A 113 11.41 -10.18 -9.00
N SER A 114 12.07 -10.05 -7.85
CA SER A 114 12.92 -11.11 -7.32
C SER A 114 12.07 -12.27 -6.78
N GLY A 115 10.84 -11.95 -6.41
CA GLY A 115 9.95 -12.97 -5.88
C GLY A 115 10.04 -13.09 -4.37
N ASP A 116 11.13 -12.58 -3.80
CA ASP A 116 11.33 -12.64 -2.37
C ASP A 116 10.87 -11.34 -1.69
N SER A 117 9.78 -10.79 -2.21
CA SER A 117 9.23 -9.54 -1.67
C SER A 117 7.97 -9.12 -2.43
N TYR A 118 7.17 -8.27 -1.81
CA TYR A 118 5.94 -7.79 -2.41
C TYR A 118 5.82 -6.28 -2.29
N TRP A 119 5.35 -5.64 -3.35
CA TRP A 119 5.17 -4.19 -3.36
C TRP A 119 3.73 -3.81 -3.08
N VAL A 120 3.53 -2.89 -2.14
CA VAL A 120 2.20 -2.43 -1.78
C VAL A 120 2.05 -0.93 -2.01
N PHE A 121 1.35 -0.57 -3.07
CA PHE A 121 1.13 0.84 -3.40
C PHE A 121 -0.25 1.30 -2.92
N VAL A 122 -0.29 2.50 -2.35
CA VAL A 122 -1.54 3.06 -1.85
C VAL A 122 -1.60 4.57 -2.08
N LYS A 123 -2.57 5.00 -2.87
CA LYS A 123 -2.74 6.42 -3.18
C LYS A 123 -4.19 6.85 -2.97
N ARG A 124 -4.39 8.13 -2.68
CA ARG A 124 -5.72 8.67 -2.47
C ARG A 124 -6.65 8.33 -3.63
N VAL A 125 -7.81 7.78 -3.31
CA VAL A 125 -8.78 7.40 -4.34
C VAL A 125 -9.52 8.63 -4.86
N LYS A 126 -9.92 8.57 -6.13
CA LYS A 126 -10.64 9.67 -6.76
C LYS A 126 -11.88 10.03 -5.95
N LEU A 127 -12.26 11.31 -6.01
CA LEU A 127 -13.43 11.80 -5.28
C LEU A 127 -14.00 13.05 -5.94
N ALA A 128 -15.03 13.62 -5.33
CA ALA A 128 -15.66 14.83 -5.84
C ALA A 128 -16.14 15.73 -4.71
N ALA A 129 -16.91 16.75 -5.06
CA ALA A 129 -17.44 17.69 -4.07
C ALA A 129 -18.42 16.99 -3.13
N ALA A 130 -18.84 17.71 -2.10
CA ALA A 130 -19.78 17.16 -1.13
C ALA A 130 -20.35 18.25 -0.23
N LEU A 131 -21.57 18.06 0.25
CA LEU A 131 -22.23 19.02 1.11
C LEU A 131 -22.54 18.41 2.47
N GLU A 132 -22.47 19.24 3.52
CA GLU A 132 -22.74 18.77 4.87
C GLU A 132 -23.39 19.88 5.70
N HIS A 133 -23.66 19.58 6.96
CA HIS A 133 -24.27 20.55 7.87
C HIS A 133 -23.36 21.75 8.08
N HIS A 134 -23.94 22.94 8.07
CA HIS A 134 -23.18 24.18 8.27
C HIS A 134 -23.74 25.00 9.43
N HIS A 135 -22.91 25.85 10.00
CA HIS A 135 -23.32 26.69 11.11
C HIS A 135 -22.23 27.69 11.48
N HIS A 136 -22.61 28.76 12.18
CA HIS A 136 -21.67 29.78 12.58
C HIS A 136 -21.01 30.44 11.37
N HIS A 137 -21.80 30.65 10.32
CA HIS A 137 -21.29 31.26 9.10
C HIS A 137 -20.68 32.63 9.39
N HIS A 138 -19.53 32.90 8.79
CA HIS A 138 -18.85 34.18 8.98
C HIS A 138 -18.96 35.05 7.74
N MET A 1 16.59 8.21 -15.32
CA MET A 1 15.97 8.78 -14.13
C MET A 1 14.67 9.50 -14.49
N GLU A 2 13.71 8.75 -15.03
CA GLU A 2 12.42 9.31 -15.41
C GLU A 2 11.45 9.31 -14.23
N HIS A 3 10.31 9.97 -14.41
CA HIS A 3 9.30 10.05 -13.36
C HIS A 3 8.62 8.69 -13.16
N VAL A 4 8.17 8.44 -11.93
CA VAL A 4 7.51 7.19 -11.60
C VAL A 4 6.00 7.30 -11.76
N ALA A 5 5.37 6.22 -12.18
CA ALA A 5 3.93 6.20 -12.37
C ALA A 5 3.26 5.19 -11.43
N PHE A 6 2.16 5.62 -10.81
CA PHE A 6 1.44 4.77 -9.87
C PHE A 6 0.65 3.71 -10.63
N GLY A 7 0.78 2.45 -10.19
CA GLY A 7 0.07 1.36 -10.83
C GLY A 7 0.49 1.16 -12.27
N SER A 8 1.76 1.45 -12.55
CA SER A 8 2.30 1.30 -13.90
C SER A 8 2.58 -0.16 -14.21
N GLU A 9 2.73 -0.48 -15.49
CA GLU A 9 3.02 -1.84 -15.91
C GLU A 9 4.40 -2.28 -15.44
N ASP A 10 5.32 -1.33 -15.36
CA ASP A 10 6.68 -1.61 -14.92
C ASP A 10 7.04 -0.80 -13.68
N ILE A 11 6.05 -0.59 -12.82
CA ILE A 11 6.26 0.17 -11.60
C ILE A 11 7.26 -0.52 -10.68
N GLU A 12 7.19 -1.85 -10.63
CA GLU A 12 8.10 -2.62 -9.79
C GLU A 12 9.51 -2.65 -10.38
N ASN A 13 9.58 -2.71 -11.71
CA ASN A 13 10.86 -2.74 -12.42
C ASN A 13 11.62 -1.44 -12.21
N THR A 14 10.89 -0.33 -12.16
CA THR A 14 11.50 0.98 -11.97
C THR A 14 11.99 1.16 -10.54
N LEU A 15 11.14 0.82 -9.58
CA LEU A 15 11.48 0.94 -8.17
C LEU A 15 12.68 0.05 -7.83
N ALA A 16 12.70 -1.14 -8.42
CA ALA A 16 13.79 -2.09 -8.17
C ALA A 16 15.14 -1.43 -8.39
N LYS A 17 15.22 -0.54 -9.38
CA LYS A 17 16.45 0.16 -9.68
C LYS A 17 16.59 1.43 -8.85
N MET A 18 15.45 1.98 -8.43
CA MET A 18 15.44 3.20 -7.63
C MET A 18 15.77 2.88 -6.17
N ASP A 19 16.29 3.87 -5.46
CA ASP A 19 16.63 3.70 -4.04
C ASP A 19 15.59 4.35 -3.15
N ASP A 20 15.70 4.10 -1.85
CA ASP A 20 14.76 4.66 -0.88
C ASP A 20 14.64 6.17 -1.04
N GLY A 21 15.76 6.80 -1.39
CA GLY A 21 15.76 8.25 -1.57
C GLY A 21 14.69 8.71 -2.55
N GLN A 22 14.59 8.02 -3.67
CA GLN A 22 13.60 8.37 -4.69
C GLN A 22 12.22 7.88 -4.29
N LEU A 23 12.17 6.71 -3.67
CA LEU A 23 10.90 6.12 -3.24
C LEU A 23 10.09 7.13 -2.43
N ASP A 24 10.75 7.77 -1.47
CA ASP A 24 10.08 8.76 -0.62
C ASP A 24 9.65 9.97 -1.44
N GLY A 25 10.37 10.24 -2.52
CA GLY A 25 10.05 11.37 -3.37
C GLY A 25 8.74 11.18 -4.10
N LEU A 26 8.27 9.94 -4.19
CA LEU A 26 7.02 9.63 -4.88
C LEU A 26 5.87 10.41 -4.28
N ALA A 27 4.84 10.66 -5.08
CA ALA A 27 3.68 11.40 -4.63
C ALA A 27 2.58 10.46 -4.15
N PHE A 28 2.97 9.24 -3.77
CA PHE A 28 2.03 8.24 -3.29
C PHE A 28 2.64 7.40 -2.18
N GLY A 29 1.89 6.41 -1.70
CA GLY A 29 2.37 5.55 -0.65
C GLY A 29 3.00 4.28 -1.17
N ALA A 30 4.09 3.86 -0.56
CA ALA A 30 4.79 2.64 -0.97
C ALA A 30 5.24 1.83 0.23
N ILE A 31 4.86 0.56 0.26
CA ILE A 31 5.22 -0.33 1.36
C ILE A 31 5.57 -1.72 0.85
N GLN A 32 6.78 -2.18 1.18
CA GLN A 32 7.24 -3.50 0.75
C GLN A 32 7.09 -4.51 1.88
N LEU A 33 6.37 -5.60 1.60
CA LEU A 33 6.16 -6.65 2.59
C LEU A 33 6.80 -7.95 2.15
N ASP A 34 7.12 -8.82 3.11
CA ASP A 34 7.74 -10.10 2.82
C ASP A 34 6.68 -11.19 2.67
N GLY A 35 7.13 -12.44 2.51
CA GLY A 35 6.21 -13.54 2.36
C GLY A 35 5.28 -13.70 3.54
N ASP A 36 5.75 -13.28 4.71
CA ASP A 36 4.96 -13.37 5.94
C ASP A 36 4.13 -12.10 6.14
N GLY A 37 4.53 -11.02 5.47
CA GLY A 37 3.83 -9.77 5.59
C GLY A 37 4.59 -8.75 6.42
N ASN A 38 5.86 -9.05 6.70
CA ASN A 38 6.69 -8.16 7.49
C ASN A 38 7.09 -6.92 6.67
N ILE A 39 7.00 -5.76 7.31
CA ILE A 39 7.34 -4.50 6.65
C ILE A 39 8.84 -4.43 6.36
N LEU A 40 9.20 -4.65 5.10
CA LEU A 40 10.60 -4.60 4.69
C LEU A 40 11.00 -3.19 4.30
N GLN A 41 10.09 -2.46 3.68
CA GLN A 41 10.36 -1.10 3.24
C GLN A 41 9.16 -0.19 3.54
N TYR A 42 9.43 1.10 3.73
CA TYR A 42 8.37 2.06 4.02
C TYR A 42 8.79 3.46 3.60
N ASN A 43 8.16 3.98 2.55
CA ASN A 43 8.46 5.31 2.04
C ASN A 43 7.95 6.38 3.00
N ALA A 44 8.66 7.51 3.05
CA ALA A 44 8.27 8.61 3.92
C ALA A 44 6.88 9.12 3.57
N ALA A 45 6.59 9.19 2.27
CA ALA A 45 5.29 9.67 1.81
C ALA A 45 4.16 9.01 2.59
N GLU A 46 4.08 7.69 2.51
CA GLU A 46 3.05 6.95 3.21
C GLU A 46 3.14 7.19 4.71
N GLY A 47 4.37 7.20 5.22
CA GLY A 47 4.60 7.43 6.62
C GLY A 47 4.05 8.76 7.10
N ASP A 48 4.03 9.74 6.20
CA ASP A 48 3.52 11.07 6.54
C ASP A 48 1.99 11.07 6.54
N ILE A 49 1.40 10.58 5.46
CA ILE A 49 -0.05 10.52 5.34
C ILE A 49 -0.67 9.71 6.47
N THR A 50 -0.20 8.48 6.63
CA THR A 50 -0.70 7.60 7.68
C THR A 50 -0.21 8.04 9.06
N GLY A 51 1.04 8.49 9.12
CA GLY A 51 1.61 8.92 10.38
C GLY A 51 2.42 7.83 11.06
N ARG A 52 3.06 6.99 10.26
CA ARG A 52 3.87 5.90 10.80
C ARG A 52 5.34 6.07 10.41
N ASP A 53 6.23 5.52 11.23
CA ASP A 53 7.65 5.61 10.98
C ASP A 53 8.16 4.38 10.23
N PRO A 54 9.07 4.59 9.28
CA PRO A 54 9.64 3.52 8.47
C PRO A 54 10.56 2.60 9.29
N LYS A 55 11.52 3.21 9.96
CA LYS A 55 12.46 2.45 10.79
C LYS A 55 11.76 1.81 11.99
N GLN A 56 10.53 2.24 12.23
CA GLN A 56 9.75 1.71 13.35
C GLN A 56 8.89 0.53 12.89
N VAL A 57 8.46 0.57 11.63
CA VAL A 57 7.63 -0.49 11.08
C VAL A 57 8.48 -1.69 10.65
N ILE A 58 9.74 -1.42 10.33
CA ILE A 58 10.66 -2.47 9.91
C ILE A 58 10.58 -3.68 10.84
N GLY A 59 10.24 -4.83 10.28
CA GLY A 59 10.13 -6.04 11.07
C GLY A 59 8.71 -6.35 11.48
N LYS A 60 7.91 -5.30 11.62
CA LYS A 60 6.51 -5.47 12.01
C LYS A 60 5.63 -5.74 10.79
N ASN A 61 4.64 -6.60 10.97
CA ASN A 61 3.73 -6.95 9.87
C ASN A 61 2.80 -5.79 9.56
N PHE A 62 2.33 -5.74 8.32
CA PHE A 62 1.43 -4.68 7.88
C PHE A 62 0.09 -4.76 8.61
N PHE A 63 -0.29 -5.98 8.99
CA PHE A 63 -1.55 -6.20 9.70
C PHE A 63 -1.32 -6.31 11.20
N LYS A 64 -0.05 -6.37 11.59
CA LYS A 64 0.31 -6.47 13.00
C LYS A 64 0.12 -5.14 13.71
N ASP A 65 0.81 -4.11 13.22
CA ASP A 65 0.71 -2.77 13.81
C ASP A 65 0.38 -1.74 12.75
N VAL A 66 1.01 -1.87 11.59
CA VAL A 66 0.78 -0.94 10.49
C VAL A 66 -0.70 -0.78 10.19
N ALA A 67 -1.46 -1.83 10.46
CA ALA A 67 -2.90 -1.82 10.22
C ALA A 67 -3.61 -2.81 11.14
N PRO A 68 -3.94 -2.37 12.36
CA PRO A 68 -4.63 -3.20 13.35
C PRO A 68 -6.07 -3.47 12.97
N GLY A 69 -6.41 -4.76 12.82
CA GLY A 69 -7.77 -5.13 12.45
C GLY A 69 -7.90 -5.47 10.98
N THR A 70 -6.77 -5.46 10.27
CA THR A 70 -6.77 -5.77 8.84
C THR A 70 -6.47 -7.25 8.61
N ASP A 71 -6.71 -8.08 9.62
CA ASP A 71 -6.47 -9.51 9.53
C ASP A 71 -7.69 -10.23 8.96
N SER A 72 -8.24 -9.70 7.88
CA SER A 72 -9.42 -10.29 7.25
C SER A 72 -9.04 -10.99 5.94
N PRO A 73 -9.95 -11.85 5.45
CA PRO A 73 -9.74 -12.59 4.21
C PRO A 73 -9.78 -11.70 2.98
N GLU A 74 -10.16 -10.44 3.18
CA GLU A 74 -10.24 -9.48 2.09
C GLU A 74 -8.90 -8.79 1.86
N PHE A 75 -8.18 -8.54 2.95
CA PHE A 75 -6.88 -7.88 2.87
C PHE A 75 -5.76 -8.87 3.17
N TYR A 76 -5.69 -9.34 4.41
CA TYR A 76 -4.66 -10.28 4.82
C TYR A 76 -4.76 -11.58 4.02
N GLY A 77 -5.98 -12.07 3.86
CA GLY A 77 -6.20 -13.30 3.11
C GLY A 77 -5.63 -13.23 1.70
N LYS A 78 -5.91 -12.13 1.01
CA LYS A 78 -5.43 -11.94 -0.35
C LYS A 78 -3.91 -11.91 -0.39
N PHE A 79 -3.31 -11.24 0.59
CA PHE A 79 -1.86 -11.14 0.67
C PHE A 79 -1.21 -12.53 0.63
N LYS A 80 -1.51 -13.35 1.62
CA LYS A 80 -0.96 -14.69 1.70
C LYS A 80 -1.49 -15.56 0.56
N GLU A 81 -2.72 -15.31 0.15
CA GLU A 81 -3.34 -16.07 -0.93
C GLU A 81 -2.42 -16.11 -2.15
N GLY A 82 -2.10 -14.93 -2.68
CA GLY A 82 -1.23 -14.85 -3.84
C GLY A 82 0.15 -15.43 -3.57
N VAL A 83 0.67 -15.18 -2.38
CA VAL A 83 1.99 -15.68 -2.00
C VAL A 83 2.11 -17.18 -2.27
N ALA A 84 1.01 -17.89 -2.09
CA ALA A 84 0.98 -19.33 -2.31
C ALA A 84 1.06 -19.66 -3.80
N SER A 85 0.43 -18.82 -4.62
CA SER A 85 0.43 -19.02 -6.06
C SER A 85 1.75 -18.59 -6.68
N GLY A 86 2.40 -17.61 -6.05
CA GLY A 86 3.67 -17.11 -6.55
C GLY A 86 3.51 -15.88 -7.42
N ASN A 87 2.51 -15.06 -7.11
CA ASN A 87 2.26 -13.85 -7.86
C ASN A 87 1.09 -13.07 -7.28
N LEU A 88 1.31 -12.47 -6.11
CA LEU A 88 0.28 -11.70 -5.44
C LEU A 88 -0.13 -10.49 -6.28
N ASN A 89 -1.19 -10.64 -7.06
CA ASN A 89 -1.68 -9.56 -7.91
C ASN A 89 -3.13 -9.21 -7.57
N THR A 90 -3.31 -8.14 -6.79
CA THR A 90 -4.64 -7.70 -6.40
C THR A 90 -4.75 -6.19 -6.47
N MET A 91 -5.93 -5.71 -6.90
CA MET A 91 -6.17 -4.27 -7.01
C MET A 91 -7.58 -3.93 -6.57
N PHE A 92 -7.70 -3.27 -5.42
CA PHE A 92 -9.00 -2.88 -4.89
C PHE A 92 -8.87 -1.69 -3.95
N GLU A 93 -10.00 -1.04 -3.68
CA GLU A 93 -10.01 0.13 -2.80
C GLU A 93 -10.17 -0.30 -1.34
N TRP A 94 -9.52 0.44 -0.44
CA TRP A 94 -9.59 0.14 0.98
C TRP A 94 -9.94 1.38 1.79
N MET A 95 -10.52 1.18 2.97
CA MET A 95 -10.91 2.29 3.83
C MET A 95 -9.87 2.51 4.93
N ILE A 96 -9.32 3.71 4.99
CA ILE A 96 -8.31 4.04 5.99
C ILE A 96 -8.88 4.97 7.05
N PRO A 97 -9.37 4.38 8.16
CA PRO A 97 -9.96 5.13 9.27
C PRO A 97 -8.91 5.94 10.04
N THR A 98 -9.16 7.23 10.19
CA THR A 98 -8.23 8.11 10.91
C THR A 98 -8.95 8.89 12.00
N SER A 99 -8.21 9.76 12.69
CA SER A 99 -8.79 10.56 13.76
C SER A 99 -9.76 11.59 13.19
N ARG A 100 -9.43 12.14 12.03
CA ARG A 100 -10.28 13.14 11.38
C ARG A 100 -11.47 12.48 10.70
N GLY A 101 -11.38 11.16 10.50
CA GLY A 101 -12.45 10.44 9.85
C GLY A 101 -11.94 9.48 8.79
N PRO A 102 -12.83 8.55 8.37
CA PRO A 102 -12.48 7.55 7.35
C PRO A 102 -12.32 8.17 5.97
N THR A 103 -11.48 7.56 5.14
CA THR A 103 -11.23 8.05 3.79
C THR A 103 -10.92 6.90 2.84
N LYS A 104 -11.71 6.79 1.78
CA LYS A 104 -11.52 5.73 0.79
C LYS A 104 -10.25 5.96 -0.01
N VAL A 105 -9.55 4.87 -0.34
CA VAL A 105 -8.32 4.95 -1.11
C VAL A 105 -8.14 3.72 -1.99
N LYS A 106 -7.19 3.80 -2.92
CA LYS A 106 -6.91 2.70 -3.83
C LYS A 106 -5.70 1.90 -3.36
N VAL A 107 -5.85 0.58 -3.29
CA VAL A 107 -4.77 -0.30 -2.86
C VAL A 107 -4.31 -1.21 -4.00
N HIS A 108 -3.00 -1.29 -4.18
CA HIS A 108 -2.44 -2.12 -5.24
C HIS A 108 -1.26 -2.94 -4.71
N MET A 109 -1.39 -4.26 -4.76
CA MET A 109 -0.33 -5.15 -4.28
C MET A 109 0.17 -6.05 -5.41
N LYS A 110 1.44 -5.90 -5.77
CA LYS A 110 2.04 -6.69 -6.83
C LYS A 110 3.37 -7.28 -6.38
N LYS A 111 3.51 -8.59 -6.51
CA LYS A 111 4.72 -9.29 -6.12
C LYS A 111 5.95 -8.63 -6.75
N ALA A 112 7.08 -8.69 -6.06
CA ALA A 112 8.32 -8.11 -6.55
C ALA A 112 8.87 -8.91 -7.72
N LEU A 113 10.02 -8.47 -8.24
CA LEU A 113 10.66 -9.15 -9.36
C LEU A 113 11.48 -10.34 -8.87
N SER A 114 12.18 -10.16 -7.77
CA SER A 114 13.02 -11.22 -7.20
C SER A 114 12.15 -12.35 -6.64
N GLY A 115 10.91 -12.02 -6.31
CA GLY A 115 10.00 -13.01 -5.77
C GLY A 115 10.06 -13.11 -4.26
N ASP A 116 11.15 -12.60 -3.68
CA ASP A 116 11.33 -12.63 -2.24
C ASP A 116 10.87 -11.33 -1.61
N SER A 117 9.81 -10.74 -2.17
CA SER A 117 9.27 -9.48 -1.66
C SER A 117 8.01 -9.09 -2.42
N TYR A 118 7.18 -8.25 -1.80
CA TYR A 118 5.94 -7.80 -2.40
C TYR A 118 5.80 -6.29 -2.31
N TRP A 119 5.31 -5.69 -3.39
CA TRP A 119 5.13 -4.24 -3.43
C TRP A 119 3.68 -3.86 -3.14
N VAL A 120 3.50 -2.89 -2.25
CA VAL A 120 2.16 -2.44 -1.87
C VAL A 120 2.07 -0.92 -1.93
N PHE A 121 1.40 -0.41 -2.96
CA PHE A 121 1.23 1.02 -3.14
C PHE A 121 -0.16 1.47 -2.70
N VAL A 122 -0.27 2.72 -2.28
CA VAL A 122 -1.55 3.27 -1.82
C VAL A 122 -1.72 4.71 -2.29
N LYS A 123 -2.84 4.99 -2.96
CA LYS A 123 -3.13 6.32 -3.45
C LYS A 123 -4.53 6.76 -3.05
N ARG A 124 -4.61 7.92 -2.39
CA ARG A 124 -5.89 8.46 -1.94
C ARG A 124 -6.78 8.80 -3.13
N VAL A 125 -8.00 8.25 -3.13
CA VAL A 125 -8.95 8.50 -4.21
C VAL A 125 -9.39 9.96 -4.24
N LYS A 126 -9.77 10.44 -5.41
CA LYS A 126 -10.20 11.82 -5.58
C LYS A 126 -11.49 12.07 -4.82
N LEU A 127 -11.72 13.33 -4.44
CA LEU A 127 -12.92 13.71 -3.70
C LEU A 127 -14.18 13.24 -4.43
N ALA A 128 -15.07 12.60 -3.69
CA ALA A 128 -16.32 12.10 -4.25
C ALA A 128 -17.27 11.62 -3.16
N ALA A 129 -18.56 11.84 -3.37
CA ALA A 129 -19.58 11.43 -2.41
C ALA A 129 -19.92 9.95 -2.57
N ALA A 130 -20.89 9.49 -1.78
CA ALA A 130 -21.32 8.09 -1.84
C ALA A 130 -22.71 7.92 -1.24
N LEU A 131 -23.50 7.05 -1.85
CA LEU A 131 -24.85 6.79 -1.38
C LEU A 131 -25.03 5.32 -0.97
N GLU A 132 -25.78 5.10 0.10
CA GLU A 132 -26.02 3.76 0.60
C GLU A 132 -27.46 3.32 0.33
N HIS A 133 -27.66 2.02 0.19
CA HIS A 133 -28.99 1.46 -0.07
C HIS A 133 -29.33 0.36 0.93
N HIS A 134 -29.35 0.72 2.21
CA HIS A 134 -29.65 -0.23 3.27
C HIS A 134 -31.07 -0.77 3.11
N HIS A 135 -32.01 0.12 2.82
CA HIS A 135 -33.41 -0.27 2.64
C HIS A 135 -33.95 -0.92 3.91
N HIS A 136 -33.60 -0.35 5.06
CA HIS A 136 -34.06 -0.88 6.34
C HIS A 136 -34.47 0.25 7.28
N HIS A 137 -35.77 0.40 7.49
CA HIS A 137 -36.29 1.44 8.36
C HIS A 137 -36.25 1.00 9.82
N HIS A 138 -35.96 1.95 10.70
CA HIS A 138 -35.89 1.65 12.14
C HIS A 138 -37.26 1.82 12.79
#